data_8WWA
#
_entry.id   8WWA
#
loop_
_entity.id
_entity.type
_entity.pdbx_description
1 polymer 'DNA (26-MER)'
2 polymer "DNA (5'-D(P*AP*AP*AP*A)-3')"
3 polymer 'Putative primase C962R'
4 non-polymer 'PHOSPHOAMINOPHOSPHONIC ACID-ADENYLATE ESTER'
5 non-polymer 'MAGNESIUM ION'
#
loop_
_entity_poly.entity_id
_entity_poly.type
_entity_poly.pdbx_seq_one_letter_code
_entity_poly.pdbx_strand_id
1 'polydeoxyribonucleotide'
;(DT)(DT)(DT)(DT)(DT)(DT)(DT)(DT)(DT)(DT)(DT)(DT)(DT)(DT)(DT)(DT)(DT)(DT)(DT)(DT)
(DT)(DT)(DT)(DT)(DT)(DT)
;
H
2 'polydeoxyribonucleotide' (DA)(DA)(DA)(DA) I
3 'polypeptide(L)'
;MREESWEDHDTIQLTAQRKYLAEVQALETLLTRELSVFLTEPGSKKTNIINRITGKTYALPSTELLRLYEHLEQCRKQGA
LMYFLERQGTYSGLMLDYDLKLNTNAVPPLEPPALSRLCHRIFVHIKNSSVLPEGSHKIHFFFTLKPEVVQGKYGFHVLI
PGLKLAASTKKSIIGSLQHDATVQKILHEQGVTNPESCLDPHSASVPSLLYGSSKLNHKPYQLKTGFELVFDSSDPDYIP
IHQIKNLESYNLVSELSLTNEQGSLVRPVYCAADIAAEKEEEIPTEDHSLSILMLHDPEARYLHKILNLLPPEYYVEYPL
WSNVVFALANTSANYRPLAEWFSQKCPEKWNTGGKEKLEKLWNDASHHTEKKITKRSIMYWAHKHAPQQYKEIVEQGYFS
ILAEYVYSYNGMLEHYMIAKVIYAMMGNKFVVDVDSNGKYVWFEFVLPGQPMNQGEIWKWRKEVNPDELHIYISENFSRV
MDRITEHIKYHLSQPHESNILNYYKKLLKAFERSKSKIFNDSFKKGVIRQAEFLFRQRSFIQTLDTNPHLLGVGNGVLSI
ETIPAKLINHFHEHPIHQYTHICYVPFNPENPWTKLLLNALQDIIPELDARLWIMFYLSTAIFRGLKEALMLLWLGGGCN
GKTFLMRLVAMVLGDHYASKLNISLLTSCRETAEKPNSAFMRLKGRGYGYFEETNKSEVLNTSRLKEMVNPGDVTARELN
QKQESFQMTATMVAASNYNFIIDTTDHGTWRRLRHYRSKVKFCHNPDPSNPYEKKEDPRFIHEYIMDPDCQNAFFSILVY
FWEKLQKEYNGQIKKVFCPTIESETEAYRKSQDTLHRFITERVVESPSAETVYNLSEVVTAYAEWYNTNINVKRHIALEL
SQELENSVLEKYLQWSPNKTRILKGCRILHKFETLQPGESYIGVSTAGTLLNTPICEPKNKWWEWSPNPSAPPEKEASAP
TPLEDYKDDDDK
;
A,B,D,E,F,C
#
# COMPACT_ATOMS: atom_id res chain seq x y z
N SER C 291 -25.18 26.99 -53.32
CA SER C 291 -24.61 25.64 -53.43
C SER C 291 -23.10 25.70 -53.63
N ILE C 292 -22.43 26.50 -52.81
CA ILE C 292 -20.98 26.69 -52.94
C ILE C 292 -20.30 26.36 -51.62
N LEU C 293 -21.09 26.25 -50.55
CA LEU C 293 -20.49 25.97 -49.25
C LEU C 293 -19.97 24.55 -49.15
N MET C 294 -20.47 23.64 -49.99
CA MET C 294 -19.94 22.28 -50.03
C MET C 294 -18.48 22.24 -50.49
N LEU C 295 -18.02 23.29 -51.17
CA LEU C 295 -16.65 23.34 -51.64
C LEU C 295 -15.67 23.80 -50.56
N HIS C 296 -16.16 24.20 -49.40
CA HIS C 296 -15.27 24.63 -48.33
C HIS C 296 -14.52 23.47 -47.68
N ASP C 297 -15.06 22.25 -47.77
CA ASP C 297 -14.43 21.10 -47.14
C ASP C 297 -14.91 19.84 -47.84
N PRO C 298 -13.98 18.95 -48.23
CA PRO C 298 -14.40 17.69 -48.86
C PRO C 298 -15.20 16.77 -47.97
N GLU C 299 -15.10 16.91 -46.64
CA GLU C 299 -15.86 16.03 -45.75
C GLU C 299 -17.35 16.22 -45.94
N ALA C 300 -17.80 17.46 -46.14
CA ALA C 300 -19.18 17.69 -46.52
C ALA C 300 -19.49 17.06 -47.88
N ARG C 301 -18.49 17.02 -48.77
CA ARG C 301 -18.68 16.33 -50.03
C ARG C 301 -18.83 14.82 -49.85
N TYR C 302 -18.09 14.23 -48.91
CA TYR C 302 -18.31 12.82 -48.58
C TYR C 302 -19.70 12.63 -47.99
N LEU C 303 -20.15 13.56 -47.15
CA LEU C 303 -21.52 13.50 -46.65
C LEU C 303 -22.52 13.54 -47.79
N HIS C 304 -22.26 14.37 -48.81
CA HIS C 304 -23.14 14.39 -49.98
C HIS C 304 -23.08 13.08 -50.77
N LYS C 305 -21.90 12.48 -50.86
CA LYS C 305 -21.77 11.19 -51.53
C LYS C 305 -22.60 10.13 -50.83
N ILE C 306 -22.59 10.14 -49.49
CA ILE C 306 -23.49 9.26 -48.74
C ILE C 306 -24.95 9.66 -48.99
N LEU C 307 -25.19 10.97 -49.12
CA LEU C 307 -26.54 11.51 -49.18
C LEU C 307 -27.26 11.08 -50.46
N ASN C 308 -26.57 11.16 -51.60
CA ASN C 308 -27.22 10.81 -52.86
C ASN C 308 -27.55 9.32 -52.95
N LEU C 309 -26.94 8.49 -52.11
CA LEU C 309 -27.35 7.08 -52.01
C LEU C 309 -28.72 6.93 -51.38
N LEU C 310 -29.19 7.94 -50.66
CA LEU C 310 -30.50 7.85 -50.01
C LEU C 310 -31.59 7.78 -51.06
N PRO C 311 -32.59 6.90 -50.89
CA PRO C 311 -33.64 6.80 -51.90
C PRO C 311 -34.42 8.08 -52.02
N PRO C 312 -34.88 8.42 -53.23
CA PRO C 312 -35.72 9.63 -53.39
C PRO C 312 -37.06 9.54 -52.69
N GLU C 313 -37.48 8.34 -52.26
CA GLU C 313 -38.75 8.20 -51.56
C GLU C 313 -38.74 8.89 -50.20
N TYR C 314 -37.57 9.30 -49.72
CA TYR C 314 -37.52 10.04 -48.46
C TYR C 314 -38.16 11.42 -48.59
N TYR C 315 -38.04 12.04 -49.77
CA TYR C 315 -38.55 13.40 -49.95
C TYR C 315 -40.06 13.47 -49.83
N VAL C 316 -40.75 12.34 -50.00
CA VAL C 316 -42.17 12.25 -49.76
C VAL C 316 -42.39 11.58 -48.42
N GLU C 317 -43.65 11.51 -47.98
CA GLU C 317 -44.04 11.01 -46.66
C GLU C 317 -43.15 11.63 -45.56
N TYR C 318 -43.34 12.94 -45.42
CA TYR C 318 -42.68 13.89 -44.52
C TYR C 318 -42.30 13.39 -43.13
N PRO C 319 -43.13 12.59 -42.44
CA PRO C 319 -42.75 12.16 -41.08
C PRO C 319 -41.37 11.53 -40.97
N LEU C 320 -40.94 10.73 -41.94
CA LEU C 320 -39.59 10.21 -41.96
C LEU C 320 -38.70 10.96 -42.94
N TRP C 321 -39.07 12.18 -43.31
CA TRP C 321 -38.18 13.12 -43.99
C TRP C 321 -37.64 14.18 -43.05
N SER C 322 -38.48 14.72 -42.17
CA SER C 322 -38.01 15.73 -41.22
C SER C 322 -37.00 15.18 -40.23
N ASN C 323 -36.92 13.86 -40.07
CA ASN C 323 -35.96 13.27 -39.14
C ASN C 323 -34.53 13.54 -39.56
N VAL C 324 -34.23 13.42 -40.86
CA VAL C 324 -32.88 13.71 -41.32
C VAL C 324 -32.56 15.19 -41.16
N VAL C 325 -33.56 16.05 -41.35
CA VAL C 325 -33.35 17.48 -41.07
C VAL C 325 -33.03 17.70 -39.61
N PHE C 326 -33.75 17.02 -38.72
CA PHE C 326 -33.46 17.10 -37.29
C PHE C 326 -32.03 16.69 -37.01
N ALA C 327 -31.59 15.58 -37.61
CA ALA C 327 -30.25 15.07 -37.36
C ALA C 327 -29.19 16.05 -37.85
N LEU C 328 -29.33 16.52 -39.10
CA LEU C 328 -28.35 17.44 -39.67
C LEU C 328 -28.32 18.75 -38.90
N ALA C 329 -29.47 19.20 -38.40
CA ALA C 329 -29.52 20.44 -37.62
C ALA C 329 -28.84 20.27 -36.28
N ASN C 330 -29.16 19.20 -35.54
CA ASN C 330 -28.60 19.04 -34.22
C ASN C 330 -27.14 18.61 -34.24
N THR C 331 -26.64 18.13 -35.38
CA THR C 331 -25.22 17.81 -35.48
C THR C 331 -24.38 19.08 -35.34
N SER C 332 -24.68 20.10 -36.15
CA SER C 332 -24.01 21.38 -36.07
C SER C 332 -24.79 22.39 -36.89
N ALA C 333 -24.96 23.59 -36.33
CA ALA C 333 -25.74 24.64 -36.99
C ALA C 333 -24.93 25.45 -37.98
N ASN C 334 -23.60 25.34 -37.97
CA ASN C 334 -22.79 26.12 -38.90
C ASN C 334 -23.05 25.74 -40.35
N TYR C 335 -23.20 24.44 -40.62
CA TYR C 335 -23.43 23.95 -41.98
C TYR C 335 -24.90 23.69 -42.28
N ARG C 336 -25.80 24.30 -41.51
CA ARG C 336 -27.22 24.21 -41.79
C ARG C 336 -27.59 24.61 -43.22
N PRO C 337 -26.99 25.64 -43.84
CA PRO C 337 -27.28 25.89 -45.26
C PRO C 337 -27.08 24.68 -46.15
N LEU C 338 -26.22 23.73 -45.77
CA LEU C 338 -26.19 22.46 -46.49
C LEU C 338 -27.49 21.68 -46.30
N ALA C 339 -28.09 21.75 -45.11
CA ALA C 339 -29.39 21.11 -44.92
C ALA C 339 -30.46 21.77 -45.79
N GLU C 340 -30.46 23.10 -45.86
CA GLU C 340 -31.36 23.77 -46.79
C GLU C 340 -31.07 23.39 -48.24
N TRP C 341 -29.79 23.21 -48.58
CA TRP C 341 -29.43 22.77 -49.93
C TRP C 341 -30.02 21.39 -50.23
N PHE C 342 -29.95 20.47 -49.27
CA PHE C 342 -30.57 19.17 -49.45
C PHE C 342 -32.08 19.30 -49.58
N SER C 343 -32.69 20.20 -48.81
CA SER C 343 -34.12 20.41 -48.90
C SER C 343 -34.53 20.87 -50.30
N GLN C 344 -33.77 21.80 -50.87
CA GLN C 344 -34.06 22.32 -52.20
C GLN C 344 -33.27 21.62 -53.31
N LYS C 345 -32.69 20.45 -53.00
CA LYS C 345 -31.83 19.69 -53.90
C LYS C 345 -32.59 19.08 -55.07
N CYS C 346 -33.92 19.22 -55.08
CA CYS C 346 -34.85 18.57 -56.00
C CYS C 346 -34.86 17.06 -55.79
N PRO C 347 -35.09 16.57 -54.57
CA PRO C 347 -35.28 15.12 -54.41
C PRO C 347 -36.67 14.73 -54.88
N GLU C 348 -36.77 13.54 -55.47
CA GLU C 348 -38.01 13.06 -56.06
C GLU C 348 -38.58 14.07 -57.04
N LYS C 349 -39.53 14.88 -56.60
CA LYS C 349 -40.14 15.89 -57.46
C LYS C 349 -40.57 17.09 -56.63
N TRP C 350 -40.46 18.28 -57.21
CA TRP C 350 -40.86 19.51 -56.53
C TRP C 350 -42.37 19.64 -56.38
N ASN C 351 -43.15 18.80 -57.05
CA ASN C 351 -44.60 18.96 -57.13
C ASN C 351 -45.34 18.34 -55.95
N THR C 352 -44.62 17.80 -54.96
CA THR C 352 -45.25 17.20 -53.79
C THR C 352 -45.49 18.20 -52.66
N GLY C 353 -45.63 19.49 -52.99
CA GLY C 353 -45.85 20.51 -52.00
C GLY C 353 -44.61 21.21 -51.50
N GLY C 354 -43.42 20.75 -51.90
CA GLY C 354 -42.18 21.36 -51.50
C GLY C 354 -41.69 22.47 -52.39
N LYS C 355 -42.56 23.03 -53.22
CA LYS C 355 -42.16 24.07 -54.17
C LYS C 355 -41.65 25.30 -53.44
N GLU C 356 -40.64 25.95 -54.05
CA GLU C 356 -39.91 27.10 -53.53
C GLU C 356 -39.59 26.96 -52.04
N LYS C 357 -39.23 25.75 -51.62
CA LYS C 357 -38.92 25.44 -50.23
C LYS C 357 -40.16 25.55 -49.35
N LEU C 358 -40.17 24.83 -48.24
CA LEU C 358 -41.31 24.82 -47.33
C LEU C 358 -40.93 25.46 -46.00
N GLU C 359 -41.87 26.21 -45.43
CA GLU C 359 -41.64 26.92 -44.18
C GLU C 359 -41.49 25.99 -42.98
N LYS C 360 -41.86 24.71 -43.13
CA LYS C 360 -41.59 23.73 -42.08
C LYS C 360 -40.09 23.55 -41.87
N LEU C 361 -39.27 23.99 -42.83
CA LEU C 361 -37.82 23.99 -42.64
C LEU C 361 -37.34 25.23 -41.91
N TRP C 362 -37.94 26.39 -42.18
CA TRP C 362 -37.46 27.64 -41.59
C TRP C 362 -37.58 27.62 -40.08
N ASN C 363 -38.74 27.23 -39.56
CA ASN C 363 -38.89 27.10 -38.11
C ASN C 363 -38.14 25.91 -37.54
N ASP C 364 -37.77 24.95 -38.39
CA ASP C 364 -36.97 23.81 -37.94
C ASP C 364 -35.54 24.20 -37.63
N ALA C 365 -35.11 25.40 -38.04
CA ALA C 365 -33.77 25.85 -37.72
C ALA C 365 -33.57 26.02 -36.22
N SER C 366 -34.65 26.27 -35.48
CA SER C 366 -34.56 26.37 -34.02
C SER C 366 -34.42 24.98 -33.39
N HIS C 367 -35.45 24.14 -33.58
CA HIS C 367 -35.49 22.76 -33.09
C HIS C 367 -34.98 22.62 -31.66
N HIS C 368 -35.30 23.59 -30.81
CA HIS C 368 -34.79 23.64 -29.44
C HIS C 368 -35.54 22.62 -28.60
N THR C 369 -35.14 21.36 -28.73
CA THR C 369 -35.71 20.26 -27.96
C THR C 369 -34.57 19.39 -27.44
N GLU C 370 -34.93 18.24 -26.89
CA GLU C 370 -33.95 17.30 -26.34
C GLU C 370 -33.79 16.03 -27.16
N LYS C 371 -34.66 15.80 -28.14
CA LYS C 371 -34.55 14.59 -28.97
C LYS C 371 -33.24 14.59 -29.75
N LYS C 372 -32.62 13.42 -29.84
CA LYS C 372 -31.30 13.29 -30.45
C LYS C 372 -31.33 12.24 -31.53
N ILE C 373 -30.98 12.64 -32.75
CA ILE C 373 -30.69 11.73 -33.85
C ILE C 373 -29.43 12.23 -34.53
N THR C 374 -28.45 11.35 -34.70
CA THR C 374 -27.14 11.74 -35.20
C THR C 374 -26.93 11.19 -36.61
N LYS C 375 -25.75 11.47 -37.17
CA LYS C 375 -25.39 10.95 -38.48
C LYS C 375 -25.16 9.46 -38.48
N ARG C 376 -25.07 8.84 -37.29
CA ARG C 376 -24.98 7.38 -37.23
C ARG C 376 -26.22 6.72 -37.84
N SER C 377 -27.40 7.29 -37.56
CA SER C 377 -28.62 6.79 -38.19
C SER C 377 -28.57 6.98 -39.70
N ILE C 378 -28.00 8.09 -40.17
CA ILE C 378 -27.88 8.32 -41.60
C ILE C 378 -26.98 7.28 -42.24
N MET C 379 -25.85 6.98 -41.59
CA MET C 379 -24.95 5.96 -42.11
C MET C 379 -25.61 4.58 -42.11
N TYR C 380 -26.37 4.26 -41.06
CA TYR C 380 -27.07 2.98 -41.02
C TYR C 380 -28.10 2.89 -42.14
N TRP C 381 -28.84 3.97 -42.39
CA TRP C 381 -29.82 3.98 -43.47
C TRP C 381 -29.15 3.85 -44.83
N ALA C 382 -28.01 4.53 -45.02
CA ALA C 382 -27.27 4.39 -46.26
C ALA C 382 -26.73 2.98 -46.43
N HIS C 383 -26.40 2.32 -45.32
CA HIS C 383 -25.96 0.92 -45.39
C HIS C 383 -27.13 -0.02 -45.68
N LYS C 384 -28.35 0.39 -45.31
CA LYS C 384 -29.52 -0.45 -45.57
C LYS C 384 -29.71 -0.66 -47.07
N HIS C 385 -29.59 0.40 -47.86
CA HIS C 385 -29.69 0.30 -49.30
C HIS C 385 -28.29 0.20 -49.92
N ALA C 386 -28.24 -0.35 -51.13
CA ALA C 386 -27.00 -0.50 -51.90
C ALA C 386 -25.91 -1.13 -51.04
N PRO C 387 -25.99 -2.43 -50.74
CA PRO C 387 -24.99 -3.05 -49.86
C PRO C 387 -23.58 -3.02 -50.43
N GLN C 388 -23.43 -2.92 -51.74
CA GLN C 388 -22.12 -2.92 -52.38
C GLN C 388 -21.65 -1.52 -52.75
N GLN C 389 -22.23 -0.48 -52.14
CA GLN C 389 -21.85 0.89 -52.42
C GLN C 389 -21.27 1.63 -51.22
N TYR C 390 -21.71 1.30 -50.00
CA TYR C 390 -21.26 2.04 -48.82
C TYR C 390 -19.77 1.84 -48.56
N LYS C 391 -19.32 0.58 -48.54
CA LYS C 391 -17.92 0.31 -48.24
C LYS C 391 -17.00 0.85 -49.33
N GLU C 392 -17.39 0.70 -50.59
CA GLU C 392 -16.54 1.17 -51.68
C GLU C 392 -16.55 2.70 -51.78
N ILE C 393 -17.54 3.37 -51.21
CA ILE C 393 -17.55 4.82 -51.22
C ILE C 393 -16.92 5.42 -49.97
N VAL C 394 -16.78 4.63 -48.90
CA VAL C 394 -16.09 5.13 -47.72
C VAL C 394 -14.60 4.77 -47.74
N GLU C 395 -14.23 3.72 -48.49
CA GLU C 395 -12.80 3.45 -48.70
C GLU C 395 -12.12 4.62 -49.40
N GLN C 396 -12.85 5.35 -50.24
CA GLN C 396 -12.45 6.72 -50.54
C GLN C 396 -12.75 7.58 -49.32
N GLY C 397 -11.78 8.39 -48.93
CA GLY C 397 -11.79 8.94 -47.58
C GLY C 397 -10.90 8.13 -46.67
N TYR C 398 -11.19 6.84 -46.47
CA TYR C 398 -10.28 5.98 -45.72
C TYR C 398 -8.87 6.04 -46.30
N PHE C 399 -8.74 5.81 -47.61
CA PHE C 399 -7.46 5.90 -48.27
C PHE C 399 -7.01 7.36 -48.39
N SER C 400 -7.96 8.27 -48.61
CA SER C 400 -7.62 9.66 -48.87
C SER C 400 -6.87 10.27 -47.69
N ILE C 401 -7.53 10.35 -46.53
CA ILE C 401 -6.96 11.06 -45.38
C ILE C 401 -5.56 10.54 -45.07
N LEU C 402 -5.39 9.22 -45.09
CA LEU C 402 -4.08 8.63 -44.90
C LEU C 402 -3.11 9.08 -46.00
N ALA C 403 -3.61 9.24 -47.23
CA ALA C 403 -2.74 9.68 -48.32
C ALA C 403 -2.21 11.09 -48.08
N GLU C 404 -3.09 12.03 -47.73
CA GLU C 404 -2.58 13.38 -47.46
C GLU C 404 -1.65 13.40 -46.25
N TYR C 405 -1.97 12.65 -45.20
CA TYR C 405 -1.08 12.61 -44.04
C TYR C 405 0.29 12.05 -44.41
N VAL C 406 0.33 10.97 -45.19
CA VAL C 406 1.62 10.37 -45.52
C VAL C 406 2.34 11.17 -46.60
N TYR C 407 1.64 12.04 -47.32
CA TYR C 407 2.33 12.80 -48.36
C TYR C 407 2.91 14.09 -47.82
N SER C 408 2.18 14.77 -46.92
CA SER C 408 2.64 16.07 -46.44
C SER C 408 3.83 15.93 -45.49
N TYR C 409 3.92 14.83 -44.75
CA TYR C 409 4.96 14.65 -43.75
C TYR C 409 5.85 13.46 -44.05
N ASN C 410 5.95 13.08 -45.32
CA ASN C 410 6.78 11.96 -45.77
C ASN C 410 6.32 10.69 -45.05
N GLY C 411 7.22 9.74 -44.84
CA GLY C 411 6.85 8.45 -44.27
C GLY C 411 6.58 8.47 -42.79
N MET C 412 6.95 9.55 -42.09
CA MET C 412 6.77 9.60 -40.66
C MET C 412 5.29 9.57 -40.30
N LEU C 413 4.94 8.74 -39.31
CA LEU C 413 3.59 8.65 -38.78
C LEU C 413 3.65 8.77 -37.27
N GLU C 414 2.75 9.57 -36.69
CA GLU C 414 2.74 9.84 -35.26
C GLU C 414 1.37 9.50 -34.69
N HIS C 415 1.11 9.97 -33.48
CA HIS C 415 -0.02 9.48 -32.69
C HIS C 415 -1.28 10.34 -32.87
N TYR C 416 -1.38 11.04 -33.97
CA TYR C 416 -2.62 11.75 -34.25
C TYR C 416 -3.19 11.42 -35.61
N MET C 417 -2.33 11.23 -36.62
CA MET C 417 -2.79 10.87 -37.95
C MET C 417 -3.50 9.53 -37.92
N ILE C 418 -2.91 8.55 -37.23
CA ILE C 418 -3.54 7.25 -37.06
C ILE C 418 -4.85 7.39 -36.29
N ALA C 419 -4.85 8.23 -35.25
CA ALA C 419 -6.07 8.44 -34.48
C ALA C 419 -7.18 9.03 -35.34
N LYS C 420 -6.84 10.01 -36.17
CA LYS C 420 -7.84 10.62 -37.05
C LYS C 420 -8.38 9.60 -38.04
N VAL C 421 -7.51 8.79 -38.65
CA VAL C 421 -7.99 7.79 -39.60
C VAL C 421 -8.86 6.76 -38.90
N ILE C 422 -8.47 6.32 -37.70
CA ILE C 422 -9.24 5.33 -36.96
C ILE C 422 -10.62 5.88 -36.63
N TYR C 423 -10.68 7.14 -36.17
CA TYR C 423 -11.98 7.75 -35.91
C TYR C 423 -12.80 7.84 -37.19
N ALA C 424 -12.14 8.09 -38.33
CA ALA C 424 -12.84 8.10 -39.60
C ALA C 424 -13.41 6.73 -39.94
N MET C 425 -12.72 5.65 -39.54
CA MET C 425 -13.20 4.32 -39.86
C MET C 425 -14.39 3.93 -39.00
N MET C 426 -14.20 3.84 -37.69
CA MET C 426 -15.25 3.44 -36.75
C MET C 426 -15.52 4.60 -35.81
N GLY C 427 -16.40 5.51 -36.23
CA GLY C 427 -16.85 6.60 -35.39
C GLY C 427 -18.21 6.37 -34.77
N ASN C 428 -18.84 5.24 -35.04
CA ASN C 428 -20.18 4.95 -34.55
C ASN C 428 -20.21 3.88 -33.48
N LYS C 429 -19.27 2.94 -33.49
CA LYS C 429 -19.28 1.84 -32.53
C LYS C 429 -18.71 2.22 -31.17
N PHE C 430 -17.98 3.33 -31.06
CA PHE C 430 -17.32 3.69 -29.82
C PHE C 430 -17.68 5.11 -29.42
N VAL C 431 -17.53 5.39 -28.14
CA VAL C 431 -17.86 6.70 -27.57
C VAL C 431 -17.14 6.82 -26.23
N VAL C 432 -16.70 8.03 -25.92
CA VAL C 432 -15.89 8.30 -24.74
C VAL C 432 -16.49 9.47 -23.98
N ASP C 433 -16.56 9.35 -22.66
CA ASP C 433 -17.01 10.45 -21.82
C ASP C 433 -16.32 10.37 -20.46
N VAL C 434 -16.34 11.47 -19.74
CA VAL C 434 -15.69 11.58 -18.43
C VAL C 434 -16.67 11.15 -17.36
N ASP C 435 -16.22 10.29 -16.45
CA ASP C 435 -17.03 9.86 -15.32
C ASP C 435 -16.96 10.91 -14.21
N SER C 436 -17.54 10.59 -13.05
CA SER C 436 -17.51 11.52 -11.94
C SER C 436 -16.10 11.71 -11.40
N ASN C 437 -15.31 10.64 -11.32
CA ASN C 437 -13.97 10.71 -10.76
C ASN C 437 -12.98 11.44 -11.67
N GLY C 438 -13.35 11.73 -12.92
CA GLY C 438 -12.49 12.48 -13.80
C GLY C 438 -11.57 11.65 -14.67
N LYS C 439 -11.82 10.35 -14.81
CA LYS C 439 -11.02 9.50 -15.68
C LYS C 439 -11.87 9.04 -16.86
N TYR C 440 -11.28 9.05 -18.05
CA TYR C 440 -12.02 8.74 -19.26
C TYR C 440 -12.44 7.28 -19.28
N VAL C 441 -13.63 7.01 -19.81
CA VAL C 441 -14.16 5.67 -19.93
C VAL C 441 -14.55 5.43 -21.38
N TRP C 442 -14.62 4.15 -21.75
CA TRP C 442 -14.90 3.74 -23.12
C TRP C 442 -16.18 2.92 -23.14
N PHE C 443 -17.08 3.27 -24.06
CA PHE C 443 -18.32 2.52 -24.28
C PHE C 443 -18.35 2.05 -25.72
N GLU C 444 -18.67 0.78 -25.92
CA GLU C 444 -18.72 0.17 -27.25
C GLU C 444 -20.12 -0.35 -27.54
N PHE C 445 -20.67 0.01 -28.68
CA PHE C 445 -21.94 -0.55 -29.11
C PHE C 445 -21.75 -1.99 -29.56
N VAL C 446 -22.69 -2.85 -29.19
CA VAL C 446 -22.59 -4.28 -29.43
C VAL C 446 -23.45 -4.65 -30.63
N LEU C 447 -22.89 -5.45 -31.53
CA LEU C 447 -23.57 -5.87 -32.75
C LEU C 447 -23.74 -7.38 -32.79
N PRO C 448 -24.72 -7.89 -33.52
CA PRO C 448 -24.91 -9.35 -33.59
C PRO C 448 -23.72 -10.04 -34.25
N GLY C 449 -23.48 -11.28 -33.82
CA GLY C 449 -22.35 -12.04 -34.34
C GLY C 449 -21.02 -11.51 -33.83
N GLN C 450 -20.87 -11.45 -32.51
CA GLN C 450 -19.68 -10.90 -31.89
C GLN C 450 -19.49 -11.56 -30.53
N PRO C 451 -18.25 -11.90 -30.15
CA PRO C 451 -18.02 -12.45 -28.80
C PRO C 451 -18.48 -11.46 -27.74
N MET C 452 -19.47 -11.89 -26.96
CA MET C 452 -20.15 -10.99 -26.04
C MET C 452 -20.77 -11.80 -24.91
N ASN C 453 -21.11 -11.09 -23.84
CA ASN C 453 -21.83 -11.70 -22.73
C ASN C 453 -23.29 -11.94 -23.12
N GLN C 454 -23.98 -12.73 -22.31
CA GLN C 454 -25.36 -13.08 -22.61
C GLN C 454 -26.27 -11.87 -22.47
N GLY C 455 -27.10 -11.65 -23.47
CA GLY C 455 -28.09 -10.59 -23.43
C GLY C 455 -27.55 -9.17 -23.42
N GLU C 456 -26.46 -8.92 -24.13
CA GLU C 456 -25.91 -7.58 -24.28
C GLU C 456 -26.06 -7.06 -25.71
N ILE C 457 -27.02 -7.58 -26.45
CA ILE C 457 -27.18 -7.22 -27.85
C ILE C 457 -27.82 -5.84 -27.95
N TRP C 458 -27.38 -5.07 -28.95
CA TRP C 458 -27.93 -3.74 -29.24
C TRP C 458 -27.89 -2.81 -28.04
N LYS C 459 -26.85 -2.93 -27.20
CA LYS C 459 -26.71 -2.09 -26.04
C LYS C 459 -25.25 -1.70 -25.85
N TRP C 460 -25.03 -0.54 -25.23
CA TRP C 460 -23.68 -0.09 -24.94
C TRP C 460 -23.08 -0.90 -23.80
N ARG C 461 -21.79 -1.18 -23.91
CA ARG C 461 -21.05 -1.92 -22.90
C ARG C 461 -19.89 -1.09 -22.39
N LYS C 462 -19.55 -1.26 -21.12
CA LYS C 462 -18.50 -0.49 -20.48
C LYS C 462 -17.18 -1.26 -20.54
N GLU C 463 -16.16 -0.64 -21.12
CA GLU C 463 -14.85 -1.27 -21.30
C GLU C 463 -13.78 -0.39 -20.68
N VAL C 464 -12.92 -1.00 -19.86
CA VAL C 464 -11.79 -0.26 -19.30
C VAL C 464 -10.78 0.08 -20.39
N ASN C 465 -10.58 -0.82 -21.35
CA ASN C 465 -9.71 -0.60 -22.49
C ASN C 465 -10.39 -1.15 -23.73
N PRO C 466 -10.41 -0.40 -24.82
CA PRO C 466 -11.08 -0.88 -26.03
C PRO C 466 -10.32 -1.99 -26.73
N ASP C 467 -10.45 -3.22 -26.20
CA ASP C 467 -9.71 -4.35 -26.76
C ASP C 467 -10.06 -4.55 -28.23
N GLU C 468 -11.34 -4.42 -28.57
CA GLU C 468 -11.73 -4.49 -29.97
C GLU C 468 -10.99 -3.46 -30.81
N LEU C 469 -10.80 -2.26 -30.27
CA LEU C 469 -10.08 -1.23 -31.00
C LEU C 469 -8.59 -1.53 -31.07
N HIS C 470 -8.01 -2.08 -30.00
CA HIS C 470 -6.61 -2.50 -30.04
C HIS C 470 -6.38 -3.59 -31.07
N ILE C 471 -7.40 -4.42 -31.32
CA ILE C 471 -7.25 -5.44 -32.36
C ILE C 471 -7.48 -4.83 -33.74
N TYR C 472 -8.46 -3.94 -33.87
CA TYR C 472 -8.76 -3.33 -35.16
C TYR C 472 -7.59 -2.49 -35.67
N ILE C 473 -6.92 -1.77 -34.78
CA ILE C 473 -5.83 -0.90 -35.19
C ILE C 473 -4.68 -1.68 -35.80
N SER C 474 -4.55 -2.97 -35.47
CA SER C 474 -3.46 -3.78 -35.98
C SER C 474 -3.89 -4.81 -37.01
N GLU C 475 -5.18 -5.09 -37.16
CA GLU C 475 -5.66 -6.08 -38.11
C GLU C 475 -6.15 -5.45 -39.41
N ASN C 476 -7.12 -4.55 -39.33
CA ASN C 476 -7.74 -3.99 -40.53
C ASN C 476 -7.03 -2.74 -41.05
N PHE C 477 -6.23 -2.08 -40.22
CA PHE C 477 -5.41 -0.98 -40.70
C PHE C 477 -4.29 -1.47 -41.60
N SER C 478 -3.85 -2.71 -41.40
CA SER C 478 -2.72 -3.24 -42.14
C SER C 478 -3.01 -3.29 -43.63
N ARG C 479 -4.22 -3.68 -44.01
CA ARG C 479 -4.55 -3.73 -45.43
C ARG C 479 -4.61 -2.33 -46.03
N VAL C 480 -5.01 -1.32 -45.25
CA VAL C 480 -4.98 0.05 -45.74
C VAL C 480 -3.54 0.48 -46.00
N MET C 481 -2.63 0.16 -45.08
CA MET C 481 -1.22 0.49 -45.32
C MET C 481 -0.66 -0.28 -46.50
N ASP C 482 -1.11 -1.52 -46.69
CA ASP C 482 -0.68 -2.28 -47.86
C ASP C 482 -1.18 -1.64 -49.15
N ARG C 483 -2.40 -1.11 -49.13
CA ARG C 483 -2.90 -0.37 -50.28
C ARG C 483 -2.05 0.86 -50.56
N ILE C 484 -1.64 1.56 -49.51
CA ILE C 484 -0.76 2.72 -49.70
C ILE C 484 0.55 2.27 -50.33
N THR C 485 1.13 1.18 -49.84
CA THR C 485 2.40 0.69 -50.39
C THR C 485 2.25 0.29 -51.85
N GLU C 486 1.16 -0.40 -52.20
CA GLU C 486 0.99 -0.81 -53.59
C GLU C 486 0.73 0.39 -54.49
N HIS C 487 0.06 1.43 -53.99
CA HIS C 487 -0.08 2.66 -54.76
C HIS C 487 1.28 3.30 -55.02
N ILE C 488 2.14 3.33 -53.99
CA ILE C 488 3.48 3.87 -54.16
C ILE C 488 4.26 3.06 -55.18
N LYS C 489 4.16 1.73 -55.10
CA LYS C 489 4.85 0.88 -56.07
C LYS C 489 4.35 1.10 -57.48
N TYR C 490 3.03 1.26 -57.64
CA TYR C 490 2.46 1.51 -58.95
C TYR C 490 2.96 2.82 -59.53
N HIS C 491 3.00 3.87 -58.71
CA HIS C 491 3.54 5.14 -59.19
C HIS C 491 5.03 5.05 -59.48
N LEU C 492 5.75 4.20 -58.76
CA LEU C 492 7.16 3.97 -59.07
C LEU C 492 7.31 3.28 -60.42
N SER C 493 6.41 2.35 -60.73
CA SER C 493 6.55 1.56 -61.96
C SER C 493 6.48 2.44 -63.20
N GLN C 494 5.57 3.39 -63.22
CA GLN C 494 5.42 4.27 -64.39
C GLN C 494 6.62 5.20 -64.48
N PRO C 495 7.35 5.22 -65.60
CA PRO C 495 8.48 6.15 -65.73
C PRO C 495 8.01 7.59 -65.91
N HIS C 496 8.16 8.41 -64.88
CA HIS C 496 7.73 9.80 -64.95
C HIS C 496 8.87 10.70 -65.44
N GLU C 497 9.98 10.73 -64.70
CA GLU C 497 11.12 11.57 -65.02
C GLU C 497 12.26 11.19 -64.08
N SER C 498 13.45 11.71 -64.38
CA SER C 498 14.59 11.52 -63.50
C SER C 498 14.44 12.40 -62.26
N ASN C 499 15.28 12.11 -61.25
CA ASN C 499 15.37 12.83 -60.00
C ASN C 499 14.03 12.98 -59.28
N ILE C 500 13.03 12.23 -59.72
CA ILE C 500 11.78 12.11 -58.98
C ILE C 500 11.40 10.66 -58.68
N LEU C 501 11.87 9.70 -59.47
CA LEU C 501 11.81 8.31 -59.03
C LEU C 501 12.70 8.08 -57.82
N ASN C 502 13.75 8.89 -57.68
CA ASN C 502 14.54 8.88 -56.45
C ASN C 502 13.69 9.34 -55.27
N TYR C 503 12.82 10.32 -55.49
CA TYR C 503 11.90 10.75 -54.44
C TYR C 503 10.98 9.62 -54.02
N TYR C 504 10.45 8.87 -54.99
CA TYR C 504 9.73 7.64 -54.68
C TYR C 504 10.66 6.48 -54.45
N LYS C 505 11.74 6.72 -53.73
CA LYS C 505 12.56 5.72 -53.07
C LYS C 505 12.84 6.11 -51.63
N LYS C 506 13.09 7.40 -51.37
CA LYS C 506 13.13 7.90 -50.00
C LYS C 506 11.75 7.77 -49.36
N LEU C 507 10.69 8.13 -50.10
CA LEU C 507 9.35 7.98 -49.56
C LEU C 507 9.04 6.53 -49.24
N LEU C 508 9.39 5.61 -50.16
CA LEU C 508 9.12 4.20 -49.94
C LEU C 508 9.92 3.66 -48.76
N LYS C 509 11.18 4.04 -48.63
CA LYS C 509 11.99 3.58 -47.50
C LYS C 509 11.43 4.09 -46.19
N ALA C 510 11.04 5.37 -46.14
CA ALA C 510 10.47 5.92 -44.92
C ALA C 510 9.17 5.22 -44.54
N PHE C 511 8.30 4.97 -45.52
CA PHE C 511 7.04 4.30 -45.21
C PHE C 511 7.26 2.86 -44.79
N GLU C 512 8.24 2.18 -45.41
CA GLU C 512 8.57 0.82 -44.99
C GLU C 512 9.07 0.81 -43.55
N ARG C 513 9.89 1.80 -43.18
CA ARG C 513 10.33 1.90 -41.80
C ARG C 513 9.15 2.16 -40.86
N SER C 514 8.22 3.00 -41.27
CA SER C 514 7.12 3.40 -40.39
C SER C 514 6.01 2.36 -40.30
N LYS C 515 5.94 1.41 -41.24
CA LYS C 515 4.84 0.45 -41.24
C LYS C 515 4.81 -0.39 -39.97
N SER C 516 5.96 -0.87 -39.52
CA SER C 516 6.01 -1.79 -38.38
C SER C 516 5.66 -1.14 -37.05
N LYS C 517 5.57 0.19 -37.00
CA LYS C 517 5.30 0.86 -35.73
C LYS C 517 3.89 0.60 -35.21
N ILE C 518 2.98 0.10 -36.05
CA ILE C 518 1.61 -0.16 -35.60
C ILE C 518 1.61 -1.25 -34.53
N PHE C 519 2.35 -2.33 -34.76
CA PHE C 519 2.33 -3.46 -33.86
C PHE C 519 3.06 -3.18 -32.55
N ASN C 520 3.78 -2.06 -32.44
CA ASN C 520 4.44 -1.71 -31.20
C ASN C 520 3.41 -1.38 -30.13
N ASP C 521 3.66 -1.84 -28.90
CA ASP C 521 2.71 -1.65 -27.82
C ASP C 521 2.58 -0.18 -27.44
N SER C 522 3.71 0.50 -27.26
CA SER C 522 3.68 1.89 -26.81
C SER C 522 3.00 2.79 -27.84
N PHE C 523 3.24 2.53 -29.12
CA PHE C 523 2.62 3.34 -30.17
C PHE C 523 1.10 3.20 -30.12
N LYS C 524 0.60 1.98 -29.94
CA LYS C 524 -0.84 1.78 -29.84
C LYS C 524 -1.42 2.50 -28.63
N LYS C 525 -0.72 2.45 -27.50
CA LYS C 525 -1.17 3.15 -26.31
C LYS C 525 -1.24 4.66 -26.55
N GLY C 526 -0.22 5.22 -27.20
CA GLY C 526 -0.24 6.64 -27.50
C GLY C 526 -1.37 7.01 -28.45
N VAL C 527 -1.61 6.17 -29.45
CA VAL C 527 -2.70 6.43 -30.39
C VAL C 527 -4.05 6.40 -29.67
N ILE C 528 -4.23 5.44 -28.76
CA ILE C 528 -5.46 5.37 -27.99
C ILE C 528 -5.62 6.63 -27.13
N ARG C 529 -4.54 7.04 -26.47
CA ARG C 529 -4.60 8.22 -25.62
C ARG C 529 -5.00 9.46 -26.42
N GLN C 530 -4.42 9.62 -27.61
CA GLN C 530 -4.74 10.79 -28.41
C GLN C 530 -6.15 10.70 -29.01
N ALA C 531 -6.58 9.51 -29.40
CA ALA C 531 -7.91 9.33 -29.97
C ALA C 531 -9.01 9.42 -28.91
N GLU C 532 -8.65 9.35 -27.64
CA GLU C 532 -9.63 9.59 -26.58
C GLU C 532 -10.34 10.92 -26.76
N PHE C 533 -9.62 11.94 -27.26
CA PHE C 533 -10.24 13.25 -27.43
C PHE C 533 -11.19 13.26 -28.63
N LEU C 534 -10.82 12.60 -29.73
CA LEU C 534 -11.66 12.61 -30.92
C LEU C 534 -12.99 11.90 -30.66
N PHE C 535 -12.96 10.79 -29.94
CA PHE C 535 -14.16 10.01 -29.66
C PHE C 535 -15.00 10.61 -28.54
N ARG C 536 -14.54 11.68 -27.89
CA ARG C 536 -15.26 12.24 -26.76
C ARG C 536 -16.63 12.76 -27.19
N GLN C 537 -17.64 12.47 -26.38
CA GLN C 537 -19.00 12.92 -26.62
C GLN C 537 -19.50 13.59 -25.34
N ARG C 538 -19.60 14.91 -25.37
CA ARG C 538 -20.04 15.65 -24.19
C ARG C 538 -21.51 15.35 -23.89
N SER C 539 -21.85 15.38 -22.61
CA SER C 539 -23.21 15.13 -22.13
C SER C 539 -23.70 13.76 -22.56
N PHE C 540 -23.01 12.73 -22.07
CA PHE C 540 -23.39 11.35 -22.36
C PHE C 540 -23.57 10.51 -21.11
N ILE C 541 -22.74 10.72 -20.08
CA ILE C 541 -22.85 9.92 -18.86
C ILE C 541 -24.18 10.18 -18.16
N GLN C 542 -24.55 11.46 -18.02
CA GLN C 542 -25.77 11.80 -17.30
C GLN C 542 -27.03 11.46 -18.07
N THR C 543 -26.92 11.13 -19.35
CA THR C 543 -28.06 10.72 -20.16
C THR C 543 -28.21 9.21 -20.27
N LEU C 544 -27.36 8.44 -19.58
CA LEU C 544 -27.41 6.99 -19.65
C LEU C 544 -28.51 6.47 -18.75
N ASP C 545 -29.48 5.76 -19.35
CA ASP C 545 -30.56 5.11 -18.61
C ASP C 545 -31.34 6.12 -17.77
N THR C 546 -31.98 7.06 -18.45
CA THR C 546 -32.71 8.14 -17.80
C THR C 546 -34.22 8.03 -17.96
N ASN C 547 -34.71 7.94 -19.19
CA ASN C 547 -36.15 7.84 -19.40
C ASN C 547 -36.65 6.48 -18.92
N PRO C 548 -37.65 6.43 -18.05
CA PRO C 548 -38.12 5.16 -17.49
C PRO C 548 -38.98 4.33 -18.44
N HIS C 549 -39.10 4.71 -19.71
CA HIS C 549 -39.91 3.98 -20.67
C HIS C 549 -39.08 3.04 -21.54
N LEU C 550 -37.80 2.87 -21.23
CA LEU C 550 -36.91 1.98 -21.97
C LEU C 550 -36.33 0.94 -21.03
N LEU C 551 -36.43 -0.32 -21.42
CA LEU C 551 -35.91 -1.44 -20.65
C LEU C 551 -34.93 -2.23 -21.50
N GLY C 552 -33.76 -2.54 -20.94
CA GLY C 552 -32.79 -3.37 -21.61
C GLY C 552 -33.04 -4.84 -21.35
N VAL C 553 -33.37 -5.60 -22.40
CA VAL C 553 -33.73 -7.00 -22.24
C VAL C 553 -32.70 -7.88 -22.95
N GLY C 554 -32.89 -9.20 -22.87
CA GLY C 554 -31.92 -10.14 -23.39
C GLY C 554 -31.79 -10.17 -24.90
N ASN C 555 -32.75 -9.61 -25.62
CA ASN C 555 -32.71 -9.59 -27.08
C ASN C 555 -33.03 -8.19 -27.59
N GLY C 556 -32.41 -7.18 -26.99
CA GLY C 556 -32.59 -5.81 -27.44
C GLY C 556 -33.00 -4.87 -26.33
N VAL C 557 -33.73 -3.81 -26.69
CA VAL C 557 -34.24 -2.84 -25.74
C VAL C 557 -35.74 -2.73 -25.92
N LEU C 558 -36.47 -2.76 -24.81
CA LEU C 558 -37.93 -2.73 -24.82
C LEU C 558 -38.42 -1.31 -24.59
N SER C 559 -39.34 -0.86 -25.43
CA SER C 559 -39.92 0.47 -25.34
C SER C 559 -41.40 0.34 -24.97
N ILE C 560 -41.80 0.99 -23.88
CA ILE C 560 -43.18 0.97 -23.42
C ILE C 560 -43.84 2.34 -23.57
N GLU C 561 -43.26 3.20 -24.43
CA GLU C 561 -43.86 4.51 -24.66
C GLU C 561 -45.24 4.38 -25.31
N THR C 562 -45.38 3.49 -26.28
CA THR C 562 -46.59 3.36 -27.06
C THR C 562 -47.18 1.96 -26.89
N ILE C 563 -48.51 1.90 -26.81
CA ILE C 563 -49.22 0.63 -26.73
C ILE C 563 -49.51 0.14 -28.15
N PRO C 564 -49.16 -1.09 -28.51
CA PRO C 564 -48.46 -2.07 -27.66
C PRO C 564 -46.94 -1.85 -27.65
N ALA C 565 -46.27 -2.43 -26.65
CA ALA C 565 -44.83 -2.26 -26.53
C ALA C 565 -44.12 -2.86 -27.74
N LYS C 566 -43.07 -2.18 -28.19
CA LYS C 566 -42.33 -2.58 -29.38
C LYS C 566 -40.91 -2.96 -29.00
N LEU C 567 -40.47 -4.12 -29.45
CA LEU C 567 -39.09 -4.54 -29.29
C LEU C 567 -38.22 -3.91 -30.38
N ILE C 568 -37.00 -3.53 -30.00
CA ILE C 568 -36.06 -2.90 -30.93
C ILE C 568 -34.92 -3.87 -31.18
N ASN C 569 -34.66 -4.16 -32.46
CA ASN C 569 -33.60 -5.07 -32.86
C ASN C 569 -32.75 -4.52 -33.97
N HIS C 570 -32.77 -3.21 -34.21
CA HIS C 570 -32.06 -2.60 -35.34
C HIS C 570 -31.42 -1.29 -34.90
N PHE C 571 -30.12 -1.33 -34.61
CA PHE C 571 -29.32 -0.14 -34.43
C PHE C 571 -29.79 0.76 -33.30
N HIS C 572 -30.76 1.63 -33.60
CA HIS C 572 -31.33 2.64 -32.71
C HIS C 572 -30.23 3.58 -32.19
N GLU C 573 -30.63 4.57 -31.37
CA GLU C 573 -29.71 5.57 -30.88
C GLU C 573 -29.83 5.87 -29.39
N HIS C 574 -30.86 5.37 -28.72
CA HIS C 574 -31.06 5.67 -27.31
C HIS C 574 -29.92 5.07 -26.49
N PRO C 575 -29.41 5.78 -25.49
CA PRO C 575 -28.34 5.25 -24.64
C PRO C 575 -28.89 4.36 -23.53
N ILE C 576 -28.58 3.07 -23.60
CA ILE C 576 -28.94 2.12 -22.56
C ILE C 576 -27.70 1.34 -22.17
N HIS C 577 -27.43 1.24 -20.87
CA HIS C 577 -26.32 0.45 -20.37
C HIS C 577 -26.75 -0.69 -19.46
N GLN C 578 -27.61 -0.43 -18.49
CA GLN C 578 -28.14 -1.49 -17.64
C GLN C 578 -29.18 -2.30 -18.40
N TYR C 579 -29.29 -3.58 -18.05
CA TYR C 579 -30.18 -4.48 -18.75
C TYR C 579 -30.53 -5.65 -17.86
N THR C 580 -31.48 -6.45 -18.32
CA THR C 580 -31.81 -7.73 -17.71
C THR C 580 -31.56 -8.85 -18.72
N HIS C 581 -31.26 -10.03 -18.21
CA HIS C 581 -30.92 -11.17 -19.05
C HIS C 581 -32.14 -12.01 -19.44
N ILE C 582 -33.32 -11.40 -19.49
CA ILE C 582 -34.57 -12.09 -19.78
C ILE C 582 -35.05 -11.65 -21.15
N CYS C 583 -35.22 -12.62 -22.06
CA CYS C 583 -35.78 -12.33 -23.37
C CYS C 583 -37.26 -12.00 -23.25
N TYR C 584 -37.76 -11.23 -24.21
CA TYR C 584 -39.14 -10.77 -24.20
C TYR C 584 -39.89 -11.34 -25.40
N VAL C 585 -41.08 -11.87 -25.14
CA VAL C 585 -41.98 -12.35 -26.19
C VAL C 585 -43.37 -11.79 -25.89
N PRO C 586 -44.21 -11.57 -26.91
CA PRO C 586 -45.57 -11.08 -26.64
C PRO C 586 -46.36 -12.06 -25.79
N PHE C 587 -47.23 -11.52 -24.95
CA PHE C 587 -48.01 -12.33 -24.02
C PHE C 587 -49.00 -13.19 -24.79
N ASN C 588 -48.79 -14.50 -24.77
CA ASN C 588 -49.69 -15.45 -25.42
C ASN C 588 -50.16 -16.49 -24.39
N PRO C 589 -51.45 -16.53 -24.05
CA PRO C 589 -51.92 -17.49 -23.04
C PRO C 589 -51.87 -18.94 -23.50
N GLU C 590 -51.64 -19.20 -24.80
CA GLU C 590 -51.61 -20.58 -25.28
C GLU C 590 -50.34 -21.30 -24.88
N ASN C 591 -49.30 -20.58 -24.48
CA ASN C 591 -48.07 -21.24 -24.06
C ASN C 591 -48.33 -22.07 -22.81
N PRO C 592 -47.81 -23.30 -22.75
CA PRO C 592 -48.06 -24.14 -21.56
C PRO C 592 -47.57 -23.52 -20.26
N TRP C 593 -46.42 -22.86 -20.29
CA TRP C 593 -45.91 -22.24 -19.07
C TRP C 593 -46.78 -21.06 -18.66
N THR C 594 -47.31 -20.32 -19.63
CA THR C 594 -48.23 -19.23 -19.30
C THR C 594 -49.50 -19.76 -18.63
N LYS C 595 -50.05 -20.85 -19.15
CA LYS C 595 -51.23 -21.45 -18.53
C LYS C 595 -50.92 -21.94 -17.12
N LEU C 596 -49.79 -22.63 -16.95
CA LEU C 596 -49.42 -23.12 -15.63
C LEU C 596 -49.24 -21.97 -14.64
N LEU C 597 -48.58 -20.90 -15.07
CA LEU C 597 -48.33 -19.77 -14.19
C LEU C 597 -49.63 -19.05 -13.84
N LEU C 598 -50.54 -18.91 -14.81
CA LEU C 598 -51.83 -18.27 -14.52
C LEU C 598 -52.64 -19.11 -13.55
N ASN C 599 -52.63 -20.43 -13.72
CA ASN C 599 -53.35 -21.30 -12.78
C ASN C 599 -52.73 -21.23 -11.40
N ALA C 600 -51.40 -21.17 -11.32
CA ALA C 600 -50.74 -21.02 -10.03
C ALA C 600 -51.11 -19.72 -9.35
N LEU C 601 -51.19 -18.63 -10.14
CA LEU C 601 -51.66 -17.36 -9.59
C LEU C 601 -53.10 -17.49 -9.10
N GLN C 602 -53.94 -18.21 -9.85
CA GLN C 602 -55.32 -18.41 -9.42
C GLN C 602 -55.40 -19.20 -8.13
N ASP C 603 -54.45 -20.10 -7.90
CA ASP C 603 -54.47 -20.93 -6.69
C ASP C 603 -53.93 -20.22 -5.46
N ILE C 604 -53.36 -19.03 -5.60
CA ILE C 604 -52.77 -18.30 -4.49
C ILE C 604 -53.72 -17.25 -3.93
N ILE C 605 -54.37 -16.49 -4.80
CA ILE C 605 -55.29 -15.44 -4.38
C ILE C 605 -56.70 -15.85 -4.79
N PRO C 606 -57.51 -16.37 -3.86
CA PRO C 606 -58.86 -16.83 -4.22
C PRO C 606 -59.75 -15.75 -4.80
N GLU C 607 -59.62 -14.52 -4.34
CA GLU C 607 -60.48 -13.44 -4.84
C GLU C 607 -60.07 -13.05 -6.25
N LEU C 608 -61.03 -12.44 -6.96
CA LEU C 608 -60.80 -12.01 -8.34
C LEU C 608 -60.41 -10.54 -8.41
N ASP C 609 -61.09 -9.69 -7.63
CA ASP C 609 -60.68 -8.29 -7.55
C ASP C 609 -59.31 -8.15 -6.89
N ALA C 610 -59.06 -8.94 -5.85
CA ALA C 610 -57.79 -8.85 -5.14
C ALA C 610 -56.63 -9.24 -6.05
N ARG C 611 -56.78 -10.31 -6.83
CA ARG C 611 -55.69 -10.71 -7.73
C ARG C 611 -55.43 -9.63 -8.76
N LEU C 612 -56.50 -9.00 -9.28
CA LEU C 612 -56.32 -7.94 -10.26
C LEU C 612 -55.59 -6.75 -9.67
N TRP C 613 -55.97 -6.36 -8.44
CA TRP C 613 -55.29 -5.23 -7.80
C TRP C 613 -53.82 -5.55 -7.53
N ILE C 614 -53.54 -6.76 -7.04
CA ILE C 614 -52.17 -7.14 -6.74
C ILE C 614 -51.33 -7.17 -8.01
N MET C 615 -51.87 -7.74 -9.09
CA MET C 615 -51.14 -7.79 -10.34
C MET C 615 -50.91 -6.39 -10.91
N PHE C 616 -51.92 -5.52 -10.82
CA PHE C 616 -51.76 -4.15 -11.28
C PHE C 616 -50.67 -3.43 -10.50
N TYR C 617 -50.66 -3.59 -9.17
CA TYR C 617 -49.65 -2.92 -8.36
C TYR C 617 -48.26 -3.46 -8.66
N LEU C 618 -48.13 -4.78 -8.79
CA LEU C 618 -46.83 -5.36 -9.11
C LEU C 618 -46.34 -4.96 -10.48
N SER C 619 -47.27 -4.76 -11.43
CA SER C 619 -46.87 -4.44 -12.80
C SER C 619 -46.20 -3.09 -12.91
N THR C 620 -46.36 -2.21 -11.92
CA THR C 620 -45.67 -0.92 -11.93
C THR C 620 -44.18 -1.05 -11.69
N ALA C 621 -43.70 -2.24 -11.31
CA ALA C 621 -42.28 -2.42 -11.03
C ALA C 621 -41.42 -2.18 -12.26
N ILE C 622 -41.94 -2.46 -13.46
CA ILE C 622 -41.17 -2.22 -14.67
C ILE C 622 -40.94 -0.73 -14.89
N PHE C 623 -41.91 0.11 -14.53
CA PHE C 623 -41.74 1.55 -14.64
C PHE C 623 -40.71 2.03 -13.62
N ARG C 624 -39.84 2.95 -14.05
CA ARG C 624 -38.78 3.46 -13.20
C ARG C 624 -38.89 4.96 -12.97
N GLY C 625 -40.08 5.53 -13.16
CA GLY C 625 -40.32 6.93 -12.94
C GLY C 625 -41.13 7.18 -11.69
N LEU C 626 -41.62 8.41 -11.56
CA LEU C 626 -42.43 8.78 -10.40
C LEU C 626 -43.70 7.96 -10.35
N LYS C 627 -44.01 7.42 -9.18
CA LYS C 627 -45.18 6.59 -8.98
C LYS C 627 -45.99 7.12 -7.80
N GLU C 628 -47.19 6.56 -7.63
CA GLU C 628 -48.04 6.95 -6.52
C GLU C 628 -47.44 6.53 -5.19
N ALA C 629 -47.64 7.37 -4.18
CA ALA C 629 -47.12 7.11 -2.84
C ALA C 629 -47.98 6.03 -2.19
N LEU C 630 -47.67 4.78 -2.52
CA LEU C 630 -48.41 3.64 -2.01
C LEU C 630 -47.43 2.51 -1.71
N MET C 631 -47.77 1.71 -0.70
CA MET C 631 -46.97 0.56 -0.31
C MET C 631 -47.90 -0.55 0.18
N LEU C 632 -47.64 -1.76 -0.27
CA LEU C 632 -48.44 -2.92 0.10
C LEU C 632 -47.68 -3.77 1.10
N LEU C 633 -48.31 -4.07 2.23
CA LEU C 633 -47.78 -5.02 3.20
C LEU C 633 -48.86 -6.02 3.52
N TRP C 634 -48.54 -7.31 3.44
CA TRP C 634 -49.52 -8.36 3.65
C TRP C 634 -48.86 -9.56 4.29
N LEU C 635 -49.60 -10.22 5.18
CA LEU C 635 -49.10 -11.28 6.02
C LEU C 635 -50.03 -12.49 5.91
N GLY C 636 -49.68 -13.55 6.63
CA GLY C 636 -50.49 -14.75 6.63
C GLY C 636 -49.76 -15.88 7.34
N GLY C 637 -50.30 -17.07 7.17
CA GLY C 637 -49.69 -18.25 7.74
C GLY C 637 -48.42 -18.64 7.00
N GLY C 638 -47.76 -19.66 7.54
CA GLY C 638 -46.55 -20.16 6.91
C GLY C 638 -46.83 -20.86 5.61
N CYS C 639 -45.77 -20.99 4.82
CA CYS C 639 -45.79 -21.66 3.50
C CYS C 639 -47.03 -21.28 2.70
N ASN C 640 -47.13 -19.99 2.38
CA ASN C 640 -48.24 -19.47 1.60
C ASN C 640 -47.84 -19.01 0.21
N GLY C 641 -46.56 -19.05 -0.13
CA GLY C 641 -46.12 -18.71 -1.46
C GLY C 641 -45.82 -17.24 -1.71
N LYS C 642 -45.89 -16.40 -0.68
CA LYS C 642 -45.54 -14.99 -0.86
C LYS C 642 -44.08 -14.84 -1.26
N THR C 643 -43.19 -15.59 -0.60
CA THR C 643 -41.79 -15.59 -1.00
C THR C 643 -41.63 -16.00 -2.45
N PHE C 644 -42.41 -16.99 -2.90
CA PHE C 644 -42.33 -17.42 -4.29
C PHE C 644 -42.62 -16.27 -5.24
N LEU C 645 -43.74 -15.59 -5.05
CA LEU C 645 -44.12 -14.50 -5.95
C LEU C 645 -43.12 -13.36 -5.91
N MET C 646 -42.70 -12.96 -4.71
CA MET C 646 -41.79 -11.84 -4.60
C MET C 646 -40.42 -12.16 -5.21
N ARG C 647 -39.89 -13.35 -4.92
CA ARG C 647 -38.62 -13.76 -5.50
C ARG C 647 -38.72 -13.88 -7.02
N LEU C 648 -39.85 -14.39 -7.51
CA LEU C 648 -40.03 -14.50 -8.96
C LEU C 648 -40.02 -13.13 -9.61
N VAL C 649 -40.71 -12.16 -9.02
CA VAL C 649 -40.72 -10.80 -9.57
C VAL C 649 -39.30 -10.23 -9.55
N ALA C 650 -38.60 -10.38 -8.43
CA ALA C 650 -37.26 -9.81 -8.31
C ALA C 650 -36.30 -10.42 -9.33
N MET C 651 -36.37 -11.74 -9.52
CA MET C 651 -35.47 -12.40 -10.46
C MET C 651 -35.83 -12.10 -11.90
N VAL C 652 -37.12 -11.94 -12.20
CA VAL C 652 -37.52 -11.57 -13.55
C VAL C 652 -37.03 -10.17 -13.89
N LEU C 653 -37.18 -9.22 -12.96
CA LEU C 653 -36.72 -7.87 -13.23
C LEU C 653 -35.20 -7.80 -13.39
N GLY C 654 -34.47 -8.51 -12.55
CA GLY C 654 -33.03 -8.56 -12.62
C GLY C 654 -32.37 -7.79 -11.48
N ASP C 655 -31.06 -7.95 -11.40
CA ASP C 655 -30.29 -7.34 -10.32
C ASP C 655 -30.27 -5.82 -10.42
N HIS C 656 -30.07 -5.29 -11.63
CA HIS C 656 -29.96 -3.84 -11.79
C HIS C 656 -31.26 -3.13 -11.43
N TYR C 657 -32.39 -3.66 -11.86
CA TYR C 657 -33.67 -2.99 -11.68
C TYR C 657 -34.34 -3.32 -10.36
N ALA C 658 -34.02 -4.44 -9.74
CA ALA C 658 -34.69 -4.83 -8.50
C ALA C 658 -33.70 -5.54 -7.59
N SER C 659 -34.00 -5.51 -6.30
CA SER C 659 -33.14 -6.13 -5.29
C SER C 659 -33.93 -6.25 -3.99
N LYS C 660 -33.36 -7.00 -3.05
CA LYS C 660 -33.94 -7.16 -1.73
C LYS C 660 -33.41 -6.08 -0.79
N LEU C 661 -34.20 -5.78 0.23
CA LEU C 661 -33.87 -4.74 1.19
C LEU C 661 -34.01 -5.26 2.61
N ASN C 662 -33.12 -4.82 3.48
CA ASN C 662 -33.13 -5.26 4.87
C ASN C 662 -34.30 -4.63 5.64
N ILE C 663 -34.86 -5.39 6.58
CA ILE C 663 -35.96 -4.91 7.40
C ILE C 663 -35.52 -3.92 8.46
N SER C 664 -34.22 -3.83 8.74
CA SER C 664 -33.72 -2.85 9.69
C SER C 664 -34.00 -1.43 9.24
N LEU C 665 -34.16 -1.20 7.94
CA LEU C 665 -34.55 0.12 7.45
C LEU C 665 -35.93 0.51 7.95
N LEU C 666 -36.77 -0.46 8.28
CA LEU C 666 -38.10 -0.21 8.82
C LEU C 666 -38.14 -0.28 10.34
N THR C 667 -37.57 -1.33 10.92
CA THR C 667 -37.75 -1.62 12.34
C THR C 667 -36.81 -0.83 13.24
N SER C 668 -35.86 -0.08 12.69
CA SER C 668 -34.89 0.64 13.50
C SER C 668 -35.01 2.14 13.24
N CYS C 669 -34.53 2.91 14.21
CA CYS C 669 -34.55 4.36 14.10
C CYS C 669 -33.49 4.83 13.10
N ARG C 670 -33.63 6.08 12.67
CA ARG C 670 -32.71 6.64 11.70
C ARG C 670 -31.32 6.80 12.30
N GLU C 671 -30.30 6.45 11.52
CA GLU C 671 -28.93 6.59 11.98
C GLU C 671 -28.44 8.02 11.75
N THR C 672 -27.45 8.42 12.54
CA THR C 672 -27.01 9.81 12.57
C THR C 672 -26.35 10.20 11.24
N ALA C 673 -26.21 11.52 11.05
CA ALA C 673 -25.81 12.05 9.75
C ALA C 673 -24.35 11.83 9.42
N GLU C 674 -23.50 11.55 10.41
CA GLU C 674 -22.06 11.47 10.15
C GLU C 674 -21.70 10.19 9.40
N LYS C 675 -22.35 9.07 9.73
CA LYS C 675 -21.99 7.80 9.12
C LYS C 675 -22.48 7.74 7.67
N PRO C 676 -21.73 7.06 6.80
CA PRO C 676 -22.20 6.83 5.44
C PRO C 676 -23.10 5.60 5.38
N ASN C 677 -24.31 5.77 4.88
CA ASN C 677 -25.33 4.72 4.94
C ASN C 677 -25.30 3.91 3.65
N SER C 678 -25.05 2.62 3.78
CA SER C 678 -25.21 1.66 2.70
C SER C 678 -26.50 0.87 2.93
N ALA C 679 -26.84 0.03 1.95
CA ALA C 679 -28.07 -0.75 1.95
C ALA C 679 -29.30 0.14 1.87
N PHE C 680 -29.07 1.45 1.77
CA PHE C 680 -30.11 2.43 1.49
C PHE C 680 -29.95 3.04 0.10
N MET C 681 -28.73 3.40 -0.28
CA MET C 681 -28.47 3.78 -1.67
C MET C 681 -28.53 2.58 -2.61
N ARG C 682 -28.70 1.37 -2.07
CA ARG C 682 -29.07 0.23 -2.92
C ARG C 682 -30.41 0.49 -3.61
N LEU C 683 -31.22 1.40 -3.08
CA LEU C 683 -32.46 1.82 -3.72
C LEU C 683 -32.23 2.73 -4.92
N LYS C 684 -31.02 3.26 -5.08
CA LYS C 684 -30.74 4.22 -6.14
C LYS C 684 -30.84 3.54 -7.51
N GLY C 685 -31.76 4.03 -8.34
CA GLY C 685 -31.89 3.54 -9.70
C GLY C 685 -32.67 2.25 -9.85
N ARG C 686 -33.15 1.67 -8.76
CA ARG C 686 -33.90 0.42 -8.83
C ARG C 686 -35.36 0.71 -9.14
N GLY C 687 -36.15 -0.36 -9.31
CA GLY C 687 -37.56 -0.21 -9.60
C GLY C 687 -38.47 -0.93 -8.63
N TYR C 688 -37.95 -1.98 -7.98
CA TYR C 688 -38.76 -2.81 -7.11
C TYR C 688 -37.91 -3.36 -5.98
N GLY C 689 -38.39 -3.21 -4.75
CA GLY C 689 -37.71 -3.76 -3.59
C GLY C 689 -38.70 -4.37 -2.61
N TYR C 690 -38.35 -5.52 -2.05
CA TYR C 690 -39.26 -6.25 -1.18
C TYR C 690 -38.58 -6.57 0.15
N PHE C 691 -39.36 -6.48 1.23
CA PHE C 691 -38.90 -6.83 2.58
C PHE C 691 -39.52 -8.15 2.97
N GLU C 692 -38.68 -9.12 3.32
CA GLU C 692 -39.15 -10.47 3.64
C GLU C 692 -38.92 -10.86 5.10
N GLU C 693 -37.85 -10.38 5.72
CA GLU C 693 -37.57 -10.74 7.10
C GLU C 693 -38.65 -10.22 8.03
N THR C 694 -38.91 -10.95 9.11
CA THR C 694 -39.94 -10.59 10.06
C THR C 694 -39.56 -11.07 11.43
N ASN C 695 -40.18 -10.47 12.45
CA ASN C 695 -39.91 -10.79 13.84
C ASN C 695 -41.24 -10.76 14.58
N LYS C 696 -41.18 -10.70 15.91
CA LYS C 696 -42.39 -10.60 16.72
C LYS C 696 -42.94 -9.17 16.58
N SER C 697 -43.95 -8.85 17.40
CA SER C 697 -44.59 -7.54 17.31
C SER C 697 -43.58 -6.43 17.43
N GLU C 698 -43.43 -5.65 16.36
CA GLU C 698 -42.48 -4.56 16.30
C GLU C 698 -43.17 -3.36 15.68
N VAL C 699 -42.66 -2.17 16.00
CA VAL C 699 -43.27 -0.91 15.59
C VAL C 699 -42.52 -0.38 14.38
N LEU C 700 -43.27 0.06 13.36
CA LEU C 700 -42.68 0.64 12.18
C LEU C 700 -42.18 2.05 12.48
N ASN C 701 -40.96 2.35 12.07
CA ASN C 701 -40.43 3.70 12.19
C ASN C 701 -41.07 4.55 11.10
N THR C 702 -42.14 5.26 11.45
CA THR C 702 -42.87 6.04 10.46
C THR C 702 -42.18 7.37 10.21
N SER C 703 -40.90 7.33 9.91
CA SER C 703 -40.12 8.45 9.41
C SER C 703 -39.40 8.11 8.12
N ARG C 704 -38.85 6.90 8.03
CA ARG C 704 -38.40 6.40 6.73
C ARG C 704 -39.58 6.16 5.81
N LEU C 705 -40.71 5.72 6.38
CA LEU C 705 -41.88 5.42 5.58
C LEU C 705 -42.34 6.64 4.79
N LYS C 706 -42.35 7.80 5.43
CA LYS C 706 -42.75 9.04 4.76
C LYS C 706 -41.76 9.49 3.71
N GLU C 707 -40.50 9.04 3.77
CA GLU C 707 -39.52 9.37 2.75
C GLU C 707 -39.21 8.22 1.81
N MET C 708 -39.41 6.98 2.24
CA MET C 708 -39.15 5.81 1.40
C MET C 708 -40.42 5.31 0.72
N VAL C 709 -41.57 5.94 0.97
CA VAL C 709 -42.75 5.80 0.12
C VAL C 709 -43.22 7.23 -0.16
N ASN C 710 -42.72 7.82 -1.24
CA ASN C 710 -43.01 9.21 -1.56
C ASN C 710 -42.51 9.54 -2.97
N PRO C 711 -43.26 10.33 -3.74
CA PRO C 711 -42.80 10.80 -5.05
C PRO C 711 -41.90 12.03 -4.96
N GLY C 712 -40.90 11.96 -4.08
CA GLY C 712 -40.03 13.09 -3.86
C GLY C 712 -38.56 12.80 -4.08
N ASP C 713 -37.70 13.45 -3.30
CA ASP C 713 -36.26 13.31 -3.41
C ASP C 713 -35.68 12.90 -2.06
N VAL C 714 -34.66 12.03 -2.10
CA VAL C 714 -34.04 11.51 -0.89
C VAL C 714 -32.53 11.61 -1.04
N THR C 715 -31.86 11.94 0.06
CA THR C 715 -30.41 12.08 0.08
C THR C 715 -29.79 11.07 1.04
N ALA C 716 -28.59 10.62 0.71
CA ALA C 716 -27.84 9.66 1.52
C ALA C 716 -26.38 9.73 1.11
N ARG C 717 -25.58 8.80 1.64
CA ARG C 717 -24.16 8.77 1.33
C ARG C 717 -23.63 7.37 1.58
N GLU C 718 -22.90 6.83 0.62
CA GLU C 718 -22.37 5.47 0.70
C GLU C 718 -20.92 5.50 1.18
N LEU C 719 -20.39 4.30 1.42
CA LEU C 719 -19.09 4.15 2.07
C LEU C 719 -17.98 4.75 1.20
N ASN C 720 -17.10 5.53 1.83
CA ASN C 720 -15.99 6.21 1.17
C ASN C 720 -16.47 7.04 -0.02
N GLN C 721 -17.40 7.94 0.24
CA GLN C 721 -17.94 8.83 -0.80
C GLN C 721 -18.60 10.01 -0.11
N LYS C 722 -18.83 11.06 -0.89
CA LYS C 722 -19.53 12.24 -0.41
C LYS C 722 -21.03 11.94 -0.30
N GLN C 723 -21.80 12.96 0.06
CA GLN C 723 -23.25 12.83 0.21
C GLN C 723 -23.94 13.50 -0.97
N GLU C 724 -24.93 12.79 -1.53
CA GLU C 724 -25.67 13.29 -2.69
C GLU C 724 -27.12 12.81 -2.58
N SER C 725 -27.99 13.48 -3.34
CA SER C 725 -29.40 13.15 -3.39
C SER C 725 -29.73 12.61 -4.78
N PHE C 726 -30.56 11.57 -4.80
CA PHE C 726 -30.93 10.89 -6.04
C PHE C 726 -32.44 10.84 -6.18
N GLN C 727 -32.91 11.01 -7.42
CA GLN C 727 -34.33 10.87 -7.69
C GLN C 727 -34.80 9.47 -7.29
N MET C 728 -35.93 9.41 -6.60
CA MET C 728 -36.40 8.17 -6.00
C MET C 728 -37.59 7.61 -6.78
N THR C 729 -37.43 6.40 -7.32
CA THR C 729 -38.51 5.65 -7.95
C THR C 729 -38.37 4.20 -7.54
N ALA C 730 -39.40 3.66 -6.88
CA ALA C 730 -39.36 2.26 -6.45
C ALA C 730 -40.74 1.81 -6.03
N THR C 731 -41.14 0.60 -6.47
CA THR C 731 -42.36 -0.04 -6.00
C THR C 731 -41.97 -1.06 -4.93
N MET C 732 -42.54 -0.90 -3.73
CA MET C 732 -42.13 -1.71 -2.60
C MET C 732 -43.29 -2.55 -2.06
N VAL C 733 -42.94 -3.69 -1.48
CA VAL C 733 -43.91 -4.61 -0.89
C VAL C 733 -43.24 -5.29 0.29
N ALA C 734 -44.03 -5.61 1.31
CA ALA C 734 -43.52 -6.16 2.56
C ALA C 734 -44.16 -7.50 2.85
N ALA C 735 -43.34 -8.46 3.29
CA ALA C 735 -43.79 -9.81 3.60
C ALA C 735 -43.49 -10.13 5.05
N SER C 736 -44.44 -10.79 5.71
CA SER C 736 -44.28 -11.18 7.10
C SER C 736 -45.34 -12.22 7.45
N ASN C 737 -45.25 -12.75 8.67
CA ASN C 737 -46.29 -13.58 9.23
C ASN C 737 -46.76 -13.07 10.59
N TYR C 738 -46.25 -11.93 11.04
CA TYR C 738 -46.67 -11.29 12.27
C TYR C 738 -47.05 -9.85 11.97
N ASN C 739 -48.13 -9.38 12.59
CA ASN C 739 -48.64 -8.06 12.30
C ASN C 739 -47.69 -6.97 12.79
N PHE C 740 -47.56 -5.92 12.01
CA PHE C 740 -46.75 -4.77 12.39
C PHE C 740 -47.48 -3.94 13.44
N ILE C 741 -46.77 -2.98 14.02
CA ILE C 741 -47.33 -2.05 15.00
C ILE C 741 -47.18 -0.64 14.46
N ILE C 742 -48.30 0.07 14.37
CA ILE C 742 -48.34 1.46 13.92
C ILE C 742 -48.86 2.30 15.08
N ASP C 743 -48.03 3.21 15.57
CA ASP C 743 -48.37 4.03 16.73
C ASP C 743 -48.95 5.39 16.35
N THR C 744 -49.05 5.69 15.06
CA THR C 744 -49.59 6.97 14.61
C THR C 744 -51.02 6.82 14.13
N THR C 745 -51.68 7.97 13.96
CA THR C 745 -53.04 8.00 13.45
C THR C 745 -53.28 9.13 12.45
N ASP C 746 -52.26 9.89 12.08
CA ASP C 746 -52.43 11.00 11.16
C ASP C 746 -52.69 10.50 9.75
N HIS C 747 -53.33 11.37 8.95
CA HIS C 747 -53.62 11.02 7.56
C HIS C 747 -52.37 10.94 6.70
N GLY C 748 -51.25 11.47 7.17
CA GLY C 748 -50.03 11.43 6.38
C GLY C 748 -49.55 10.02 6.10
N THR C 749 -49.60 9.15 7.12
CA THR C 749 -49.16 7.78 6.95
C THR C 749 -50.24 6.88 6.37
N TRP C 750 -51.49 7.06 6.81
CA TRP C 750 -52.57 6.20 6.34
C TRP C 750 -53.04 6.56 4.93
N ARG C 751 -52.56 7.66 4.35
CA ARG C 751 -52.81 7.90 2.94
C ARG C 751 -52.21 6.79 2.09
N ARG C 752 -50.99 6.38 2.39
CA ARG C 752 -50.38 5.22 1.79
C ARG C 752 -50.75 3.98 2.60
N LEU C 753 -50.06 2.88 2.33
CA LEU C 753 -50.21 1.60 3.04
C LEU C 753 -51.51 0.90 2.64
N ARG C 754 -51.41 -0.39 2.33
CA ARG C 754 -52.55 -1.23 2.01
C ARG C 754 -52.30 -2.61 2.59
N HIS C 755 -53.22 -3.09 3.41
CA HIS C 755 -53.03 -4.35 4.12
C HIS C 755 -53.88 -5.46 3.51
N TYR C 756 -53.28 -6.64 3.39
CA TYR C 756 -53.96 -7.81 2.86
C TYR C 756 -53.62 -9.01 3.74
N ARG C 757 -54.49 -10.00 3.73
CA ARG C 757 -54.31 -11.21 4.51
C ARG C 757 -54.45 -12.41 3.59
N SER C 758 -53.46 -13.30 3.61
CA SER C 758 -53.52 -14.51 2.80
C SER C 758 -54.58 -15.45 3.33
N LYS C 759 -55.25 -16.15 2.42
CA LYS C 759 -56.34 -17.05 2.76
C LYS C 759 -55.99 -18.51 2.60
N VAL C 760 -55.43 -18.89 1.44
CA VAL C 760 -55.10 -20.29 1.21
C VAL C 760 -53.90 -20.69 2.08
N LYS C 761 -53.76 -22.00 2.27
CA LYS C 761 -52.70 -22.54 3.11
C LYS C 761 -52.27 -23.89 2.55
N PHE C 762 -50.96 -24.08 2.40
CA PHE C 762 -50.41 -25.33 1.89
C PHE C 762 -49.87 -26.14 3.06
N CYS C 763 -50.24 -27.44 3.09
CA CYS C 763 -49.76 -28.35 4.12
C CYS C 763 -49.25 -29.62 3.46
N HIS C 764 -48.30 -30.28 4.13
CA HIS C 764 -47.70 -31.48 3.58
C HIS C 764 -48.73 -32.60 3.40
N ASN C 765 -49.72 -32.67 4.28
CA ASN C 765 -50.80 -33.65 4.20
C ASN C 765 -52.13 -32.92 4.29
N PRO C 766 -52.57 -32.29 3.20
CA PRO C 766 -53.82 -31.51 3.25
C PRO C 766 -55.01 -32.39 3.60
N ASP C 767 -55.92 -31.84 4.38
CA ASP C 767 -57.10 -32.53 4.87
C ASP C 767 -58.26 -32.37 3.88
N PRO C 768 -59.24 -33.28 3.93
CA PRO C 768 -60.43 -33.11 3.11
C PRO C 768 -61.22 -31.88 3.51
N SER C 769 -62.05 -31.41 2.58
CA SER C 769 -62.82 -30.16 2.71
C SER C 769 -61.79 -29.03 2.85
N ASN C 770 -62.10 -27.97 3.62
CA ASN C 770 -61.21 -26.82 3.80
C ASN C 770 -60.76 -26.27 2.45
N PRO C 771 -61.63 -25.55 1.74
CA PRO C 771 -61.24 -25.04 0.41
C PRO C 771 -60.04 -24.11 0.44
N TYR C 772 -59.72 -23.54 1.61
CA TYR C 772 -58.54 -22.71 1.77
C TYR C 772 -57.29 -23.52 2.09
N GLU C 773 -57.29 -24.81 1.78
CA GLU C 773 -56.18 -25.70 2.06
C GLU C 773 -55.85 -26.50 0.81
N LYS C 774 -54.57 -26.59 0.48
CA LYS C 774 -54.12 -27.28 -0.74
C LYS C 774 -52.77 -27.94 -0.46
N LYS C 775 -52.26 -28.64 -1.47
CA LYS C 775 -51.05 -29.45 -1.35
C LYS C 775 -49.89 -28.73 -2.01
N GLU C 776 -48.71 -28.83 -1.39
CA GLU C 776 -47.53 -28.14 -1.91
C GLU C 776 -47.03 -28.79 -3.19
N ASP C 777 -46.31 -27.98 -3.97
CA ASP C 777 -45.50 -28.47 -5.09
C ASP C 777 -44.11 -27.87 -4.90
N PRO C 778 -43.23 -28.55 -4.16
CA PRO C 778 -41.88 -28.01 -3.91
C PRO C 778 -41.11 -27.71 -5.18
N ARG C 779 -41.57 -28.23 -6.32
CA ARG C 779 -40.99 -27.90 -7.61
C ARG C 779 -41.22 -26.44 -7.99
N PHE C 780 -42.12 -25.73 -7.31
CA PHE C 780 -42.29 -24.30 -7.56
C PHE C 780 -41.12 -23.49 -7.04
N ILE C 781 -40.57 -23.88 -5.90
CA ILE C 781 -39.43 -23.16 -5.32
C ILE C 781 -38.10 -23.76 -5.77
N HIS C 782 -37.94 -25.08 -5.62
CA HIS C 782 -36.64 -25.67 -5.91
C HIS C 782 -36.34 -25.72 -7.40
N GLU C 783 -37.35 -25.59 -8.24
CA GLU C 783 -37.17 -25.40 -9.68
C GLU C 783 -38.36 -24.58 -10.17
N TYR C 784 -38.62 -24.59 -11.48
CA TYR C 784 -39.69 -23.81 -12.08
C TYR C 784 -39.44 -22.31 -11.94
N ILE C 785 -38.32 -21.95 -11.32
CA ILE C 785 -37.95 -20.55 -11.15
C ILE C 785 -36.54 -20.25 -11.65
N MET C 786 -35.66 -21.25 -11.73
CA MET C 786 -34.41 -21.11 -12.48
C MET C 786 -34.61 -21.33 -13.97
N ASP C 787 -35.74 -21.86 -14.39
CA ASP C 787 -35.99 -22.10 -15.80
C ASP C 787 -36.20 -20.78 -16.52
N PRO C 788 -35.40 -20.45 -17.54
CA PRO C 788 -35.58 -19.16 -18.23
C PRO C 788 -36.94 -19.00 -18.89
N ASP C 789 -37.54 -20.07 -19.39
CA ASP C 789 -38.81 -19.94 -20.10
C ASP C 789 -39.91 -19.44 -19.17
N CYS C 790 -39.94 -19.94 -17.93
CA CYS C 790 -40.92 -19.45 -16.97
C CYS C 790 -40.72 -17.96 -16.69
N GLN C 791 -39.48 -17.52 -16.59
CA GLN C 791 -39.20 -16.10 -16.39
C GLN C 791 -39.68 -15.28 -17.58
N ASN C 792 -39.47 -15.79 -18.80
CA ASN C 792 -39.96 -15.09 -19.98
C ASN C 792 -41.48 -14.97 -19.95
N ALA C 793 -42.16 -16.06 -19.59
CA ALA C 793 -43.62 -16.04 -19.52
C ALA C 793 -44.11 -15.04 -18.47
N PHE C 794 -43.46 -15.02 -17.30
CA PHE C 794 -43.85 -14.07 -16.26
C PHE C 794 -43.62 -12.64 -16.70
N PHE C 795 -42.51 -12.38 -17.40
CA PHE C 795 -42.27 -11.04 -17.90
C PHE C 795 -43.33 -10.63 -18.91
N SER C 796 -43.73 -11.55 -19.78
CA SER C 796 -44.80 -11.26 -20.73
C SER C 796 -46.11 -10.94 -20.00
N ILE C 797 -46.43 -11.72 -18.96
CA ILE C 797 -47.64 -11.47 -18.18
C ILE C 797 -47.56 -10.08 -17.54
N LEU C 798 -46.40 -9.74 -17.00
CA LEU C 798 -46.24 -8.47 -16.31
C LEU C 798 -46.41 -7.29 -17.26
N VAL C 799 -45.79 -7.37 -18.44
CA VAL C 799 -45.91 -6.28 -19.40
C VAL C 799 -47.33 -6.19 -19.94
N TYR C 800 -48.01 -7.34 -20.11
CA TYR C 800 -49.41 -7.30 -20.52
C TYR C 800 -50.27 -6.60 -19.48
N PHE C 801 -50.03 -6.89 -18.20
CA PHE C 801 -50.79 -6.23 -17.15
C PHE C 801 -50.49 -4.74 -17.11
N TRP C 802 -49.24 -4.35 -17.37
CA TRP C 802 -48.92 -2.92 -17.46
C TRP C 802 -49.70 -2.27 -18.59
N GLU C 803 -49.75 -2.92 -19.76
CA GLU C 803 -50.51 -2.36 -20.86
C GLU C 803 -52.00 -2.25 -20.53
N LYS C 804 -52.55 -3.27 -19.85
CA LYS C 804 -53.95 -3.23 -19.46
C LYS C 804 -54.22 -2.09 -18.50
N LEU C 805 -53.34 -1.89 -17.52
CA LEU C 805 -53.48 -0.77 -16.61
C LEU C 805 -53.32 0.56 -17.33
N GLN C 806 -52.57 0.58 -18.42
CA GLN C 806 -52.40 1.83 -19.17
C GLN C 806 -53.63 2.17 -19.99
N LYS C 807 -54.22 1.19 -20.68
CA LYS C 807 -55.32 1.52 -21.59
C LYS C 807 -56.56 1.97 -20.84
N GLU C 808 -56.98 1.22 -19.82
CA GLU C 808 -58.10 1.61 -18.98
C GLU C 808 -57.60 2.07 -17.62
N TYR C 809 -58.51 2.63 -16.83
CA TYR C 809 -58.18 3.23 -15.54
C TYR C 809 -57.15 4.35 -15.66
N ASN C 810 -57.01 4.92 -16.87
CA ASN C 810 -55.94 5.87 -17.18
C ASN C 810 -54.59 5.28 -16.79
N GLY C 811 -53.92 5.90 -15.83
CA GLY C 811 -52.65 5.38 -15.37
C GLY C 811 -52.58 5.27 -13.85
N GLN C 812 -53.50 5.95 -13.17
CA GLN C 812 -53.48 5.98 -11.72
C GLN C 812 -53.89 4.63 -11.14
N ILE C 813 -53.31 4.29 -9.99
CA ILE C 813 -53.68 3.07 -9.28
C ILE C 813 -54.79 3.31 -8.26
N LYS C 814 -55.04 4.55 -7.87
CA LYS C 814 -56.20 4.87 -7.02
C LYS C 814 -57.43 5.12 -7.87
N LYS C 815 -57.68 4.21 -8.81
CA LYS C 815 -58.87 4.25 -9.65
C LYS C 815 -59.53 2.90 -9.83
N VAL C 816 -58.81 1.79 -9.66
CA VAL C 816 -59.40 0.47 -9.82
C VAL C 816 -60.17 0.11 -8.55
N PHE C 817 -61.36 -0.44 -8.73
CA PHE C 817 -62.29 -0.72 -7.64
C PHE C 817 -62.09 -2.17 -7.19
N CYS C 818 -61.45 -2.34 -6.03
CA CYS C 818 -61.23 -3.66 -5.42
C CYS C 818 -61.66 -3.56 -3.96
N PRO C 819 -62.96 -3.72 -3.68
CA PRO C 819 -63.46 -3.41 -2.33
C PRO C 819 -62.80 -4.21 -1.22
N THR C 820 -62.35 -5.43 -1.52
CA THR C 820 -61.77 -6.27 -0.48
C THR C 820 -60.53 -5.65 0.13
N ILE C 821 -59.67 -5.04 -0.69
CA ILE C 821 -58.39 -4.56 -0.18
C ILE C 821 -58.58 -3.39 0.77
N GLU C 822 -59.42 -2.41 0.40
CA GLU C 822 -59.61 -1.29 1.32
C GLU C 822 -60.52 -1.66 2.48
N SER C 823 -61.42 -2.63 2.32
CA SER C 823 -62.17 -3.10 3.48
C SER C 823 -61.24 -3.74 4.51
N GLU C 824 -60.30 -4.58 4.05
CA GLU C 824 -59.32 -5.17 4.95
C GLU C 824 -58.42 -4.11 5.56
N THR C 825 -58.01 -3.12 4.76
CA THR C 825 -57.17 -2.05 5.28
C THR C 825 -57.89 -1.24 6.36
N GLU C 826 -59.19 -0.94 6.13
CA GLU C 826 -59.96 -0.21 7.12
C GLU C 826 -60.17 -1.04 8.38
N ALA C 827 -60.38 -2.35 8.23
CA ALA C 827 -60.49 -3.20 9.40
C ALA C 827 -59.19 -3.22 10.19
N TYR C 828 -58.05 -3.26 9.50
CA TYR C 828 -56.76 -3.21 10.18
C TYR C 828 -56.57 -1.87 10.88
N ARG C 829 -57.01 -0.78 10.24
CA ARG C 829 -56.88 0.54 10.84
C ARG C 829 -57.83 0.70 12.03
N LYS C 830 -58.94 -0.04 12.05
CA LYS C 830 -59.82 -0.06 13.22
C LYS C 830 -59.07 -0.57 14.44
N SER C 831 -58.35 -1.68 14.27
CA SER C 831 -57.36 -2.08 15.27
C SER C 831 -56.15 -1.18 15.16
N GLN C 832 -55.17 -1.40 16.06
CA GLN C 832 -53.93 -0.63 16.07
C GLN C 832 -54.21 0.84 16.38
N ASP C 833 -55.46 1.16 16.67
CA ASP C 833 -55.91 2.49 17.07
C ASP C 833 -56.35 2.38 18.53
N THR C 834 -55.39 2.59 19.44
CA THR C 834 -55.64 2.32 20.85
C THR C 834 -56.62 3.31 21.46
N LEU C 835 -56.66 4.55 20.98
CA LEU C 835 -57.48 5.57 21.62
C LEU C 835 -58.97 5.25 21.50
N HIS C 836 -59.43 4.92 20.30
CA HIS C 836 -60.85 4.62 20.11
C HIS C 836 -61.25 3.35 20.83
N ARG C 837 -60.39 2.33 20.79
CA ARG C 837 -60.67 1.10 21.52
C ARG C 837 -60.76 1.35 23.02
N PHE C 838 -59.86 2.18 23.56
CA PHE C 838 -59.92 2.54 24.97
C PHE C 838 -61.21 3.29 25.29
N ILE C 839 -61.60 4.22 24.42
CA ILE C 839 -62.83 4.97 24.65
C ILE C 839 -64.03 4.03 24.69
N THR C 840 -64.10 3.10 23.74
CA THR C 840 -65.23 2.17 23.70
C THR C 840 -65.23 1.23 24.90
N GLU C 841 -64.06 0.71 25.27
CA GLU C 841 -63.99 -0.31 26.31
C GLU C 841 -64.16 0.28 27.71
N ARG C 842 -63.59 1.45 27.96
CA ARG C 842 -63.58 2.04 29.30
C ARG C 842 -63.49 3.56 29.14
N VAL C 843 -64.62 4.23 29.31
CA VAL C 843 -64.71 5.68 29.20
C VAL C 843 -64.19 6.16 27.84
N TYR C 853 -63.19 13.13 35.20
CA TYR C 853 -63.93 14.35 34.88
C TYR C 853 -63.06 15.33 34.10
N ASN C 854 -62.13 15.97 34.80
CA ASN C 854 -61.30 16.99 34.18
C ASN C 854 -60.44 16.39 33.06
N LEU C 855 -60.09 17.22 32.09
CA LEU C 855 -59.22 16.78 31.00
C LEU C 855 -57.86 16.33 31.52
N SER C 856 -57.44 16.87 32.66
CA SER C 856 -56.20 16.41 33.29
C SER C 856 -56.33 14.96 33.76
N GLU C 857 -57.55 14.54 34.14
CA GLU C 857 -57.75 13.14 34.53
C GLU C 857 -57.56 12.20 33.35
N VAL C 858 -57.76 12.69 32.13
CA VAL C 858 -57.42 11.93 30.93
C VAL C 858 -55.91 11.77 30.88
N VAL C 859 -55.43 10.89 30.00
CA VAL C 859 -54.01 10.54 29.91
C VAL C 859 -53.61 9.77 31.17
N THR C 860 -53.83 10.36 32.34
CA THR C 860 -53.56 9.65 33.59
C THR C 860 -54.45 8.41 33.71
N ALA C 861 -55.74 8.54 33.36
CA ALA C 861 -56.62 7.38 33.39
C ALA C 861 -56.30 6.40 32.28
N TYR C 862 -55.86 6.90 31.12
CA TYR C 862 -55.47 6.03 30.02
C TYR C 862 -54.18 5.27 30.32
N ALA C 863 -53.38 5.77 31.27
CA ALA C 863 -52.09 5.15 31.56
C ALA C 863 -52.23 3.72 32.07
N GLU C 864 -53.22 3.47 32.94
CA GLU C 864 -53.40 2.13 33.48
C GLU C 864 -53.77 1.14 32.39
N TRP C 865 -54.65 1.54 31.47
CA TRP C 865 -54.96 0.69 30.32
C TRP C 865 -53.75 0.49 29.43
N TYR C 866 -52.97 1.56 29.24
CA TYR C 866 -51.81 1.51 28.35
C TYR C 866 -50.73 0.59 28.91
N ASN C 867 -50.62 0.52 30.23
CA ASN C 867 -49.60 -0.31 30.85
C ASN C 867 -50.10 -1.72 31.11
N THR C 868 -51.22 -1.85 31.80
CA THR C 868 -51.77 -3.16 32.12
C THR C 868 -52.23 -3.88 30.86
N ASN C 869 -52.82 -3.15 29.93
CA ASN C 869 -53.34 -3.76 28.70
C ASN C 869 -52.65 -3.19 27.47
N ILE C 870 -52.81 -3.87 26.34
CA ILE C 870 -52.21 -3.38 25.10
C ILE C 870 -50.77 -3.00 25.34
N ASN C 871 -49.95 -3.96 25.78
CA ASN C 871 -48.53 -3.69 26.06
C ASN C 871 -48.39 -2.88 27.34
N VAL C 872 -47.16 -2.62 27.77
CA VAL C 872 -46.94 -1.78 28.94
C VAL C 872 -46.39 -0.45 28.46
N LYS C 873 -45.15 -0.45 28.00
CA LYS C 873 -44.57 0.76 27.42
C LYS C 873 -44.38 1.83 28.50
N ARG C 874 -44.06 3.06 28.10
CA ARG C 874 -43.96 4.20 28.99
C ARG C 874 -44.94 5.29 28.54
N HIS C 875 -45.61 5.93 29.50
CA HIS C 875 -46.70 6.83 29.21
C HIS C 875 -46.19 8.24 28.96
N ILE C 876 -46.72 8.89 27.92
CA ILE C 876 -46.39 10.26 27.57
C ILE C 876 -47.67 11.00 27.24
N ALA C 877 -47.59 12.33 27.24
CA ALA C 877 -48.72 13.18 26.89
C ALA C 877 -48.28 14.28 25.93
N LEU C 878 -49.12 15.30 25.76
CA LEU C 878 -49.01 16.39 24.79
C LEU C 878 -49.37 15.97 23.37
N GLU C 879 -49.67 14.69 23.14
CA GLU C 879 -50.28 14.25 21.90
C GLU C 879 -51.71 13.78 22.08
N LEU C 880 -52.02 13.16 23.22
CA LEU C 880 -53.40 12.79 23.52
C LEU C 880 -54.26 14.03 23.72
N SER C 881 -53.72 15.07 24.34
CA SER C 881 -54.47 16.30 24.55
C SER C 881 -54.94 16.93 23.24
N GLN C 882 -54.29 16.60 22.13
CA GLN C 882 -54.72 17.04 20.80
C GLN C 882 -55.56 15.99 20.07
N GLU C 883 -55.17 14.71 20.14
CA GLU C 883 -55.92 13.68 19.44
C GLU C 883 -57.32 13.52 20.02
N LEU C 884 -57.42 13.36 21.35
CA LEU C 884 -58.73 13.25 21.99
C LEU C 884 -59.55 14.52 21.78
N GLU C 885 -58.90 15.67 21.73
CA GLU C 885 -59.59 16.91 21.41
C GLU C 885 -60.21 16.84 20.02
N ASN C 886 -59.45 16.34 19.04
CA ASN C 886 -59.95 16.12 17.69
C ASN C 886 -60.41 14.67 17.50
N SER C 887 -61.36 14.26 18.33
CA SER C 887 -61.85 12.88 18.29
C SER C 887 -63.31 12.87 18.72
N VAL C 888 -63.86 11.66 18.84
CA VAL C 888 -65.28 11.50 19.21
C VAL C 888 -65.55 11.92 20.64
N LEU C 889 -64.54 11.88 21.52
CA LEU C 889 -64.73 12.23 22.92
C LEU C 889 -64.86 13.73 23.08
N GLU C 890 -65.98 14.30 22.62
CA GLU C 890 -66.20 15.73 22.69
C GLU C 890 -67.47 16.11 23.42
N LYS C 891 -68.55 15.36 23.26
CA LYS C 891 -69.82 15.71 23.90
C LYS C 891 -69.71 15.70 25.41
N TYR C 892 -69.05 14.68 25.97
CA TYR C 892 -68.81 14.60 27.41
C TYR C 892 -67.48 15.19 27.82
N LEU C 893 -66.69 15.68 26.88
CA LEU C 893 -65.37 16.24 27.20
C LEU C 893 -65.52 17.47 28.09
N GLN C 894 -64.73 17.53 29.15
CA GLN C 894 -64.74 18.64 30.10
C GLN C 894 -63.59 19.57 29.75
N TRP C 895 -63.89 20.60 28.94
CA TRP C 895 -62.87 21.56 28.55
C TRP C 895 -62.35 22.34 29.75
N SER C 896 -63.22 22.67 30.70
CA SER C 896 -62.82 23.39 31.90
C SER C 896 -61.93 22.53 32.78
N SER D 291 -17.83 -26.44 -52.93
CA SER D 291 -17.99 -25.67 -51.70
C SER D 291 -17.05 -24.46 -51.69
N ILE D 292 -17.60 -23.28 -52.00
CA ILE D 292 -16.81 -22.06 -52.00
C ILE D 292 -16.37 -21.63 -50.61
N LEU D 293 -16.97 -22.19 -49.56
CA LEU D 293 -16.62 -21.85 -48.19
C LEU D 293 -15.20 -22.26 -47.84
N MET D 294 -14.58 -23.16 -48.61
CA MET D 294 -13.23 -23.61 -48.27
C MET D 294 -12.22 -22.48 -48.36
N LEU D 295 -12.31 -21.66 -49.41
CA LEU D 295 -11.39 -20.54 -49.56
C LEU D 295 -11.72 -19.36 -48.64
N HIS D 296 -12.89 -19.37 -48.01
CA HIS D 296 -13.22 -18.34 -47.04
C HIS D 296 -12.47 -18.58 -45.74
N ASP D 297 -11.75 -17.56 -45.26
CA ASP D 297 -11.09 -17.58 -43.96
C ASP D 297 -10.18 -18.78 -43.80
N PRO D 298 -9.00 -18.78 -44.41
CA PRO D 298 -8.08 -19.93 -44.26
C PRO D 298 -7.74 -20.24 -42.81
N GLU D 299 -7.98 -19.31 -41.88
CA GLU D 299 -7.90 -19.66 -40.46
C GLU D 299 -8.89 -20.77 -40.12
N ALA D 300 -10.07 -20.76 -40.77
CA ALA D 300 -10.98 -21.89 -40.66
C ALA D 300 -10.48 -23.09 -41.45
N ARG D 301 -9.69 -22.86 -42.50
CA ARG D 301 -9.08 -23.99 -43.20
C ARG D 301 -8.06 -24.70 -42.31
N TYR D 302 -7.47 -24.02 -41.34
CA TYR D 302 -6.65 -24.70 -40.34
C TYR D 302 -7.47 -25.72 -39.56
N LEU D 303 -8.67 -25.32 -39.12
CA LEU D 303 -9.58 -26.26 -38.50
C LEU D 303 -10.00 -27.35 -39.48
N HIS D 304 -10.07 -27.00 -40.77
CA HIS D 304 -10.30 -28.02 -41.80
C HIS D 304 -9.22 -29.09 -41.78
N LYS D 305 -7.95 -28.68 -41.77
CA LYS D 305 -6.88 -29.66 -41.72
C LYS D 305 -6.97 -30.49 -40.44
N ILE D 306 -7.21 -29.86 -39.29
CA ILE D 306 -7.23 -30.64 -38.06
C ILE D 306 -8.43 -31.59 -38.04
N LEU D 307 -9.54 -31.21 -38.69
CA LEU D 307 -10.73 -32.05 -38.71
C LEU D 307 -10.65 -33.16 -39.75
N ASN D 308 -9.83 -33.00 -40.79
CA ASN D 308 -9.58 -34.11 -41.71
C ASN D 308 -8.94 -35.28 -40.99
N LEU D 309 -8.30 -35.04 -39.84
CA LEU D 309 -7.79 -36.08 -38.98
C LEU D 309 -8.95 -36.63 -38.17
N LEU D 310 -8.65 -37.42 -37.12
CA LEU D 310 -9.62 -37.96 -36.16
C LEU D 310 -10.43 -39.09 -36.79
N PRO D 311 -10.71 -40.15 -36.04
CA PRO D 311 -11.37 -41.32 -36.63
C PRO D 311 -12.81 -40.98 -37.05
N PRO D 312 -13.34 -41.67 -38.06
CA PRO D 312 -14.71 -41.39 -38.49
C PRO D 312 -15.77 -41.91 -37.53
N GLU D 313 -15.38 -42.64 -36.49
CA GLU D 313 -16.37 -43.10 -35.50
C GLU D 313 -17.11 -41.94 -34.85
N TYR D 314 -16.45 -40.78 -34.74
CA TYR D 314 -17.15 -39.59 -34.28
C TYR D 314 -18.29 -39.23 -35.23
N TYR D 315 -18.04 -39.32 -36.54
CA TYR D 315 -19.07 -39.04 -37.53
C TYR D 315 -20.10 -40.17 -37.60
N VAL D 316 -19.69 -41.40 -37.32
CA VAL D 316 -20.57 -42.55 -37.49
C VAL D 316 -21.78 -42.45 -36.55
N GLU D 317 -21.53 -42.23 -35.27
CA GLU D 317 -22.60 -42.23 -34.28
C GLU D 317 -23.22 -40.83 -34.16
N TYR D 318 -24.54 -40.81 -34.02
CA TYR D 318 -25.25 -39.54 -33.87
C TYR D 318 -24.81 -38.74 -32.65
N PRO D 319 -24.64 -39.31 -31.45
CA PRO D 319 -24.33 -38.46 -30.29
C PRO D 319 -23.05 -37.65 -30.43
N LEU D 320 -21.93 -38.29 -30.75
CA LEU D 320 -20.66 -37.57 -30.81
C LEU D 320 -20.58 -36.66 -32.02
N TRP D 321 -21.19 -37.06 -33.13
CA TRP D 321 -21.27 -36.17 -34.30
C TRP D 321 -22.09 -34.92 -33.96
N SER D 322 -23.18 -35.08 -33.21
CA SER D 322 -23.92 -33.91 -32.76
C SER D 322 -23.09 -33.08 -31.80
N ASN D 323 -22.32 -33.73 -30.93
CA ASN D 323 -21.47 -32.99 -30.01
C ASN D 323 -20.48 -32.11 -30.76
N VAL D 324 -19.85 -32.65 -31.80
CA VAL D 324 -18.90 -31.85 -32.56
C VAL D 324 -19.61 -30.79 -33.39
N VAL D 325 -20.83 -31.06 -33.86
CA VAL D 325 -21.49 -30.01 -34.63
C VAL D 325 -21.89 -28.85 -33.73
N PHE D 326 -22.27 -29.11 -32.46
CA PHE D 326 -22.40 -27.98 -31.54
C PHE D 326 -21.06 -27.32 -31.30
N ALA D 327 -19.98 -28.10 -31.18
CA ALA D 327 -18.68 -27.54 -30.88
C ALA D 327 -18.26 -26.53 -31.95
N LEU D 328 -18.46 -26.88 -33.22
CA LEU D 328 -18.21 -25.91 -34.29
C LEU D 328 -19.26 -24.81 -34.32
N ALA D 329 -20.51 -25.15 -34.02
CA ALA D 329 -21.61 -24.20 -34.24
C ALA D 329 -21.56 -23.03 -33.25
N ASN D 330 -21.39 -23.33 -31.96
CA ASN D 330 -21.50 -22.30 -30.93
C ASN D 330 -20.36 -21.31 -30.93
N THR D 331 -19.27 -21.58 -31.66
CA THR D 331 -18.12 -20.69 -31.73
C THR D 331 -18.06 -20.10 -33.13
N SER D 332 -18.31 -18.79 -33.24
CA SER D 332 -18.25 -18.08 -34.51
C SER D 332 -19.20 -18.71 -35.53
N ALA D 333 -20.50 -18.55 -35.25
CA ALA D 333 -21.58 -19.18 -36.00
C ALA D 333 -21.45 -18.99 -37.51
N ASN D 334 -20.62 -18.05 -37.95
CA ASN D 334 -20.31 -17.96 -39.38
C ASN D 334 -19.52 -19.15 -39.88
N TYR D 335 -18.97 -19.98 -38.98
CA TYR D 335 -18.34 -21.24 -39.37
C TYR D 335 -19.35 -22.38 -39.51
N ARG D 336 -20.63 -22.14 -39.25
CA ARG D 336 -21.63 -23.18 -39.46
C ARG D 336 -21.67 -23.68 -40.90
N PRO D 337 -21.44 -22.86 -41.94
CA PRO D 337 -21.24 -23.45 -43.28
C PRO D 337 -20.14 -24.49 -43.31
N LEU D 338 -19.07 -24.30 -42.54
CA LEU D 338 -18.03 -25.33 -42.45
C LEU D 338 -18.57 -26.59 -41.81
N ALA D 339 -19.46 -26.45 -40.82
CA ALA D 339 -20.10 -27.63 -40.24
C ALA D 339 -20.98 -28.34 -41.26
N GLU D 340 -21.69 -27.56 -42.09
CA GLU D 340 -22.48 -28.15 -43.16
C GLU D 340 -21.59 -28.90 -44.15
N TRP D 341 -20.43 -28.32 -44.47
CA TRP D 341 -19.50 -29.01 -45.35
C TRP D 341 -19.00 -30.30 -44.70
N PHE D 342 -18.73 -30.27 -43.40
CA PHE D 342 -18.26 -31.46 -42.70
C PHE D 342 -19.32 -32.55 -42.72
N SER D 343 -20.59 -32.16 -42.58
CA SER D 343 -21.67 -33.11 -42.77
C SER D 343 -21.68 -33.65 -44.20
N GLN D 344 -21.40 -32.78 -45.17
CA GLN D 344 -21.28 -33.21 -46.56
C GLN D 344 -20.10 -34.14 -46.78
N LYS D 345 -19.11 -34.11 -45.88
CA LYS D 345 -17.93 -34.94 -46.04
C LYS D 345 -18.31 -36.42 -46.05
N CYS D 346 -19.21 -36.81 -45.15
CA CYS D 346 -19.92 -38.10 -45.21
C CYS D 346 -18.97 -39.28 -45.33
N PRO D 347 -18.30 -39.69 -44.26
CA PRO D 347 -17.68 -41.02 -44.25
C PRO D 347 -18.68 -42.10 -44.64
N GLU D 348 -19.74 -42.27 -43.85
CA GLU D 348 -20.81 -43.19 -44.25
C GLU D 348 -22.21 -42.74 -43.86
N LYS D 349 -22.42 -41.55 -43.30
CA LYS D 349 -23.70 -41.25 -42.66
C LYS D 349 -24.66 -40.44 -43.52
N TRP D 350 -24.24 -39.95 -44.69
CA TRP D 350 -25.17 -39.29 -45.60
C TRP D 350 -25.44 -40.09 -46.87
N ASN D 351 -24.59 -41.05 -47.22
CA ASN D 351 -24.86 -41.97 -48.31
C ASN D 351 -25.47 -43.28 -47.82
N THR D 352 -24.87 -43.89 -46.79
CA THR D 352 -25.41 -45.08 -46.18
C THR D 352 -26.27 -44.75 -44.96
N GLY D 353 -25.78 -43.88 -44.08
CA GLY D 353 -26.58 -43.46 -42.95
C GLY D 353 -27.79 -42.64 -43.36
N GLY D 354 -27.64 -41.80 -44.38
CA GLY D 354 -28.74 -41.00 -44.87
C GLY D 354 -28.52 -39.52 -44.68
N LYS D 355 -28.57 -38.76 -45.78
CA LYS D 355 -28.39 -37.32 -45.71
C LYS D 355 -29.53 -36.63 -44.97
N GLU D 356 -30.71 -37.26 -44.91
CA GLU D 356 -31.88 -36.61 -44.35
C GLU D 356 -31.77 -36.33 -42.86
N LYS D 357 -30.78 -36.89 -42.17
CA LYS D 357 -30.65 -36.69 -40.74
C LYS D 357 -30.48 -35.22 -40.39
N LEU D 358 -29.37 -34.60 -40.80
CA LEU D 358 -29.15 -33.19 -40.52
C LEU D 358 -29.83 -32.27 -41.53
N GLU D 359 -30.31 -32.79 -42.66
CA GLU D 359 -31.07 -31.96 -43.58
C GLU D 359 -32.31 -31.38 -42.92
N LYS D 360 -32.78 -32.01 -41.84
CA LYS D 360 -33.78 -31.43 -40.96
C LYS D 360 -33.25 -31.17 -39.55
N LEU D 361 -32.17 -31.83 -39.14
CA LEU D 361 -31.56 -31.61 -37.84
C LEU D 361 -30.52 -30.50 -37.84
N TRP D 362 -30.47 -29.69 -38.91
CA TRP D 362 -29.63 -28.49 -38.87
C TRP D 362 -30.19 -27.45 -37.90
N ASN D 363 -31.40 -27.67 -37.38
CA ASN D 363 -31.99 -26.83 -36.35
C ASN D 363 -31.23 -26.93 -35.03
N ASP D 364 -30.16 -27.73 -35.00
CA ASP D 364 -29.29 -27.78 -33.84
C ASP D 364 -28.61 -26.43 -33.60
N ALA D 365 -28.64 -25.54 -34.59
CA ALA D 365 -28.19 -24.17 -34.46
C ALA D 365 -29.20 -23.28 -33.74
N SER D 366 -30.15 -23.88 -33.03
CA SER D 366 -31.17 -23.11 -32.33
C SER D 366 -30.60 -22.22 -31.24
N HIS D 367 -29.34 -22.47 -30.84
CA HIS D 367 -28.60 -21.58 -29.96
C HIS D 367 -29.20 -21.61 -28.56
N HIS D 368 -28.63 -20.85 -27.63
CA HIS D 368 -29.08 -20.71 -26.24
C HIS D 368 -28.83 -21.96 -25.41
N THR D 369 -27.96 -22.85 -25.86
CA THR D 369 -27.61 -24.03 -25.08
C THR D 369 -26.73 -23.63 -23.90
N GLU D 370 -27.10 -24.11 -22.70
CA GLU D 370 -26.34 -23.74 -21.50
C GLU D 370 -24.94 -24.35 -21.52
N LYS D 371 -24.82 -25.60 -21.95
CA LYS D 371 -23.51 -26.24 -22.00
C LYS D 371 -22.67 -25.62 -23.10
N LYS D 372 -21.39 -25.36 -22.80
CA LYS D 372 -20.47 -24.73 -23.74
C LYS D 372 -19.39 -25.72 -24.11
N ILE D 373 -19.23 -25.97 -25.41
CA ILE D 373 -18.17 -26.81 -25.95
C ILE D 373 -17.58 -26.10 -27.15
N THR D 374 -16.26 -25.93 -27.16
CA THR D 374 -15.57 -25.17 -28.20
C THR D 374 -14.61 -26.08 -28.95
N LYS D 375 -13.78 -25.48 -29.81
CA LYS D 375 -12.79 -26.21 -30.58
C LYS D 375 -11.69 -26.81 -29.72
N ARG D 376 -11.61 -26.42 -28.44
CA ARG D 376 -10.62 -27.01 -27.54
C ARG D 376 -10.84 -28.50 -27.38
N SER D 377 -12.10 -28.93 -27.29
CA SER D 377 -12.40 -30.36 -27.22
C SER D 377 -11.99 -31.07 -28.50
N ILE D 378 -12.18 -30.42 -29.65
CA ILE D 378 -11.74 -31.00 -30.92
C ILE D 378 -10.24 -31.16 -30.93
N MET D 379 -9.52 -30.15 -30.45
CA MET D 379 -8.06 -30.25 -30.38
C MET D 379 -7.62 -31.36 -29.44
N TYR D 380 -8.29 -31.51 -28.31
CA TYR D 380 -7.96 -32.60 -27.39
C TYR D 380 -8.22 -33.96 -28.01
N TRP D 381 -9.34 -34.10 -28.73
CA TRP D 381 -9.63 -35.37 -29.40
C TRP D 381 -8.59 -35.68 -30.47
N ALA D 382 -8.17 -34.67 -31.23
CA ALA D 382 -7.11 -34.89 -32.21
C ALA D 382 -5.81 -35.28 -31.53
N HIS D 383 -5.50 -34.66 -30.39
CA HIS D 383 -4.33 -35.02 -29.61
C HIS D 383 -4.39 -36.48 -29.18
N LYS D 384 -5.56 -36.93 -28.73
CA LYS D 384 -5.67 -38.27 -28.17
C LYS D 384 -5.68 -39.35 -29.24
N HIS D 385 -6.60 -39.24 -30.21
CA HIS D 385 -6.84 -40.34 -31.14
C HIS D 385 -5.81 -40.43 -32.26
N ALA D 386 -4.96 -39.42 -32.45
CA ALA D 386 -3.99 -39.41 -33.54
C ALA D 386 -2.77 -38.61 -33.14
N PRO D 387 -1.94 -39.14 -32.25
CA PRO D 387 -0.72 -38.43 -31.86
C PRO D 387 0.30 -38.41 -32.98
N GLN D 388 1.20 -37.43 -32.90
CA GLN D 388 2.36 -37.29 -33.78
C GLN D 388 1.95 -36.85 -35.18
N GLN D 389 0.65 -36.76 -35.45
CA GLN D 389 0.15 -36.22 -36.70
C GLN D 389 -0.33 -34.79 -36.58
N TYR D 390 -1.10 -34.48 -35.53
CA TYR D 390 -1.56 -33.12 -35.32
C TYR D 390 -0.40 -32.19 -34.96
N LYS D 391 0.61 -32.71 -34.25
CA LYS D 391 1.73 -31.86 -33.83
C LYS D 391 2.50 -31.33 -35.03
N GLU D 392 2.64 -32.15 -36.07
CA GLU D 392 3.26 -31.67 -37.30
C GLU D 392 2.45 -30.52 -37.90
N ILE D 393 1.12 -30.65 -37.89
CA ILE D 393 0.26 -29.60 -38.43
C ILE D 393 0.42 -28.32 -37.64
N VAL D 394 0.42 -28.40 -36.31
CA VAL D 394 0.51 -27.19 -35.49
C VAL D 394 1.88 -26.54 -35.65
N GLU D 395 2.95 -27.35 -35.75
CA GLU D 395 4.28 -26.79 -35.97
C GLU D 395 4.36 -26.10 -37.33
N GLN D 396 3.78 -26.72 -38.35
CA GLN D 396 3.77 -26.10 -39.67
C GLN D 396 2.98 -24.79 -39.65
N GLY D 397 1.87 -24.75 -38.93
CA GLY D 397 1.11 -23.52 -38.82
C GLY D 397 1.89 -22.41 -38.13
N TYR D 398 2.57 -22.75 -37.03
CA TYR D 398 3.38 -21.76 -36.34
C TYR D 398 4.47 -21.22 -37.26
N PHE D 399 5.18 -22.13 -37.94
CA PHE D 399 6.25 -21.72 -38.84
C PHE D 399 5.72 -20.86 -39.97
N SER D 400 4.56 -21.23 -40.52
CA SER D 400 3.98 -20.44 -41.61
C SER D 400 3.60 -19.04 -41.15
N ILE D 401 2.99 -18.92 -39.97
CA ILE D 401 2.61 -17.60 -39.46
C ILE D 401 3.84 -16.74 -39.25
N LEU D 402 4.87 -17.30 -38.60
CA LEU D 402 6.07 -16.52 -38.35
C LEU D 402 6.78 -16.15 -39.64
N ALA D 403 6.83 -17.08 -40.61
CA ALA D 403 7.48 -16.79 -41.88
C ALA D 403 6.75 -15.69 -42.63
N GLU D 404 5.41 -15.73 -42.64
CA GLU D 404 4.65 -14.66 -43.29
C GLU D 404 4.91 -13.33 -42.62
N TYR D 405 4.92 -13.30 -41.27
CA TYR D 405 5.14 -12.05 -40.57
C TYR D 405 6.54 -11.49 -40.84
N VAL D 406 7.55 -12.36 -40.84
CA VAL D 406 8.92 -11.88 -41.04
C VAL D 406 9.13 -11.46 -42.49
N TYR D 407 8.48 -12.13 -43.44
CA TYR D 407 8.61 -11.75 -44.84
C TYR D 407 7.91 -10.44 -45.13
N SER D 408 6.74 -10.20 -44.52
CA SER D 408 5.95 -9.04 -44.86
C SER D 408 6.54 -7.73 -44.34
N TYR D 409 7.53 -7.78 -43.44
CA TYR D 409 8.03 -6.57 -42.81
C TYR D 409 9.56 -6.53 -42.76
N ASN D 410 10.21 -7.21 -43.70
CA ASN D 410 11.67 -7.11 -43.87
C ASN D 410 12.42 -7.49 -42.61
N GLY D 411 11.95 -8.51 -41.90
CA GLY D 411 12.66 -9.05 -40.77
C GLY D 411 12.44 -8.34 -39.45
N MET D 412 11.64 -7.27 -39.42
CA MET D 412 11.38 -6.58 -38.17
C MET D 412 10.34 -7.33 -37.35
N LEU D 413 10.55 -7.38 -36.04
CA LEU D 413 9.65 -8.05 -35.11
C LEU D 413 9.10 -7.05 -34.11
N GLU D 414 7.85 -7.26 -33.70
CA GLU D 414 7.19 -6.37 -32.76
C GLU D 414 6.35 -7.20 -31.80
N HIS D 415 5.64 -6.49 -30.91
CA HIS D 415 4.94 -7.17 -29.81
C HIS D 415 3.75 -7.97 -30.33
N TYR D 416 2.93 -7.37 -31.19
CA TYR D 416 1.64 -7.97 -31.54
C TYR D 416 1.80 -9.28 -32.30
N MET D 417 2.75 -9.33 -33.24
CA MET D 417 2.91 -10.54 -34.04
C MET D 417 3.40 -11.72 -33.20
N ILE D 418 4.36 -11.47 -32.31
CA ILE D 418 4.82 -12.52 -31.42
C ILE D 418 3.71 -12.94 -30.47
N ALA D 419 2.89 -11.98 -30.03
CA ALA D 419 1.74 -12.31 -29.19
C ALA D 419 0.75 -13.19 -29.93
N LYS D 420 0.51 -12.90 -31.22
CA LYS D 420 -0.39 -13.72 -32.01
C LYS D 420 0.15 -15.13 -32.18
N VAL D 421 1.45 -15.26 -32.43
CA VAL D 421 2.04 -16.60 -32.54
C VAL D 421 1.94 -17.34 -31.21
N ILE D 422 2.14 -16.62 -30.10
CA ILE D 422 2.01 -17.23 -28.78
C ILE D 422 0.59 -17.73 -28.55
N TYR D 423 -0.41 -16.90 -28.89
CA TYR D 423 -1.80 -17.30 -28.70
C TYR D 423 -2.14 -18.52 -29.55
N ALA D 424 -1.76 -18.49 -30.83
CA ALA D 424 -2.04 -19.63 -31.71
C ALA D 424 -1.27 -20.86 -31.27
N MET D 425 -0.20 -20.68 -30.50
CA MET D 425 0.63 -21.81 -30.11
C MET D 425 0.23 -22.38 -28.74
N MET D 426 -0.27 -21.55 -27.83
CA MET D 426 -0.75 -22.02 -26.54
C MET D 426 -2.08 -21.37 -26.17
N GLY D 427 -3.05 -21.43 -27.08
CA GLY D 427 -4.36 -20.88 -26.78
C GLY D 427 -5.23 -21.75 -25.91
N ASN D 428 -4.83 -22.99 -25.65
CA ASN D 428 -5.66 -23.95 -24.93
C ASN D 428 -5.32 -24.06 -23.46
N LYS D 429 -4.37 -23.28 -22.95
CA LYS D 429 -3.95 -23.41 -21.56
C LYS D 429 -4.12 -22.14 -20.73
N PHE D 430 -4.46 -21.01 -21.35
CA PHE D 430 -4.56 -19.75 -20.63
C PHE D 430 -5.87 -19.06 -21.00
N VAL D 431 -6.35 -18.24 -20.07
CA VAL D 431 -7.56 -17.46 -20.27
C VAL D 431 -7.46 -16.19 -19.42
N VAL D 432 -7.99 -15.09 -19.95
CA VAL D 432 -7.89 -13.78 -19.31
C VAL D 432 -9.29 -13.18 -19.22
N ASP D 433 -9.58 -12.58 -18.07
CA ASP D 433 -10.85 -11.87 -17.90
C ASP D 433 -10.64 -10.73 -16.90
N VAL D 434 -11.57 -9.78 -16.92
CA VAL D 434 -11.50 -8.60 -16.06
C VAL D 434 -12.39 -8.82 -14.86
N ASP D 435 -11.82 -8.65 -13.66
CA ASP D 435 -12.55 -8.87 -12.43
C ASP D 435 -13.41 -7.64 -12.10
N SER D 436 -13.99 -7.63 -10.89
CA SER D 436 -14.83 -6.51 -10.49
C SER D 436 -14.01 -5.24 -10.30
N ASN D 437 -12.80 -5.37 -9.76
CA ASN D 437 -11.97 -4.19 -9.48
C ASN D 437 -11.51 -3.50 -10.75
N GLY D 438 -11.59 -4.15 -11.90
CA GLY D 438 -11.21 -3.53 -13.14
C GLY D 438 -9.80 -3.79 -13.61
N LYS D 439 -9.19 -4.90 -13.18
CA LYS D 439 -7.85 -5.26 -13.60
C LYS D 439 -7.86 -6.65 -14.21
N TYR D 440 -7.09 -6.84 -15.28
CA TYR D 440 -7.03 -8.13 -15.94
C TYR D 440 -6.32 -9.15 -15.05
N VAL D 441 -6.82 -10.38 -15.07
CA VAL D 441 -6.23 -11.47 -14.31
C VAL D 441 -6.00 -12.65 -15.25
N TRP D 442 -5.03 -13.49 -14.89
CA TRP D 442 -4.62 -14.62 -15.70
C TRP D 442 -4.95 -15.92 -14.98
N PHE D 443 -5.61 -16.82 -15.69
CA PHE D 443 -5.88 -18.17 -15.17
C PHE D 443 -5.15 -19.18 -16.04
N GLU D 444 -4.56 -20.18 -15.38
CA GLU D 444 -3.77 -21.21 -16.05
C GLU D 444 -4.35 -22.57 -15.75
N PHE D 445 -4.41 -23.42 -16.77
CA PHE D 445 -4.92 -24.78 -16.64
C PHE D 445 -3.79 -25.68 -16.19
N VAL D 446 -4.01 -26.40 -15.08
CA VAL D 446 -2.98 -27.23 -14.47
C VAL D 446 -3.02 -28.62 -15.09
N LEU D 447 -1.85 -29.11 -15.50
CA LEU D 447 -1.70 -30.42 -16.11
C LEU D 447 -0.70 -31.25 -15.31
N PRO D 448 -0.80 -32.57 -15.35
CA PRO D 448 0.14 -33.40 -14.60
C PRO D 448 1.56 -33.25 -15.12
N GLY D 449 2.52 -33.40 -14.21
CA GLY D 449 3.92 -33.35 -14.57
C GLY D 449 4.58 -32.00 -14.46
N GLN D 450 3.95 -31.04 -13.78
CA GLN D 450 4.54 -29.72 -13.60
C GLN D 450 4.46 -29.32 -12.13
N PRO D 451 5.37 -28.47 -11.67
CA PRO D 451 5.30 -28.01 -10.28
C PRO D 451 3.98 -27.33 -9.99
N MET D 452 3.42 -27.63 -8.82
CA MET D 452 2.08 -27.18 -8.46
C MET D 452 1.83 -27.46 -6.99
N ASN D 453 0.87 -26.74 -6.43
CA ASN D 453 0.39 -27.05 -5.10
C ASN D 453 -0.45 -28.32 -5.13
N GLN D 454 -0.70 -28.89 -3.96
CA GLN D 454 -1.36 -30.17 -3.88
C GLN D 454 -2.87 -29.99 -4.08
N GLY D 455 -3.43 -30.75 -5.03
CA GLY D 455 -4.85 -30.88 -5.16
C GLY D 455 -5.54 -30.06 -6.24
N GLU D 456 -4.80 -29.29 -7.03
CA GLU D 456 -5.42 -28.48 -8.09
C GLU D 456 -5.21 -29.08 -9.48
N ILE D 457 -5.05 -30.39 -9.57
CA ILE D 457 -4.85 -31.02 -10.87
C ILE D 457 -6.14 -30.94 -11.68
N TRP D 458 -5.98 -30.76 -13.00
CA TRP D 458 -7.11 -30.66 -13.93
C TRP D 458 -8.09 -29.56 -13.54
N LYS D 459 -7.56 -28.45 -13.05
CA LYS D 459 -8.39 -27.32 -12.63
C LYS D 459 -7.69 -26.01 -12.99
N TRP D 460 -8.50 -24.99 -13.25
CA TRP D 460 -7.97 -23.66 -13.50
C TRP D 460 -7.38 -23.08 -12.23
N ARG D 461 -6.24 -22.43 -12.36
CA ARG D 461 -5.52 -21.84 -11.22
C ARG D 461 -5.31 -20.36 -11.47
N LYS D 462 -5.62 -19.55 -10.47
CA LYS D 462 -5.44 -18.10 -10.58
C LYS D 462 -3.97 -17.75 -10.43
N GLU D 463 -3.47 -16.91 -11.35
CA GLU D 463 -2.08 -16.49 -11.34
C GLU D 463 -2.02 -14.98 -11.54
N VAL D 464 -1.31 -14.31 -10.64
CA VAL D 464 -1.18 -12.85 -10.72
C VAL D 464 -0.37 -12.46 -11.94
N ASN D 465 0.63 -13.26 -12.31
CA ASN D 465 1.55 -12.95 -13.39
C ASN D 465 1.86 -14.25 -14.09
N PRO D 466 1.63 -14.36 -15.41
CA PRO D 466 1.80 -15.64 -16.10
C PRO D 466 3.26 -16.04 -16.22
N ASP D 467 3.80 -16.64 -15.15
CA ASP D 467 5.20 -17.02 -15.11
C ASP D 467 5.53 -18.05 -16.19
N GLU D 468 4.66 -19.05 -16.35
CA GLU D 468 4.91 -20.10 -17.33
C GLU D 468 4.97 -19.54 -18.74
N LEU D 469 4.09 -18.58 -19.06
CA LEU D 469 4.14 -17.95 -20.37
C LEU D 469 5.42 -17.15 -20.55
N HIS D 470 5.87 -16.47 -19.49
CA HIS D 470 7.13 -15.73 -19.55
C HIS D 470 8.30 -16.66 -19.86
N ILE D 471 8.34 -17.82 -19.21
CA ILE D 471 9.41 -18.77 -19.47
C ILE D 471 9.28 -19.35 -20.88
N TYR D 472 8.05 -19.66 -21.29
CA TYR D 472 7.83 -20.35 -22.56
C TYR D 472 8.20 -19.45 -23.72
N ILE D 473 7.97 -18.14 -23.58
CA ILE D 473 8.33 -17.19 -24.63
C ILE D 473 9.82 -17.24 -24.91
N SER D 474 10.64 -17.35 -23.86
CA SER D 474 12.08 -17.32 -24.02
C SER D 474 12.69 -18.69 -24.26
N GLU D 475 11.97 -19.77 -23.98
CA GLU D 475 12.55 -21.11 -24.10
C GLU D 475 12.15 -21.81 -25.39
N ASN D 476 10.86 -21.97 -25.65
CA ASN D 476 10.41 -22.76 -26.79
C ASN D 476 10.35 -21.95 -28.08
N PHE D 477 10.09 -20.64 -27.98
CA PHE D 477 10.02 -19.81 -29.19
C PHE D 477 11.36 -19.75 -29.90
N SER D 478 12.45 -19.90 -29.16
CA SER D 478 13.78 -19.86 -29.75
C SER D 478 13.98 -20.96 -30.79
N ARG D 479 13.33 -22.11 -30.60
CA ARG D 479 13.43 -23.17 -31.61
C ARG D 479 12.79 -22.73 -32.93
N VAL D 480 11.64 -22.05 -32.86
CA VAL D 480 11.01 -21.57 -34.07
C VAL D 480 11.86 -20.49 -34.72
N MET D 481 12.47 -19.62 -33.91
CA MET D 481 13.38 -18.61 -34.47
C MET D 481 14.57 -19.26 -35.16
N ASP D 482 15.12 -20.33 -34.55
CA ASP D 482 16.23 -21.04 -35.17
C ASP D 482 15.79 -21.70 -36.48
N ARG D 483 14.56 -22.21 -36.52
CA ARG D 483 14.03 -22.77 -37.74
C ARG D 483 13.95 -21.71 -38.83
N ILE D 484 13.52 -20.50 -38.46
CA ILE D 484 13.49 -19.40 -39.43
C ILE D 484 14.89 -19.10 -39.94
N THR D 485 15.87 -19.05 -39.02
CA THR D 485 17.24 -18.75 -39.42
C THR D 485 17.77 -19.80 -40.39
N GLU D 486 17.53 -21.08 -40.10
CA GLU D 486 18.03 -22.13 -40.99
C GLU D 486 17.29 -22.13 -42.32
N HIS D 487 16.02 -21.75 -42.31
CA HIS D 487 15.27 -21.57 -43.56
C HIS D 487 15.89 -20.48 -44.43
N ILE D 488 16.24 -19.35 -43.81
CA ILE D 488 16.91 -18.28 -44.54
C ILE D 488 18.26 -18.74 -45.05
N LYS D 489 19.00 -19.49 -44.23
CA LYS D 489 20.29 -20.02 -44.66
C LYS D 489 20.13 -20.95 -45.86
N TYR D 490 19.12 -21.82 -45.83
CA TYR D 490 18.92 -22.74 -46.95
C TYR D 490 18.59 -21.99 -48.24
N HIS D 491 17.70 -20.99 -48.17
CA HIS D 491 17.45 -20.18 -49.36
C HIS D 491 18.67 -19.38 -49.79
N LEU D 492 19.53 -18.99 -48.85
CA LEU D 492 20.78 -18.33 -49.24
C LEU D 492 21.69 -19.28 -50.01
N SER D 493 21.75 -20.55 -49.59
CA SER D 493 22.62 -21.51 -50.26
C SER D 493 22.20 -21.73 -51.70
N GLN D 494 20.90 -21.82 -51.96
CA GLN D 494 20.42 -22.08 -53.31
C GLN D 494 20.72 -20.89 -54.21
N PRO D 495 21.33 -21.09 -55.37
CA PRO D 495 21.62 -19.96 -56.26
C PRO D 495 20.45 -19.63 -57.17
N HIS D 496 19.95 -18.39 -57.10
CA HIS D 496 18.87 -17.96 -57.97
C HIS D 496 19.30 -16.84 -58.92
N GLU D 497 19.79 -15.73 -58.39
CA GLU D 497 20.15 -14.55 -59.18
C GLU D 497 21.15 -13.71 -58.38
N SER D 498 21.35 -12.48 -58.83
CA SER D 498 22.19 -11.52 -58.13
C SER D 498 21.41 -10.64 -57.16
N ASN D 499 20.10 -10.87 -57.04
CA ASN D 499 19.29 -10.12 -56.08
C ASN D 499 19.13 -10.85 -54.76
N ILE D 500 19.24 -12.19 -54.76
CA ILE D 500 19.15 -12.94 -53.52
C ILE D 500 20.31 -12.59 -52.59
N LEU D 501 21.49 -12.32 -53.15
CA LEU D 501 22.65 -11.96 -52.33
C LEU D 501 22.48 -10.63 -51.63
N ASN D 502 21.48 -9.84 -52.00
CA ASN D 502 21.14 -8.61 -51.30
C ASN D 502 19.92 -8.76 -50.41
N TYR D 503 18.82 -9.29 -50.95
CA TYR D 503 17.60 -9.44 -50.17
C TYR D 503 17.79 -10.43 -49.04
N TYR D 504 18.26 -11.65 -49.35
CA TYR D 504 18.58 -12.61 -48.30
C TYR D 504 19.97 -12.37 -47.73
N LYS D 505 20.32 -11.12 -47.52
CA LYS D 505 21.36 -10.68 -46.61
C LYS D 505 20.88 -9.54 -45.74
N LYS D 506 20.14 -8.59 -46.32
CA LYS D 506 19.53 -7.54 -45.52
C LYS D 506 18.46 -8.12 -44.60
N LEU D 507 17.59 -8.98 -45.15
CA LEU D 507 16.57 -9.62 -44.32
C LEU D 507 17.21 -10.46 -43.23
N LEU D 508 18.25 -11.21 -43.58
CA LEU D 508 18.93 -12.02 -42.57
C LEU D 508 19.51 -11.15 -41.46
N LYS D 509 20.28 -10.13 -41.84
CA LYS D 509 20.93 -9.25 -40.87
C LYS D 509 19.91 -8.62 -39.93
N ALA D 510 18.84 -8.04 -40.48
CA ALA D 510 17.79 -7.51 -39.63
C ALA D 510 17.22 -8.61 -38.74
N PHE D 511 17.21 -9.85 -39.22
CA PHE D 511 16.61 -10.90 -38.41
C PHE D 511 17.47 -11.25 -37.20
N GLU D 512 18.80 -11.38 -37.36
CA GLU D 512 19.55 -11.67 -36.14
C GLU D 512 19.60 -10.45 -35.24
N ARG D 513 19.51 -9.25 -35.82
CA ARG D 513 19.45 -8.05 -35.00
C ARG D 513 18.20 -8.04 -34.12
N SER D 514 17.07 -8.50 -34.67
CA SER D 514 15.84 -8.56 -33.91
C SER D 514 15.68 -9.84 -33.10
N LYS D 515 16.53 -10.85 -33.33
CA LYS D 515 16.35 -12.14 -32.68
C LYS D 515 16.50 -12.04 -31.16
N SER D 516 17.49 -11.28 -30.70
CA SER D 516 17.76 -11.20 -29.26
C SER D 516 16.70 -10.41 -28.52
N LYS D 517 15.77 -9.76 -29.22
CA LYS D 517 14.79 -8.90 -28.58
C LYS D 517 13.87 -9.68 -27.64
N ILE D 518 13.56 -10.94 -27.97
CA ILE D 518 12.63 -11.71 -27.15
C ILE D 518 13.19 -11.97 -25.77
N PHE D 519 14.51 -11.92 -25.60
CA PHE D 519 15.12 -12.17 -24.31
C PHE D 519 15.09 -10.94 -23.41
N ASN D 520 14.74 -9.78 -23.94
CA ASN D 520 14.65 -8.57 -23.12
C ASN D 520 13.42 -8.62 -22.22
N ASP D 521 13.55 -8.03 -21.03
CA ASP D 521 12.43 -8.02 -20.08
C ASP D 521 11.33 -7.08 -20.53
N SER D 522 11.70 -5.87 -20.98
CA SER D 522 10.70 -4.90 -21.40
C SER D 522 9.90 -5.40 -22.59
N PHE D 523 10.58 -6.00 -23.56
CA PHE D 523 9.88 -6.55 -24.71
C PHE D 523 8.94 -7.67 -24.30
N LYS D 524 9.36 -8.52 -23.35
CA LYS D 524 8.49 -9.57 -22.86
C LYS D 524 7.25 -9.00 -22.18
N LYS D 525 7.43 -7.97 -21.36
CA LYS D 525 6.29 -7.34 -20.71
C LYS D 525 5.33 -6.74 -21.73
N GLY D 526 5.87 -6.09 -22.76
CA GLY D 526 5.01 -5.55 -23.81
C GLY D 526 4.26 -6.63 -24.55
N VAL D 527 4.94 -7.74 -24.84
CA VAL D 527 4.29 -8.85 -25.53
C VAL D 527 3.17 -9.43 -24.68
N ILE D 528 3.41 -9.57 -23.37
CA ILE D 528 2.37 -10.09 -22.47
C ILE D 528 1.18 -9.13 -22.45
N ARG D 529 1.44 -7.83 -22.35
CA ARG D 529 0.35 -6.86 -22.34
C ARG D 529 -0.45 -6.92 -23.63
N GLN D 530 0.23 -7.05 -24.77
CA GLN D 530 -0.48 -7.17 -26.03
C GLN D 530 -1.31 -8.45 -26.09
N ALA D 531 -0.74 -9.56 -25.63
CA ALA D 531 -1.44 -10.85 -25.67
C ALA D 531 -2.59 -10.90 -24.68
N GLU D 532 -2.62 -9.99 -23.70
CA GLU D 532 -3.76 -9.93 -22.78
C GLU D 532 -5.07 -9.80 -23.54
N PHE D 533 -5.07 -9.07 -24.66
CA PHE D 533 -6.30 -8.88 -25.43
C PHE D 533 -6.69 -10.16 -26.17
N LEU D 534 -5.71 -10.83 -26.80
CA LEU D 534 -6.02 -12.01 -27.58
C LEU D 534 -6.56 -13.14 -26.73
N PHE D 535 -5.98 -13.34 -25.54
CA PHE D 535 -6.38 -14.43 -24.67
C PHE D 535 -7.65 -14.15 -23.90
N ARG D 536 -8.19 -12.93 -23.99
CA ARG D 536 -9.38 -12.58 -23.21
C ARG D 536 -10.58 -13.39 -23.68
N GLN D 537 -11.33 -13.93 -22.72
CA GLN D 537 -12.56 -14.67 -23.00
C GLN D 537 -13.67 -14.09 -22.14
N ARG D 538 -14.70 -13.55 -22.79
CA ARG D 538 -15.79 -12.91 -22.07
C ARG D 538 -16.64 -13.96 -21.36
N SER D 539 -17.29 -13.53 -20.27
CA SER D 539 -18.20 -14.37 -19.50
C SER D 539 -17.49 -15.62 -18.98
N PHE D 540 -16.42 -15.38 -18.23
CA PHE D 540 -15.66 -16.47 -17.61
C PHE D 540 -15.62 -16.36 -16.09
N ILE D 541 -15.34 -15.17 -15.55
CA ILE D 541 -15.21 -15.03 -14.11
C ILE D 541 -16.53 -15.29 -13.41
N GLN D 542 -17.61 -14.69 -13.90
CA GLN D 542 -18.91 -14.86 -13.25
C GLN D 542 -19.49 -16.25 -13.48
N THR D 543 -18.95 -17.02 -14.42
CA THR D 543 -19.40 -18.39 -14.65
C THR D 543 -18.57 -19.40 -13.87
N LEU D 544 -17.61 -18.95 -13.07
CA LEU D 544 -16.79 -19.85 -12.28
C LEU D 544 -17.58 -20.40 -11.10
N ASP D 545 -17.56 -21.71 -10.94
CA ASP D 545 -18.19 -22.39 -9.79
C ASP D 545 -19.65 -21.97 -9.63
N THR D 546 -20.40 -22.05 -10.72
CA THR D 546 -21.82 -21.70 -10.71
C THR D 546 -22.72 -22.93 -10.55
N ASN D 547 -22.58 -23.90 -11.42
CA ASN D 547 -23.40 -25.10 -11.32
C ASN D 547 -23.04 -25.89 -10.07
N PRO D 548 -24.00 -26.27 -9.23
CA PRO D 548 -23.69 -26.97 -7.98
C PRO D 548 -23.50 -28.46 -8.13
N HIS D 549 -23.41 -28.99 -9.36
CA HIS D 549 -23.25 -30.41 -9.58
C HIS D 549 -21.81 -30.80 -9.89
N LEU D 550 -20.86 -29.88 -9.70
CA LEU D 550 -19.45 -30.15 -9.93
C LEU D 550 -18.67 -29.80 -8.67
N LEU D 551 -17.82 -30.72 -8.24
CA LEU D 551 -16.99 -30.54 -7.04
C LEU D 551 -15.53 -30.65 -7.42
N GLY D 552 -14.72 -29.74 -6.90
CA GLY D 552 -13.29 -29.79 -7.14
C GLY D 552 -12.58 -30.68 -6.14
N VAL D 553 -12.08 -31.83 -6.61
CA VAL D 553 -11.41 -32.78 -5.75
C VAL D 553 -9.91 -32.77 -6.06
N GLY D 554 -9.15 -33.49 -5.24
CA GLY D 554 -7.70 -33.48 -5.37
C GLY D 554 -7.15 -34.30 -6.51
N ASN D 555 -7.97 -35.07 -7.20
CA ASN D 555 -7.55 -35.88 -8.32
C ASN D 555 -8.50 -35.72 -9.50
N GLY D 556 -8.87 -34.47 -9.80
CA GLY D 556 -9.73 -34.15 -10.91
C GLY D 556 -10.95 -33.35 -10.47
N VAL D 557 -12.05 -33.54 -11.18
CA VAL D 557 -13.31 -32.86 -10.90
C VAL D 557 -14.39 -33.91 -10.77
N LEU D 558 -15.14 -33.86 -9.68
CA LEU D 558 -16.23 -34.80 -9.42
C LEU D 558 -17.53 -34.26 -9.99
N SER D 559 -18.23 -35.09 -10.74
CA SER D 559 -19.50 -34.73 -11.35
C SER D 559 -20.61 -35.62 -10.79
N ILE D 560 -21.68 -35.00 -10.29
CA ILE D 560 -22.81 -35.74 -9.74
C ILE D 560 -24.04 -35.45 -10.59
N GLU D 561 -23.82 -35.20 -11.88
CA GLU D 561 -24.95 -34.92 -12.78
C GLU D 561 -25.88 -36.11 -12.87
N THR D 562 -25.33 -37.32 -13.00
CA THR D 562 -26.12 -38.53 -13.18
C THR D 562 -25.52 -39.67 -12.38
N ILE D 563 -26.38 -40.51 -11.84
CA ILE D 563 -25.93 -41.72 -11.12
C ILE D 563 -25.45 -42.74 -12.15
N PRO D 564 -24.27 -43.36 -11.96
CA PRO D 564 -23.34 -43.11 -10.85
C PRO D 564 -22.47 -41.88 -11.07
N ALA D 565 -22.05 -41.24 -9.98
CA ALA D 565 -21.22 -40.05 -10.08
C ALA D 565 -19.92 -40.37 -10.78
N LYS D 566 -19.55 -39.54 -11.75
CA LYS D 566 -18.35 -39.75 -12.55
C LYS D 566 -17.24 -38.81 -12.10
N LEU D 567 -16.02 -39.30 -12.19
CA LEU D 567 -14.82 -38.52 -11.87
C LEU D 567 -14.13 -38.15 -13.17
N ILE D 568 -13.91 -36.86 -13.38
CA ILE D 568 -13.26 -36.37 -14.58
C ILE D 568 -11.79 -36.17 -14.22
N ASN D 569 -10.98 -37.20 -14.44
CA ASN D 569 -9.56 -37.17 -14.17
C ASN D 569 -8.74 -36.84 -15.40
N HIS D 570 -9.38 -36.43 -16.49
CA HIS D 570 -8.70 -36.08 -17.73
C HIS D 570 -9.11 -34.66 -18.13
N PHE D 571 -8.72 -34.26 -19.34
CA PHE D 571 -9.02 -32.92 -19.81
C PHE D 571 -10.53 -32.72 -19.93
N HIS D 572 -10.95 -31.48 -19.67
CA HIS D 572 -12.37 -31.12 -19.74
C HIS D 572 -12.47 -29.66 -20.15
N GLU D 573 -13.66 -29.09 -19.99
CA GLU D 573 -13.89 -27.70 -20.37
C GLU D 573 -14.74 -26.93 -19.36
N HIS D 574 -15.11 -27.53 -18.24
CA HIS D 574 -15.92 -26.83 -17.25
C HIS D 574 -15.06 -25.81 -16.51
N PRO D 575 -15.63 -24.65 -16.16
CA PRO D 575 -14.88 -23.61 -15.41
C PRO D 575 -14.87 -23.86 -13.91
N ILE D 576 -13.93 -24.70 -13.47
CA ILE D 576 -13.79 -25.05 -12.06
C ILE D 576 -12.52 -24.42 -11.53
N HIS D 577 -12.64 -23.66 -10.44
CA HIS D 577 -11.48 -23.03 -9.83
C HIS D 577 -11.30 -23.42 -8.36
N GLN D 578 -12.38 -23.47 -7.59
CA GLN D 578 -12.28 -23.87 -6.20
C GLN D 578 -12.22 -25.39 -6.08
N TYR D 579 -11.59 -25.86 -5.00
CA TYR D 579 -11.35 -27.28 -4.86
C TYR D 579 -11.16 -27.63 -3.39
N THR D 580 -11.26 -28.93 -3.11
CA THR D 580 -10.87 -29.50 -1.83
C THR D 580 -9.73 -30.48 -2.05
N HIS D 581 -8.98 -30.76 -0.98
CA HIS D 581 -7.78 -31.57 -1.06
C HIS D 581 -8.04 -33.03 -0.71
N ILE D 582 -9.22 -33.54 -1.03
CA ILE D 582 -9.61 -34.91 -0.72
C ILE D 582 -9.79 -35.67 -2.02
N CYS D 583 -9.00 -36.72 -2.21
CA CYS D 583 -9.18 -37.60 -3.36
C CYS D 583 -10.46 -38.41 -3.22
N TYR D 584 -11.07 -38.73 -4.36
CA TYR D 584 -12.34 -39.43 -4.39
C TYR D 584 -12.17 -40.84 -4.93
N VAL D 585 -12.73 -41.82 -4.23
CA VAL D 585 -12.73 -43.20 -4.69
C VAL D 585 -14.12 -43.79 -4.52
N PRO D 586 -14.47 -44.77 -5.34
CA PRO D 586 -15.78 -45.40 -5.21
C PRO D 586 -15.99 -46.03 -3.84
N PHE D 587 -17.23 -46.00 -3.37
CA PHE D 587 -17.56 -46.50 -2.04
C PHE D 587 -17.40 -48.01 -2.01
N ASN D 588 -16.34 -48.47 -1.34
CA ASN D 588 -16.09 -49.90 -1.19
C ASN D 588 -16.22 -50.28 0.28
N PRO D 589 -17.22 -51.10 0.64
CA PRO D 589 -17.36 -51.47 2.06
C PRO D 589 -16.22 -52.31 2.60
N GLU D 590 -15.41 -52.92 1.74
CA GLU D 590 -14.33 -53.80 2.19
C GLU D 590 -13.10 -53.04 2.64
N ASN D 591 -13.02 -51.74 2.40
CA ASN D 591 -11.88 -50.97 2.86
C ASN D 591 -11.86 -50.95 4.38
N PRO D 592 -10.71 -51.22 5.02
CA PRO D 592 -10.67 -51.22 6.50
C PRO D 592 -11.11 -49.90 7.11
N TRP D 593 -10.72 -48.77 6.52
CA TRP D 593 -11.16 -47.48 7.02
C TRP D 593 -12.67 -47.33 6.90
N THR D 594 -13.23 -47.78 5.78
CA THR D 594 -14.69 -47.73 5.61
C THR D 594 -15.39 -48.59 6.65
N LYS D 595 -14.88 -49.79 6.91
CA LYS D 595 -15.49 -50.65 7.92
C LYS D 595 -15.42 -50.02 9.30
N LEU D 596 -14.27 -49.43 9.65
CA LEU D 596 -14.13 -48.79 10.95
C LEU D 596 -15.09 -47.61 11.08
N LEU D 597 -15.20 -46.80 10.02
CA LEU D 597 -16.10 -45.66 10.07
C LEU D 597 -17.55 -46.11 10.19
N LEU D 598 -17.94 -47.15 9.46
CA LEU D 598 -19.31 -47.65 9.55
C LEU D 598 -19.60 -48.20 10.93
N ASN D 599 -18.64 -48.92 11.52
CA ASN D 599 -18.83 -49.44 12.88
C ASN D 599 -18.98 -48.31 13.88
N ALA D 600 -18.14 -47.27 13.78
CA ALA D 600 -18.26 -46.14 14.69
C ALA D 600 -19.60 -45.41 14.50
N LEU D 601 -20.03 -45.27 13.25
CA LEU D 601 -21.30 -44.63 12.97
C LEU D 601 -22.46 -45.40 13.57
N GLN D 602 -22.43 -46.73 13.45
CA GLN D 602 -23.48 -47.55 14.05
C GLN D 602 -23.43 -47.46 15.58
N ASP D 603 -22.23 -47.36 16.15
CA ASP D 603 -22.10 -47.21 17.58
C ASP D 603 -22.71 -45.90 18.06
N ILE D 604 -22.48 -44.81 17.32
CA ILE D 604 -22.90 -43.48 17.79
C ILE D 604 -24.42 -43.38 17.83
N ILE D 605 -25.09 -43.76 16.75
CA ILE D 605 -26.54 -43.64 16.68
C ILE D 605 -27.17 -45.02 16.51
N PRO D 606 -27.76 -45.58 17.56
CA PRO D 606 -28.25 -46.96 17.51
C PRO D 606 -29.40 -47.19 16.53
N GLU D 607 -30.45 -46.37 16.62
CA GLU D 607 -31.65 -46.61 15.83
C GLU D 607 -31.37 -46.57 14.34
N LEU D 608 -31.89 -47.55 13.61
CA LEU D 608 -31.62 -47.67 12.18
C LEU D 608 -32.26 -46.53 11.40
N ASP D 609 -33.55 -46.26 11.65
CA ASP D 609 -34.24 -45.21 10.92
C ASP D 609 -33.62 -43.84 11.22
N ALA D 610 -33.30 -43.57 12.47
CA ALA D 610 -32.65 -42.31 12.82
C ALA D 610 -31.28 -42.21 12.16
N ARG D 611 -30.52 -43.31 12.13
CA ARG D 611 -29.21 -43.30 11.49
C ARG D 611 -29.34 -42.99 10.01
N LEU D 612 -30.29 -43.62 9.35
CA LEU D 612 -30.48 -43.40 7.91
C LEU D 612 -30.64 -41.93 7.59
N TRP D 613 -31.62 -41.28 8.21
CA TRP D 613 -31.88 -39.88 7.94
C TRP D 613 -30.65 -39.03 8.20
N ILE D 614 -29.95 -39.32 9.29
CA ILE D 614 -28.77 -38.53 9.64
C ILE D 614 -27.76 -38.55 8.50
N MET D 615 -27.45 -39.74 8.01
CA MET D 615 -26.48 -39.86 6.92
C MET D 615 -26.97 -39.13 5.68
N PHE D 616 -28.25 -39.27 5.38
CA PHE D 616 -28.81 -38.58 4.22
C PHE D 616 -28.70 -37.08 4.39
N TYR D 617 -28.99 -36.59 5.60
CA TYR D 617 -28.90 -35.17 5.87
C TYR D 617 -27.48 -34.69 5.63
N LEU D 618 -26.51 -35.48 6.08
CA LEU D 618 -25.11 -35.12 5.87
C LEU D 618 -24.78 -35.14 4.39
N SER D 619 -25.36 -36.11 3.66
CA SER D 619 -25.09 -36.22 2.23
C SER D 619 -25.48 -34.96 1.48
N THR D 620 -26.54 -34.30 1.93
CA THR D 620 -27.02 -33.10 1.25
C THR D 620 -25.98 -31.99 1.23
N ALA D 621 -25.03 -32.04 2.16
CA ALA D 621 -24.02 -30.97 2.24
C ALA D 621 -23.23 -30.81 0.96
N ILE D 622 -22.83 -31.92 0.35
CA ILE D 622 -22.04 -31.85 -0.89
C ILE D 622 -22.70 -30.94 -1.91
N PHE D 623 -24.00 -31.07 -2.08
CA PHE D 623 -24.74 -30.24 -3.02
C PHE D 623 -24.70 -28.79 -2.56
N ARG D 624 -24.68 -27.87 -3.54
CA ARG D 624 -24.56 -26.45 -3.25
C ARG D 624 -25.69 -25.63 -3.86
N GLY D 625 -26.72 -26.27 -4.39
CA GLY D 625 -27.87 -25.57 -4.93
C GLY D 625 -28.95 -25.37 -3.87
N LEU D 626 -30.12 -24.97 -4.35
CA LEU D 626 -31.25 -24.74 -3.46
C LEU D 626 -31.61 -26.03 -2.73
N LYS D 627 -31.78 -25.93 -1.41
CA LYS D 627 -32.12 -27.07 -0.58
C LYS D 627 -33.47 -26.81 0.10
N GLU D 628 -33.86 -27.73 0.98
CA GLU D 628 -35.12 -27.61 1.68
C GLU D 628 -34.93 -26.88 3.01
N ALA D 629 -36.02 -26.30 3.49
CA ALA D 629 -36.00 -25.53 4.74
C ALA D 629 -36.05 -26.49 5.93
N LEU D 630 -34.91 -27.14 6.16
CA LEU D 630 -34.74 -28.05 7.28
C LEU D 630 -33.48 -27.68 8.05
N MET D 631 -33.58 -27.72 9.37
CA MET D 631 -32.43 -27.51 10.24
C MET D 631 -32.46 -28.56 11.34
N LEU D 632 -31.31 -29.16 11.62
CA LEU D 632 -31.20 -30.24 12.59
C LEU D 632 -30.47 -29.76 13.83
N LEU D 633 -31.05 -30.00 14.99
CA LEU D 633 -30.39 -29.74 16.27
C LEU D 633 -30.62 -30.94 17.17
N TRP D 634 -29.55 -31.47 17.76
CA TRP D 634 -29.64 -32.62 18.63
C TRP D 634 -28.78 -32.40 19.86
N LEU D 635 -29.29 -32.80 21.02
CA LEU D 635 -28.70 -32.51 22.31
C LEU D 635 -28.17 -33.79 22.93
N GLY D 636 -27.54 -33.64 24.09
CA GLY D 636 -27.03 -34.78 24.83
C GLY D 636 -26.00 -34.33 25.85
N GLY D 637 -25.53 -35.30 26.62
CA GLY D 637 -24.50 -35.05 27.60
C GLY D 637 -23.13 -34.92 26.95
N GLY D 638 -22.12 -34.76 27.81
CA GLY D 638 -20.76 -34.68 27.31
C GLY D 638 -20.25 -36.01 26.81
N CYS D 639 -19.17 -35.94 26.03
CA CYS D 639 -18.53 -37.14 25.47
C CYS D 639 -19.51 -37.97 24.66
N ASN D 640 -20.11 -37.34 23.65
CA ASN D 640 -21.08 -38.01 22.78
C ASN D 640 -20.64 -38.10 21.33
N GLY D 641 -19.55 -37.46 20.95
CA GLY D 641 -19.05 -37.56 19.60
C GLY D 641 -19.68 -36.62 18.60
N LYS D 642 -20.54 -35.69 19.04
CA LYS D 642 -21.12 -34.73 18.12
C LYS D 642 -20.04 -33.86 17.48
N THR D 643 -19.10 -33.37 18.27
CA THR D 643 -18.00 -32.59 17.73
C THR D 643 -17.17 -33.41 16.76
N PHE D 644 -16.91 -34.67 17.09
CA PHE D 644 -16.13 -35.54 16.21
C PHE D 644 -16.77 -35.63 14.83
N LEU D 645 -18.06 -35.96 14.78
CA LEU D 645 -18.74 -36.16 13.50
C LEU D 645 -18.84 -34.85 12.73
N MET D 646 -19.24 -33.77 13.40
CA MET D 646 -19.40 -32.49 12.71
C MET D 646 -18.07 -31.97 12.18
N ARG D 647 -17.00 -32.07 12.99
CA ARG D 647 -15.68 -31.67 12.53
C ARG D 647 -15.21 -32.55 11.39
N LEU D 648 -15.52 -33.85 11.43
CA LEU D 648 -15.15 -34.73 10.32
C LEU D 648 -15.81 -34.28 9.03
N VAL D 649 -17.10 -33.95 9.09
CA VAL D 649 -17.81 -33.48 7.91
C VAL D 649 -17.19 -32.17 7.41
N ALA D 650 -16.94 -31.24 8.33
CA ALA D 650 -16.39 -29.95 7.93
C ALA D 650 -15.02 -30.10 7.29
N MET D 651 -14.19 -30.99 7.84
CA MET D 651 -12.85 -31.18 7.30
C MET D 651 -12.88 -31.89 5.96
N VAL D 652 -13.72 -32.92 5.81
CA VAL D 652 -13.76 -33.65 4.55
C VAL D 652 -14.31 -32.78 3.43
N LEU D 653 -15.28 -31.90 3.74
CA LEU D 653 -15.73 -30.95 2.72
C LEU D 653 -14.66 -29.95 2.36
N GLY D 654 -13.92 -29.46 3.35
CA GLY D 654 -12.87 -28.48 3.12
C GLY D 654 -13.30 -27.06 3.47
N ASP D 655 -12.30 -26.18 3.49
CA ASP D 655 -12.54 -24.79 3.89
C ASP D 655 -13.43 -24.08 2.88
N HIS D 656 -13.18 -24.28 1.58
CA HIS D 656 -13.91 -23.54 0.56
C HIS D 656 -15.40 -23.86 0.57
N TYR D 657 -15.78 -25.04 1.04
CA TYR D 657 -17.17 -25.47 0.98
C TYR D 657 -17.84 -25.61 2.34
N ALA D 658 -17.08 -25.75 3.42
CA ALA D 658 -17.63 -25.87 4.76
C ALA D 658 -16.89 -24.94 5.71
N SER D 659 -17.59 -24.50 6.75
CA SER D 659 -17.00 -23.63 7.75
C SER D 659 -17.80 -23.74 9.04
N LYS D 660 -17.20 -23.27 10.13
CA LYS D 660 -17.85 -23.20 11.43
C LYS D 660 -18.38 -21.79 11.64
N LEU D 661 -19.64 -21.70 12.07
CA LEU D 661 -20.31 -20.41 12.25
C LEU D 661 -20.47 -20.11 13.72
N ASN D 662 -20.23 -18.85 14.09
CA ASN D 662 -20.38 -18.43 15.47
C ASN D 662 -21.85 -18.50 15.90
N ILE D 663 -22.07 -18.87 17.15
CA ILE D 663 -23.44 -18.94 17.69
C ILE D 663 -24.03 -17.57 17.97
N SER D 664 -23.18 -16.52 18.01
CA SER D 664 -23.67 -15.17 18.25
C SER D 664 -24.69 -14.73 17.20
N LEU D 665 -24.64 -15.33 16.01
CA LEU D 665 -25.65 -15.02 14.99
C LEU D 665 -27.04 -15.46 15.43
N LEU D 666 -27.12 -16.49 16.26
CA LEU D 666 -28.42 -16.96 16.76
C LEU D 666 -28.74 -16.43 18.15
N THR D 667 -27.72 -16.17 18.98
CA THR D 667 -27.99 -15.70 20.33
C THR D 667 -28.45 -14.25 20.34
N SER D 668 -27.83 -13.39 19.53
CA SER D 668 -28.19 -11.98 19.49
C SER D 668 -29.49 -11.82 18.71
N CYS D 669 -29.89 -10.56 18.43
CA CYS D 669 -31.14 -10.31 17.75
C CYS D 669 -30.91 -9.79 16.33
N ARG D 670 -30.24 -8.65 16.18
CA ARG D 670 -29.87 -8.12 14.86
C ARG D 670 -29.02 -6.87 15.05
N GLU D 671 -28.05 -6.70 14.18
CA GLU D 671 -27.34 -5.43 14.08
C GLU D 671 -28.11 -4.49 13.15
N THR D 672 -27.96 -3.20 13.38
CA THR D 672 -28.70 -2.24 12.58
C THR D 672 -28.20 -2.24 11.14
N ALA D 673 -28.94 -1.54 10.27
CA ALA D 673 -28.66 -1.59 8.84
C ALA D 673 -27.23 -1.15 8.53
N GLU D 674 -26.73 -0.14 9.21
CA GLU D 674 -25.36 0.33 8.99
C GLU D 674 -24.40 -0.24 10.04
N LYS D 675 -24.19 -1.54 9.95
CA LYS D 675 -23.17 -2.24 10.74
C LYS D 675 -22.52 -3.30 9.86
N PRO D 676 -21.34 -3.01 9.31
CA PRO D 676 -20.62 -4.05 8.55
C PRO D 676 -20.24 -5.19 9.47
N ASN D 677 -20.67 -6.39 9.10
CA ASN D 677 -20.58 -7.55 9.99
C ASN D 677 -20.08 -8.75 9.22
N SER D 678 -19.53 -9.73 9.95
CA SER D 678 -19.32 -11.04 9.34
C SER D 678 -20.64 -11.61 8.83
N ALA D 679 -21.74 -11.32 9.52
CA ALA D 679 -23.11 -11.39 8.99
C ALA D 679 -23.30 -12.57 8.07
N PHE D 680 -22.98 -13.76 8.58
CA PHE D 680 -23.02 -15.02 7.85
C PHE D 680 -22.47 -14.89 6.43
N MET D 681 -21.46 -14.04 6.24
CA MET D 681 -20.77 -13.99 4.94
C MET D 681 -19.98 -15.26 4.67
N ARG D 682 -19.71 -16.07 5.69
CA ARG D 682 -19.14 -17.40 5.47
C ARG D 682 -20.10 -18.31 4.72
N LEU D 683 -21.37 -17.94 4.64
CA LEU D 683 -22.36 -18.72 3.92
C LEU D 683 -22.36 -18.44 2.42
N LYS D 684 -21.54 -17.51 1.96
CA LYS D 684 -21.47 -17.18 0.54
C LYS D 684 -20.75 -18.31 -0.19
N GLY D 685 -21.52 -19.21 -0.79
CA GLY D 685 -20.96 -20.33 -1.53
C GLY D 685 -20.63 -21.55 -0.70
N ARG D 686 -20.78 -21.50 0.61
CA ARG D 686 -20.49 -22.64 1.47
C ARG D 686 -21.73 -23.49 1.65
N GLY D 687 -21.57 -24.80 1.47
CA GLY D 687 -22.67 -25.74 1.55
C GLY D 687 -22.90 -26.38 2.91
N TYR D 688 -22.17 -25.98 3.94
CA TYR D 688 -22.31 -26.63 5.24
C TYR D 688 -21.85 -25.68 6.34
N GLY D 689 -22.50 -25.78 7.48
CA GLY D 689 -22.15 -24.95 8.63
C GLY D 689 -22.64 -25.56 9.91
N TYR D 690 -21.83 -25.40 10.96
CA TYR D 690 -22.15 -25.95 12.28
C TYR D 690 -21.79 -24.93 13.36
N PHE D 691 -22.43 -25.09 14.52
CA PHE D 691 -22.38 -24.10 15.58
C PHE D 691 -21.64 -24.58 16.83
N GLU D 692 -22.05 -25.71 17.40
CA GLU D 692 -21.50 -26.23 18.66
C GLU D 692 -21.66 -25.22 19.79
N GLU D 693 -22.92 -24.99 20.14
CA GLU D 693 -23.27 -24.11 21.24
C GLU D 693 -23.12 -24.87 22.56
N THR D 694 -22.82 -24.14 23.64
CA THR D 694 -22.51 -24.79 24.90
C THR D 694 -23.12 -24.15 26.15
N ASN D 695 -23.84 -23.04 26.04
CA ASN D 695 -24.37 -22.35 27.20
C ASN D 695 -25.81 -22.76 27.46
N LYS D 696 -26.20 -22.73 28.73
CA LYS D 696 -27.55 -23.09 29.14
C LYS D 696 -28.46 -21.86 29.10
N SER D 697 -29.77 -22.13 29.05
CA SER D 697 -30.81 -21.09 29.05
C SER D 697 -30.61 -20.10 27.92
N GLU D 698 -30.71 -20.60 26.70
CA GLU D 698 -30.51 -19.81 25.49
C GLU D 698 -31.79 -19.76 24.68
N VAL D 699 -32.06 -18.58 24.11
CA VAL D 699 -33.26 -18.34 23.32
C VAL D 699 -32.85 -18.17 21.86
N LEU D 700 -33.56 -18.84 20.97
CA LEU D 700 -33.30 -18.69 19.54
C LEU D 700 -33.85 -17.37 19.03
N ASN D 701 -33.15 -16.80 18.05
CA ASN D 701 -33.62 -15.60 17.35
C ASN D 701 -34.43 -16.08 16.15
N THR D 702 -35.74 -16.22 16.35
CA THR D 702 -36.61 -16.73 15.29
C THR D 702 -36.54 -15.86 14.05
N SER D 703 -36.40 -14.55 14.23
CA SER D 703 -36.27 -13.65 13.08
C SER D 703 -35.02 -14.00 12.27
N ARG D 704 -33.89 -14.22 12.95
CA ARG D 704 -32.68 -14.60 12.25
C ARG D 704 -32.81 -16.01 11.69
N LEU D 705 -33.48 -16.90 12.43
CA LEU D 705 -33.63 -18.28 11.98
C LEU D 705 -34.44 -18.36 10.69
N LYS D 706 -35.51 -17.57 10.58
CA LYS D 706 -36.38 -17.65 9.41
C LYS D 706 -35.61 -17.31 8.13
N GLU D 707 -34.76 -16.29 8.18
CA GLU D 707 -34.03 -15.87 6.99
C GLU D 707 -32.85 -16.77 6.66
N MET D 708 -32.35 -17.56 7.61
CA MET D 708 -31.21 -18.44 7.38
C MET D 708 -31.61 -19.85 6.97
N VAL D 709 -32.91 -20.15 6.92
CA VAL D 709 -33.37 -21.47 6.49
C VAL D 709 -34.30 -21.41 5.29
N ASN D 710 -34.92 -20.27 5.01
CA ASN D 710 -35.79 -20.15 3.84
C ASN D 710 -34.97 -20.30 2.57
N PRO D 711 -35.34 -21.22 1.66
CA PRO D 711 -34.58 -21.37 0.42
C PRO D 711 -34.78 -20.20 -0.54
N GLY D 712 -34.24 -19.04 -0.18
CA GLY D 712 -34.37 -17.87 -1.02
C GLY D 712 -33.07 -17.09 -1.14
N ASP D 713 -33.14 -15.78 -0.91
CA ASP D 713 -31.96 -14.93 -1.00
C ASP D 713 -31.88 -14.03 0.23
N VAL D 714 -30.65 -13.73 0.65
CA VAL D 714 -30.39 -12.89 1.81
C VAL D 714 -29.40 -11.80 1.40
N THR D 715 -29.40 -10.72 2.17
CA THR D 715 -28.52 -9.59 1.92
C THR D 715 -27.77 -9.23 3.20
N ALA D 716 -26.49 -8.92 3.05
CA ALA D 716 -25.64 -8.56 4.17
C ALA D 716 -24.43 -7.80 3.63
N ARG D 717 -23.68 -7.19 4.54
CA ARG D 717 -22.52 -6.39 4.17
C ARG D 717 -21.29 -6.88 4.91
N GLU D 718 -20.19 -7.02 4.17
CA GLU D 718 -18.90 -7.36 4.74
C GLU D 718 -18.09 -6.09 4.97
N LEU D 719 -17.15 -6.16 5.91
CA LEU D 719 -16.38 -4.98 6.30
C LEU D 719 -15.60 -4.43 5.12
N ASN D 720 -15.56 -3.09 5.03
CA ASN D 720 -14.84 -2.40 3.97
C ASN D 720 -15.37 -2.77 2.58
N GLN D 721 -16.62 -3.23 2.54
CA GLN D 721 -17.27 -3.61 1.29
C GLN D 721 -18.67 -3.03 1.29
N LYS D 722 -19.22 -2.89 0.09
CA LYS D 722 -20.56 -2.34 -0.06
C LYS D 722 -21.60 -3.41 0.24
N GLN D 723 -22.87 -3.01 0.17
CA GLN D 723 -23.97 -3.93 0.40
C GLN D 723 -24.22 -4.76 -0.85
N GLU D 724 -24.50 -6.05 -0.64
CA GLU D 724 -24.83 -6.94 -1.75
C GLU D 724 -25.63 -8.11 -1.20
N SER D 725 -26.32 -8.80 -2.11
CA SER D 725 -27.15 -9.94 -1.77
C SER D 725 -26.68 -11.17 -2.52
N PHE D 726 -26.74 -12.32 -1.83
CA PHE D 726 -26.29 -13.57 -2.40
C PHE D 726 -27.31 -14.65 -2.10
N GLN D 727 -27.40 -15.63 -3.00
CA GLN D 727 -28.26 -16.78 -2.77
C GLN D 727 -27.71 -17.63 -1.64
N MET D 728 -28.59 -18.08 -0.75
CA MET D 728 -28.20 -18.80 0.46
C MET D 728 -28.51 -20.27 0.28
N THR D 729 -27.46 -21.09 0.17
CA THR D 729 -27.58 -22.54 0.03
C THR D 729 -26.55 -23.19 0.96
N ALA D 730 -27.02 -23.73 2.09
CA ALA D 730 -26.11 -24.33 3.05
C ALA D 730 -26.89 -25.25 3.98
N THR D 731 -26.48 -26.51 4.05
CA THR D 731 -27.02 -27.42 5.06
C THR D 731 -26.45 -27.04 6.42
N MET D 732 -27.31 -26.97 7.43
CA MET D 732 -26.93 -26.41 8.72
C MET D 732 -27.34 -27.36 9.84
N VAL D 733 -26.51 -27.41 10.88
CA VAL D 733 -26.76 -28.29 12.01
C VAL D 733 -26.08 -27.68 13.24
N ALA D 734 -26.74 -27.81 14.39
CA ALA D 734 -26.21 -27.28 15.65
C ALA D 734 -26.40 -28.33 16.74
N ALA D 735 -25.55 -28.27 17.76
CA ALA D 735 -25.64 -29.19 18.87
C ALA D 735 -25.23 -28.49 20.15
N SER D 736 -25.80 -28.94 21.27
CA SER D 736 -25.49 -28.35 22.57
C SER D 736 -25.80 -29.36 23.65
N ASN D 737 -25.18 -29.15 24.82
CA ASN D 737 -25.46 -29.96 25.99
C ASN D 737 -26.69 -29.48 26.75
N TYR D 738 -27.20 -28.29 26.44
CA TYR D 738 -28.37 -27.73 27.09
C TYR D 738 -29.45 -27.46 26.05
N ASN D 739 -30.70 -27.52 26.50
CA ASN D 739 -31.82 -27.31 25.59
C ASN D 739 -31.94 -25.84 25.21
N PHE D 740 -32.57 -25.60 24.07
CA PHE D 740 -32.85 -24.25 23.59
C PHE D 740 -34.26 -23.84 23.98
N ILE D 741 -34.53 -22.55 23.87
CA ILE D 741 -35.82 -21.97 24.25
C ILE D 741 -36.47 -21.36 23.02
N ILE D 742 -37.69 -21.80 22.73
CA ILE D 742 -38.50 -21.27 21.64
C ILE D 742 -39.68 -20.52 22.27
N ASP D 743 -39.82 -19.25 21.92
CA ASP D 743 -40.88 -18.42 22.47
C ASP D 743 -42.19 -18.56 21.67
N THR D 744 -42.10 -18.47 20.35
CA THR D 744 -43.28 -18.54 19.51
C THR D 744 -43.77 -19.98 19.38
N THR D 745 -44.96 -20.13 18.79
CA THR D 745 -45.59 -21.43 18.59
C THR D 745 -46.14 -21.56 17.18
N ASP D 746 -46.04 -20.51 16.36
CA ASP D 746 -46.65 -20.48 15.05
C ASP D 746 -46.08 -21.58 14.14
N HIS D 747 -46.84 -21.89 13.09
CA HIS D 747 -46.40 -22.85 12.09
C HIS D 747 -45.18 -22.39 11.30
N GLY D 748 -44.87 -21.09 11.35
CA GLY D 748 -43.76 -20.59 10.56
C GLY D 748 -42.42 -21.19 10.95
N THR D 749 -42.19 -21.36 12.25
CA THR D 749 -40.92 -21.90 12.72
C THR D 749 -40.95 -23.41 12.85
N TRP D 750 -42.03 -23.97 13.38
CA TRP D 750 -42.11 -25.41 13.59
C TRP D 750 -42.29 -26.19 12.29
N ARG D 751 -42.59 -25.53 11.18
CA ARG D 751 -42.57 -26.21 9.89
C ARG D 751 -41.17 -26.71 9.58
N ARG D 752 -40.16 -25.90 9.87
CA ARG D 752 -38.77 -26.32 9.81
C ARG D 752 -38.32 -26.79 11.18
N LEU D 753 -37.02 -27.05 11.34
CA LEU D 753 -36.39 -27.57 12.55
C LEU D 753 -36.74 -29.05 12.77
N ARG D 754 -35.73 -29.83 13.15
CA ARG D 754 -35.90 -31.22 13.55
C ARG D 754 -34.99 -31.48 14.74
N HIS D 755 -35.51 -32.17 15.75
CA HIS D 755 -34.79 -32.40 16.98
C HIS D 755 -34.51 -33.87 17.18
N TYR D 756 -33.35 -34.17 17.78
CA TYR D 756 -32.94 -35.53 18.08
C TYR D 756 -32.28 -35.55 19.46
N ARG D 757 -32.32 -36.72 20.10
CA ARG D 757 -31.71 -36.91 21.41
C ARG D 757 -30.68 -38.02 21.31
N SER D 758 -29.46 -37.73 21.77
CA SER D 758 -28.40 -38.73 21.76
C SER D 758 -28.54 -39.63 22.98
N LYS D 759 -28.66 -40.94 22.74
CA LYS D 759 -28.91 -41.89 23.81
C LYS D 759 -27.63 -42.48 24.39
N VAL D 760 -26.65 -42.79 23.55
CA VAL D 760 -25.42 -43.41 24.04
C VAL D 760 -24.60 -42.38 24.83
N LYS D 761 -23.62 -42.89 25.56
CA LYS D 761 -22.75 -42.04 26.36
C LYS D 761 -21.40 -42.73 26.52
N PHE D 762 -20.33 -41.99 26.26
CA PHE D 762 -18.98 -42.50 26.41
C PHE D 762 -18.39 -42.04 27.74
N CYS D 763 -17.92 -43.00 28.54
CA CYS D 763 -17.32 -42.71 29.83
C CYS D 763 -16.03 -43.52 29.97
N HIS D 764 -15.15 -43.04 30.85
CA HIS D 764 -13.86 -43.71 31.04
C HIS D 764 -14.05 -45.15 31.51
N ASN D 765 -15.01 -45.39 32.38
CA ASN D 765 -15.32 -46.74 32.85
C ASN D 765 -16.58 -47.30 32.19
N PRO D 766 -16.45 -48.30 31.31
CA PRO D 766 -17.65 -48.88 30.68
C PRO D 766 -18.46 -49.72 31.66
N ASP D 767 -19.24 -49.05 32.50
CA ASP D 767 -20.02 -49.76 33.52
C ASP D 767 -21.03 -50.69 32.85
N PRO D 768 -21.10 -51.95 33.27
CA PRO D 768 -22.04 -52.89 32.62
C PRO D 768 -23.49 -52.59 32.93
N SER D 769 -24.39 -53.43 32.42
CA SER D 769 -25.84 -53.27 32.58
C SER D 769 -26.35 -51.96 32.00
N ASN D 770 -25.62 -51.38 31.05
CA ASN D 770 -26.03 -50.14 30.40
C ASN D 770 -25.52 -50.18 28.97
N PRO D 771 -26.36 -50.58 28.01
CA PRO D 771 -25.90 -50.61 26.61
C PRO D 771 -25.52 -49.24 26.08
N TYR D 772 -26.04 -48.17 26.66
CA TYR D 772 -25.71 -46.82 26.22
C TYR D 772 -24.41 -46.30 26.82
N GLU D 773 -23.77 -47.07 27.70
CA GLU D 773 -22.52 -46.69 28.32
C GLU D 773 -21.39 -47.51 27.74
N LYS D 774 -20.35 -46.83 27.24
CA LYS D 774 -19.20 -47.49 26.65
C LYS D 774 -17.95 -46.69 26.97
N LYS D 775 -16.80 -47.23 26.59
CA LYS D 775 -15.51 -46.63 26.91
C LYS D 775 -14.97 -45.84 25.73
N GLU D 776 -14.32 -44.72 26.03
CA GLU D 776 -13.74 -43.88 25.00
C GLU D 776 -12.40 -44.42 24.54
N ASP D 777 -11.81 -43.72 23.58
CA ASP D 777 -10.42 -43.82 23.20
C ASP D 777 -10.01 -42.53 22.49
N PRO D 778 -8.93 -41.89 22.92
CA PRO D 778 -8.58 -40.58 22.35
C PRO D 778 -8.31 -40.61 20.87
N ARG D 779 -7.99 -41.78 20.31
CA ARG D 779 -7.58 -41.88 18.92
C ARG D 779 -8.64 -41.37 17.94
N PHE D 780 -9.91 -41.31 18.35
CA PHE D 780 -10.94 -40.86 17.41
C PHE D 780 -10.84 -39.37 17.12
N ILE D 781 -10.49 -38.57 18.12
CA ILE D 781 -10.38 -37.12 17.95
C ILE D 781 -8.93 -36.69 17.76
N HIS D 782 -8.01 -37.23 18.56
CA HIS D 782 -6.58 -37.07 18.30
C HIS D 782 -6.21 -38.11 17.24
N GLU D 783 -5.81 -37.63 16.06
CA GLU D 783 -5.63 -38.41 14.83
C GLU D 783 -6.91 -39.17 14.51
N TYR D 784 -6.89 -40.03 13.49
CA TYR D 784 -8.05 -40.61 12.83
C TYR D 784 -8.85 -39.56 12.07
N ILE D 785 -8.47 -38.28 12.18
CA ILE D 785 -9.04 -37.21 11.38
C ILE D 785 -7.99 -36.59 10.46
N MET D 786 -6.77 -36.41 10.98
CA MET D 786 -5.64 -35.99 10.16
C MET D 786 -5.25 -37.04 9.13
N ASP D 787 -5.69 -38.28 9.29
CA ASP D 787 -5.35 -39.34 8.36
C ASP D 787 -6.11 -39.15 7.06
N PRO D 788 -5.43 -38.98 5.92
CA PRO D 788 -6.15 -38.78 4.66
C PRO D 788 -7.05 -39.94 4.26
N ASP D 789 -6.64 -41.18 4.56
CA ASP D 789 -7.41 -42.33 4.12
C ASP D 789 -8.79 -42.36 4.77
N CYS D 790 -8.86 -42.02 6.06
CA CYS D 790 -10.15 -41.96 6.75
C CYS D 790 -11.05 -40.90 6.11
N GLN D 791 -10.48 -39.75 5.77
CA GLN D 791 -11.26 -38.71 5.11
C GLN D 791 -11.76 -39.16 3.75
N ASN D 792 -10.92 -39.87 2.99
CA ASN D 792 -11.36 -40.38 1.69
C ASN D 792 -12.50 -41.39 1.86
N ALA D 793 -12.39 -42.27 2.85
CA ALA D 793 -13.45 -43.24 3.09
C ALA D 793 -14.75 -42.55 3.49
N PHE D 794 -14.66 -41.52 4.35
CA PHE D 794 -15.86 -40.80 4.76
C PHE D 794 -16.48 -40.07 3.57
N PHE D 795 -15.65 -39.49 2.70
CA PHE D 795 -16.18 -38.84 1.50
C PHE D 795 -16.89 -39.84 0.60
N SER D 796 -16.32 -41.04 0.44
CA SER D 796 -16.96 -42.07 -0.35
C SER D 796 -18.31 -42.46 0.25
N ILE D 797 -18.36 -42.62 1.58
CA ILE D 797 -19.62 -42.95 2.24
C ILE D 797 -20.64 -41.85 2.01
N LEU D 798 -20.21 -40.59 2.12
CA LEU D 798 -21.13 -39.46 1.98
C LEU D 798 -21.70 -39.40 0.57
N VAL D 799 -20.84 -39.55 -0.44
CA VAL D 799 -21.33 -39.49 -1.82
C VAL D 799 -22.23 -40.69 -2.12
N TYR D 800 -21.91 -41.86 -1.56
CA TYR D 800 -22.79 -43.02 -1.75
C TYR D 800 -24.16 -42.77 -1.14
N PHE D 801 -24.20 -42.16 0.05
CA PHE D 801 -25.49 -41.86 0.66
C PHE D 801 -26.26 -40.81 -0.14
N TRP D 802 -25.55 -39.83 -0.70
CA TRP D 802 -26.20 -38.87 -1.59
C TRP D 802 -26.83 -39.58 -2.78
N GLU D 803 -26.08 -40.51 -3.40
CA GLU D 803 -26.63 -41.24 -4.53
C GLU D 803 -27.83 -42.09 -4.12
N LYS D 804 -27.77 -42.69 -2.93
CA LYS D 804 -28.90 -43.48 -2.44
C LYS D 804 -30.14 -42.61 -2.26
N LEU D 805 -29.97 -41.43 -1.67
CA LEU D 805 -31.09 -40.50 -1.54
C LEU D 805 -31.58 -40.02 -2.90
N GLN D 806 -30.70 -39.99 -3.90
CA GLN D 806 -31.12 -39.56 -5.23
C GLN D 806 -31.94 -40.62 -5.95
N LYS D 807 -31.52 -41.89 -5.86
CA LYS D 807 -32.18 -42.93 -6.65
C LYS D 807 -33.59 -43.21 -6.15
N GLU D 808 -33.76 -43.32 -4.84
CA GLU D 808 -35.07 -43.52 -4.23
C GLU D 808 -35.50 -42.24 -3.51
N TYR D 809 -36.74 -42.22 -3.05
CA TYR D 809 -37.32 -41.07 -2.36
C TYR D 809 -37.27 -39.80 -3.20
N ASN D 810 -37.16 -39.94 -4.52
CA ASN D 810 -36.92 -38.82 -5.43
C ASN D 810 -35.72 -38.00 -4.95
N GLY D 811 -35.92 -36.71 -4.71
CA GLY D 811 -34.84 -35.86 -4.25
C GLY D 811 -35.09 -35.19 -2.93
N GLN D 812 -36.35 -34.94 -2.61
CA GLN D 812 -36.69 -34.22 -1.38
C GLN D 812 -36.47 -35.10 -0.15
N ILE D 813 -36.14 -34.43 0.95
CA ILE D 813 -35.84 -35.16 2.19
C ILE D 813 -37.07 -35.33 3.09
N LYS D 814 -38.14 -34.57 2.87
CA LYS D 814 -39.34 -34.74 3.68
C LYS D 814 -40.20 -35.86 3.12
N LYS D 815 -39.59 -37.02 2.86
CA LYS D 815 -40.31 -38.21 2.45
C LYS D 815 -39.83 -39.48 3.13
N VAL D 816 -38.61 -39.53 3.66
CA VAL D 816 -38.09 -40.74 4.28
C VAL D 816 -38.84 -41.03 5.57
N PHE D 817 -39.18 -42.30 5.77
CA PHE D 817 -39.97 -42.73 6.92
C PHE D 817 -39.03 -42.95 8.10
N CYS D 818 -39.00 -41.98 9.02
CA CYS D 818 -38.17 -42.06 10.23
C CYS D 818 -39.03 -41.68 11.42
N PRO D 819 -39.94 -42.56 11.84
CA PRO D 819 -40.92 -42.18 12.87
C PRO D 819 -40.29 -41.75 14.18
N THR D 820 -39.09 -42.23 14.49
CA THR D 820 -38.42 -41.82 15.72
C THR D 820 -38.18 -40.31 15.74
N ILE D 821 -37.77 -39.74 14.61
CA ILE D 821 -37.45 -38.31 14.59
C ILE D 821 -38.72 -37.48 14.72
N GLU D 822 -39.82 -37.90 14.08
CA GLU D 822 -41.06 -37.16 14.24
C GLU D 822 -41.60 -37.27 15.66
N SER D 823 -41.50 -38.46 16.27
CA SER D 823 -41.94 -38.61 17.65
C SER D 823 -41.12 -37.74 18.59
N GLU D 824 -39.80 -37.72 18.41
CA GLU D 824 -38.96 -36.90 19.27
C GLU D 824 -39.26 -35.41 19.07
N THR D 825 -39.44 -34.98 17.82
CA THR D 825 -39.74 -33.58 17.55
C THR D 825 -41.09 -33.19 18.14
N GLU D 826 -42.09 -34.06 18.01
CA GLU D 826 -43.40 -33.77 18.58
C GLU D 826 -43.34 -33.69 20.10
N ALA D 827 -42.60 -34.61 20.73
CA ALA D 827 -42.44 -34.55 22.18
C ALA D 827 -41.75 -33.26 22.61
N TYR D 828 -40.73 -32.84 21.85
CA TYR D 828 -40.06 -31.58 22.15
C TYR D 828 -41.02 -30.41 22.01
N ARG D 829 -41.84 -30.41 20.96
CA ARG D 829 -42.81 -29.34 20.76
C ARG D 829 -43.89 -29.34 21.83
N LYS D 830 -44.17 -30.50 22.43
CA LYS D 830 -45.12 -30.55 23.53
C LYS D 830 -44.65 -29.70 24.70
N SER D 831 -43.38 -29.79 25.03
CA SER D 831 -42.77 -28.86 25.98
C SER D 831 -42.45 -27.56 25.24
N GLN D 832 -41.75 -26.65 25.90
CA GLN D 832 -41.36 -25.35 25.35
C GLN D 832 -42.57 -24.48 25.00
N ASP D 833 -43.77 -24.91 25.37
CA ASP D 833 -45.01 -24.15 25.15
C ASP D 833 -45.59 -23.88 26.54
N THR D 834 -45.17 -22.75 27.13
CA THR D 834 -45.54 -22.46 28.52
C THR D 834 -47.03 -22.22 28.69
N LEU D 835 -47.70 -21.66 27.68
CA LEU D 835 -49.10 -21.30 27.83
C LEU D 835 -49.98 -22.54 28.00
N HIS D 836 -49.77 -23.56 27.15
CA HIS D 836 -50.56 -24.78 27.27
C HIS D 836 -50.26 -25.51 28.57
N ARG D 837 -48.98 -25.51 28.98
CA ARG D 837 -48.62 -26.12 30.25
C ARG D 837 -49.32 -25.43 31.42
N PHE D 838 -49.36 -24.09 31.39
CA PHE D 838 -50.06 -23.35 32.43
C PHE D 838 -51.54 -23.67 32.43
N ILE D 839 -52.15 -23.75 31.25
CA ILE D 839 -53.58 -24.04 31.15
C ILE D 839 -53.88 -25.41 31.74
N THR D 840 -53.07 -26.41 31.38
CA THR D 840 -53.24 -27.74 31.96
C THR D 840 -52.89 -27.78 33.44
N GLU D 841 -52.07 -26.84 33.92
CA GLU D 841 -51.68 -26.84 35.32
C GLU D 841 -52.79 -26.28 36.21
N ARG D 842 -53.16 -25.01 36.00
CA ARG D 842 -54.14 -24.36 36.88
C ARG D 842 -55.10 -23.51 36.06
N VAL D 843 -56.21 -24.12 35.64
CA VAL D 843 -57.34 -23.41 35.07
C VAL D 843 -58.61 -24.02 35.65
N VAL D 844 -59.53 -23.17 36.13
CA VAL D 844 -60.76 -23.66 36.72
C VAL D 844 -61.59 -24.35 35.64
N GLU D 845 -62.12 -25.53 35.98
CA GLU D 845 -62.89 -26.32 35.03
C GLU D 845 -64.38 -26.25 35.33
N ASN D 854 -61.64 -12.14 33.32
CA ASN D 854 -61.29 -10.96 32.53
C ASN D 854 -59.91 -11.12 31.92
N LEU D 855 -59.59 -10.25 30.95
CA LEU D 855 -58.27 -10.31 30.32
C LEU D 855 -57.17 -10.02 31.33
N SER D 856 -57.37 -9.02 32.19
CA SER D 856 -56.37 -8.70 33.21
C SER D 856 -56.19 -9.87 34.18
N GLU D 857 -57.27 -10.59 34.48
CA GLU D 857 -57.15 -11.79 35.30
C GLU D 857 -56.25 -12.82 34.63
N VAL D 858 -56.44 -13.02 33.32
CA VAL D 858 -55.58 -13.94 32.58
C VAL D 858 -54.15 -13.42 32.56
N VAL D 859 -53.98 -12.10 32.44
CA VAL D 859 -52.65 -11.51 32.41
C VAL D 859 -51.91 -11.81 33.70
N THR D 860 -52.55 -11.55 34.85
CA THR D 860 -51.88 -11.77 36.12
C THR D 860 -51.72 -13.26 36.42
N ALA D 861 -52.66 -14.10 35.98
CA ALA D 861 -52.50 -15.54 36.15
C ALA D 861 -51.29 -16.06 35.38
N TYR D 862 -51.13 -15.61 34.14
CA TYR D 862 -49.93 -15.96 33.38
C TYR D 862 -48.67 -15.43 34.05
N ALA D 863 -48.72 -14.19 34.54
CA ALA D 863 -47.55 -13.57 35.15
C ALA D 863 -47.10 -14.35 36.38
N GLU D 864 -48.05 -14.79 37.22
CA GLU D 864 -47.70 -15.45 38.47
C GLU D 864 -46.85 -16.68 38.27
N TRP D 865 -46.92 -17.32 37.09
CA TRP D 865 -46.06 -18.45 36.79
C TRP D 865 -44.91 -18.12 35.86
N TYR D 866 -45.09 -17.15 34.96
CA TYR D 866 -44.02 -16.82 34.01
C TYR D 866 -42.89 -16.03 34.66
N ASN D 867 -43.24 -15.05 35.49
CA ASN D 867 -42.20 -14.20 36.08
C ASN D 867 -41.68 -14.72 37.41
N THR D 868 -42.20 -15.85 37.87
CA THR D 868 -41.80 -16.35 39.18
C THR D 868 -41.21 -17.76 39.14
N ASN D 869 -41.93 -18.72 38.56
CA ASN D 869 -41.45 -20.10 38.57
C ASN D 869 -40.58 -20.43 37.38
N ILE D 870 -41.11 -20.30 36.17
CA ILE D 870 -40.35 -20.67 34.98
C ILE D 870 -39.11 -19.81 34.82
N ASN D 871 -39.22 -18.52 35.13
CA ASN D 871 -38.08 -17.61 35.00
C ASN D 871 -38.46 -16.21 35.46
N VAL D 872 -37.58 -15.24 35.24
CA VAL D 872 -37.89 -13.86 35.59
C VAL D 872 -37.95 -13.03 34.32
N LYS D 873 -39.15 -12.56 33.95
CA LYS D 873 -39.31 -11.79 32.73
C LYS D 873 -40.74 -11.26 32.68
N ARG D 874 -40.91 -10.14 31.98
CA ARG D 874 -42.23 -9.58 31.77
C ARG D 874 -42.75 -10.00 30.41
N HIS D 875 -44.04 -10.34 30.35
CA HIS D 875 -44.69 -10.74 29.11
C HIS D 875 -45.44 -9.55 28.55
N ILE D 876 -44.96 -9.03 27.42
CA ILE D 876 -45.62 -7.88 26.79
C ILE D 876 -47.02 -8.29 26.35
N ALA D 877 -47.98 -7.39 26.56
CA ALA D 877 -49.37 -7.68 26.25
C ALA D 877 -49.60 -7.62 24.75
N LEU D 878 -50.80 -8.04 24.34
CA LEU D 878 -51.31 -8.20 22.97
C LEU D 878 -50.75 -9.46 22.33
N GLU D 879 -49.80 -10.15 22.95
CA GLU D 879 -49.39 -11.48 22.49
C GLU D 879 -50.06 -12.60 23.26
N LEU D 880 -50.16 -12.46 24.59
CA LEU D 880 -50.74 -13.52 25.40
C LEU D 880 -52.21 -13.76 25.04
N SER D 881 -52.98 -12.69 24.88
CA SER D 881 -54.39 -12.83 24.56
C SER D 881 -54.58 -13.36 23.14
N GLN D 882 -53.81 -12.84 22.19
CA GLN D 882 -53.95 -13.28 20.80
C GLN D 882 -53.51 -14.73 20.61
N GLU D 883 -52.52 -15.18 21.39
CA GLU D 883 -52.14 -16.59 21.33
C GLU D 883 -53.12 -17.47 22.08
N LEU D 884 -53.73 -16.96 23.16
CA LEU D 884 -54.82 -17.70 23.81
C LEU D 884 -56.01 -17.85 22.88
N GLU D 885 -56.20 -16.89 21.97
CA GLU D 885 -57.21 -17.05 20.93
C GLU D 885 -56.95 -18.30 20.10
N ASN D 886 -55.69 -18.54 19.75
CA ASN D 886 -55.29 -19.78 19.08
C ASN D 886 -54.82 -20.83 20.09
N SER D 887 -55.67 -21.09 21.09
CA SER D 887 -55.35 -22.05 22.14
C SER D 887 -56.65 -22.69 22.62
N VAL D 888 -56.53 -23.56 23.61
CA VAL D 888 -57.69 -24.26 24.18
C VAL D 888 -58.41 -23.30 25.11
N LEU D 889 -59.48 -22.68 24.61
CA LEU D 889 -60.29 -21.76 25.41
C LEU D 889 -61.79 -21.92 25.22
N GLU D 890 -62.25 -22.66 24.20
CA GLU D 890 -63.67 -22.74 23.88
C GLU D 890 -64.49 -23.31 25.04
N LYS D 891 -63.88 -24.11 25.91
CA LYS D 891 -64.60 -24.66 27.05
C LYS D 891 -65.12 -23.55 27.96
N TYR D 892 -64.31 -22.53 28.19
CA TYR D 892 -64.66 -21.39 29.05
C TYR D 892 -64.34 -20.08 28.33
N LEU D 893 -64.77 -19.99 27.07
CA LEU D 893 -64.44 -18.86 26.22
C LEU D 893 -65.33 -17.67 26.57
N GLN D 894 -64.81 -16.79 27.43
CA GLN D 894 -65.50 -15.54 27.77
C GLN D 894 -64.89 -14.42 26.93
N TRP D 895 -65.31 -14.36 25.67
CA TRP D 895 -64.81 -13.32 24.77
C TRP D 895 -65.20 -11.93 25.23
N SER D 896 -66.26 -11.82 26.03
CA SER D 896 -66.72 -10.54 26.58
C SER D 896 -66.82 -10.67 28.09
N PRO D 897 -65.69 -10.64 28.82
CA PRO D 897 -65.69 -10.78 30.28
C PRO D 897 -65.82 -9.43 30.98
N THR E 11 52.31 -0.53 -10.32
CA THR E 11 50.91 -0.30 -9.97
C THR E 11 50.09 0.12 -11.19
N ILE E 12 49.76 1.42 -11.26
CA ILE E 12 48.99 1.94 -12.38
C ILE E 12 49.82 1.92 -13.66
N GLN E 13 51.11 2.23 -13.55
CA GLN E 13 52.02 2.02 -14.69
C GLN E 13 52.13 0.55 -15.03
N LEU E 14 52.06 -0.32 -14.01
CA LEU E 14 52.07 -1.76 -14.25
C LEU E 14 50.85 -2.19 -15.06
N THR E 15 49.68 -1.65 -14.73
CA THR E 15 48.47 -1.96 -15.50
C THR E 15 48.55 -1.44 -16.92
N ALA E 16 49.42 -0.46 -17.18
CA ALA E 16 49.55 0.07 -18.54
C ALA E 16 50.05 -1.01 -19.49
N GLN E 17 51.01 -1.82 -19.04
CA GLN E 17 51.60 -2.82 -19.93
C GLN E 17 50.63 -3.95 -20.22
N ARG E 18 49.56 -4.08 -19.42
CA ARG E 18 48.54 -5.07 -19.73
C ARG E 18 47.59 -4.59 -20.82
N LYS E 19 47.47 -3.27 -21.00
CA LYS E 19 46.64 -2.77 -22.09
C LYS E 19 47.28 -3.07 -23.44
N TYR E 20 48.45 -2.51 -23.69
CA TYR E 20 49.14 -2.60 -24.96
C TYR E 20 50.33 -3.54 -24.87
N LEU E 21 51.13 -3.63 -25.94
CA LEU E 21 52.22 -4.60 -26.01
C LEU E 21 51.69 -6.02 -25.80
N ALA E 22 50.90 -6.47 -26.77
CA ALA E 22 50.25 -7.78 -26.68
C ALA E 22 51.27 -8.90 -26.54
N GLU E 23 52.52 -8.64 -26.93
CA GLU E 23 53.59 -9.61 -26.67
C GLU E 23 53.77 -9.82 -25.18
N VAL E 24 53.63 -8.76 -24.38
CA VAL E 24 53.59 -8.93 -22.93
C VAL E 24 52.34 -9.71 -22.53
N GLN E 25 51.20 -9.41 -23.18
CA GLN E 25 49.98 -10.17 -22.91
C GLN E 25 50.13 -11.62 -23.33
N ALA E 26 50.88 -11.87 -24.41
CA ALA E 26 51.14 -13.24 -24.83
C ALA E 26 51.93 -13.99 -23.77
N LEU E 27 52.84 -13.31 -23.08
CA LEU E 27 53.55 -13.93 -21.97
C LEU E 27 52.59 -14.34 -20.86
N GLU E 28 51.59 -13.50 -20.58
CA GLU E 28 50.60 -13.83 -19.56
C GLU E 28 49.84 -15.10 -19.93
N THR E 29 49.61 -15.31 -21.23
CA THR E 29 48.99 -16.55 -21.67
C THR E 29 49.89 -17.74 -21.39
N LEU E 30 51.20 -17.58 -21.59
CA LEU E 30 52.14 -18.66 -21.28
C LEU E 30 52.09 -19.02 -19.81
N LEU E 31 51.99 -18.01 -18.93
CA LEU E 31 51.89 -18.28 -17.51
C LEU E 31 50.60 -19.02 -17.18
N THR E 32 49.50 -18.69 -17.87
CA THR E 32 48.21 -19.26 -17.53
C THR E 32 47.96 -20.58 -18.26
N ARG E 33 48.48 -20.75 -19.46
CA ARG E 33 48.17 -21.92 -20.29
C ARG E 33 49.17 -23.05 -20.08
N GLU E 34 50.45 -22.80 -20.39
CA GLU E 34 51.44 -23.87 -20.30
C GLU E 34 51.79 -24.16 -18.84
N LEU E 35 51.88 -23.13 -18.01
CA LEU E 35 52.28 -23.27 -16.63
C LEU E 35 51.11 -23.55 -15.69
N SER E 36 49.95 -23.91 -16.24
CA SER E 36 48.79 -24.20 -15.41
C SER E 36 48.99 -25.46 -14.58
N VAL E 37 49.70 -26.44 -15.14
CA VAL E 37 49.92 -27.70 -14.43
C VAL E 37 51.20 -27.68 -13.61
N PHE E 38 52.11 -26.73 -13.88
CA PHE E 38 53.39 -26.66 -13.17
C PHE E 38 53.27 -25.76 -11.93
N LEU E 39 52.31 -26.11 -11.08
CA LEU E 39 52.12 -25.38 -9.83
C LEU E 39 53.04 -25.91 -8.74
N THR E 40 53.49 -25.00 -7.88
CA THR E 40 54.42 -25.34 -6.81
C THR E 40 53.94 -24.73 -5.50
N GLU E 41 54.05 -25.51 -4.43
CA GLU E 41 53.72 -25.00 -3.11
C GLU E 41 54.75 -23.95 -2.68
N PRO E 42 54.31 -22.81 -2.17
CA PRO E 42 55.30 -21.79 -1.73
C PRO E 42 56.23 -22.28 -0.64
N GLY E 43 55.72 -23.12 0.27
CA GLY E 43 56.59 -23.67 1.31
C GLY E 43 57.64 -24.62 0.74
N SER E 44 57.25 -25.45 -0.21
CA SER E 44 58.17 -26.40 -0.81
C SER E 44 59.25 -25.68 -1.62
N LYS E 45 60.44 -26.27 -1.64
CA LYS E 45 61.57 -25.72 -2.37
C LYS E 45 61.67 -26.26 -3.80
N LYS E 46 60.61 -26.91 -4.30
CA LYS E 46 60.66 -27.47 -5.65
C LYS E 46 60.82 -26.40 -6.70
N THR E 47 60.29 -25.20 -6.44
CA THR E 47 60.35 -24.13 -7.42
C THR E 47 61.78 -23.65 -7.62
N ASN E 48 62.09 -23.23 -8.85
CA ASN E 48 63.35 -22.59 -9.16
C ASN E 48 63.18 -21.15 -9.63
N ILE E 49 61.99 -20.78 -10.09
CA ILE E 49 61.67 -19.41 -10.49
C ILE E 49 60.49 -18.94 -9.66
N ILE E 50 60.63 -17.80 -9.01
CA ILE E 50 59.59 -17.23 -8.16
C ILE E 50 59.35 -15.79 -8.58
N ASN E 51 58.09 -15.43 -8.82
CA ASN E 51 57.73 -14.07 -9.17
C ASN E 51 57.16 -13.38 -7.93
N ARG E 52 57.81 -12.32 -7.49
CA ARG E 52 57.40 -11.63 -6.27
C ARG E 52 56.21 -10.71 -6.49
N ILE E 53 55.65 -10.66 -7.71
CA ILE E 53 54.45 -9.87 -7.95
C ILE E 53 53.29 -10.40 -7.10
N THR E 54 53.08 -11.71 -7.12
CA THR E 54 52.06 -12.35 -6.31
C THR E 54 52.62 -13.43 -5.39
N GLY E 55 53.92 -13.64 -5.37
CA GLY E 55 54.49 -14.72 -4.59
C GLY E 55 54.36 -16.09 -5.19
N LYS E 56 54.00 -16.19 -6.48
CA LYS E 56 53.84 -17.48 -7.11
C LYS E 56 55.17 -18.21 -7.22
N THR E 57 55.12 -19.53 -7.05
CA THR E 57 56.29 -20.39 -7.13
C THR E 57 56.10 -21.39 -8.26
N TYR E 58 57.14 -21.56 -9.07
CA TYR E 58 57.08 -22.39 -10.28
C TYR E 58 58.26 -23.34 -10.30
N ALA E 59 57.97 -24.65 -10.28
CA ALA E 59 58.99 -25.68 -10.49
C ALA E 59 59.05 -26.08 -11.96
N LEU E 60 59.38 -25.12 -12.82
CA LEU E 60 59.33 -25.35 -14.25
C LEU E 60 60.45 -26.29 -14.67
N PRO E 61 60.17 -27.26 -15.54
CA PRO E 61 61.25 -28.10 -16.08
C PRO E 61 62.08 -27.34 -17.11
N SER E 62 63.03 -28.03 -17.74
CA SER E 62 63.91 -27.37 -18.70
C SER E 62 63.13 -26.78 -19.88
N THR E 63 62.14 -27.51 -20.37
CA THR E 63 61.36 -27.04 -21.52
C THR E 63 60.60 -25.77 -21.17
N GLU E 64 59.97 -25.72 -19.99
CA GLU E 64 59.22 -24.54 -19.60
C GLU E 64 60.14 -23.41 -19.16
N LEU E 65 61.34 -23.76 -18.68
CA LEU E 65 62.31 -22.73 -18.30
C LEU E 65 62.73 -21.88 -19.49
N LEU E 66 63.08 -22.53 -20.60
CA LEU E 66 63.54 -21.79 -21.77
C LEU E 66 62.40 -20.97 -22.39
N ARG E 67 61.18 -21.52 -22.40
CA ARG E 67 60.05 -20.77 -22.93
C ARG E 67 59.79 -19.52 -22.08
N LEU E 68 59.89 -19.65 -20.76
CA LEU E 68 59.78 -18.49 -19.89
C LEU E 68 60.92 -17.52 -20.16
N TYR E 69 62.14 -18.02 -20.30
CA TYR E 69 63.29 -17.16 -20.51
C TYR E 69 63.17 -16.39 -21.82
N GLU E 70 62.76 -17.07 -22.88
CA GLU E 70 62.63 -16.42 -24.19
C GLU E 70 61.57 -15.33 -24.16
N HIS E 71 60.43 -15.61 -23.53
CA HIS E 71 59.37 -14.60 -23.48
C HIS E 71 59.71 -13.51 -22.46
N LEU E 72 60.50 -13.84 -21.44
CA LEU E 72 60.98 -12.82 -20.52
C LEU E 72 61.83 -11.79 -21.25
N GLU E 73 62.74 -12.25 -22.10
CA GLU E 73 63.56 -11.33 -22.88
C GLU E 73 62.72 -10.55 -23.89
N GLN E 74 61.75 -11.20 -24.51
CA GLN E 74 60.95 -10.55 -25.55
C GLN E 74 60.22 -9.34 -24.99
N CYS E 75 59.67 -9.45 -23.78
CA CYS E 75 59.04 -8.29 -23.15
C CYS E 75 60.09 -7.29 -22.70
N ARG E 76 61.34 -7.74 -22.53
CA ARG E 76 62.39 -6.84 -22.04
C ARG E 76 62.94 -5.95 -23.16
N LYS E 77 62.70 -6.31 -24.42
CA LYS E 77 63.25 -5.53 -25.53
C LYS E 77 62.69 -4.11 -25.55
N GLN E 78 61.36 -3.99 -25.47
CA GLN E 78 60.75 -2.66 -25.54
C GLN E 78 60.81 -1.93 -24.20
N GLY E 79 61.08 -2.66 -23.12
CA GLY E 79 61.11 -2.06 -21.79
C GLY E 79 60.32 -2.83 -20.77
N ALA E 80 59.24 -2.21 -20.27
CA ALA E 80 58.30 -2.81 -19.34
C ALA E 80 58.94 -3.13 -17.99
N LEU E 81 58.19 -3.79 -17.12
CA LEU E 81 58.60 -4.04 -15.74
C LEU E 81 58.44 -5.51 -15.40
N MET E 82 59.43 -6.05 -14.68
CA MET E 82 59.43 -7.45 -14.29
C MET E 82 60.04 -7.57 -12.89
N TYR E 83 59.65 -8.62 -12.17
CA TYR E 83 60.14 -8.89 -10.81
C TYR E 83 60.37 -10.37 -10.59
N PHE E 84 60.84 -11.10 -11.60
CA PHE E 84 61.10 -12.52 -11.42
C PHE E 84 62.42 -12.75 -10.68
N LEU E 85 62.39 -13.65 -9.70
CA LEU E 85 63.56 -13.99 -8.91
C LEU E 85 63.72 -15.50 -8.83
N GLU E 86 64.97 -15.97 -8.82
CA GLU E 86 65.24 -17.41 -8.86
C GLU E 86 66.08 -17.78 -7.65
N ARG E 87 65.78 -18.95 -7.07
CA ARG E 87 66.52 -19.40 -5.90
C ARG E 87 67.79 -20.14 -6.33
N GLN E 88 68.83 -20.03 -5.50
CA GLN E 88 70.09 -20.70 -5.75
C GLN E 88 69.95 -22.18 -5.42
N GLY E 89 69.83 -23.01 -6.46
CA GLY E 89 69.69 -24.44 -6.27
C GLY E 89 71.01 -25.12 -5.95
N THR E 90 70.98 -26.45 -5.96
CA THR E 90 72.20 -27.22 -5.75
C THR E 90 73.23 -26.95 -6.85
N TYR E 91 72.77 -26.51 -8.01
CA TYR E 91 73.62 -26.03 -9.08
C TYR E 91 73.22 -24.60 -9.42
N SER E 92 74.18 -23.68 -9.42
CA SER E 92 73.88 -22.28 -9.64
C SER E 92 75.15 -21.53 -10.02
N GLY E 93 74.99 -20.46 -10.79
CA GLY E 93 76.11 -19.60 -11.08
C GLY E 93 76.43 -18.67 -9.93
N LEU E 94 77.45 -17.84 -10.13
CA LEU E 94 77.94 -16.94 -9.08
C LEU E 94 76.97 -15.77 -8.92
N MET E 95 76.09 -15.86 -7.93
CA MET E 95 75.28 -14.75 -7.45
C MET E 95 75.81 -14.28 -6.11
N LEU E 96 76.50 -13.15 -6.11
CA LEU E 96 76.94 -12.48 -4.89
C LEU E 96 76.61 -11.00 -5.01
N ASP E 97 75.70 -10.53 -4.15
CA ASP E 97 75.25 -9.15 -4.22
C ASP E 97 76.23 -8.25 -3.48
N TYR E 98 76.74 -7.24 -4.19
CA TYR E 98 77.77 -6.34 -3.67
C TYR E 98 77.11 -4.99 -3.39
N ASP E 99 76.74 -4.76 -2.13
CA ASP E 99 76.15 -3.49 -1.71
C ASP E 99 77.26 -2.44 -1.63
N LEU E 100 77.62 -1.91 -2.81
CA LEU E 100 78.71 -0.94 -2.92
C LEU E 100 78.20 0.43 -2.48
N LYS E 101 78.36 0.69 -1.18
CA LYS E 101 77.87 1.93 -0.56
C LYS E 101 78.92 3.01 -0.69
N LEU E 102 78.87 3.74 -1.78
CA LEU E 102 79.78 4.86 -1.99
C LEU E 102 79.40 6.04 -1.10
N ASN E 103 80.40 6.84 -0.73
CA ASN E 103 80.14 8.01 0.10
C ASN E 103 79.40 9.10 -0.68
N THR E 104 79.73 9.25 -1.96
CA THR E 104 79.11 10.27 -2.81
C THR E 104 78.41 9.62 -3.98
N ASN E 105 77.41 10.32 -4.52
CA ASN E 105 76.65 9.83 -5.66
C ASN E 105 77.34 10.11 -7.00
N ALA E 106 78.59 9.70 -7.14
CA ALA E 106 79.31 9.84 -8.40
C ALA E 106 79.41 8.47 -9.06
N VAL E 107 79.16 8.42 -10.36
CA VAL E 107 79.07 7.15 -11.08
C VAL E 107 80.46 6.53 -11.22
N PRO E 108 80.70 5.36 -10.64
CA PRO E 108 81.97 4.67 -10.82
C PRO E 108 81.94 3.78 -12.04
N PRO E 109 82.78 4.04 -13.04
CA PRO E 109 82.82 3.15 -14.21
C PRO E 109 83.48 1.82 -13.87
N LEU E 110 82.84 0.73 -14.28
CA LEU E 110 83.41 -0.59 -14.09
C LEU E 110 84.48 -0.86 -15.13
N GLU E 111 85.65 -0.25 -14.96
CA GLU E 111 86.70 -0.36 -15.96
C GLU E 111 87.27 -1.77 -15.99
N PRO E 112 87.72 -2.23 -17.16
CA PRO E 112 88.28 -3.58 -17.27
C PRO E 112 89.46 -3.81 -16.32
N PRO E 113 90.34 -2.82 -16.09
CA PRO E 113 91.36 -3.03 -15.05
C PRO E 113 90.76 -3.35 -13.69
N ALA E 114 89.65 -2.71 -13.32
CA ALA E 114 88.94 -3.10 -12.12
C ALA E 114 88.24 -4.44 -12.31
N LEU E 115 87.67 -4.67 -13.49
CA LEU E 115 87.02 -5.95 -13.77
C LEU E 115 88.04 -7.09 -13.77
N SER E 116 89.21 -6.88 -14.37
CA SER E 116 90.21 -7.94 -14.44
C SER E 116 90.68 -8.34 -13.05
N ARG E 117 90.89 -7.36 -12.16
CA ARG E 117 91.26 -7.69 -10.79
C ARG E 117 90.14 -8.41 -10.08
N LEU E 118 88.89 -8.00 -10.34
CA LEU E 118 87.75 -8.78 -9.88
C LEU E 118 87.74 -10.18 -10.51
N CYS E 119 88.08 -10.26 -11.79
CA CYS E 119 88.17 -11.55 -12.46
C CYS E 119 89.26 -12.41 -11.83
N HIS E 120 90.40 -11.81 -11.51
CA HIS E 120 91.49 -12.56 -10.88
C HIS E 120 91.09 -13.05 -9.49
N ARG E 121 90.41 -12.22 -8.71
CA ARG E 121 90.09 -12.58 -7.34
C ARG E 121 89.13 -13.75 -7.29
N ILE E 122 88.05 -13.69 -8.07
CA ILE E 122 87.11 -14.82 -8.09
C ILE E 122 87.78 -16.05 -8.68
N PHE E 123 88.68 -15.88 -9.64
CA PHE E 123 89.48 -17.00 -10.12
C PHE E 123 90.36 -17.57 -9.00
N VAL E 124 90.98 -16.68 -8.22
CA VAL E 124 91.73 -17.12 -7.05
C VAL E 124 90.80 -17.74 -6.01
N HIS E 125 89.64 -17.12 -5.79
CA HIS E 125 88.70 -17.63 -4.80
C HIS E 125 88.18 -19.02 -5.18
N ILE E 126 88.15 -19.34 -6.47
CA ILE E 126 87.81 -20.68 -6.92
C ILE E 126 89.04 -21.52 -7.24
N LYS E 127 90.24 -20.92 -7.23
CA LYS E 127 91.46 -21.70 -7.43
C LYS E 127 91.65 -22.72 -6.31
N ASN E 128 91.39 -22.31 -5.07
CA ASN E 128 91.45 -23.21 -3.92
C ASN E 128 90.11 -23.91 -3.70
N SER E 129 89.59 -24.52 -4.75
CA SER E 129 88.32 -25.22 -4.71
C SER E 129 88.30 -26.28 -5.80
N SER E 130 87.12 -26.83 -6.06
CA SER E 130 86.98 -27.84 -7.10
C SER E 130 87.16 -27.19 -8.47
N VAL E 131 88.29 -27.51 -9.12
CA VAL E 131 88.62 -27.00 -10.44
C VAL E 131 88.46 -28.14 -11.43
N LEU E 132 87.77 -27.88 -12.54
CA LEU E 132 87.53 -28.89 -13.55
C LEU E 132 88.80 -29.18 -14.35
N ILE E 139 84.84 -19.20 -19.37
CA ILE E 139 84.09 -18.50 -18.34
C ILE E 139 83.62 -17.14 -18.86
N HIS E 140 82.30 -16.92 -18.83
CA HIS E 140 81.71 -15.68 -19.32
C HIS E 140 81.47 -14.76 -18.13
N PHE E 141 82.31 -13.74 -18.00
CA PHE E 141 82.22 -12.81 -16.87
C PHE E 141 81.17 -11.75 -17.19
N PHE E 142 80.06 -11.78 -16.47
CA PHE E 142 78.98 -10.80 -16.63
C PHE E 142 78.99 -9.83 -15.46
N PHE E 143 79.01 -8.54 -15.76
CA PHE E 143 79.00 -7.49 -14.75
C PHE E 143 77.77 -6.61 -14.98
N THR E 144 76.87 -6.59 -14.00
CA THR E 144 75.68 -5.76 -14.05
C THR E 144 75.66 -4.83 -12.85
N LEU E 145 75.17 -3.62 -13.04
CA LEU E 145 75.20 -2.59 -12.02
C LEU E 145 73.84 -1.93 -11.87
N LYS E 146 73.53 -1.50 -10.64
CA LYS E 146 72.31 -0.77 -10.36
C LYS E 146 72.36 0.59 -11.06
N PRO E 147 71.18 1.13 -11.44
CA PRO E 147 71.14 2.44 -12.13
C PRO E 147 71.84 3.59 -11.42
N GLU E 148 72.32 3.36 -10.18
CA GLU E 148 73.15 4.30 -9.46
C GLU E 148 72.40 5.59 -9.12
N VAL E 149 73.14 6.63 -8.74
CA VAL E 149 72.59 7.93 -8.34
C VAL E 149 71.52 7.70 -7.28
N VAL E 150 71.92 7.12 -6.16
CA VAL E 150 71.01 6.86 -5.04
C VAL E 150 71.86 6.73 -3.79
N GLN E 151 71.23 6.89 -2.62
CA GLN E 151 71.94 6.69 -1.36
C GLN E 151 72.46 5.26 -1.27
N GLY E 152 73.73 5.14 -0.91
CA GLY E 152 74.37 3.84 -0.94
C GLY E 152 74.71 3.35 -2.33
N LYS E 153 74.49 4.18 -3.35
CA LYS E 153 74.78 3.88 -4.75
C LYS E 153 74.31 2.50 -5.19
N TYR E 154 75.15 1.80 -5.94
CA TYR E 154 74.70 0.66 -6.75
C TYR E 154 75.15 -0.67 -6.16
N GLY E 155 74.33 -1.69 -6.44
CA GLY E 155 74.65 -3.05 -6.07
C GLY E 155 75.19 -3.81 -7.27
N PHE E 156 76.34 -4.45 -7.08
CA PHE E 156 77.06 -5.10 -8.16
C PHE E 156 76.85 -6.61 -8.10
N HIS E 157 76.45 -7.19 -9.23
CA HIS E 157 76.21 -8.63 -9.35
C HIS E 157 77.13 -9.19 -10.44
N VAL E 158 78.29 -9.71 -10.04
CA VAL E 158 79.15 -10.44 -10.97
C VAL E 158 78.57 -11.83 -11.17
N LEU E 159 78.58 -12.31 -12.41
CA LEU E 159 77.95 -13.58 -12.78
C LEU E 159 78.94 -14.50 -13.47
N ILE E 160 78.99 -15.75 -13.01
CA ILE E 160 79.73 -16.83 -13.64
C ILE E 160 78.77 -18.00 -13.85
N PRO E 161 77.96 -17.99 -14.90
CA PRO E 161 76.92 -19.03 -15.03
C PRO E 161 77.44 -20.35 -15.58
N GLY E 162 78.66 -20.39 -16.11
CA GLY E 162 79.14 -21.62 -16.73
C GLY E 162 79.29 -22.77 -15.75
N LEU E 163 79.91 -22.50 -14.61
CA LEU E 163 80.21 -23.55 -13.65
C LEU E 163 79.07 -23.73 -12.65
N LYS E 164 78.96 -24.94 -12.12
CA LYS E 164 77.98 -25.29 -11.08
C LYS E 164 78.75 -25.80 -9.87
N LEU E 165 78.82 -24.98 -8.83
CA LEU E 165 79.55 -25.32 -7.61
C LEU E 165 78.77 -24.87 -6.38
N ALA E 166 77.44 -24.89 -6.48
CA ALA E 166 76.60 -24.44 -5.38
C ALA E 166 76.55 -25.47 -4.27
N ALA E 167 77.44 -25.34 -3.29
CA ALA E 167 77.54 -26.28 -2.18
C ALA E 167 78.21 -25.62 -0.99
N SER E 168 78.67 -26.42 -0.03
CA SER E 168 79.48 -25.86 1.06
C SER E 168 80.71 -25.14 0.53
N THR E 169 81.23 -25.60 -0.62
CA THR E 169 82.31 -24.88 -1.28
C THR E 169 81.84 -23.49 -1.72
N LYS E 170 80.61 -23.38 -2.21
CA LYS E 170 80.04 -22.08 -2.54
C LYS E 170 79.89 -21.23 -1.28
N LYS E 171 79.52 -21.84 -0.16
CA LYS E 171 79.47 -21.12 1.10
C LYS E 171 80.85 -20.68 1.53
N SER E 172 81.89 -21.43 1.15
CA SER E 172 83.26 -21.01 1.42
C SER E 172 83.61 -19.74 0.64
N ILE E 173 83.01 -19.57 -0.54
CA ILE E 173 83.23 -18.35 -1.32
C ILE E 173 82.71 -17.15 -0.54
N ILE E 174 81.60 -17.31 0.18
CA ILE E 174 81.05 -16.22 0.97
C ILE E 174 82.04 -15.77 2.04
N GLY E 175 82.57 -16.73 2.80
CA GLY E 175 83.50 -16.38 3.86
C GLY E 175 84.83 -15.88 3.32
N SER E 176 85.34 -16.51 2.26
CA SER E 176 86.63 -16.12 1.70
C SER E 176 86.59 -14.70 1.13
N LEU E 177 85.50 -14.36 0.43
CA LEU E 177 85.43 -13.04 -0.19
C LEU E 177 85.17 -11.94 0.84
N GLN E 178 84.48 -12.26 1.92
CA GLN E 178 84.35 -11.32 3.03
C GLN E 178 85.71 -10.99 3.63
N HIS E 179 86.57 -12.00 3.78
CA HIS E 179 87.92 -11.82 4.28
C HIS E 179 88.88 -11.29 3.24
N ASP E 180 88.47 -11.26 1.96
CA ASP E 180 89.35 -10.81 0.90
C ASP E 180 89.63 -9.32 1.01
N ALA E 181 90.90 -8.95 0.88
CA ALA E 181 91.31 -7.55 0.95
C ALA E 181 91.57 -6.93 -0.42
N THR E 182 91.76 -7.74 -1.46
CA THR E 182 92.00 -7.19 -2.79
C THR E 182 90.72 -6.61 -3.37
N VAL E 183 89.59 -7.29 -3.18
CA VAL E 183 88.31 -6.74 -3.64
C VAL E 183 88.01 -5.46 -2.89
N GLN E 184 88.54 -5.32 -1.67
CA GLN E 184 88.38 -4.07 -0.93
C GLN E 184 89.06 -2.91 -1.67
N LYS E 185 90.27 -3.13 -2.18
CA LYS E 185 90.96 -2.06 -2.89
C LYS E 185 90.44 -1.89 -4.31
N ILE E 186 89.82 -2.93 -4.88
CA ILE E 186 89.20 -2.79 -6.20
C ILE E 186 88.06 -1.77 -6.12
N LEU E 187 87.24 -1.86 -5.08
CA LEU E 187 86.18 -0.88 -4.88
C LEU E 187 86.77 0.51 -4.64
N HIS E 188 87.96 0.57 -4.04
CA HIS E 188 88.61 1.86 -3.84
C HIS E 188 89.03 2.48 -5.17
N GLU E 189 89.35 1.64 -6.17
CA GLU E 189 89.60 2.16 -7.50
C GLU E 189 88.37 2.85 -8.06
N GLN E 190 87.20 2.24 -7.87
CA GLN E 190 85.94 2.85 -8.26
C GLN E 190 85.55 4.03 -7.38
N GLY E 191 86.22 4.22 -6.25
CA GLY E 191 85.86 5.26 -5.31
C GLY E 191 84.87 4.83 -4.24
N VAL E 192 84.61 3.53 -4.11
CA VAL E 192 83.64 3.06 -3.13
C VAL E 192 84.26 3.13 -1.74
N THR E 193 83.55 3.76 -0.80
CA THR E 193 84.00 3.86 0.58
C THR E 193 83.57 2.67 1.42
N ASN E 194 82.96 1.66 0.81
CA ASN E 194 82.51 0.46 1.50
C ASN E 194 83.31 -0.73 0.99
N PRO E 195 84.58 -0.85 1.40
CA PRO E 195 85.39 -1.98 0.91
C PRO E 195 84.86 -3.34 1.34
N GLU E 196 84.24 -3.44 2.51
CA GLU E 196 83.67 -4.68 3.00
C GLU E 196 82.20 -4.48 3.27
N SER E 197 81.54 -5.56 3.70
CA SER E 197 80.12 -5.66 4.01
C SER E 197 79.24 -5.51 2.78
N CYS E 198 79.80 -5.27 1.59
CA CYS E 198 78.99 -5.19 0.38
C CYS E 198 78.33 -6.54 0.10
N LEU E 199 79.07 -7.63 0.28
CA LEU E 199 78.52 -8.96 0.11
C LEU E 199 77.76 -9.37 1.36
N ASP E 200 76.47 -9.61 1.21
CA ASP E 200 75.66 -10.09 2.32
C ASP E 200 76.09 -11.51 2.71
N PRO E 201 75.98 -11.86 3.99
CA PRO E 201 76.44 -13.19 4.43
C PRO E 201 75.68 -14.33 3.78
N HIS E 202 74.50 -14.08 3.22
CA HIS E 202 73.71 -15.09 2.55
C HIS E 202 73.54 -14.79 1.06
N SER E 203 74.59 -14.25 0.43
CA SER E 203 74.50 -13.89 -0.98
C SER E 203 74.24 -15.11 -1.85
N ALA E 204 74.91 -16.22 -1.56
CA ALA E 204 74.81 -17.43 -2.36
C ALA E 204 73.78 -18.41 -1.84
N SER E 205 73.03 -18.06 -0.78
CA SER E 205 72.06 -18.96 -0.18
C SER E 205 70.65 -18.39 -0.18
N VAL E 206 70.41 -17.25 -0.81
CA VAL E 206 69.07 -16.69 -0.92
C VAL E 206 68.75 -16.48 -2.39
N PRO E 207 67.46 -16.49 -2.75
CA PRO E 207 67.09 -16.29 -4.16
C PRO E 207 67.61 -15.00 -4.75
N SER E 208 68.21 -15.08 -5.93
CA SER E 208 68.68 -13.91 -6.66
C SER E 208 67.61 -13.46 -7.65
N LEU E 209 67.90 -12.38 -8.37
CA LEU E 209 66.97 -11.79 -9.32
C LEU E 209 67.43 -12.13 -10.75
N LEU E 210 66.47 -12.49 -11.60
CA LEU E 210 66.78 -12.73 -13.00
C LEU E 210 67.19 -11.42 -13.67
N TYR E 211 68.06 -11.53 -14.67
CA TYR E 211 68.49 -10.36 -15.42
C TYR E 211 67.30 -9.67 -16.06
N GLY E 212 67.18 -8.36 -15.81
CA GLY E 212 66.08 -7.57 -16.32
C GLY E 212 64.92 -7.43 -15.36
N SER E 213 64.88 -8.24 -14.30
CA SER E 213 63.82 -8.13 -13.29
C SER E 213 64.10 -6.89 -12.44
N SER E 214 63.18 -5.94 -12.47
CA SER E 214 63.37 -4.68 -11.76
C SER E 214 63.34 -4.90 -10.25
N LYS E 215 64.15 -4.10 -9.55
CA LYS E 215 64.07 -4.05 -8.10
C LYS E 215 62.75 -3.44 -7.68
N LEU E 216 62.34 -3.75 -6.44
CA LEU E 216 61.07 -3.26 -5.93
C LEU E 216 61.03 -1.74 -5.97
N ASN E 217 60.17 -1.20 -6.84
CA ASN E 217 60.06 0.23 -7.08
C ASN E 217 61.40 0.86 -7.48
N HIS E 218 62.19 0.13 -8.27
CA HIS E 218 63.47 0.63 -8.75
C HIS E 218 63.76 0.03 -10.11
N LYS E 219 64.58 0.73 -10.89
CA LYS E 219 64.96 0.27 -12.21
C LYS E 219 65.92 -0.92 -12.10
N PRO E 220 65.79 -1.92 -12.99
CA PRO E 220 66.63 -3.11 -12.87
C PRO E 220 68.10 -2.81 -13.09
N TYR E 221 68.94 -3.67 -12.52
CA TYR E 221 70.39 -3.51 -12.61
C TYR E 221 70.83 -3.73 -14.04
N GLN E 222 71.21 -2.65 -14.73
CA GLN E 222 71.67 -2.76 -16.11
C GLN E 222 73.03 -3.43 -16.17
N LEU E 223 73.30 -4.14 -17.25
CA LEU E 223 74.57 -4.84 -17.40
C LEU E 223 75.63 -3.89 -17.96
N LYS E 224 76.85 -4.02 -17.47
CA LYS E 224 77.96 -3.18 -17.94
C LYS E 224 78.84 -3.90 -18.95
N THR E 225 79.40 -5.04 -18.58
CA THR E 225 80.31 -5.77 -19.46
C THR E 225 80.02 -7.25 -19.37
N GLY E 226 79.92 -7.91 -20.53
CA GLY E 226 79.70 -9.33 -20.59
C GLY E 226 80.84 -10.07 -21.25
N PHE E 227 82.07 -9.66 -20.93
CA PHE E 227 83.26 -10.25 -21.55
C PHE E 227 83.40 -11.70 -21.10
N GLU E 228 84.25 -12.44 -21.82
CA GLU E 228 84.41 -13.87 -21.55
C GLU E 228 85.89 -14.21 -21.50
N LEU E 229 86.20 -15.28 -20.75
CA LEU E 229 87.55 -15.80 -20.65
C LEU E 229 87.46 -17.30 -20.43
N VAL E 230 88.56 -17.94 -20.01
CA VAL E 230 88.56 -19.39 -19.80
C VAL E 230 89.61 -19.72 -18.75
N PHE E 231 89.37 -20.81 -18.03
CA PHE E 231 90.31 -21.32 -17.04
C PHE E 231 90.80 -22.69 -17.48
N ASP E 232 92.07 -22.97 -17.22
CA ASP E 232 92.67 -24.25 -17.56
C ASP E 232 92.93 -25.06 -16.29
N SER E 233 92.81 -26.38 -16.40
CA SER E 233 93.04 -27.25 -15.25
C SER E 233 94.48 -27.19 -14.78
N SER E 234 95.42 -26.97 -15.71
CA SER E 234 96.85 -26.94 -15.39
C SER E 234 97.42 -25.54 -15.37
N ASP E 235 97.01 -24.67 -16.30
CA ASP E 235 97.60 -23.35 -16.42
C ASP E 235 96.63 -22.31 -15.86
N PRO E 236 96.93 -21.69 -14.71
CA PRO E 236 96.03 -20.66 -14.18
C PRO E 236 96.29 -19.27 -14.73
N ASP E 237 97.38 -19.06 -15.46
CA ASP E 237 97.72 -17.73 -15.98
C ASP E 237 97.05 -17.46 -17.31
N TYR E 238 95.73 -17.59 -17.36
CA TYR E 238 94.98 -17.35 -18.59
C TYR E 238 93.98 -16.22 -18.41
N LEU E 247 76.85 -9.28 -26.63
CA LEU E 247 75.88 -9.38 -25.54
C LEU E 247 74.47 -9.61 -26.07
N GLU E 248 74.08 -8.80 -27.05
CA GLU E 248 72.77 -8.94 -27.68
C GLU E 248 72.70 -10.12 -28.64
N SER E 249 73.83 -10.76 -28.93
CA SER E 249 73.87 -11.91 -29.83
C SER E 249 73.30 -13.17 -29.19
N TYR E 250 73.02 -13.15 -27.88
CA TYR E 250 72.51 -14.32 -27.19
C TYR E 250 71.37 -13.91 -26.27
N ASN E 251 70.59 -14.92 -25.87
CA ASN E 251 69.43 -14.69 -25.01
C ASN E 251 69.89 -14.23 -23.63
N LEU E 252 69.47 -13.04 -23.22
CA LEU E 252 69.98 -12.46 -21.98
C LEU E 252 69.56 -13.28 -20.76
N VAL E 253 68.25 -13.54 -20.63
CA VAL E 253 67.77 -14.25 -19.45
C VAL E 253 68.18 -15.73 -19.50
N SER E 254 68.07 -16.35 -20.68
CA SER E 254 68.33 -17.78 -20.79
C SER E 254 69.79 -18.10 -20.51
N GLU E 255 70.71 -17.40 -21.17
CA GLU E 255 72.13 -17.68 -20.98
C GLU E 255 72.58 -17.35 -19.56
N LEU E 256 72.08 -16.24 -19.00
CA LEU E 256 72.51 -15.79 -17.69
C LEU E 256 71.81 -16.51 -16.55
N SER E 257 70.85 -17.39 -16.85
CA SER E 257 70.10 -18.08 -15.81
C SER E 257 70.99 -19.08 -15.08
N LEU E 258 70.73 -19.25 -13.79
CA LEU E 258 71.48 -20.24 -13.00
C LEU E 258 71.04 -21.65 -13.34
N THR E 259 69.73 -21.86 -13.48
CA THR E 259 69.20 -23.20 -13.71
C THR E 259 69.38 -23.67 -15.15
N ASN E 260 69.70 -22.77 -16.08
CA ASN E 260 69.82 -23.11 -17.49
C ASN E 260 71.23 -23.64 -17.77
N GLU E 261 71.40 -24.94 -17.52
CA GLU E 261 72.66 -25.60 -17.86
C GLU E 261 72.88 -25.62 -19.36
N GLN E 262 71.83 -25.89 -20.12
CA GLN E 262 71.91 -26.03 -21.58
C GLN E 262 71.93 -24.64 -22.22
N GLY E 263 73.04 -23.95 -22.05
CA GLY E 263 73.23 -22.62 -22.60
C GLY E 263 73.92 -22.65 -23.95
N SER E 264 73.64 -21.62 -24.75
CA SER E 264 74.31 -21.48 -26.04
C SER E 264 75.63 -20.73 -25.89
N LEU E 265 75.60 -19.52 -25.36
CA LEU E 265 76.83 -18.78 -25.11
C LEU E 265 77.63 -19.42 -23.99
N VAL E 266 76.97 -19.77 -22.89
CA VAL E 266 77.61 -20.40 -21.76
C VAL E 266 77.46 -21.91 -21.87
N ARG E 267 78.33 -22.64 -21.19
CA ARG E 267 78.30 -24.09 -21.21
C ARG E 267 78.29 -24.63 -19.78
N PRO E 268 77.68 -25.80 -19.55
CA PRO E 268 77.56 -26.33 -18.17
C PRO E 268 78.87 -26.89 -17.62
N VAL E 269 79.73 -25.98 -17.16
CA VAL E 269 81.00 -26.35 -16.56
C VAL E 269 80.75 -26.92 -15.16
N SER E 291 52.24 -11.23 7.73
CA SER E 291 53.33 -11.26 6.76
C SER E 291 52.84 -11.72 5.40
N ILE E 292 52.49 -13.01 5.31
CA ILE E 292 52.03 -13.58 4.05
C ILE E 292 50.69 -12.95 3.64
N LEU E 293 49.77 -12.80 4.59
CA LEU E 293 48.44 -12.28 4.26
C LEU E 293 48.48 -10.81 3.86
N MET E 294 49.52 -10.07 4.24
CA MET E 294 49.61 -8.66 3.88
C MET E 294 49.77 -8.49 2.37
N LEU E 295 50.56 -9.36 1.74
CA LEU E 295 50.68 -9.32 0.28
C LEU E 295 49.33 -9.58 -0.38
N HIS E 296 48.55 -10.52 0.16
CA HIS E 296 47.18 -10.71 -0.27
C HIS E 296 46.32 -9.54 0.22
N ASP E 297 45.13 -9.41 -0.39
CA ASP E 297 44.15 -8.41 0.04
C ASP E 297 44.77 -7.02 0.06
N PRO E 298 44.99 -6.39 -1.10
CA PRO E 298 45.77 -5.15 -1.15
C PRO E 298 45.23 -4.04 -0.27
N GLU E 299 43.92 -3.99 -0.03
CA GLU E 299 43.39 -2.95 0.87
C GLU E 299 43.80 -3.20 2.32
N ALA E 300 44.05 -4.46 2.68
CA ALA E 300 44.61 -4.73 4.01
C ALA E 300 46.00 -4.14 4.13
N ARG E 301 46.83 -4.27 3.10
CA ARG E 301 48.14 -3.64 3.12
C ARG E 301 48.04 -2.13 3.03
N TYR E 302 46.98 -1.60 2.41
CA TYR E 302 46.71 -0.17 2.46
C TYR E 302 46.44 0.28 3.89
N LEU E 303 45.62 -0.48 4.61
CA LEU E 303 45.45 -0.23 6.04
C LEU E 303 46.77 -0.36 6.78
N HIS E 304 47.66 -1.24 6.31
CA HIS E 304 48.99 -1.34 6.90
C HIS E 304 49.78 -0.06 6.72
N LYS E 305 49.72 0.54 5.53
CA LYS E 305 50.37 1.85 5.35
C LYS E 305 49.72 2.89 6.25
N ILE E 306 48.40 2.81 6.43
CA ILE E 306 47.71 3.77 7.29
C ILE E 306 48.23 3.67 8.71
N LEU E 307 48.35 2.45 9.23
CA LEU E 307 48.86 2.24 10.58
C LEU E 307 50.37 2.39 10.68
N ASN E 308 51.09 2.48 9.56
CA ASN E 308 52.50 2.84 9.62
C ASN E 308 52.67 4.26 10.13
N LEU E 309 51.77 5.17 9.74
CA LEU E 309 51.79 6.54 10.22
C LEU E 309 51.45 6.63 11.69
N LEU E 310 50.90 5.58 12.28
CA LEU E 310 50.54 5.58 13.69
C LEU E 310 51.80 5.68 14.55
N PRO E 311 51.92 6.72 15.38
CA PRO E 311 53.13 6.87 16.20
C PRO E 311 53.15 5.87 17.34
N PRO E 312 54.33 5.41 17.75
CA PRO E 312 54.41 4.44 18.85
C PRO E 312 54.25 5.08 20.22
N GLU E 313 53.86 6.37 20.25
CA GLU E 313 53.71 7.05 21.54
C GLU E 313 52.61 6.42 22.38
N TYR E 314 51.46 6.13 21.77
CA TYR E 314 50.37 5.47 22.47
C TYR E 314 50.28 3.98 22.16
N TYR E 315 51.20 3.47 21.33
CA TYR E 315 51.31 2.04 21.07
C TYR E 315 51.80 1.27 22.28
N VAL E 316 52.34 1.98 23.28
CA VAL E 316 52.92 1.31 24.45
C VAL E 316 51.84 0.69 25.32
N GLU E 317 50.79 1.45 25.61
CA GLU E 317 49.86 1.13 26.68
C GLU E 317 48.62 0.42 26.16
N TYR E 318 47.99 -0.35 27.04
CA TYR E 318 46.75 -1.05 26.69
C TYR E 318 45.62 -0.12 26.28
N PRO E 319 45.31 0.97 27.00
CA PRO E 319 44.12 1.77 26.63
C PRO E 319 44.16 2.35 25.24
N LEU E 320 45.34 2.47 24.63
CA LEU E 320 45.44 3.04 23.29
C LEU E 320 46.08 2.11 22.27
N TRP E 321 46.33 0.86 22.62
CA TRP E 321 46.79 -0.15 21.68
C TRP E 321 45.91 -1.40 21.68
N SER E 322 45.46 -1.85 22.85
CA SER E 322 44.41 -2.86 22.88
C SER E 322 43.14 -2.35 22.24
N ASN E 323 42.89 -1.03 22.26
CA ASN E 323 41.70 -0.49 21.63
C ASN E 323 41.74 -0.69 20.12
N VAL E 324 42.88 -0.40 19.50
CA VAL E 324 43.01 -0.61 18.06
C VAL E 324 43.04 -2.10 17.75
N VAL E 325 43.59 -2.92 18.65
CA VAL E 325 43.50 -4.37 18.47
C VAL E 325 42.03 -4.81 18.40
N PHE E 326 41.21 -4.34 19.35
CA PHE E 326 39.79 -4.68 19.32
C PHE E 326 39.11 -4.11 18.09
N ALA E 327 39.49 -2.91 17.68
CA ALA E 327 38.90 -2.29 16.50
C ALA E 327 39.15 -3.12 15.26
N LEU E 328 40.38 -3.59 15.08
CA LEU E 328 40.66 -4.46 13.95
C LEU E 328 40.15 -5.88 14.15
N ALA E 329 39.74 -6.23 15.38
CA ALA E 329 39.17 -7.54 15.66
C ALA E 329 37.65 -7.58 15.57
N ASN E 330 36.98 -6.42 15.63
CA ASN E 330 35.52 -6.41 15.49
C ASN E 330 35.09 -6.96 14.14
N THR E 331 35.76 -6.55 13.08
CA THR E 331 35.56 -7.07 11.74
C THR E 331 36.84 -7.75 11.27
N SER E 332 36.83 -8.20 10.01
CA SER E 332 38.02 -8.78 9.37
C SER E 332 38.51 -10.00 10.17
N ALA E 333 37.70 -11.06 10.10
CA ALA E 333 37.97 -12.27 10.88
C ALA E 333 39.34 -12.85 10.57
N ASN E 334 39.78 -12.77 9.31
CA ASN E 334 41.04 -13.36 8.90
C ASN E 334 42.23 -12.42 9.06
N TYR E 335 42.11 -11.39 9.90
CA TYR E 335 43.08 -10.31 9.97
C TYR E 335 44.02 -10.44 11.17
N ARG E 336 43.91 -11.55 11.93
CA ARG E 336 44.81 -11.75 13.06
C ARG E 336 46.29 -11.79 12.71
N PRO E 337 46.73 -12.48 11.65
CA PRO E 337 48.18 -12.52 11.38
C PRO E 337 48.82 -11.14 11.27
N LEU E 338 48.12 -10.19 10.64
CA LEU E 338 48.66 -8.83 10.62
C LEU E 338 48.55 -8.17 12.00
N ALA E 339 47.61 -8.62 12.85
CA ALA E 339 47.59 -8.11 14.22
C ALA E 339 48.85 -8.51 14.98
N GLU E 340 49.27 -9.77 14.85
CA GLU E 340 50.55 -10.14 15.45
C GLU E 340 51.71 -9.47 14.74
N TRP E 341 51.58 -9.22 13.43
CA TRP E 341 52.61 -8.47 12.72
C TRP E 341 52.77 -7.06 13.29
N PHE E 342 51.65 -6.41 13.63
CA PHE E 342 51.71 -5.06 14.19
C PHE E 342 52.21 -5.10 15.62
N SER E 343 51.86 -6.14 16.38
CA SER E 343 52.51 -6.36 17.66
C SER E 343 54.02 -6.47 17.50
N GLN E 344 54.47 -7.05 16.38
CA GLN E 344 55.88 -7.09 16.00
C GLN E 344 56.36 -5.79 15.35
N LYS E 345 55.45 -4.85 15.07
CA LYS E 345 55.77 -3.64 14.33
C LYS E 345 56.20 -2.54 15.30
N CYS E 346 57.36 -1.94 15.02
CA CYS E 346 57.96 -0.92 15.86
C CYS E 346 58.04 -1.38 17.32
N PRO E 347 58.59 -2.59 17.59
CA PRO E 347 58.48 -3.22 18.91
C PRO E 347 59.63 -2.86 19.86
N GLU E 348 59.94 -1.56 19.95
CA GLU E 348 60.91 -1.14 20.96
C GLU E 348 60.27 -1.07 22.34
N LYS E 349 58.95 -0.99 22.42
CA LYS E 349 58.27 -1.01 23.71
C LYS E 349 58.28 -2.41 24.33
N TRP E 350 58.45 -3.45 23.51
CA TRP E 350 58.63 -4.78 24.06
C TRP E 350 59.89 -4.85 24.92
N ASN E 351 60.98 -4.25 24.44
CA ASN E 351 62.18 -4.15 25.26
C ASN E 351 62.04 -3.08 26.33
N THR E 352 61.29 -2.01 26.04
CA THR E 352 61.09 -0.96 27.02
C THR E 352 60.20 -1.43 28.16
N GLY E 353 58.98 -1.85 27.85
CA GLY E 353 58.03 -2.37 28.81
C GLY E 353 58.06 -3.88 28.86
N GLY E 354 56.87 -4.48 28.97
CA GLY E 354 56.79 -5.93 28.97
C GLY E 354 57.25 -6.52 27.65
N LYS E 355 57.91 -7.67 27.74
CA LYS E 355 58.49 -8.28 26.55
C LYS E 355 57.42 -8.77 25.58
N GLU E 356 56.30 -9.26 26.09
CA GLU E 356 55.20 -9.77 25.27
C GLU E 356 53.87 -9.27 25.81
N LYS E 357 53.77 -7.94 26.01
CA LYS E 357 52.66 -7.32 26.74
C LYS E 357 51.29 -7.86 26.36
N LEU E 358 50.89 -7.69 25.10
CA LEU E 358 49.60 -8.23 24.66
C LEU E 358 49.71 -9.69 24.23
N GLU E 359 50.90 -10.13 23.84
CA GLU E 359 51.10 -11.54 23.55
C GLU E 359 50.87 -12.39 24.80
N LYS E 360 51.35 -11.91 25.96
CA LYS E 360 51.01 -12.56 27.22
C LYS E 360 49.51 -12.47 27.50
N LEU E 361 48.92 -11.30 27.28
CA LEU E 361 47.48 -11.12 27.47
C LEU E 361 46.73 -11.49 26.19
N TRP E 362 46.77 -12.79 25.88
CA TRP E 362 46.17 -13.29 24.65
C TRP E 362 44.65 -13.16 24.64
N ASN E 363 44.03 -12.89 25.79
CA ASN E 363 42.59 -12.68 25.83
C ASN E 363 42.18 -11.49 24.98
N ASP E 364 43.02 -10.45 24.92
CA ASP E 364 42.72 -9.31 24.06
C ASP E 364 42.69 -9.72 22.59
N ALA E 365 43.66 -10.53 22.16
CA ALA E 365 43.66 -11.01 20.78
C ALA E 365 42.48 -11.94 20.51
N SER E 366 42.12 -12.78 21.47
CA SER E 366 40.97 -13.68 21.31
C SER E 366 39.64 -12.95 21.34
N HIS E 367 39.63 -11.69 21.76
CA HIS E 367 38.40 -10.88 21.85
C HIS E 367 37.38 -11.53 22.78
N HIS E 368 36.34 -12.13 22.20
CA HIS E 368 35.20 -12.74 22.88
C HIS E 368 34.34 -11.70 23.61
N THR E 369 34.66 -10.42 23.52
CA THR E 369 33.82 -9.35 24.04
C THR E 369 32.97 -8.77 22.92
N GLU E 370 32.23 -7.71 23.24
CA GLU E 370 31.38 -7.09 22.23
C GLU E 370 31.43 -5.56 22.28
N LYS E 371 32.48 -4.98 22.85
CA LYS E 371 32.63 -3.53 22.81
C LYS E 371 32.81 -3.07 21.37
N LYS E 372 32.07 -2.03 20.98
CA LYS E 372 32.02 -1.60 19.59
C LYS E 372 33.12 -0.59 19.31
N ILE E 373 34.00 -0.92 18.36
CA ILE E 373 35.07 -0.03 17.90
C ILE E 373 35.59 -0.60 16.59
N THR E 374 35.98 0.27 15.67
CA THR E 374 36.33 -0.17 14.32
C THR E 374 37.43 0.74 13.77
N LYS E 375 37.71 0.58 12.47
CA LYS E 375 38.80 1.30 11.82
C LYS E 375 38.58 2.80 11.76
N ARG E 376 37.32 3.25 11.85
CA ARG E 376 37.05 4.69 11.77
C ARG E 376 37.83 5.46 12.82
N SER E 377 37.97 4.87 14.02
CA SER E 377 38.80 5.49 15.05
C SER E 377 40.25 5.60 14.60
N ILE E 378 40.75 4.59 13.89
CA ILE E 378 42.13 4.63 13.40
C ILE E 378 42.31 5.73 12.36
N MET E 379 41.38 5.87 11.42
CA MET E 379 41.50 6.99 10.49
C MET E 379 41.35 8.33 11.17
N TYR E 380 40.51 8.42 12.21
CA TYR E 380 40.42 9.66 12.97
C TYR E 380 41.74 9.99 13.65
N TRP E 381 42.39 8.97 14.23
CA TRP E 381 43.69 9.19 14.87
C TRP E 381 44.74 9.59 13.85
N ALA E 382 44.71 8.99 12.66
CA ALA E 382 45.63 9.40 11.60
C ALA E 382 45.39 10.84 11.19
N HIS E 383 44.12 11.25 11.10
CA HIS E 383 43.81 12.64 10.78
C HIS E 383 44.32 13.58 11.86
N LYS E 384 44.13 13.22 13.13
CA LYS E 384 44.54 14.10 14.22
C LYS E 384 46.06 14.19 14.33
N HIS E 385 46.77 13.08 14.10
CA HIS E 385 48.20 13.02 14.38
C HIS E 385 49.02 13.71 13.30
N ALA E 386 48.91 13.24 12.06
CA ALA E 386 49.76 13.71 10.96
C ALA E 386 48.87 14.21 9.82
N PRO E 387 48.43 15.46 9.87
CA PRO E 387 47.63 16.01 8.78
C PRO E 387 48.43 16.08 7.48
N GLN E 388 47.70 15.97 6.36
CA GLN E 388 48.26 16.09 5.01
C GLN E 388 49.13 14.90 4.66
N GLN E 389 49.33 13.98 5.61
CA GLN E 389 50.06 12.74 5.35
C GLN E 389 49.12 11.59 5.05
N TYR E 390 48.06 11.45 5.86
CA TYR E 390 47.06 10.42 5.58
C TYR E 390 46.33 10.72 4.28
N LYS E 391 46.02 11.98 4.03
CA LYS E 391 45.19 12.35 2.90
C LYS E 391 45.87 12.06 1.56
N GLU E 392 47.19 12.16 1.52
CA GLU E 392 47.90 11.84 0.28
C GLU E 392 47.70 10.39 -0.11
N ILE E 393 47.92 9.47 0.83
CA ILE E 393 47.75 8.05 0.52
C ILE E 393 46.28 7.72 0.31
N VAL E 394 45.37 8.42 1.00
CA VAL E 394 43.95 8.17 0.82
C VAL E 394 43.50 8.56 -0.60
N GLU E 395 43.92 9.73 -1.05
CA GLU E 395 43.61 10.16 -2.41
C GLU E 395 44.31 9.29 -3.45
N GLN E 396 45.52 8.82 -3.15
CA GLN E 396 46.19 7.90 -4.07
C GLN E 396 45.41 6.58 -4.17
N GLY E 397 44.88 6.10 -3.06
CA GLY E 397 44.05 4.90 -3.10
C GLY E 397 42.79 5.11 -3.92
N TYR E 398 42.13 6.25 -3.75
CA TYR E 398 40.96 6.56 -4.57
C TYR E 398 41.34 6.59 -6.05
N PHE E 399 42.46 7.25 -6.37
CA PHE E 399 42.91 7.36 -7.74
C PHE E 399 43.16 5.98 -8.34
N SER E 400 43.85 5.11 -7.61
CA SER E 400 44.13 3.77 -8.11
C SER E 400 42.84 2.96 -8.29
N ILE E 401 41.93 3.04 -7.31
CA ILE E 401 40.69 2.28 -7.38
C ILE E 401 39.89 2.68 -8.61
N LEU E 402 39.78 3.99 -8.87
CA LEU E 402 39.14 4.42 -10.11
C LEU E 402 39.98 4.02 -11.32
N ALA E 403 41.30 3.91 -11.15
CA ALA E 403 42.17 3.60 -12.27
C ALA E 403 41.92 2.20 -12.82
N GLU E 404 41.73 1.20 -11.95
CA GLU E 404 41.47 -0.13 -12.51
C GLU E 404 40.18 -0.13 -13.33
N TYR E 405 39.13 0.51 -12.81
CA TYR E 405 37.86 0.53 -13.51
C TYR E 405 37.94 1.29 -14.82
N VAL E 406 38.72 2.38 -14.85
CA VAL E 406 38.81 3.16 -16.08
C VAL E 406 39.71 2.47 -17.10
N TYR E 407 40.70 1.70 -16.64
CA TYR E 407 41.56 0.98 -17.57
C TYR E 407 40.83 -0.22 -18.17
N SER E 408 40.12 -0.98 -17.34
CA SER E 408 39.27 -2.03 -17.88
C SER E 408 37.99 -1.42 -18.44
N TYR E 409 37.26 -2.23 -19.19
CA TYR E 409 35.99 -1.84 -19.81
C TYR E 409 36.13 -0.58 -20.67
N ASN E 410 37.33 -0.29 -21.14
CA ASN E 410 37.65 0.95 -21.83
C ASN E 410 37.20 2.16 -21.01
N GLY E 411 36.74 3.21 -21.68
CA GLY E 411 36.34 4.44 -21.01
C GLY E 411 34.93 4.46 -20.49
N MET E 412 34.19 3.38 -20.62
CA MET E 412 32.81 3.35 -20.15
C MET E 412 32.75 3.40 -18.63
N LEU E 413 31.76 4.12 -18.12
CA LEU E 413 31.50 4.20 -16.69
C LEU E 413 30.03 3.90 -16.43
N GLU E 414 29.77 3.28 -15.27
CA GLU E 414 28.41 2.90 -14.90
C GLU E 414 28.20 3.19 -13.42
N HIS E 415 26.99 2.94 -12.96
CA HIS E 415 26.60 3.32 -11.60
C HIS E 415 27.41 2.58 -10.55
N TYR E 416 27.61 1.27 -10.74
CA TYR E 416 28.15 0.45 -9.66
C TYR E 416 29.58 0.86 -9.30
N MET E 417 30.42 1.14 -10.30
CA MET E 417 31.80 1.48 -10.01
C MET E 417 31.91 2.85 -9.34
N ILE E 418 31.09 3.81 -9.77
CA ILE E 418 31.06 5.11 -9.11
C ILE E 418 30.60 4.96 -7.67
N ALA E 419 29.57 4.13 -7.45
CA ALA E 419 29.10 3.89 -6.09
C ALA E 419 30.18 3.23 -5.23
N LYS E 420 30.92 2.30 -5.82
CA LYS E 420 32.00 1.65 -5.08
C LYS E 420 33.06 2.66 -4.67
N VAL E 421 33.46 3.54 -5.59
CA VAL E 421 34.46 4.55 -5.25
C VAL E 421 33.93 5.49 -4.18
N ILE E 422 32.68 5.92 -4.30
CA ILE E 422 32.09 6.83 -3.33
C ILE E 422 32.06 6.20 -1.95
N TYR E 423 31.66 4.92 -1.89
CA TYR E 423 31.65 4.22 -0.61
C TYR E 423 33.07 4.09 -0.04
N ALA E 424 34.04 3.80 -0.89
CA ALA E 424 35.42 3.76 -0.43
C ALA E 424 35.89 5.12 0.04
N MET E 425 35.21 6.18 -0.38
CA MET E 425 35.66 7.54 -0.04
C MET E 425 35.02 8.03 1.25
N MET E 426 33.70 7.95 1.35
CA MET E 426 32.97 8.30 2.57
C MET E 426 32.23 7.13 3.19
N GLY E 427 32.87 5.97 3.31
CA GLY E 427 32.25 4.91 4.07
C GLY E 427 32.19 5.16 5.57
N ASN E 428 32.81 6.24 6.05
CA ASN E 428 32.90 6.53 7.47
C ASN E 428 32.00 7.70 7.89
N LYS E 429 31.06 8.10 7.04
CA LYS E 429 30.17 9.22 7.38
C LYS E 429 28.70 8.95 7.09
N PHE E 430 28.37 7.91 6.32
CA PHE E 430 26.99 7.60 6.00
C PHE E 430 26.72 6.13 6.28
N VAL E 431 25.45 5.81 6.53
CA VAL E 431 25.02 4.44 6.79
C VAL E 431 23.56 4.32 6.39
N VAL E 432 23.17 3.13 5.97
CA VAL E 432 21.83 2.87 5.46
C VAL E 432 21.28 1.62 6.13
N ASP E 433 20.01 1.69 6.54
CA ASP E 433 19.33 0.53 7.07
C ASP E 433 17.86 0.60 6.70
N VAL E 434 17.19 -0.55 6.71
CA VAL E 434 15.79 -0.65 6.33
C VAL E 434 14.93 -0.39 7.56
N ASP E 435 13.93 0.48 7.41
CA ASP E 435 13.03 0.81 8.50
C ASP E 435 12.07 -0.34 8.76
N SER E 436 11.13 -0.15 9.69
CA SER E 436 10.13 -1.17 9.96
C SER E 436 9.09 -1.26 8.84
N ASN E 437 8.97 -0.24 8.02
CA ASN E 437 8.02 -0.23 6.92
C ASN E 437 8.61 -0.74 5.61
N GLY E 438 9.88 -1.13 5.60
CA GLY E 438 10.49 -1.67 4.41
C GLY E 438 11.04 -0.64 3.43
N LYS E 439 11.33 0.57 3.89
CA LYS E 439 11.89 1.62 3.04
C LYS E 439 13.27 2.00 3.55
N TYR E 440 14.24 2.04 2.64
CA TYR E 440 15.60 2.39 3.01
C TYR E 440 15.68 3.85 3.44
N VAL E 441 16.52 4.12 4.44
CA VAL E 441 16.73 5.47 4.95
C VAL E 441 18.23 5.73 5.04
N TRP E 442 18.59 7.01 5.09
CA TRP E 442 19.97 7.44 5.13
C TRP E 442 20.25 8.19 6.43
N PHE E 443 21.29 7.79 7.14
CA PHE E 443 21.74 8.45 8.35
C PHE E 443 23.10 9.10 8.09
N GLU E 444 23.28 10.32 8.60
CA GLU E 444 24.50 11.08 8.40
C GLU E 444 25.07 11.50 9.74
N PHE E 445 26.40 11.39 9.87
CA PHE E 445 27.09 11.86 11.06
C PHE E 445 27.32 13.36 10.95
N VAL E 446 27.04 14.09 12.02
CA VAL E 446 27.14 15.54 12.02
C VAL E 446 28.49 15.94 12.59
N LEU E 447 29.17 16.85 11.89
CA LEU E 447 30.47 17.35 12.28
C LEU E 447 30.43 18.87 12.36
N PRO E 448 31.26 19.47 13.21
CA PRO E 448 31.25 20.93 13.33
C PRO E 448 31.72 21.60 12.03
N GLY E 449 31.19 22.79 11.79
CA GLY E 449 31.53 23.54 10.61
C GLY E 449 30.64 23.32 9.40
N GLN E 450 29.47 22.73 9.60
CA GLN E 450 28.51 22.47 8.54
C GLN E 450 27.12 22.86 9.01
N PRO E 451 26.21 23.16 8.07
CA PRO E 451 24.85 23.53 8.47
C PRO E 451 24.18 22.41 9.25
N MET E 452 23.40 22.81 10.26
CA MET E 452 22.82 21.87 11.20
C MET E 452 21.73 22.58 11.99
N ASN E 453 20.92 21.79 12.70
CA ASN E 453 19.93 22.34 13.62
C ASN E 453 20.61 22.64 14.95
N GLN E 454 19.81 22.93 15.98
CA GLN E 454 20.34 23.26 17.29
C GLN E 454 20.52 22.00 18.12
N GLY E 455 21.75 21.75 18.55
CA GLY E 455 22.03 20.69 19.50
C GLY E 455 22.18 19.30 18.92
N GLU E 456 22.28 19.15 17.60
CA GLU E 456 22.42 17.84 16.98
C GLU E 456 23.86 17.53 16.55
N ILE E 457 24.84 18.07 17.27
CA ILE E 457 26.24 17.85 16.92
C ILE E 457 26.70 16.50 17.47
N TRP E 458 27.67 15.90 16.78
CA TRP E 458 28.28 14.63 17.19
C TRP E 458 27.24 13.53 17.34
N LYS E 459 26.21 13.56 16.50
CA LYS E 459 25.14 12.57 16.57
C LYS E 459 24.68 12.22 15.17
N TRP E 460 24.10 11.02 15.04
CA TRP E 460 23.57 10.58 13.77
C TRP E 460 22.27 11.31 13.46
N ARG E 461 22.16 11.84 12.25
CA ARG E 461 20.98 12.60 11.83
C ARG E 461 20.29 11.85 10.70
N LYS E 462 18.97 11.66 10.83
CA LYS E 462 18.20 10.96 9.81
C LYS E 462 17.98 11.86 8.61
N GLU E 463 18.30 11.35 7.42
CA GLU E 463 18.19 12.10 6.18
C GLU E 463 17.21 11.39 5.26
N VAL E 464 16.17 12.10 4.83
CA VAL E 464 15.22 11.53 3.89
C VAL E 464 15.89 11.34 2.52
N ASN E 465 16.75 12.28 2.14
CA ASN E 465 17.47 12.20 0.88
C ASN E 465 18.90 12.69 1.09
N PRO E 466 19.92 11.87 0.80
CA PRO E 466 21.30 12.29 1.03
C PRO E 466 21.73 13.40 0.11
N ASP E 467 21.24 14.61 0.35
CA ASP E 467 21.57 15.76 -0.48
C ASP E 467 23.06 16.07 -0.41
N GLU E 468 23.66 15.90 0.78
CA GLU E 468 25.10 16.10 0.91
C GLU E 468 25.87 15.17 -0.02
N LEU E 469 25.42 13.92 -0.14
CA LEU E 469 26.09 12.99 -1.03
C LEU E 469 25.88 13.38 -2.49
N HIS E 470 24.70 13.91 -2.83
CA HIS E 470 24.47 14.39 -4.20
C HIS E 470 25.42 15.53 -4.53
N ILE E 471 25.61 16.47 -3.61
CA ILE E 471 26.54 17.57 -3.85
C ILE E 471 27.96 17.05 -3.96
N TYR E 472 28.35 16.14 -3.08
CA TYR E 472 29.73 15.66 -3.05
C TYR E 472 30.09 14.85 -4.29
N ILE E 473 29.17 14.01 -4.76
CA ILE E 473 29.46 13.16 -5.91
C ILE E 473 29.62 13.97 -7.18
N SER E 474 29.15 15.21 -7.21
CA SER E 474 29.29 16.07 -8.37
C SER E 474 30.31 17.18 -8.17
N GLU E 475 30.76 17.44 -6.94
CA GLU E 475 31.74 18.50 -6.68
C GLU E 475 33.15 17.95 -6.53
N ASN E 476 33.35 16.99 -5.62
CA ASN E 476 34.70 16.52 -5.32
C ASN E 476 35.15 15.38 -6.24
N PHE E 477 34.21 14.59 -6.76
CA PHE E 477 34.58 13.53 -7.67
C PHE E 477 35.20 14.07 -8.95
N SER E 478 34.85 15.32 -9.31
CA SER E 478 35.44 15.95 -10.48
C SER E 478 36.95 16.06 -10.34
N ARG E 479 37.46 16.25 -9.12
CA ARG E 479 38.91 16.30 -8.93
C ARG E 479 39.56 14.98 -9.31
N VAL E 480 38.97 13.86 -8.88
CA VAL E 480 39.54 12.55 -9.21
C VAL E 480 39.44 12.30 -10.71
N MET E 481 38.31 12.67 -11.32
CA MET E 481 38.16 12.47 -12.76
C MET E 481 39.18 13.32 -13.54
N ASP E 482 39.42 14.55 -13.10
CA ASP E 482 40.44 15.38 -13.73
C ASP E 482 41.83 14.80 -13.52
N ARG E 483 42.07 14.18 -12.37
CA ARG E 483 43.34 13.50 -12.16
C ARG E 483 43.53 12.36 -13.14
N ILE E 484 42.47 11.58 -13.37
CA ILE E 484 42.52 10.52 -14.38
C ILE E 484 42.81 11.12 -15.76
N THR E 485 42.13 12.22 -16.10
CA THR E 485 42.32 12.83 -17.41
C THR E 485 43.75 13.30 -17.60
N GLU E 486 44.31 13.98 -16.59
CA GLU E 486 45.68 14.48 -16.73
C GLU E 486 46.69 13.34 -16.72
N HIS E 487 46.40 12.24 -16.02
CA HIS E 487 47.26 11.07 -16.10
C HIS E 487 47.26 10.50 -17.52
N ILE E 488 46.09 10.42 -18.14
CA ILE E 488 46.01 9.94 -19.52
C ILE E 488 46.79 10.87 -20.45
N LYS E 489 46.66 12.18 -20.24
CA LYS E 489 47.39 13.14 -21.06
C LYS E 489 48.89 12.96 -20.89
N TYR E 490 49.36 12.77 -19.65
CA TYR E 490 50.78 12.60 -19.40
C TYR E 490 51.29 11.32 -20.05
N HIS E 491 50.51 10.24 -19.98
CA HIS E 491 50.90 9.01 -20.67
C HIS E 491 50.96 9.20 -22.18
N LEU E 492 50.01 9.97 -22.73
CA LEU E 492 50.06 10.27 -24.17
C LEU E 492 51.28 11.13 -24.51
N SER E 493 51.75 11.93 -23.55
CA SER E 493 52.93 12.77 -23.81
C SER E 493 54.19 11.94 -24.01
N GLN E 494 54.28 10.80 -23.36
CA GLN E 494 55.46 9.96 -23.50
C GLN E 494 55.54 9.39 -24.91
N PRO E 495 56.67 9.55 -25.60
CA PRO E 495 56.77 9.02 -26.96
C PRO E 495 56.77 7.50 -26.98
N HIS E 496 56.09 6.94 -27.97
CA HIS E 496 55.96 5.50 -28.11
C HIS E 496 55.64 5.18 -29.57
N GLU E 497 55.43 3.91 -29.87
CA GLU E 497 55.06 3.47 -31.20
C GLU E 497 53.57 3.71 -31.44
N SER E 498 53.23 3.98 -32.71
CA SER E 498 51.92 4.55 -33.04
C SER E 498 50.77 3.60 -32.75
N ASN E 499 51.02 2.29 -32.68
CA ASN E 499 49.92 1.36 -32.48
C ASN E 499 49.33 1.41 -31.08
N ILE E 500 49.93 2.17 -30.16
CA ILE E 500 49.35 2.38 -28.84
C ILE E 500 48.91 3.83 -28.63
N LEU E 501 49.46 4.79 -29.38
CA LEU E 501 48.98 6.16 -29.28
C LEU E 501 47.53 6.28 -29.74
N ASN E 502 47.17 5.54 -30.79
CA ASN E 502 45.76 5.49 -31.19
C ASN E 502 44.89 4.86 -30.10
N TYR E 503 45.45 3.88 -29.37
CA TYR E 503 44.73 3.31 -28.23
C TYR E 503 44.46 4.38 -27.17
N TYR E 504 45.49 5.15 -26.80
CA TYR E 504 45.28 6.22 -25.84
C TYR E 504 44.31 7.27 -26.36
N LYS E 505 44.34 7.54 -27.67
CA LYS E 505 43.40 8.49 -28.25
C LYS E 505 41.97 8.00 -28.10
N LYS E 506 41.73 6.72 -28.40
CA LYS E 506 40.40 6.15 -28.27
C LYS E 506 39.94 6.16 -26.81
N LEU E 507 40.84 5.80 -25.89
CA LEU E 507 40.50 5.79 -24.48
C LEU E 507 40.18 7.19 -23.99
N LEU E 508 40.96 8.18 -24.43
CA LEU E 508 40.71 9.57 -24.05
C LEU E 508 39.36 10.04 -24.59
N LYS E 509 39.05 9.69 -25.84
CA LYS E 509 37.76 10.08 -26.41
C LYS E 509 36.61 9.48 -25.61
N ALA E 510 36.71 8.19 -25.29
CA ALA E 510 35.64 7.54 -24.53
C ALA E 510 35.50 8.15 -23.14
N PHE E 511 36.62 8.38 -22.45
CA PHE E 511 36.55 8.95 -21.11
C PHE E 511 36.03 10.37 -21.15
N GLU E 512 36.40 11.14 -22.17
CA GLU E 512 35.87 12.49 -22.29
C GLU E 512 34.37 12.48 -22.54
N ARG E 513 33.89 11.52 -23.34
CA ARG E 513 32.45 11.40 -23.53
C ARG E 513 31.74 11.01 -22.24
N SER E 514 32.35 10.14 -21.45
CA SER E 514 31.70 9.65 -20.23
C SER E 514 31.91 10.55 -19.01
N LYS E 515 32.79 11.55 -19.10
CA LYS E 515 33.09 12.38 -17.93
C LYS E 515 31.87 13.18 -17.48
N SER E 516 31.13 13.76 -18.44
CA SER E 516 30.01 14.60 -18.10
C SER E 516 28.82 13.82 -17.55
N LYS E 517 28.87 12.49 -17.60
CA LYS E 517 27.73 11.68 -17.15
C LYS E 517 27.42 11.89 -15.68
N ILE E 518 28.43 12.21 -14.86
CA ILE E 518 28.20 12.35 -13.42
C ILE E 518 27.29 13.53 -13.10
N PHE E 519 27.19 14.51 -13.99
CA PHE E 519 26.34 15.66 -13.75
C PHE E 519 24.87 15.38 -14.03
N ASN E 520 24.55 14.31 -14.75
CA ASN E 520 23.16 13.99 -15.06
C ASN E 520 22.41 13.58 -13.80
N ASP E 521 21.13 13.97 -13.74
CA ASP E 521 20.32 13.66 -12.57
C ASP E 521 19.97 12.18 -12.50
N SER E 522 19.58 11.58 -13.63
CA SER E 522 19.23 10.17 -13.64
C SER E 522 20.42 9.30 -13.29
N PHE E 523 21.61 9.65 -13.79
CA PHE E 523 22.81 8.91 -13.44
C PHE E 523 23.10 9.01 -11.95
N LYS E 524 22.92 10.20 -11.37
CA LYS E 524 23.14 10.38 -9.94
C LYS E 524 22.15 9.54 -9.14
N LYS E 525 20.89 9.51 -9.55
CA LYS E 525 19.90 8.69 -8.85
C LYS E 525 20.25 7.21 -8.94
N GLY E 526 20.70 6.76 -10.12
CA GLY E 526 21.10 5.36 -10.26
C GLY E 526 22.29 5.02 -9.40
N VAL E 527 23.28 5.92 -9.33
CA VAL E 527 24.44 5.68 -8.48
C VAL E 527 24.02 5.63 -7.02
N ILE E 528 23.08 6.51 -6.61
CA ILE E 528 22.59 6.48 -5.24
C ILE E 528 21.91 5.16 -4.93
N ARG E 529 21.05 4.70 -5.86
CA ARG E 529 20.37 3.42 -5.66
C ARG E 529 21.37 2.28 -5.54
N GLN E 530 22.40 2.28 -6.39
CA GLN E 530 23.41 1.22 -6.30
C GLN E 530 24.18 1.29 -5.00
N ALA E 531 24.56 2.50 -4.56
CA ALA E 531 25.32 2.66 -3.33
C ALA E 531 24.50 2.36 -2.10
N GLU E 532 23.16 2.35 -2.22
CA GLU E 532 22.33 1.97 -1.09
C GLU E 532 22.69 0.59 -0.58
N PHE E 533 22.95 -0.36 -1.49
CA PHE E 533 23.33 -1.71 -1.08
C PHE E 533 24.70 -1.71 -0.41
N LEU E 534 25.65 -0.94 -0.93
CA LEU E 534 27.00 -0.94 -0.40
C LEU E 534 27.04 -0.38 1.03
N PHE E 535 26.32 0.70 1.29
CA PHE E 535 26.36 1.35 2.58
C PHE E 535 25.52 0.66 3.64
N ARG E 536 24.74 -0.36 3.26
CA ARG E 536 23.81 -0.96 4.22
C ARG E 536 24.57 -1.68 5.32
N GLN E 537 24.12 -1.47 6.56
CA GLN E 537 24.69 -2.12 7.74
C GLN E 537 23.55 -2.78 8.49
N ARG E 538 23.55 -4.10 8.55
CA ARG E 538 22.47 -4.83 9.18
C ARG E 538 22.44 -4.57 10.68
N SER E 539 21.24 -4.63 11.26
CA SER E 539 21.02 -4.49 12.70
C SER E 539 21.59 -3.16 13.22
N PHE E 540 21.07 -2.08 12.66
CA PHE E 540 21.48 -0.73 13.06
C PHE E 540 20.37 0.09 13.66
N ILE E 541 19.20 0.14 13.03
CA ILE E 541 18.10 0.94 13.55
C ILE E 541 17.61 0.39 14.88
N GLN E 542 17.42 -0.92 14.97
CA GLN E 542 16.91 -1.51 16.19
C GLN E 542 17.95 -1.58 17.30
N THR E 543 19.23 -1.35 16.98
CA THR E 543 20.27 -1.22 17.98
C THR E 543 20.63 0.24 18.26
N LEU E 544 19.81 1.18 17.77
CA LEU E 544 20.07 2.59 17.95
C LEU E 544 19.52 3.06 19.28
N ASP E 545 20.36 3.78 20.04
CA ASP E 545 19.99 4.30 21.36
C ASP E 545 19.54 3.19 22.30
N THR E 546 20.44 2.24 22.53
CA THR E 546 20.18 1.09 23.38
C THR E 546 20.91 1.17 24.71
N ASN E 547 22.11 1.75 24.72
CA ASN E 547 22.87 1.86 25.96
C ASN E 547 22.20 2.87 26.88
N PRO E 548 21.70 2.46 28.05
CA PRO E 548 20.99 3.42 28.92
C PRO E 548 21.90 4.53 29.43
N HIS E 549 23.18 4.24 29.63
CA HIS E 549 24.07 5.23 30.23
C HIS E 549 24.33 6.40 29.29
N LEU E 550 24.49 6.12 28.00
CA LEU E 550 24.71 7.19 27.03
C LEU E 550 23.45 8.03 26.89
N LEU E 551 23.63 9.34 26.85
CA LEU E 551 22.53 10.28 26.81
C LEU E 551 22.77 11.32 25.74
N GLY E 552 21.73 11.64 24.97
CA GLY E 552 21.82 12.64 23.92
C GLY E 552 21.68 14.03 24.50
N VAL E 553 22.69 14.86 24.25
CA VAL E 553 22.75 16.22 24.79
C VAL E 553 23.01 17.18 23.64
N GLY E 554 22.63 18.44 23.84
CA GLY E 554 22.77 19.41 22.77
C GLY E 554 24.21 19.62 22.33
N ASN E 555 25.11 19.77 23.29
CA ASN E 555 26.50 20.08 22.95
C ASN E 555 27.36 18.84 22.75
N GLY E 556 26.79 17.65 22.88
CA GLY E 556 27.56 16.44 22.69
C GLY E 556 26.82 15.23 23.25
N VAL E 557 27.57 14.18 23.51
CA VAL E 557 27.04 12.94 24.08
C VAL E 557 27.58 12.83 25.49
N LEU E 558 26.68 12.86 26.47
CA LEU E 558 27.09 12.80 27.87
C LEU E 558 26.96 11.39 28.44
N SER E 559 27.97 10.57 28.24
CA SER E 559 27.95 9.22 28.76
C SER E 559 27.94 9.23 30.28
N ILE E 560 27.04 8.46 30.88
CA ILE E 560 27.01 8.37 32.34
C ILE E 560 27.40 6.98 32.79
N GLU E 561 28.06 6.23 31.91
CA GLU E 561 28.47 4.87 32.24
C GLU E 561 29.20 4.89 33.57
N THR E 562 30.18 5.79 33.69
CA THR E 562 30.88 5.92 34.97
C THR E 562 30.15 6.98 35.78
N ILE E 563 30.39 7.00 37.09
CA ILE E 563 29.67 7.95 37.95
C ILE E 563 29.75 9.36 37.36
N PRO E 564 30.97 9.83 37.04
CA PRO E 564 31.04 11.14 36.39
C PRO E 564 30.49 11.08 34.97
N ALA E 565 29.63 12.02 34.62
CA ALA E 565 29.06 12.04 33.27
C ALA E 565 30.04 12.69 32.30
N LYS E 566 30.44 11.97 31.27
CA LYS E 566 31.39 12.50 30.30
C LYS E 566 30.72 12.95 29.02
N LEU E 567 30.87 14.22 28.68
CA LEU E 567 30.23 14.74 27.47
C LEU E 567 31.17 14.69 26.27
N ILE E 568 31.29 13.51 25.67
CA ILE E 568 32.11 13.36 24.47
C ILE E 568 31.77 14.46 23.49
N ASN E 569 32.69 15.43 23.33
CA ASN E 569 32.52 16.50 22.36
C ASN E 569 33.45 16.34 21.17
N HIS E 570 34.00 15.14 20.96
CA HIS E 570 34.87 14.86 19.83
C HIS E 570 34.36 13.65 19.06
N PHE E 571 35.15 13.15 18.12
CA PHE E 571 34.74 12.00 17.33
C PHE E 571 34.58 10.77 18.20
N HIS E 572 33.54 9.98 17.90
CA HIS E 572 33.29 8.73 18.59
C HIS E 572 32.59 7.79 17.62
N GLU E 573 32.04 6.69 18.14
CA GLU E 573 31.37 5.72 17.30
C GLU E 573 30.04 5.22 17.86
N HIS E 574 29.58 5.77 18.98
CA HIS E 574 28.34 5.30 19.57
C HIS E 574 27.15 5.68 18.70
N PRO E 575 26.14 4.80 18.59
CA PRO E 575 24.94 5.10 17.78
C PRO E 575 23.91 5.93 18.54
N ILE E 576 24.12 7.25 18.53
CA ILE E 576 23.26 8.18 19.25
C ILE E 576 22.51 9.02 18.24
N HIS E 577 21.18 8.97 18.29
CA HIS E 577 20.33 9.75 17.42
C HIS E 577 19.30 10.58 18.17
N GLN E 578 18.75 10.04 19.26
CA GLN E 578 17.84 10.81 20.10
C GLN E 578 18.63 11.67 21.06
N TYR E 579 18.14 12.89 21.31
CA TYR E 579 18.85 13.84 22.14
C TYR E 579 17.88 14.88 22.67
N THR E 580 18.34 15.61 23.68
CA THR E 580 17.63 16.77 24.21
C THR E 580 18.42 18.04 23.87
N HIS E 581 17.69 19.15 23.76
CA HIS E 581 18.27 20.42 23.37
C HIS E 581 18.78 21.23 24.55
N ILE E 582 19.12 20.58 25.65
CA ILE E 582 19.60 21.24 26.85
C ILE E 582 21.12 21.05 26.90
N CYS E 583 21.87 22.14 26.79
CA CYS E 583 23.32 22.07 26.90
C CYS E 583 23.73 21.70 28.32
N TYR E 584 24.84 20.98 28.44
CA TYR E 584 25.31 20.52 29.74
C TYR E 584 26.51 21.33 30.19
N VAL E 585 26.50 21.72 31.46
CA VAL E 585 27.66 22.35 32.09
C VAL E 585 27.89 21.61 33.42
N PRO E 586 29.13 21.53 33.91
CA PRO E 586 29.36 20.83 35.18
C PRO E 586 28.65 21.52 36.33
N PHE E 587 28.27 20.72 37.32
CA PHE E 587 27.54 21.22 38.48
C PHE E 587 28.41 22.18 39.27
N ASN E 588 28.10 23.46 39.19
CA ASN E 588 28.82 24.50 39.93
C ASN E 588 27.87 25.16 40.91
N PRO E 589 27.97 24.85 42.21
CA PRO E 589 27.06 25.49 43.19
C PRO E 589 27.22 27.00 43.25
N GLU E 590 28.39 27.54 42.87
CA GLU E 590 28.62 28.97 42.92
C GLU E 590 27.84 29.74 41.85
N ASN E 591 27.25 29.04 40.88
CA ASN E 591 26.48 29.73 39.85
C ASN E 591 25.25 30.39 40.46
N PRO E 592 24.92 31.62 40.05
CA PRO E 592 23.73 32.29 40.60
C PRO E 592 22.45 31.50 40.40
N TRP E 593 22.26 30.94 39.21
CA TRP E 593 21.07 30.11 38.97
C TRP E 593 21.10 28.86 39.85
N THR E 594 22.27 28.23 39.98
CA THR E 594 22.39 27.07 40.85
C THR E 594 22.09 27.44 42.30
N LYS E 595 22.59 28.59 42.75
CA LYS E 595 22.31 29.03 44.12
C LYS E 595 20.83 29.26 44.34
N LEU E 596 20.18 29.96 43.40
CA LEU E 596 18.75 30.23 43.53
C LEU E 596 17.94 28.94 43.54
N LEU E 597 18.27 28.02 42.63
CA LEU E 597 17.54 26.76 42.56
C LEU E 597 17.76 25.92 43.82
N LEU E 598 18.98 25.91 44.34
CA LEU E 598 19.25 25.17 45.57
C LEU E 598 18.49 25.77 46.75
N ASN E 599 18.44 27.10 46.82
CA ASN E 599 17.67 27.75 47.89
C ASN E 599 16.19 27.39 47.79
N ALA E 600 15.64 27.46 46.57
CA ALA E 600 14.23 27.13 46.38
C ALA E 600 13.96 25.67 46.72
N LEU E 601 14.88 24.77 46.35
CA LEU E 601 14.71 23.35 46.66
C LEU E 601 14.77 23.10 48.16
N GLN E 602 15.70 23.75 48.86
CA GLN E 602 15.78 23.59 50.31
C GLN E 602 14.53 24.14 50.98
N ASP E 603 13.95 25.21 50.43
CA ASP E 603 12.75 25.79 51.03
C ASP E 603 11.52 24.93 50.76
N ILE E 604 11.41 24.34 49.57
CA ILE E 604 10.17 23.67 49.18
C ILE E 604 9.94 22.42 50.03
N ILE E 605 11.01 21.71 50.38
CA ILE E 605 10.88 20.53 51.23
C ILE E 605 11.78 20.71 52.45
N PRO E 606 11.21 20.94 53.63
CA PRO E 606 12.01 21.31 54.81
C PRO E 606 12.93 20.22 55.32
N GLU E 607 12.39 19.02 55.53
CA GLU E 607 13.15 17.96 56.20
C GLU E 607 14.37 17.56 55.37
N LEU E 608 15.52 17.44 56.05
CA LEU E 608 16.76 17.08 55.37
C LEU E 608 16.66 15.69 54.74
N ASP E 609 16.25 14.70 55.53
CA ASP E 609 16.17 13.33 55.01
C ASP E 609 15.15 13.23 53.88
N ALA E 610 13.99 13.85 54.04
CA ALA E 610 12.98 13.82 52.99
C ALA E 610 13.50 14.52 51.73
N ARG E 611 14.16 15.67 51.90
CA ARG E 611 14.69 16.40 50.74
C ARG E 611 15.70 15.54 49.99
N LEU E 612 16.68 14.98 50.70
CA LEU E 612 17.72 14.21 50.02
C LEU E 612 17.13 12.95 49.39
N TRP E 613 16.19 12.28 50.07
CA TRP E 613 15.61 11.07 49.50
C TRP E 613 14.80 11.38 48.25
N ILE E 614 14.02 12.46 48.28
CA ILE E 614 13.21 12.84 47.12
C ILE E 614 14.11 13.21 45.95
N MET E 615 15.17 13.97 46.21
CA MET E 615 16.08 14.33 45.12
C MET E 615 16.80 13.11 44.57
N PHE E 616 17.19 12.17 45.43
CA PHE E 616 17.80 10.94 44.95
C PHE E 616 16.83 10.15 44.07
N TYR E 617 15.56 10.08 44.48
CA TYR E 617 14.56 9.38 43.68
C TYR E 617 14.36 10.06 42.33
N LEU E 618 14.31 11.40 42.33
CA LEU E 618 14.12 12.12 41.08
C LEU E 618 15.32 12.00 40.15
N SER E 619 16.53 11.91 40.71
CA SER E 619 17.74 11.80 39.90
C SER E 619 17.81 10.50 39.12
N THR E 620 16.99 9.51 39.45
CA THR E 620 16.97 8.24 38.72
C THR E 620 16.31 8.36 37.36
N ALA E 621 15.70 9.51 37.04
CA ALA E 621 14.98 9.65 35.78
C ALA E 621 15.92 9.56 34.59
N ILE E 622 17.14 10.09 34.73
CA ILE E 622 18.07 10.10 33.60
C ILE E 622 18.47 8.69 33.20
N PHE E 623 18.64 7.80 34.17
CA PHE E 623 19.01 6.42 33.87
C PHE E 623 17.83 5.70 33.25
N ARG E 624 18.09 5.01 32.12
CA ARG E 624 17.04 4.33 31.37
C ARG E 624 17.22 2.81 31.39
N GLY E 625 17.73 2.27 32.50
CA GLY E 625 17.89 0.86 32.68
C GLY E 625 16.74 0.25 33.48
N LEU E 626 17.04 -0.85 34.15
CA LEU E 626 16.05 -1.51 35.00
C LEU E 626 16.11 -0.94 36.40
N LYS E 627 15.02 -0.33 36.84
CA LYS E 627 14.93 0.30 38.15
C LYS E 627 14.01 -0.50 39.05
N GLU E 628 14.03 -0.16 40.33
CA GLU E 628 13.20 -0.85 41.31
C GLU E 628 11.73 -0.49 41.12
N ALA E 629 10.86 -1.35 41.64
CA ALA E 629 9.42 -1.20 41.49
C ALA E 629 8.91 -0.24 42.58
N LEU E 630 9.25 1.03 42.43
CA LEU E 630 8.85 2.08 43.35
C LEU E 630 8.09 3.15 42.58
N MET E 631 6.84 3.40 42.97
CA MET E 631 6.01 4.42 42.34
C MET E 631 5.40 5.25 43.46
N LEU E 632 5.66 6.56 43.44
CA LEU E 632 5.53 7.39 44.63
C LEU E 632 4.34 8.33 44.55
N LEU E 633 3.81 8.68 45.73
CA LEU E 633 2.65 9.56 45.90
C LEU E 633 3.00 10.56 47.01
N TRP E 634 3.36 11.78 46.67
CA TRP E 634 3.58 12.78 47.71
C TRP E 634 2.47 13.83 47.56
N LEU E 635 1.33 13.54 48.20
CA LEU E 635 0.15 14.39 48.10
C LEU E 635 0.34 15.68 48.86
N GLY E 636 -0.27 16.75 48.35
CA GLY E 636 -0.21 18.04 49.01
C GLY E 636 -1.52 18.81 48.94
N GLY E 637 -1.44 20.06 48.52
CA GLY E 637 -2.62 20.88 48.39
C GLY E 637 -2.38 22.03 47.43
N GLY E 638 -3.23 23.04 47.52
CA GLY E 638 -3.12 24.21 46.67
C GLY E 638 -1.84 24.98 46.86
N CYS E 639 -1.13 25.22 45.76
CA CYS E 639 0.11 26.01 45.76
C CYS E 639 1.16 25.40 46.70
N ASN E 640 1.58 24.18 46.37
CA ASN E 640 2.63 23.50 47.12
C ASN E 640 3.88 23.24 46.29
N GLY E 641 3.95 23.79 45.07
CA GLY E 641 5.15 23.68 44.27
C GLY E 641 5.34 22.36 43.56
N LYS E 642 4.38 21.45 43.64
CA LYS E 642 4.51 20.16 42.96
C LYS E 642 4.60 20.34 41.44
N THR E 643 3.65 21.09 40.87
CA THR E 643 3.56 21.21 39.43
C THR E 643 4.81 21.86 38.86
N PHE E 644 5.34 22.87 39.55
CA PHE E 644 6.56 23.53 39.09
C PHE E 644 7.70 22.52 38.93
N LEU E 645 7.95 21.73 39.98
CA LEU E 645 9.06 20.78 39.93
C LEU E 645 8.82 19.69 38.88
N MET E 646 7.61 19.15 38.81
CA MET E 646 7.33 18.10 37.83
C MET E 646 7.50 18.63 36.40
N ARG E 647 6.93 19.81 36.11
CA ARG E 647 7.08 20.37 34.77
C ARG E 647 8.53 20.68 34.46
N LEU E 648 9.28 21.22 35.43
CA LEU E 648 10.67 21.55 35.19
C LEU E 648 11.47 20.31 34.82
N VAL E 649 11.26 19.22 35.58
CA VAL E 649 11.88 17.95 35.24
C VAL E 649 11.46 17.51 33.85
N ALA E 650 10.18 17.70 33.53
CA ALA E 650 9.64 17.24 32.26
C ALA E 650 10.35 17.89 31.08
N MET E 651 10.48 19.22 31.08
CA MET E 651 11.11 19.81 29.90
C MET E 651 12.62 20.00 30.07
N VAL E 652 13.21 19.58 31.19
CA VAL E 652 14.67 19.52 31.22
C VAL E 652 15.15 18.15 30.76
N LEU E 653 14.37 17.08 30.99
CA LEU E 653 14.77 15.77 30.49
C LEU E 653 14.56 15.65 28.99
N GLY E 654 13.63 16.39 28.43
CA GLY E 654 13.36 16.35 27.01
C GLY E 654 12.14 15.52 26.67
N ASP E 655 11.58 15.78 25.48
CA ASP E 655 10.40 15.06 25.04
C ASP E 655 10.70 13.58 24.83
N HIS E 656 11.84 13.26 24.23
CA HIS E 656 12.16 11.87 23.89
C HIS E 656 12.38 11.01 25.12
N TYR E 657 12.66 11.60 26.28
CA TYR E 657 13.01 10.83 27.46
C TYR E 657 11.98 10.90 28.57
N ALA E 658 11.11 11.90 28.58
CA ALA E 658 10.06 12.01 29.57
C ALA E 658 8.75 12.36 28.90
N SER E 659 7.64 11.95 29.51
CA SER E 659 6.32 12.20 28.94
C SER E 659 5.31 12.28 30.06
N LYS E 660 4.18 12.93 29.75
CA LYS E 660 3.07 13.07 30.69
C LYS E 660 2.01 12.02 30.40
N LEU E 661 1.44 11.47 31.47
CA LEU E 661 0.44 10.42 31.36
C LEU E 661 -0.87 10.88 31.99
N ASN E 662 -1.98 10.53 31.34
CA ASN E 662 -3.31 10.82 31.87
C ASN E 662 -3.60 9.92 33.07
N ILE E 663 -4.31 10.49 34.05
CA ILE E 663 -4.61 9.75 35.28
C ILE E 663 -5.48 8.54 34.99
N SER E 664 -6.24 8.60 33.91
CA SER E 664 -7.07 7.46 33.53
C SER E 664 -6.20 6.26 33.22
N LEU E 665 -4.91 6.50 33.00
CA LEU E 665 -3.99 5.41 32.68
C LEU E 665 -3.92 4.40 33.82
N LEU E 666 -3.98 4.88 35.05
CA LEU E 666 -3.85 3.99 36.20
C LEU E 666 -5.09 3.97 37.08
N THR E 667 -5.55 5.15 37.51
CA THR E 667 -6.71 5.21 38.40
C THR E 667 -8.01 5.10 37.63
N SER E 668 -8.24 3.95 37.01
CA SER E 668 -9.47 3.75 36.26
C SER E 668 -9.77 2.26 36.16
N CYS E 669 -10.83 1.90 35.46
CA CYS E 669 -11.15 0.49 35.27
C CYS E 669 -10.02 -0.16 34.47
N ARG E 670 -9.79 -1.45 34.73
CA ARG E 670 -8.74 -2.15 34.02
C ARG E 670 -8.85 -1.86 32.53
N GLU E 671 -7.81 -1.27 31.97
CA GLU E 671 -7.84 -0.93 30.54
C GLU E 671 -6.45 -0.69 30.00
N THR E 672 -6.30 -0.82 28.68
CA THR E 672 -5.00 -0.56 28.04
C THR E 672 -3.86 -1.17 28.85
N ALA E 673 -3.91 -2.48 29.04
CA ALA E 673 -2.84 -3.16 29.76
C ALA E 673 -1.55 -3.16 28.94
N GLU E 674 -1.65 -3.50 27.66
CA GLU E 674 -0.48 -3.56 26.81
C GLU E 674 -0.85 -3.31 25.34
N LYS E 675 -1.02 -2.04 24.97
CA LYS E 675 -1.43 -1.72 23.61
C LYS E 675 -0.97 -0.34 23.18
N PRO E 676 -0.82 -0.13 21.86
CA PRO E 676 -0.39 1.19 21.35
C PRO E 676 -1.47 2.24 21.49
N ASN E 677 -2.74 1.84 21.45
CA ASN E 677 -3.86 2.80 21.54
C ASN E 677 -3.63 3.97 22.48
N SER E 678 -3.07 3.72 23.65
CA SER E 678 -2.92 4.79 24.64
C SER E 678 -1.45 5.15 24.80
N ALA E 679 -1.20 6.25 25.50
CA ALA E 679 0.15 6.78 25.63
C ALA E 679 1.04 5.95 26.53
N PHE E 680 0.48 4.97 27.26
CA PHE E 680 1.31 4.16 28.14
C PHE E 680 2.32 3.33 27.37
N MET E 681 2.06 3.05 26.09
CA MET E 681 3.06 2.39 25.26
C MET E 681 4.16 3.36 24.84
N ARG E 682 3.87 4.65 24.86
CA ARG E 682 4.81 5.67 24.38
C ARG E 682 6.02 5.77 25.32
N LEU E 683 5.93 5.11 26.48
CA LEU E 683 7.05 5.02 27.41
C LEU E 683 8.22 4.20 26.87
N LYS E 684 8.17 3.76 25.62
CA LYS E 684 9.29 3.05 25.00
C LYS E 684 10.56 3.89 25.10
N GLY E 685 11.54 3.40 25.86
CA GLY E 685 12.80 4.09 26.03
C GLY E 685 12.75 5.34 26.90
N ARG E 686 11.57 5.83 27.24
CA ARG E 686 11.48 7.03 28.07
C ARG E 686 11.92 6.72 29.49
N GLY E 687 12.60 7.68 30.11
CA GLY E 687 13.17 7.50 31.43
C GLY E 687 12.40 8.12 32.59
N TYR E 688 11.29 8.81 32.33
CA TYR E 688 10.56 9.47 33.40
C TYR E 688 9.11 9.65 33.00
N GLY E 689 8.22 9.49 33.98
CA GLY E 689 6.81 9.74 33.79
C GLY E 689 6.18 10.39 35.00
N TYR E 690 5.19 11.25 34.79
CA TYR E 690 4.56 11.97 35.89
C TYR E 690 3.06 12.12 35.62
N PHE E 691 2.32 12.32 36.69
CA PHE E 691 0.87 12.51 36.63
C PHE E 691 0.52 13.92 37.08
N GLU E 692 -0.35 14.58 36.33
CA GLU E 692 -0.75 15.94 36.67
C GLU E 692 -1.75 15.95 37.82
N GLU E 693 -1.92 17.13 38.40
CA GLU E 693 -2.88 17.29 39.50
C GLU E 693 -4.30 17.18 38.98
N THR E 694 -5.18 16.60 39.80
CA THR E 694 -6.58 16.43 39.46
C THR E 694 -7.45 17.21 40.43
N ASN E 695 -8.57 17.72 39.93
CA ASN E 695 -9.43 18.63 40.68
C ASN E 695 -10.39 17.89 41.63
N LYS E 696 -10.15 16.62 41.94
CA LYS E 696 -11.01 15.89 42.85
C LYS E 696 -10.25 14.70 43.39
N SER E 697 -10.77 14.12 44.47
CA SER E 697 -10.22 12.90 45.02
C SER E 697 -10.40 11.75 44.03
N GLU E 698 -9.40 10.87 43.98
CA GLU E 698 -9.44 9.75 43.05
C GLU E 698 -9.16 8.46 43.81
N VAL E 699 -9.80 7.38 43.37
CA VAL E 699 -9.68 6.07 44.01
C VAL E 699 -8.77 5.19 43.18
N LEU E 700 -7.86 4.49 43.85
CA LEU E 700 -7.04 3.51 43.17
C LEU E 700 -7.87 2.28 42.82
N ASN E 701 -7.50 1.61 41.74
CA ASN E 701 -8.30 0.49 41.23
C ASN E 701 -7.50 -0.80 41.16
N THR E 702 -6.25 -0.80 41.64
CA THR E 702 -5.34 -1.96 41.72
C THR E 702 -5.25 -2.70 40.39
N SER E 703 -5.71 -2.07 39.32
CA SER E 703 -5.55 -2.58 37.96
C SER E 703 -4.34 -1.89 37.37
N ARG E 704 -3.46 -2.67 36.73
CA ARG E 704 -2.23 -2.27 36.07
C ARG E 704 -1.34 -1.39 36.96
N LEU E 705 -1.67 -1.27 38.25
CA LEU E 705 -0.69 -0.74 39.21
C LEU E 705 0.46 -1.73 39.37
N LYS E 706 0.12 -3.02 39.53
CA LYS E 706 1.12 -4.06 39.56
C LYS E 706 1.87 -4.16 38.23
N GLU E 707 1.16 -4.01 37.11
CA GLU E 707 1.81 -4.10 35.80
C GLU E 707 2.79 -2.96 35.60
N MET E 708 2.41 -1.73 36.00
CA MET E 708 3.31 -0.60 35.82
C MET E 708 4.57 -0.74 36.67
N VAL E 709 4.42 -1.13 37.94
CA VAL E 709 5.57 -1.22 38.82
C VAL E 709 6.45 -2.41 38.46
N ASN E 710 5.85 -3.50 38.00
CA ASN E 710 6.61 -4.71 37.74
C ASN E 710 7.63 -4.46 36.63
N PRO E 711 8.88 -4.89 36.79
CA PRO E 711 9.90 -4.70 35.74
C PRO E 711 9.90 -5.78 34.66
N GLY E 712 8.86 -6.62 34.58
CA GLY E 712 8.84 -7.66 33.57
C GLY E 712 8.72 -7.09 32.18
N ASP E 713 9.28 -7.83 31.22
CA ASP E 713 9.26 -7.41 29.82
C ASP E 713 7.86 -7.55 29.23
N GLU E 724 0.79 -4.96 22.24
CA GLU E 724 2.08 -5.63 22.26
C GLU E 724 2.65 -5.66 23.67
N SER E 725 3.97 -5.82 23.76
CA SER E 725 4.66 -5.83 25.04
C SER E 725 5.87 -4.90 24.97
N PHE E 726 6.21 -4.31 26.12
CA PHE E 726 7.34 -3.40 26.19
C PHE E 726 7.84 -3.36 27.62
N GLN E 727 9.06 -2.85 27.79
CA GLN E 727 9.62 -2.62 29.10
C GLN E 727 9.28 -1.22 29.58
N MET E 728 9.50 -0.99 30.88
CA MET E 728 9.25 0.31 31.51
C MET E 728 10.52 0.75 32.24
N THR E 729 11.38 1.45 31.51
CA THR E 729 12.61 2.00 32.08
C THR E 729 12.42 3.48 32.42
N ALA E 730 11.39 3.75 33.21
CA ALA E 730 11.00 5.11 33.53
C ALA E 730 10.64 5.21 35.01
N THR E 731 10.73 6.43 35.52
CA THR E 731 10.35 6.73 36.89
C THR E 731 8.94 7.31 36.90
N MET E 732 8.05 6.67 37.65
CA MET E 732 6.63 7.02 37.68
C MET E 732 6.26 7.65 39.02
N VAL E 733 5.53 8.75 38.97
CA VAL E 733 5.16 9.48 40.17
C VAL E 733 3.82 10.17 39.92
N ALA E 734 2.98 10.22 40.96
CA ALA E 734 1.69 10.88 40.91
C ALA E 734 1.52 11.77 42.12
N ALA E 735 0.82 12.89 41.92
CA ALA E 735 0.56 13.82 43.00
C ALA E 735 -0.79 14.49 42.77
N SER E 736 -1.41 14.93 43.88
CA SER E 736 -2.69 15.61 43.81
C SER E 736 -2.90 16.37 45.11
N ASN E 737 -3.80 17.36 45.05
CA ASN E 737 -4.18 18.11 46.25
C ASN E 737 -5.21 17.38 47.09
N TYR E 738 -5.76 16.27 46.60
CA TYR E 738 -6.77 15.51 47.31
C TYR E 738 -6.24 14.11 47.62
N ASN E 739 -6.68 13.58 48.75
CA ASN E 739 -6.21 12.27 49.20
C ASN E 739 -6.65 11.18 48.23
N PHE E 740 -5.74 10.25 47.95
CA PHE E 740 -6.07 9.09 47.13
C PHE E 740 -6.78 8.04 47.99
N ILE E 741 -7.49 7.15 47.30
CA ILE E 741 -8.24 6.08 47.95
C ILE E 741 -7.75 4.75 47.40
N ILE E 742 -7.35 3.85 48.31
CA ILE E 742 -6.85 2.52 47.96
C ILE E 742 -7.78 1.49 48.57
N ASP E 743 -8.24 0.55 47.73
CA ASP E 743 -9.17 -0.48 48.18
C ASP E 743 -8.48 -1.80 48.53
N THR E 744 -7.35 -2.12 47.89
CA THR E 744 -6.69 -3.39 48.13
C THR E 744 -6.04 -3.41 49.50
N THR E 745 -5.83 -4.63 50.01
CA THR E 745 -5.24 -4.84 51.32
C THR E 745 -4.01 -5.74 51.29
N ASP E 746 -3.83 -6.53 50.23
CA ASP E 746 -2.74 -7.50 50.17
C ASP E 746 -1.39 -6.80 50.22
N HIS E 747 -0.40 -7.50 50.77
CA HIS E 747 0.95 -6.97 50.91
C HIS E 747 1.67 -6.81 49.58
N GLY E 748 1.14 -7.38 48.49
CA GLY E 748 1.84 -7.29 47.21
C GLY E 748 2.02 -5.87 46.75
N THR E 749 0.96 -5.07 46.79
CA THR E 749 1.07 -3.67 46.42
C THR E 749 1.73 -2.86 47.53
N TRP E 750 1.45 -3.19 48.79
CA TRP E 750 2.02 -2.46 49.91
C TRP E 750 3.47 -2.81 50.17
N ARG E 751 4.00 -3.86 49.55
CA ARG E 751 5.43 -4.12 49.60
C ARG E 751 6.22 -3.01 48.93
N ARG E 752 5.57 -2.20 48.10
CA ARG E 752 6.20 -1.08 47.42
C ARG E 752 5.36 0.18 47.60
N LEU E 753 5.68 1.22 46.81
CA LEU E 753 5.01 2.51 46.84
C LEU E 753 5.36 3.29 48.09
N ARG E 754 5.50 4.61 47.97
CA ARG E 754 5.87 5.47 49.09
C ARG E 754 4.94 6.67 49.12
N HIS E 755 4.50 7.05 50.30
CA HIS E 755 3.60 8.18 50.49
C HIS E 755 4.33 9.31 51.19
N TYR E 756 3.90 10.54 50.90
CA TYR E 756 4.45 11.73 51.53
C TYR E 756 3.40 12.82 51.53
N ARG E 757 3.53 13.75 52.47
CA ARG E 757 2.62 14.88 52.60
C ARG E 757 3.43 16.17 52.62
N SER E 758 3.06 17.13 51.78
CA SER E 758 3.72 18.41 51.75
C SER E 758 3.23 19.27 52.91
N LYS E 759 4.14 20.07 53.47
CA LYS E 759 3.84 20.91 54.63
C LYS E 759 3.75 22.38 54.29
N VAL E 760 4.78 22.94 53.64
CA VAL E 760 4.77 24.36 53.31
C VAL E 760 3.82 24.62 52.16
N LYS E 761 3.01 25.68 52.30
CA LYS E 761 2.06 26.09 51.28
C LYS E 761 2.28 27.57 50.99
N PHE E 762 2.23 27.94 49.72
CA PHE E 762 2.54 29.29 49.28
C PHE E 762 1.29 30.17 49.33
N CYS E 763 1.39 31.29 50.03
CA CYS E 763 0.29 32.25 50.15
C CYS E 763 0.86 33.66 50.10
N HIS E 764 0.35 34.48 49.17
CA HIS E 764 0.86 35.84 49.03
C HIS E 764 0.61 36.67 50.29
N ASN E 765 -0.36 36.28 51.11
CA ASN E 765 -0.56 36.90 52.41
C ASN E 765 -0.07 35.96 53.49
N PRO E 766 1.20 36.07 53.90
CA PRO E 766 1.76 35.11 54.86
C PRO E 766 1.20 35.29 56.26
N ASP E 767 0.37 34.35 56.70
CA ASP E 767 -0.19 34.40 58.03
C ASP E 767 0.93 34.20 59.07
N PRO E 768 0.88 34.94 60.17
CA PRO E 768 1.92 34.83 61.19
C PRO E 768 1.77 33.53 61.98
N SER E 769 2.80 33.24 62.77
CA SER E 769 2.87 32.04 63.61
C SER E 769 2.74 30.75 62.80
N ASN E 770 3.17 30.78 61.54
CA ASN E 770 3.10 29.61 60.68
C ASN E 770 4.16 29.69 59.59
N PRO E 771 5.16 28.80 59.61
CA PRO E 771 6.19 28.81 58.56
C PRO E 771 5.72 28.23 57.23
N TYR E 772 4.47 27.79 57.13
CA TYR E 772 3.92 27.19 55.92
C TYR E 772 3.08 28.17 55.12
N GLU E 773 3.50 29.45 55.07
CA GLU E 773 2.78 30.48 54.34
C GLU E 773 3.59 31.02 53.17
N LYS E 774 4.80 31.52 53.43
CA LYS E 774 5.73 32.02 52.40
C LYS E 774 4.98 33.00 51.49
N LYS E 775 5.02 32.81 50.17
CA LYS E 775 4.36 33.70 49.22
C LYS E 775 4.37 33.04 47.86
N GLU E 776 3.45 33.48 47.00
CA GLU E 776 3.44 33.04 45.61
C GLU E 776 4.47 33.82 44.81
N ASP E 777 5.28 33.09 44.03
CA ASP E 777 6.26 33.71 43.16
C ASP E 777 5.78 33.57 41.72
N PRO E 778 5.07 34.56 41.17
CA PRO E 778 4.61 34.43 39.78
C PRO E 778 5.74 34.34 38.78
N ARG E 779 6.94 34.82 39.14
CA ARG E 779 8.08 34.75 38.23
C ARG E 779 8.65 33.34 38.12
N PHE E 780 8.33 32.45 39.06
CA PHE E 780 8.82 31.07 38.97
C PHE E 780 8.08 30.30 37.88
N ILE E 781 6.82 30.64 37.63
CA ILE E 781 5.99 29.91 36.68
C ILE E 781 5.83 30.68 35.37
N HIS E 782 5.50 31.97 35.46
CA HIS E 782 5.35 32.78 34.25
C HIS E 782 6.66 32.84 33.47
N GLU E 783 7.78 32.91 34.19
CA GLU E 783 9.10 32.85 33.58
C GLU E 783 9.98 31.93 34.42
N TYR E 784 11.30 31.96 34.21
CA TYR E 784 12.29 31.09 34.84
C TYR E 784 12.21 29.65 34.37
N ILE E 785 11.23 29.30 33.53
CA ILE E 785 11.11 27.96 32.98
C ILE E 785 11.64 27.90 31.55
N MET E 786 11.31 28.90 30.73
CA MET E 786 11.80 28.99 29.36
C MET E 786 13.26 29.40 29.29
N ASP E 787 13.85 29.80 30.40
CA ASP E 787 15.26 30.18 30.43
C ASP E 787 16.13 28.96 30.15
N PRO E 788 16.97 28.98 29.11
CA PRO E 788 17.93 27.88 28.94
C PRO E 788 18.90 27.74 30.10
N ASP E 789 19.31 28.86 30.71
CA ASP E 789 20.30 28.78 31.79
C ASP E 789 19.74 28.06 33.01
N CYS E 790 18.49 28.35 33.38
CA CYS E 790 17.89 27.66 34.52
C CYS E 790 17.77 26.18 34.27
N GLN E 791 17.37 25.80 33.05
CA GLN E 791 17.27 24.38 32.71
C GLN E 791 18.65 23.71 32.77
N ASN E 792 19.68 24.40 32.28
CA ASN E 792 21.03 23.85 32.33
C ASN E 792 21.47 23.64 33.77
N ALA E 793 21.21 24.62 34.64
CA ALA E 793 21.59 24.49 36.04
C ALA E 793 20.84 23.35 36.71
N PHE E 794 19.54 23.22 36.42
CA PHE E 794 18.75 22.14 37.00
C PHE E 794 19.26 20.78 36.53
N PHE E 795 19.61 20.66 35.25
CA PHE E 795 20.16 19.42 34.73
C PHE E 795 21.48 19.08 35.41
N SER E 796 22.32 20.10 35.62
CA SER E 796 23.58 19.88 36.33
C SER E 796 23.32 19.38 37.75
N ILE E 797 22.35 19.97 38.44
CA ILE E 797 22.02 19.54 39.78
C ILE E 797 21.54 18.10 39.78
N LEU E 798 20.69 17.75 38.80
CA LEU E 798 20.16 16.39 38.73
C LEU E 798 21.26 15.37 38.49
N VAL E 799 22.19 15.67 37.56
CA VAL E 799 23.26 14.72 37.31
C VAL E 799 24.21 14.65 38.50
N TYR E 800 24.41 15.76 39.20
CA TYR E 800 25.22 15.73 40.41
C TYR E 800 24.59 14.82 41.47
N PHE E 801 23.27 14.90 41.63
CA PHE E 801 22.60 14.05 42.61
C PHE E 801 22.60 12.59 42.16
N TRP E 802 22.52 12.33 40.86
CA TRP E 802 22.68 10.96 40.37
C TRP E 802 24.07 10.43 40.71
N GLU E 803 25.10 11.25 40.53
CA GLU E 803 26.45 10.84 40.92
C GLU E 803 26.54 10.57 42.42
N LYS E 804 25.90 11.44 43.21
CA LYS E 804 25.87 11.23 44.66
C LYS E 804 25.25 9.90 45.03
N LEU E 805 24.10 9.58 44.42
CA LEU E 805 23.46 8.30 44.68
C LEU E 805 24.30 7.13 44.17
N GLN E 806 25.09 7.36 43.12
CA GLN E 806 25.91 6.28 42.58
C GLN E 806 27.11 5.96 43.45
N LYS E 807 27.80 6.99 43.96
CA LYS E 807 29.04 6.73 44.70
C LYS E 807 28.77 6.11 46.06
N GLU E 808 27.75 6.60 46.77
CA GLU E 808 27.39 6.07 48.07
C GLU E 808 26.08 5.31 47.99
N TYR E 809 25.83 4.47 49.00
CA TYR E 809 24.64 3.62 49.07
C TYR E 809 24.56 2.66 47.89
N ASN E 810 25.70 2.34 47.28
CA ASN E 810 25.76 1.50 46.06
C ASN E 810 24.90 2.20 45.01
N GLY E 811 23.95 1.50 44.38
CA GLY E 811 23.08 2.13 43.40
C GLY E 811 21.61 1.98 43.74
N GLN E 812 21.29 0.96 44.54
CA GLN E 812 19.90 0.70 44.91
C GLN E 812 19.35 1.84 45.76
N ILE E 813 18.05 2.10 45.61
CA ILE E 813 17.41 3.16 46.37
C ILE E 813 16.87 2.68 47.71
N LYS E 814 16.66 1.38 47.89
CA LYS E 814 16.24 0.87 49.19
C LYS E 814 17.45 0.63 50.08
N LYS E 815 18.32 1.63 50.19
CA LYS E 815 19.46 1.59 51.08
C LYS E 815 19.67 2.87 51.87
N VAL E 816 19.17 4.00 51.41
CA VAL E 816 19.30 5.26 52.13
C VAL E 816 18.16 5.38 53.13
N PHE E 817 18.50 5.80 54.35
CA PHE E 817 17.54 5.87 55.45
C PHE E 817 16.92 7.26 55.49
N CYS E 818 15.60 7.31 55.27
CA CYS E 818 14.83 8.55 55.37
C CYS E 818 13.64 8.28 56.30
N PRO E 819 13.88 8.24 57.61
CA PRO E 819 12.83 7.76 58.53
C PRO E 819 11.54 8.54 58.45
N THR E 820 11.60 9.81 58.04
CA THR E 820 10.38 10.58 57.85
C THR E 820 9.48 9.93 56.82
N ILE E 821 10.04 9.46 55.70
CA ILE E 821 9.22 8.91 54.63
C ILE E 821 8.59 7.59 55.05
N GLU E 822 9.34 6.73 55.75
CA GLU E 822 8.76 5.47 56.20
C GLU E 822 7.70 5.71 57.27
N SER E 823 7.94 6.64 58.19
CA SER E 823 6.93 6.95 59.21
C SER E 823 5.67 7.49 58.57
N GLU E 824 5.80 8.40 57.60
CA GLU E 824 4.63 8.96 56.94
C GLU E 824 3.89 7.90 56.14
N THR E 825 4.62 7.02 55.45
CA THR E 825 3.98 5.95 54.69
C THR E 825 3.24 4.98 55.60
N GLU E 826 3.84 4.64 56.75
CA GLU E 826 3.18 3.76 57.71
C GLU E 826 1.93 4.43 58.27
N ALA E 827 2.00 5.73 58.57
CA ALA E 827 0.82 6.44 59.05
C ALA E 827 -0.28 6.46 57.99
N TYR E 828 0.09 6.66 56.73
CA TYR E 828 -0.90 6.67 55.65
C TYR E 828 -1.51 5.28 55.47
N ARG E 829 -0.71 4.23 55.64
CA ARG E 829 -1.25 2.88 55.55
C ARG E 829 -2.13 2.55 56.75
N LYS E 830 -1.87 3.18 57.89
CA LYS E 830 -2.81 3.09 59.00
C LYS E 830 -4.16 3.69 58.62
N SER E 831 -4.13 4.82 57.91
CA SER E 831 -5.32 5.31 57.23
C SER E 831 -5.64 4.39 56.05
N GLN E 832 -6.84 4.56 55.50
CA GLN E 832 -7.36 3.75 54.40
C GLN E 832 -7.45 2.27 54.76
N ASP E 833 -7.22 1.92 56.02
CA ASP E 833 -7.43 0.56 56.50
C ASP E 833 -8.84 0.49 57.06
N THR E 834 -9.77 -0.03 56.26
CA THR E 834 -11.19 0.09 56.52
C THR E 834 -11.75 -1.04 57.40
N LEU E 835 -11.23 -2.26 57.26
CA LEU E 835 -11.77 -3.36 58.05
C LEU E 835 -11.55 -3.14 59.54
N HIS E 836 -10.33 -2.77 59.94
CA HIS E 836 -10.08 -2.49 61.34
C HIS E 836 -10.80 -1.22 61.80
N ARG E 837 -10.94 -0.24 60.90
CA ARG E 837 -11.67 0.97 61.26
C ARG E 837 -13.12 0.66 61.60
N PHE E 838 -13.79 -0.14 60.76
CA PHE E 838 -15.16 -0.53 61.06
C PHE E 838 -15.23 -1.39 62.31
N ILE E 839 -14.27 -2.31 62.47
CA ILE E 839 -14.28 -3.18 63.66
C ILE E 839 -14.19 -2.36 64.93
N THR E 840 -13.32 -1.36 64.95
CA THR E 840 -13.20 -0.50 66.13
C THR E 840 -14.43 0.38 66.30
N GLU E 841 -14.94 0.96 65.22
CA GLU E 841 -15.99 1.97 65.33
C GLU E 841 -17.34 1.35 65.69
N ARG E 842 -17.71 0.27 65.03
CA ARG E 842 -19.09 -0.23 65.09
C ARG E 842 -19.24 -1.67 65.55
N VAL E 843 -18.15 -2.45 65.63
CA VAL E 843 -18.22 -3.84 66.04
C VAL E 843 -17.87 -3.91 67.53
N VAL E 844 -18.80 -4.44 68.32
CA VAL E 844 -18.59 -4.56 69.76
C VAL E 844 -18.88 -5.97 70.22
N VAL E 852 -23.41 -18.87 65.70
CA VAL E 852 -22.92 -19.50 64.49
C VAL E 852 -22.16 -18.49 63.63
N TYR E 853 -22.52 -17.21 63.78
CA TYR E 853 -21.89 -16.12 63.03
C TYR E 853 -22.01 -16.35 61.53
N ASN E 854 -23.26 -16.32 61.06
CA ASN E 854 -23.55 -16.53 59.65
C ASN E 854 -22.94 -15.46 58.77
N LEU E 855 -22.53 -14.32 59.36
CA LEU E 855 -21.82 -13.23 58.72
C LEU E 855 -22.70 -12.42 57.76
N SER E 856 -23.97 -12.79 57.58
CA SER E 856 -24.85 -11.98 56.75
C SER E 856 -24.99 -10.57 57.31
N GLU E 857 -25.22 -10.47 58.62
CA GLU E 857 -25.29 -9.15 59.25
C GLU E 857 -23.97 -8.40 59.10
N VAL E 858 -22.84 -9.09 59.30
CA VAL E 858 -21.53 -8.44 59.18
C VAL E 858 -21.27 -8.02 57.75
N VAL E 859 -21.59 -8.88 56.79
CA VAL E 859 -21.36 -8.55 55.38
C VAL E 859 -22.21 -7.36 54.96
N THR E 860 -23.49 -7.35 55.36
CA THR E 860 -24.35 -6.22 55.02
C THR E 860 -23.90 -4.93 55.71
N ALA E 861 -23.42 -5.04 56.95
CA ALA E 861 -22.88 -3.86 57.63
C ALA E 861 -21.67 -3.31 56.89
N TYR E 862 -20.76 -4.20 56.52
CA TYR E 862 -19.55 -3.78 55.84
C TYR E 862 -19.85 -3.18 54.48
N ALA E 863 -20.58 -3.91 53.66
CA ALA E 863 -20.89 -3.43 52.31
C ALA E 863 -21.56 -2.07 52.38
N GLU E 864 -22.58 -1.95 53.24
CA GLU E 864 -23.28 -0.68 53.38
C GLU E 864 -22.31 0.39 53.85
N TRP E 865 -21.46 0.04 54.80
CA TRP E 865 -20.49 0.99 55.32
C TRP E 865 -19.58 1.47 54.21
N TYR E 866 -19.00 0.54 53.46
CA TYR E 866 -18.10 0.91 52.39
C TYR E 866 -18.84 1.75 51.38
N ASN E 867 -20.01 1.29 50.96
CA ASN E 867 -20.79 2.01 49.95
C ASN E 867 -21.25 3.37 50.46
N THR E 868 -20.86 3.73 51.67
CA THR E 868 -21.30 5.01 52.24
C THR E 868 -20.14 5.82 52.78
N ASN E 869 -19.60 5.40 53.92
CA ASN E 869 -18.52 6.17 54.55
C ASN E 869 -17.30 6.30 53.64
N ILE E 870 -17.04 5.28 52.83
CA ILE E 870 -15.86 5.31 51.98
C ILE E 870 -16.20 5.02 50.52
N ASN E 871 -16.66 6.03 49.78
CA ASN E 871 -16.94 5.87 48.35
C ASN E 871 -18.14 4.98 48.09
N VAL E 872 -18.33 4.59 46.83
CA VAL E 872 -19.45 3.72 46.46
C VAL E 872 -18.99 2.69 45.47
N LYS E 873 -19.23 1.41 45.76
CA LYS E 873 -18.78 0.34 44.87
C LYS E 873 -19.37 -1.01 45.24
N ARG E 874 -19.32 -1.95 44.32
CA ARG E 874 -19.83 -3.29 44.60
C ARG E 874 -18.96 -3.96 45.63
N HIS E 875 -19.53 -4.85 46.43
CA HIS E 875 -18.78 -5.53 47.48
C HIS E 875 -19.00 -7.03 47.45
N ILE E 876 -18.58 -7.68 46.37
CA ILE E 876 -18.71 -9.12 46.27
C ILE E 876 -18.09 -9.74 47.52
N ALA E 877 -18.80 -10.69 48.12
CA ALA E 877 -18.32 -11.25 49.38
C ALA E 877 -17.44 -12.47 49.17
N LEU E 878 -18.02 -13.55 48.65
CA LEU E 878 -17.35 -14.85 48.46
C LEU E 878 -16.27 -15.10 49.51
N GLU E 879 -15.08 -14.53 49.29
CA GLU E 879 -13.96 -14.67 50.19
C GLU E 879 -13.87 -13.54 51.20
N LEU E 880 -14.83 -12.61 51.21
CA LEU E 880 -14.85 -11.58 52.24
C LEU E 880 -15.00 -12.18 53.62
N SER E 881 -15.62 -13.36 53.74
CA SER E 881 -15.62 -14.06 55.02
C SER E 881 -14.20 -14.42 55.45
N GLN E 882 -13.39 -14.91 54.50
CA GLN E 882 -12.00 -15.20 54.81
C GLN E 882 -11.22 -13.93 55.12
N GLU E 883 -11.52 -12.83 54.44
CA GLU E 883 -10.87 -11.56 54.76
C GLU E 883 -11.23 -11.10 56.17
N LEU E 884 -12.49 -11.24 56.56
CA LEU E 884 -12.90 -10.91 57.92
C LEU E 884 -12.21 -11.82 58.94
N GLU E 885 -12.06 -13.10 58.61
CA GLU E 885 -11.33 -14.02 59.47
C GLU E 885 -9.83 -13.83 59.39
N ASN E 886 -9.35 -12.93 58.52
CA ASN E 886 -7.98 -12.45 58.59
C ASN E 886 -7.82 -11.25 59.53
N SER E 887 -8.92 -10.74 60.07
CA SER E 887 -8.88 -9.57 60.94
C SER E 887 -8.95 -10.00 62.41
N VAL E 888 -8.98 -9.00 63.30
CA VAL E 888 -9.02 -9.28 64.74
C VAL E 888 -10.34 -9.92 65.15
N LEU E 889 -11.40 -9.74 64.38
CA LEU E 889 -12.68 -10.35 64.71
C LEU E 889 -12.66 -11.87 64.58
N GLU E 890 -11.63 -12.44 63.97
CA GLU E 890 -11.57 -13.88 63.80
C GLU E 890 -11.47 -14.60 65.13
N LYS E 891 -10.73 -14.04 66.08
CA LYS E 891 -10.56 -14.68 67.38
C LYS E 891 -11.90 -14.91 68.06
N TYR E 892 -12.76 -13.89 68.05
CA TYR E 892 -14.12 -14.03 68.55
C TYR E 892 -15.10 -14.29 67.40
N LEU E 893 -14.81 -15.35 66.65
CA LEU E 893 -15.62 -15.74 65.51
C LEU E 893 -15.71 -17.25 65.43
N GLN E 894 -16.84 -17.75 64.92
CA GLN E 894 -17.06 -19.17 64.69
C GLN E 894 -16.94 -19.42 63.19
N TRP E 895 -15.87 -20.09 62.77
CA TRP E 895 -15.65 -20.34 61.34
C TRP E 895 -16.76 -21.20 60.77
N SER E 896 -17.17 -22.23 61.49
CA SER E 896 -18.27 -23.07 61.03
C SER E 896 -19.58 -22.28 61.05
N PRO E 897 -20.45 -22.45 60.06
CA PRO E 897 -21.74 -21.74 60.00
C PRO E 897 -22.72 -22.21 61.07
N SER F 291 43.34 42.46 1.31
CA SER F 291 44.16 42.31 0.12
C SER F 291 45.09 41.11 0.25
N ILE F 292 45.36 40.71 1.50
CA ILE F 292 46.15 39.51 1.74
C ILE F 292 45.41 38.28 1.22
N LEU F 293 44.11 38.19 1.50
CA LEU F 293 43.26 37.12 1.00
C LEU F 293 42.59 37.47 -0.33
N MET F 294 43.14 38.44 -1.06
CA MET F 294 42.53 38.86 -2.31
C MET F 294 42.51 37.73 -3.33
N LEU F 295 43.57 36.92 -3.38
CA LEU F 295 43.63 35.83 -4.34
C LEU F 295 42.52 34.81 -4.12
N HIS F 296 42.22 34.49 -2.86
CA HIS F 296 41.13 33.57 -2.58
C HIS F 296 39.79 34.28 -2.66
N ASP F 297 38.73 33.48 -2.88
CA ASP F 297 37.36 33.95 -2.83
C ASP F 297 37.08 35.09 -3.81
N PRO F 298 36.97 34.81 -5.11
CA PRO F 298 36.57 35.86 -6.05
C PRO F 298 35.25 36.51 -5.70
N GLU F 299 34.41 35.87 -4.89
CA GLU F 299 33.22 36.52 -4.36
C GLU F 299 33.58 37.75 -3.52
N ALA F 300 34.77 37.78 -2.92
CA ALA F 300 35.24 39.00 -2.27
C ALA F 300 35.42 40.12 -3.28
N ARG F 301 35.98 39.80 -4.45
CA ARG F 301 36.06 40.78 -5.52
C ARG F 301 34.68 41.23 -5.96
N TYR F 302 33.73 40.28 -6.04
CA TYR F 302 32.37 40.62 -6.43
C TYR F 302 31.75 41.59 -5.44
N LEU F 303 31.91 41.32 -4.14
CA LEU F 303 31.39 42.22 -3.11
C LEU F 303 32.07 43.58 -3.17
N HIS F 304 33.38 43.59 -3.42
CA HIS F 304 34.12 44.85 -3.56
C HIS F 304 33.54 45.69 -4.69
N LYS F 305 33.36 45.08 -5.86
CA LYS F 305 32.81 45.81 -7.00
C LYS F 305 31.35 46.23 -6.76
N ILE F 306 30.60 45.43 -5.99
CA ILE F 306 29.24 45.80 -5.65
C ILE F 306 29.22 47.04 -4.77
N LEU F 307 30.02 47.03 -3.71
CA LEU F 307 30.05 48.15 -2.78
C LEU F 307 30.73 49.39 -3.35
N ASN F 308 31.52 49.25 -4.43
CA ASN F 308 32.09 50.42 -5.06
C ASN F 308 31.04 51.31 -5.70
N LEU F 309 29.86 50.77 -6.03
CA LEU F 309 28.81 51.57 -6.66
C LEU F 309 27.84 52.07 -5.58
N LEU F 310 28.36 52.98 -4.76
CA LEU F 310 27.60 53.65 -3.71
C LEU F 310 27.64 55.14 -4.05
N PRO F 311 26.65 55.65 -4.79
CA PRO F 311 26.78 56.99 -5.37
C PRO F 311 26.96 58.08 -4.32
N PRO F 312 26.12 58.14 -3.25
CA PRO F 312 26.39 59.13 -2.21
C PRO F 312 27.26 58.57 -1.09
N GLU F 313 27.56 59.41 -0.09
CA GLU F 313 28.30 58.98 1.09
C GLU F 313 27.36 58.17 1.96
N TYR F 314 27.33 56.85 1.72
CA TYR F 314 26.39 56.00 2.43
C TYR F 314 26.79 55.81 3.88
N TYR F 315 28.08 55.71 4.17
CA TYR F 315 28.52 55.34 5.51
C TYR F 315 28.27 56.45 6.51
N VAL F 316 28.56 57.70 6.12
CA VAL F 316 28.39 58.87 6.97
C VAL F 316 29.24 58.69 8.23
N GLU F 317 28.65 58.18 9.31
CA GLU F 317 29.39 57.62 10.44
C GLU F 317 28.69 56.33 10.89
N TYR F 318 29.29 55.67 11.87
CA TYR F 318 28.79 54.37 12.32
C TYR F 318 27.38 54.43 12.91
N PRO F 319 26.92 55.53 13.52
CA PRO F 319 25.49 55.62 13.83
C PRO F 319 24.66 55.60 12.55
N LEU F 320 23.52 54.92 12.60
CA LEU F 320 22.54 54.88 11.52
C LEU F 320 23.06 54.03 10.34
N TRP F 321 24.33 53.64 10.40
CA TRP F 321 24.92 52.85 9.32
C TRP F 321 25.63 51.62 9.83
N SER F 322 25.90 51.56 11.13
CA SER F 322 26.55 50.39 11.71
C SER F 322 25.68 49.18 11.47
N ASN F 323 24.40 49.39 11.25
CA ASN F 323 23.49 48.30 10.96
C ASN F 323 23.97 47.53 9.75
N VAL F 324 24.30 48.25 8.69
CA VAL F 324 24.82 47.60 7.49
C VAL F 324 26.16 46.96 7.81
N VAL F 325 26.95 47.63 8.66
CA VAL F 325 28.23 47.07 9.06
C VAL F 325 28.02 45.75 9.76
N PHE F 326 27.02 45.69 10.63
CA PHE F 326 26.71 44.45 11.32
C PHE F 326 26.27 43.41 10.32
N ALA F 327 25.54 43.84 9.30
CA ALA F 327 25.11 42.92 8.26
C ALA F 327 26.33 42.24 7.66
N LEU F 328 27.34 43.04 7.32
CA LEU F 328 28.56 42.47 6.77
C LEU F 328 29.26 41.62 7.81
N ALA F 329 29.39 42.14 9.03
CA ALA F 329 30.12 41.42 10.06
C ALA F 329 29.52 40.05 10.33
N ASN F 330 28.20 40.01 10.56
CA ASN F 330 27.56 38.74 10.88
C ASN F 330 27.51 37.82 9.67
N THR F 331 27.16 38.36 8.50
CA THR F 331 27.07 37.53 7.31
C THR F 331 28.44 37.10 6.82
N SER F 332 29.39 38.04 6.78
CA SER F 332 30.75 37.72 6.34
C SER F 332 31.55 37.17 7.49
N ALA F 333 31.22 35.96 7.94
CA ALA F 333 31.92 35.36 9.07
C ALA F 333 33.40 35.18 8.77
N ASN F 334 33.72 34.29 7.84
CA ASN F 334 35.11 34.02 7.52
C ASN F 334 35.94 35.29 7.33
N TYR F 335 35.29 36.44 7.19
CA TYR F 335 35.99 37.70 6.91
C TYR F 335 36.33 38.47 8.17
N ARG F 336 36.98 37.80 9.13
CA ARG F 336 37.49 38.52 10.31
C ARG F 336 38.52 39.57 9.93
N PRO F 337 39.56 39.28 9.12
CA PRO F 337 40.49 40.36 8.75
C PRO F 337 39.90 41.30 7.70
N LEU F 338 39.05 40.77 6.83
CA LEU F 338 38.42 41.63 5.83
C LEU F 338 37.41 42.60 6.43
N ALA F 339 36.93 42.35 7.64
CA ALA F 339 36.13 43.37 8.32
C ALA F 339 36.96 44.63 8.58
N GLU F 340 38.15 44.45 9.16
CA GLU F 340 39.04 45.58 9.36
C GLU F 340 39.51 46.15 8.01
N TRP F 341 39.68 45.30 7.01
CA TRP F 341 40.06 45.78 5.69
C TRP F 341 38.99 46.67 5.08
N PHE F 342 37.72 46.27 5.20
CA PHE F 342 36.63 47.11 4.73
C PHE F 342 36.55 48.41 5.52
N SER F 343 36.78 48.34 6.83
CA SER F 343 36.84 49.56 7.62
C SER F 343 37.92 50.50 7.08
N GLN F 344 39.10 49.96 6.79
CA GLN F 344 40.14 50.76 6.15
C GLN F 344 39.66 51.33 4.82
N LYS F 345 38.85 50.55 4.08
CA LYS F 345 38.29 51.03 2.83
C LYS F 345 37.13 52.00 3.03
N CYS F 346 36.52 52.02 4.21
CA CYS F 346 35.37 52.88 4.44
C CYS F 346 35.78 54.34 4.23
N PRO F 347 35.01 55.13 3.48
CA PRO F 347 35.42 56.50 3.17
C PRO F 347 35.55 57.39 4.39
N GLU F 348 34.89 57.08 5.50
CA GLU F 348 34.97 57.86 6.74
C GLU F 348 35.30 56.90 7.87
N LYS F 349 36.58 56.64 8.05
CA LYS F 349 37.08 55.63 8.99
C LYS F 349 38.54 55.95 9.28
N TRP F 350 39.28 54.95 9.78
CA TRP F 350 40.70 55.04 10.08
C TRP F 350 41.48 55.87 9.06
N ASN F 351 41.12 55.73 7.78
CA ASN F 351 41.80 56.50 6.74
C ASN F 351 41.61 58.00 6.95
N THR F 352 40.40 58.42 7.34
CA THR F 352 40.12 59.81 7.65
C THR F 352 40.23 60.11 9.14
N GLY F 353 40.99 59.31 9.89
CA GLY F 353 41.11 59.50 11.32
C GLY F 353 39.92 59.02 12.12
N GLY F 354 38.96 58.36 11.49
CA GLY F 354 37.78 57.91 12.19
C GLY F 354 37.88 56.49 12.71
N LYS F 355 39.04 56.13 13.27
CA LYS F 355 39.21 54.81 13.85
C LYS F 355 38.34 54.63 15.09
N GLU F 356 37.93 55.72 15.73
CA GLU F 356 37.01 55.62 16.86
C GLU F 356 35.62 55.17 16.41
N LYS F 357 35.27 55.38 15.13
CA LYS F 357 33.97 54.93 14.64
C LYS F 357 33.88 53.41 14.66
N LEU F 358 34.93 52.73 14.21
CA LEU F 358 34.95 51.27 14.29
C LEU F 358 35.30 50.77 15.69
N GLU F 359 35.83 51.64 16.55
CA GLU F 359 36.22 51.22 17.90
C GLU F 359 35.05 50.58 18.64
N LYS F 360 33.83 51.02 18.35
CA LYS F 360 32.63 50.38 18.88
C LYS F 360 32.12 49.27 17.98
N LEU F 361 32.83 48.96 16.88
CA LEU F 361 32.39 47.94 15.93
C LEU F 361 33.30 46.73 15.86
N TRP F 362 34.61 46.87 16.04
CA TRP F 362 35.48 45.71 16.08
C TRP F 362 35.67 45.16 17.50
N ASN F 363 35.21 45.89 18.51
CA ASN F 363 35.28 45.38 19.88
C ASN F 363 34.46 44.10 20.02
N ASP F 364 33.27 44.07 19.41
CA ASP F 364 32.46 42.86 19.36
C ASP F 364 32.73 42.14 18.04
N ALA F 365 33.95 41.61 17.94
CA ALA F 365 34.36 40.91 16.72
C ALA F 365 33.51 39.66 16.51
N SER F 366 33.43 38.80 17.52
CA SER F 366 32.53 37.65 17.43
C SER F 366 31.08 38.09 17.56
N HIS F 367 30.79 39.00 18.50
CA HIS F 367 29.53 39.72 18.62
C HIS F 367 28.39 38.83 19.14
N HIS F 368 28.62 37.52 19.21
CA HIS F 368 27.61 36.55 19.64
C HIS F 368 26.25 36.90 19.06
N THR F 369 26.19 36.87 17.72
CA THR F 369 25.18 37.60 16.97
C THR F 369 23.76 37.20 17.36
N GLU F 370 22.93 38.22 17.58
CA GLU F 370 21.49 38.07 17.80
C GLU F 370 20.81 37.95 16.44
N LYS F 371 19.49 38.16 16.39
CA LYS F 371 18.73 38.17 15.14
C LYS F 371 19.53 38.80 14.01
N LYS F 372 19.65 38.06 12.91
CA LYS F 372 20.73 38.25 11.95
C LYS F 372 20.29 39.05 10.74
N ILE F 373 21.14 39.99 10.33
CA ILE F 373 21.03 40.61 9.03
C ILE F 373 21.81 39.75 8.03
N THR F 374 21.41 39.82 6.77
CA THR F 374 21.99 38.97 5.74
C THR F 374 22.62 39.83 4.65
N LYS F 375 23.54 39.21 3.89
CA LYS F 375 24.17 39.89 2.77
C LYS F 375 23.17 40.25 1.68
N ARG F 376 21.98 39.63 1.70
CA ARG F 376 20.92 40.02 0.76
C ARG F 376 20.51 41.47 0.97
N SER F 377 20.65 41.97 2.20
CA SER F 377 20.41 43.39 2.45
C SER F 377 21.39 44.25 1.67
N ILE F 378 22.67 43.86 1.65
CA ILE F 378 23.65 44.57 0.83
C ILE F 378 23.31 44.41 -0.64
N MET F 379 22.87 43.21 -1.04
CA MET F 379 22.46 42.96 -2.41
C MET F 379 21.33 43.88 -2.84
N TYR F 380 20.48 44.27 -1.89
CA TYR F 380 19.28 45.06 -2.21
C TYR F 380 19.64 46.47 -2.68
N TRP F 381 20.54 47.15 -1.98
CA TRP F 381 20.96 48.48 -2.40
C TRP F 381 22.16 48.38 -3.34
N ALA F 382 22.33 49.44 -4.14
CA ALA F 382 23.19 49.45 -5.32
C ALA F 382 22.57 48.57 -6.40
N HIS F 383 21.46 47.92 -6.07
CA HIS F 383 20.59 47.22 -7.00
C HIS F 383 19.32 48.02 -7.27
N LYS F 384 18.60 48.39 -6.23
CA LYS F 384 17.42 49.25 -6.37
C LYS F 384 17.73 50.70 -6.02
N HIS F 385 19.00 51.08 -5.99
CA HIS F 385 19.41 52.46 -5.79
C HIS F 385 20.26 53.00 -6.93
N ALA F 386 21.17 52.19 -7.46
CA ALA F 386 22.06 52.60 -8.56
C ALA F 386 22.03 51.53 -9.64
N PRO F 387 21.06 51.59 -10.55
CA PRO F 387 21.00 50.61 -11.64
C PRO F 387 22.25 50.64 -12.51
N GLN F 388 22.37 49.62 -13.36
CA GLN F 388 23.53 49.43 -14.24
C GLN F 388 24.81 49.26 -13.44
N GLN F 389 25.95 49.15 -14.12
CA GLN F 389 27.25 48.98 -13.48
C GLN F 389 27.25 47.77 -12.56
N TYR F 390 26.58 47.89 -11.42
CA TYR F 390 26.29 46.75 -10.56
C TYR F 390 25.69 45.59 -11.36
N LYS F 391 24.64 45.87 -12.13
CA LYS F 391 24.05 44.82 -12.95
C LYS F 391 25.08 44.25 -13.90
N GLU F 392 25.91 45.09 -14.49
CA GLU F 392 26.89 44.63 -15.47
C GLU F 392 27.88 43.65 -14.84
N ILE F 393 28.38 43.96 -13.64
CA ILE F 393 29.27 43.02 -12.98
C ILE F 393 28.52 41.75 -12.58
N VAL F 394 27.22 41.85 -12.34
CA VAL F 394 26.43 40.66 -12.05
C VAL F 394 26.40 39.72 -13.25
N GLU F 395 26.08 40.25 -14.43
CA GLU F 395 26.16 39.38 -15.61
C GLU F 395 27.59 38.97 -15.91
N GLN F 396 28.57 39.78 -15.53
CA GLN F 396 29.96 39.38 -15.73
C GLN F 396 30.31 38.14 -14.92
N GLY F 397 29.87 38.11 -13.65
CA GLY F 397 30.07 36.91 -12.86
C GLY F 397 29.34 35.70 -13.41
N TYR F 398 28.09 35.92 -13.83
CA TYR F 398 27.33 34.82 -14.44
C TYR F 398 28.07 34.27 -15.66
N PHE F 399 28.53 35.17 -16.54
CA PHE F 399 29.22 34.75 -17.74
C PHE F 399 30.53 34.04 -17.41
N SER F 400 31.24 34.51 -16.38
CA SER F 400 32.47 33.84 -15.97
C SER F 400 32.19 32.40 -15.55
N ILE F 401 31.19 32.20 -14.71
CA ILE F 401 30.88 30.85 -14.24
C ILE F 401 30.46 29.96 -15.41
N LEU F 402 29.56 30.45 -16.26
CA LEU F 402 29.08 29.64 -17.36
C LEU F 402 30.18 29.33 -18.36
N ALA F 403 31.05 30.32 -18.64
CA ALA F 403 32.15 30.10 -19.56
C ALA F 403 33.13 29.08 -19.01
N GLU F 404 33.41 29.14 -17.71
CA GLU F 404 34.29 28.14 -17.12
C GLU F 404 33.70 26.74 -17.27
N TYR F 405 32.40 26.60 -16.98
CA TYR F 405 31.76 25.30 -17.11
C TYR F 405 31.77 24.81 -18.56
N VAL F 406 31.48 25.69 -19.51
CA VAL F 406 31.45 25.28 -20.91
C VAL F 406 32.84 24.89 -21.40
N TYR F 407 33.84 25.69 -21.04
CA TYR F 407 35.21 25.40 -21.48
C TYR F 407 35.72 24.10 -20.90
N SER F 408 35.39 23.83 -19.63
CA SER F 408 35.94 22.65 -18.96
C SER F 408 35.47 21.36 -19.62
N TYR F 409 34.19 21.27 -20.00
CA TYR F 409 33.61 20.02 -20.46
C TYR F 409 33.29 20.02 -21.96
N ASN F 410 33.92 20.92 -22.72
CA ASN F 410 33.83 20.91 -24.18
C ASN F 410 32.39 21.09 -24.66
N GLY F 411 31.73 22.14 -24.15
CA GLY F 411 30.45 22.53 -24.67
C GLY F 411 29.32 21.56 -24.46
N MET F 412 29.36 20.74 -23.42
CA MET F 412 28.26 19.86 -23.05
C MET F 412 27.69 20.32 -21.72
N LEU F 413 26.38 20.54 -21.68
CA LEU F 413 25.71 21.09 -20.51
C LEU F 413 24.79 20.05 -19.91
N GLU F 414 24.78 19.96 -18.59
CA GLU F 414 23.93 19.03 -17.86
C GLU F 414 23.19 19.76 -16.75
N HIS F 415 22.42 19.00 -15.97
CA HIS F 415 21.50 19.60 -15.01
C HIS F 415 22.24 20.35 -13.90
N TYR F 416 23.28 19.74 -13.34
CA TYR F 416 23.93 20.34 -12.17
C TYR F 416 24.62 21.64 -12.52
N MET F 417 25.16 21.75 -13.75
CA MET F 417 25.81 22.99 -14.16
C MET F 417 24.81 24.14 -14.22
N ILE F 418 23.68 23.91 -14.87
CA ILE F 418 22.62 24.92 -14.94
C ILE F 418 22.12 25.25 -13.54
N ALA F 419 22.03 24.23 -12.67
CA ALA F 419 21.59 24.45 -11.31
C ALA F 419 22.55 25.36 -10.55
N LYS F 420 23.86 25.13 -10.70
CA LYS F 420 24.85 26.00 -10.07
C LYS F 420 24.73 27.42 -10.58
N VAL F 421 24.61 27.59 -11.90
CA VAL F 421 24.51 28.93 -12.46
C VAL F 421 23.26 29.63 -11.93
N ILE F 422 22.13 28.92 -11.91
CA ILE F 422 20.89 29.52 -11.46
C ILE F 422 20.96 29.89 -9.99
N TYR F 423 21.50 28.99 -9.15
CA TYR F 423 21.60 29.30 -7.72
C TYR F 423 22.50 30.51 -7.49
N ALA F 424 23.60 30.61 -8.22
CA ALA F 424 24.40 31.82 -8.14
C ALA F 424 23.73 33.00 -8.82
N MET F 425 22.64 32.77 -9.54
CA MET F 425 22.02 33.81 -10.37
C MET F 425 20.72 34.33 -9.77
N MET F 426 20.00 33.53 -9.00
CA MET F 426 18.83 33.97 -8.24
C MET F 426 18.81 33.34 -6.85
N GLY F 427 19.93 33.42 -6.14
CA GLY F 427 20.02 32.79 -4.84
C GLY F 427 19.43 33.57 -3.68
N ASN F 428 18.94 34.78 -3.92
CA ASN F 428 18.42 35.63 -2.84
C ASN F 428 16.91 35.78 -2.88
N LYS F 429 16.20 34.94 -3.63
CA LYS F 429 14.76 35.06 -3.75
C LYS F 429 14.01 33.75 -3.52
N PHE F 430 14.70 32.61 -3.46
CA PHE F 430 14.04 31.32 -3.28
C PHE F 430 14.76 30.56 -2.17
N VAL F 431 14.02 29.65 -1.54
CA VAL F 431 14.55 28.81 -0.47
C VAL F 431 13.74 27.53 -0.42
N VAL F 432 14.41 26.43 -0.05
CA VAL F 432 13.81 25.10 -0.02
C VAL F 432 14.05 24.49 1.35
N ASP F 433 13.02 23.85 1.90
CA ASP F 433 13.15 23.17 3.18
C ASP F 433 12.21 21.98 3.22
N VAL F 434 12.66 20.89 3.83
CA VAL F 434 11.83 19.70 3.97
C VAL F 434 10.79 19.93 5.06
N ASP F 435 9.54 19.53 4.79
CA ASP F 435 8.45 19.72 5.73
C ASP F 435 8.46 18.58 6.75
N SER F 436 7.39 18.52 7.56
CA SER F 436 7.26 17.43 8.52
C SER F 436 7.09 16.08 7.83
N ASN F 437 6.36 16.05 6.71
CA ASN F 437 6.07 14.82 6.00
C ASN F 437 7.22 14.32 5.15
N GLY F 438 8.41 14.89 5.30
CA GLY F 438 9.54 14.50 4.49
C GLY F 438 9.46 14.92 3.04
N LYS F 439 8.67 15.96 2.74
CA LYS F 439 8.52 16.45 1.38
C LYS F 439 9.00 17.89 1.30
N TYR F 440 9.92 18.16 0.37
CA TYR F 440 10.46 19.48 0.17
C TYR F 440 9.39 20.44 -0.36
N VAL F 441 9.54 21.72 -0.04
CA VAL F 441 8.63 22.76 -0.52
C VAL F 441 9.46 23.96 -0.97
N TRP F 442 8.85 24.78 -1.83
CA TRP F 442 9.52 25.95 -2.39
C TRP F 442 8.89 27.22 -1.84
N PHE F 443 9.72 28.16 -1.40
CA PHE F 443 9.27 29.45 -0.91
C PHE F 443 9.94 30.55 -1.72
N GLU F 444 9.16 31.58 -2.08
CA GLU F 444 9.65 32.70 -2.87
C GLU F 444 9.33 34.00 -2.16
N PHE F 445 10.31 34.91 -2.12
CA PHE F 445 10.08 36.25 -1.60
C PHE F 445 9.32 37.07 -2.63
N VAL F 446 8.28 37.77 -2.20
CA VAL F 446 7.42 38.53 -3.09
C VAL F 446 7.94 39.96 -3.17
N LEU F 447 7.91 40.53 -4.37
CA LEU F 447 8.34 41.89 -4.62
C LEU F 447 7.27 42.66 -5.35
N PRO F 448 7.21 43.98 -5.18
CA PRO F 448 6.18 44.77 -5.87
C PRO F 448 6.40 44.77 -7.38
N GLY F 449 5.29 44.90 -8.11
CA GLY F 449 5.32 44.94 -9.55
C GLY F 449 5.18 43.61 -10.24
N GLN F 450 4.85 42.54 -9.52
CA GLN F 450 4.66 41.23 -10.11
C GLN F 450 3.30 40.68 -9.71
N PRO F 451 2.71 39.82 -10.54
CA PRO F 451 1.39 39.26 -10.19
C PRO F 451 1.45 38.48 -8.89
N MET F 452 0.42 38.64 -8.08
CA MET F 452 0.39 38.05 -6.75
C MET F 452 -1.04 38.12 -6.22
N ASN F 453 -1.31 37.34 -5.19
CA ASN F 453 -2.55 37.46 -4.46
C ASN F 453 -2.58 38.78 -3.70
N GLN F 454 -3.78 39.16 -3.25
CA GLN F 454 -3.94 40.43 -2.57
C GLN F 454 -3.29 40.40 -1.19
N GLY F 455 -2.46 41.39 -0.91
CA GLY F 455 -1.90 41.58 0.42
C GLY F 455 -0.77 40.67 0.81
N GLU F 456 -0.12 40.00 -0.13
CA GLU F 456 1.02 39.14 0.17
C GLU F 456 2.34 39.79 -0.23
N ILE F 457 2.43 41.11 -0.06
CA ILE F 457 3.62 41.85 -0.45
C ILE F 457 4.64 41.79 0.69
N TRP F 458 5.93 41.84 0.31
CA TRP F 458 7.05 41.87 1.25
C TRP F 458 7.04 40.67 2.18
N LYS F 459 6.55 39.53 1.71
CA LYS F 459 6.44 38.35 2.55
C LYS F 459 6.85 37.11 1.74
N TRP F 460 6.91 35.98 2.43
CA TRP F 460 7.28 34.71 1.82
C TRP F 460 6.02 33.92 1.48
N ARG F 461 5.92 33.47 0.24
CA ARG F 461 4.80 32.67 -0.24
C ARG F 461 5.23 31.23 -0.43
N LYS F 462 4.27 30.32 -0.30
CA LYS F 462 4.52 28.89 -0.51
C LYS F 462 4.04 28.50 -1.90
N GLU F 463 4.90 27.84 -2.66
CA GLU F 463 4.56 27.37 -4.00
C GLU F 463 4.82 25.88 -4.10
N VAL F 464 3.84 25.15 -4.63
CA VAL F 464 4.03 23.73 -4.87
C VAL F 464 4.96 23.47 -6.03
N ASN F 465 5.19 24.47 -6.89
CA ASN F 465 6.05 24.34 -8.05
C ASN F 465 6.53 25.74 -8.45
N PRO F 466 7.83 25.99 -8.48
CA PRO F 466 8.31 27.33 -8.82
C PRO F 466 8.13 27.65 -10.29
N ASP F 467 6.92 28.08 -10.66
CA ASP F 467 6.65 28.42 -12.06
C ASP F 467 7.54 29.56 -12.54
N GLU F 468 7.70 30.60 -11.71
CA GLU F 468 8.55 31.71 -12.10
C GLU F 468 9.99 31.27 -12.31
N LEU F 469 10.44 30.24 -11.58
CA LEU F 469 11.78 29.71 -11.82
C LEU F 469 11.90 29.10 -13.20
N HIS F 470 10.90 28.34 -13.63
CA HIS F 470 10.91 27.77 -14.98
C HIS F 470 10.90 28.86 -16.02
N ILE F 471 10.03 29.86 -15.85
CA ILE F 471 9.97 30.96 -16.79
C ILE F 471 11.31 31.70 -16.85
N TYR F 472 11.94 31.87 -15.69
CA TYR F 472 13.21 32.59 -15.62
C TYR F 472 14.32 31.81 -16.33
N ILE F 473 14.44 30.51 -16.04
CA ILE F 473 15.49 29.72 -16.68
C ILE F 473 15.23 29.56 -18.17
N SER F 474 13.98 29.70 -18.61
CA SER F 474 13.69 29.64 -20.04
C SER F 474 13.69 31.00 -20.72
N GLU F 475 13.83 32.09 -19.97
CA GLU F 475 13.79 33.43 -20.55
C GLU F 475 15.12 34.17 -20.39
N ASN F 476 15.62 34.32 -19.16
CA ASN F 476 16.80 35.12 -18.92
C ASN F 476 18.09 34.38 -19.24
N PHE F 477 18.11 33.06 -19.04
CA PHE F 477 19.34 32.29 -19.23
C PHE F 477 19.76 32.25 -20.70
N SER F 478 18.79 32.32 -21.61
CA SER F 478 19.11 32.31 -23.04
C SER F 478 19.97 33.52 -23.42
N ARG F 479 19.81 34.63 -22.71
CA ARG F 479 20.69 35.78 -22.97
C ARG F 479 22.13 35.46 -22.64
N VAL F 480 22.37 34.77 -21.52
CA VAL F 480 23.73 34.36 -21.18
C VAL F 480 24.28 33.37 -22.21
N MET F 481 23.43 32.46 -22.68
CA MET F 481 23.87 31.55 -23.73
C MET F 481 24.22 32.31 -25.01
N ASP F 482 23.45 33.35 -25.34
CA ASP F 482 23.77 34.16 -26.50
C ASP F 482 25.10 34.90 -26.31
N ARG F 483 25.37 35.37 -25.10
CA ARG F 483 26.66 35.97 -24.80
C ARG F 483 27.79 34.97 -25.02
N ILE F 484 27.60 33.73 -24.58
CA ILE F 484 28.61 32.70 -24.79
C ILE F 484 28.84 32.48 -26.28
N THR F 485 27.75 32.38 -27.05
CA THR F 485 27.88 32.15 -28.49
C THR F 485 28.62 33.29 -29.18
N GLU F 486 28.29 34.54 -28.84
CA GLU F 486 28.98 35.66 -29.48
C GLU F 486 30.43 35.75 -29.04
N HIS F 487 30.74 35.36 -27.80
CA HIS F 487 32.12 35.28 -27.35
C HIS F 487 32.90 34.25 -28.17
N ILE F 488 32.30 33.09 -28.40
CA ILE F 488 32.94 32.07 -29.23
C ILE F 488 33.14 32.58 -30.65
N LYS F 489 32.14 33.27 -31.20
CA LYS F 489 32.27 33.84 -32.54
C LYS F 489 33.41 34.85 -32.60
N TYR F 490 33.52 35.70 -31.58
CA TYR F 490 34.58 36.71 -31.56
C TYR F 490 35.95 36.05 -31.54
N HIS F 491 36.13 35.02 -30.73
CA HIS F 491 37.39 34.29 -30.76
C HIS F 491 37.61 33.59 -32.10
N LEU F 492 36.54 33.09 -32.72
CA LEU F 492 36.69 32.43 -34.02
C LEU F 492 37.17 33.41 -35.08
N SER F 493 36.68 34.65 -35.04
CA SER F 493 37.11 35.64 -36.02
C SER F 493 38.57 36.03 -35.86
N GLN F 494 39.17 35.80 -34.69
CA GLN F 494 40.55 36.17 -34.47
C GLN F 494 41.49 35.24 -35.24
N PRO F 495 42.64 35.73 -35.66
CA PRO F 495 43.61 34.88 -36.37
C PRO F 495 44.25 33.88 -35.41
N HIS F 496 44.23 32.60 -35.80
CA HIS F 496 44.82 31.54 -35.00
C HIS F 496 45.31 30.45 -35.94
N GLU F 497 46.00 29.47 -35.36
CA GLU F 497 46.46 28.32 -36.14
C GLU F 497 45.27 27.46 -36.53
N SER F 498 45.47 26.62 -37.55
CA SER F 498 44.37 25.87 -38.15
C SER F 498 43.66 25.00 -37.12
N ASN F 499 44.42 24.30 -36.28
CA ASN F 499 43.79 23.43 -35.29
C ASN F 499 42.97 24.21 -34.28
N ILE F 500 43.41 25.44 -33.96
CA ILE F 500 42.63 26.30 -33.06
C ILE F 500 41.27 26.60 -33.66
N LEU F 501 41.24 26.95 -34.95
CA LEU F 501 39.96 27.18 -35.62
C LEU F 501 39.13 25.91 -35.66
N ASN F 502 39.75 24.76 -35.90
CA ASN F 502 39.01 23.50 -35.90
C ASN F 502 38.45 23.21 -34.51
N TYR F 503 39.25 23.43 -33.46
CA TYR F 503 38.76 23.23 -32.10
C TYR F 503 37.59 24.15 -31.80
N TYR F 504 37.68 25.42 -32.20
CA TYR F 504 36.61 26.37 -31.92
C TYR F 504 35.35 26.04 -32.73
N LYS F 505 35.52 25.54 -33.95
CA LYS F 505 34.36 25.12 -34.74
C LYS F 505 33.67 23.92 -34.09
N LYS F 506 34.46 22.95 -33.62
CA LYS F 506 33.87 21.81 -32.92
C LYS F 506 33.14 22.26 -31.66
N LEU F 507 33.75 23.17 -30.90
CA LEU F 507 33.12 23.68 -29.69
C LEU F 507 31.82 24.41 -30.01
N LEU F 508 31.83 25.22 -31.08
CA LEU F 508 30.62 25.93 -31.48
C LEU F 508 29.52 24.96 -31.90
N LYS F 509 29.88 23.91 -32.64
CA LYS F 509 28.88 22.92 -33.03
C LYS F 509 28.30 22.22 -31.81
N ALA F 510 29.15 21.83 -30.86
CA ALA F 510 28.65 21.16 -29.66
C ALA F 510 27.75 22.09 -28.85
N PHE F 511 28.15 23.35 -28.70
CA PHE F 511 27.33 24.29 -27.93
C PHE F 511 26.01 24.57 -28.63
N GLU F 512 26.02 24.67 -29.96
CA GLU F 512 24.78 24.85 -30.70
C GLU F 512 23.86 23.66 -30.52
N ARG F 513 24.43 22.45 -30.51
CA ARG F 513 23.62 21.26 -30.25
C ARG F 513 23.02 21.30 -28.84
N SER F 514 23.81 21.71 -27.85
CA SER F 514 23.36 21.66 -26.47
C SER F 514 22.54 22.87 -26.05
N LYS F 515 22.47 23.92 -26.87
CA LYS F 515 21.74 25.13 -26.50
C LYS F 515 20.24 24.93 -26.44
N SER F 516 19.68 24.11 -27.33
CA SER F 516 18.24 23.92 -27.35
C SER F 516 17.73 23.06 -26.20
N LYS F 517 18.63 22.40 -25.46
CA LYS F 517 18.22 21.55 -24.35
C LYS F 517 17.70 22.34 -23.16
N ILE F 518 17.95 23.64 -23.11
CA ILE F 518 17.61 24.46 -21.94
C ILE F 518 16.11 24.71 -21.90
N PHE F 519 15.40 24.33 -22.97
CA PHE F 519 13.99 24.57 -23.07
C PHE F 519 13.14 23.31 -23.07
N ASN F 520 13.75 22.12 -23.18
CA ASN F 520 13.01 20.87 -23.12
C ASN F 520 12.42 20.67 -21.73
N ASP F 521 11.22 20.09 -21.68
CA ASP F 521 10.49 19.99 -20.41
C ASP F 521 11.24 19.11 -19.41
N SER F 522 11.64 17.91 -19.84
CA SER F 522 12.32 17.00 -18.92
C SER F 522 13.65 17.57 -18.45
N PHE F 523 14.37 18.26 -19.34
CA PHE F 523 15.64 18.88 -18.94
C PHE F 523 15.42 19.95 -17.88
N LYS F 524 14.40 20.78 -18.05
CA LYS F 524 14.11 21.81 -17.05
C LYS F 524 13.68 21.20 -15.73
N LYS F 525 12.87 20.14 -15.78
CA LYS F 525 12.45 19.47 -14.55
C LYS F 525 13.65 18.88 -13.81
N GLY F 526 14.56 18.25 -14.55
CA GLY F 526 15.76 17.71 -13.92
C GLY F 526 16.66 18.80 -13.36
N VAL F 527 16.75 19.94 -14.07
CA VAL F 527 17.53 21.06 -13.56
C VAL F 527 16.94 21.59 -12.26
N ILE F 528 15.61 21.68 -12.19
CA ILE F 528 14.96 22.10 -10.95
C ILE F 528 15.24 21.10 -9.84
N ARG F 529 15.14 19.80 -10.15
CA ARG F 529 15.40 18.78 -9.14
C ARG F 529 16.83 18.86 -8.63
N GLN F 530 17.79 19.15 -9.51
CA GLN F 530 19.17 19.28 -9.07
C GLN F 530 19.38 20.54 -8.25
N ALA F 531 18.85 21.68 -8.70
CA ALA F 531 18.97 22.92 -7.95
C ALA F 531 18.25 22.86 -6.61
N GLU F 532 17.33 21.90 -6.45
CA GLU F 532 16.67 21.69 -5.17
C GLU F 532 17.67 21.56 -4.03
N PHE F 533 18.71 20.76 -4.21
CA PHE F 533 19.68 20.54 -3.15
C PHE F 533 20.46 21.82 -2.84
N LEU F 534 20.81 22.59 -3.87
CA LEU F 534 21.59 23.79 -3.66
C LEU F 534 20.82 24.83 -2.85
N PHE F 535 19.53 24.99 -3.13
CA PHE F 535 18.73 26.02 -2.47
C PHE F 535 18.29 25.63 -1.06
N ARG F 536 18.53 24.39 -0.64
CA ARG F 536 18.06 23.95 0.66
C ARG F 536 18.75 24.73 1.78
N GLN F 537 17.94 25.14 2.76
CA GLN F 537 18.44 25.87 3.93
C GLN F 537 17.88 25.18 5.17
N ARG F 538 18.76 24.60 5.98
CA ARG F 538 18.34 23.87 7.15
C ARG F 538 17.75 24.83 8.19
N SER F 539 16.78 24.31 8.95
CA SER F 539 16.13 25.05 10.03
C SER F 539 15.49 26.34 9.51
N PHE F 540 14.52 26.16 8.62
CA PHE F 540 13.77 27.28 8.05
C PHE F 540 12.29 27.23 8.40
N ILE F 541 11.64 26.07 8.20
CA ILE F 541 10.21 25.97 8.46
C ILE F 541 9.92 26.18 9.94
N GLN F 542 10.72 25.54 10.81
CA GLN F 542 10.50 25.71 12.25
C GLN F 542 10.85 27.10 12.74
N THR F 543 11.54 27.91 11.93
CA THR F 543 11.84 29.30 12.26
C THR F 543 10.92 30.26 11.52
N LEU F 544 9.78 29.79 11.04
CA LEU F 544 8.84 30.61 10.28
C LEU F 544 7.72 31.10 11.20
N ASP F 545 7.46 32.40 11.17
CA ASP F 545 6.38 33.02 11.94
C ASP F 545 6.52 32.71 13.43
N THR F 546 7.75 32.78 13.94
CA THR F 546 8.02 32.46 15.33
C THR F 546 8.03 33.71 16.22
N ASN F 547 8.55 34.82 15.72
CA ASN F 547 8.61 36.04 16.51
C ASN F 547 7.20 36.60 16.69
N PRO F 548 6.72 36.74 17.93
CA PRO F 548 5.36 37.24 18.14
C PRO F 548 5.21 38.75 18.01
N HIS F 549 6.30 39.49 17.78
CA HIS F 549 6.24 40.93 17.66
C HIS F 549 6.08 41.40 16.22
N LEU F 550 5.94 40.48 15.27
CA LEU F 550 5.76 40.83 13.87
C LEU F 550 4.45 40.24 13.37
N LEU F 551 3.63 41.07 12.73
CA LEU F 551 2.34 40.65 12.22
C LEU F 551 2.30 40.85 10.70
N GLY F 552 1.89 39.81 9.99
CA GLY F 552 1.74 39.89 8.55
C GLY F 552 0.47 40.60 8.15
N VAL F 553 0.60 41.79 7.56
CA VAL F 553 -0.55 42.60 7.18
C VAL F 553 -0.63 42.72 5.66
N GLY F 554 -1.68 43.37 5.17
CA GLY F 554 -1.91 43.45 3.74
C GLY F 554 -1.00 44.41 3.00
N ASN F 555 -0.28 45.26 3.74
CA ASN F 555 0.62 46.23 3.13
C ASN F 555 2.01 46.11 3.75
N GLY F 556 2.50 44.87 3.85
CA GLY F 556 3.82 44.61 4.40
C GLY F 556 3.72 43.78 5.67
N VAL F 557 4.60 44.09 6.61
CA VAL F 557 4.63 43.41 7.92
C VAL F 557 4.62 44.47 9.01
N LEU F 558 3.79 44.24 10.02
CA LEU F 558 3.64 45.19 11.12
C LEU F 558 4.56 44.80 12.27
N SER F 559 5.32 45.78 12.77
CA SER F 559 6.25 45.56 13.86
C SER F 559 5.75 46.27 15.11
N ILE F 560 5.63 45.53 16.21
CA ILE F 560 5.19 46.07 17.49
C ILE F 560 6.27 45.92 18.55
N GLU F 561 7.53 45.81 18.14
CA GLU F 561 8.63 45.69 19.09
C GLU F 561 8.74 46.94 19.97
N THR F 562 8.61 48.11 19.37
CA THR F 562 8.73 49.38 20.08
C THR F 562 7.42 50.14 20.02
N ILE F 563 7.40 51.30 20.68
CA ILE F 563 6.23 52.18 20.71
C ILE F 563 6.67 53.52 20.14
N PRO F 564 5.98 54.06 19.12
CA PRO F 564 4.79 53.48 18.49
C PRO F 564 5.12 52.36 17.52
N ALA F 565 4.14 51.51 17.23
CA ALA F 565 4.36 50.41 16.28
C ALA F 565 4.67 50.96 14.90
N LYS F 566 5.65 50.34 14.24
CA LYS F 566 6.11 50.76 12.94
C LYS F 566 5.73 49.73 11.88
N LEU F 567 5.52 50.21 10.66
CA LEU F 567 5.17 49.37 9.53
C LEU F 567 6.35 49.28 8.59
N ILE F 568 6.71 48.06 8.18
CA ILE F 568 7.80 47.81 7.26
C ILE F 568 7.18 47.51 5.90
N ASN F 569 7.14 48.51 5.02
CA ASN F 569 6.62 48.35 3.68
C ASN F 569 7.74 48.34 2.64
N HIS F 570 8.92 47.89 3.04
CA HIS F 570 10.08 47.83 2.15
C HIS F 570 10.82 46.53 2.42
N PHE F 571 12.05 46.44 1.92
CA PHE F 571 12.83 45.22 2.04
C PHE F 571 13.17 44.93 3.50
N HIS F 572 13.24 43.65 3.83
CA HIS F 572 13.60 43.19 5.17
C HIS F 572 14.13 41.77 5.05
N GLU F 573 14.32 41.10 6.18
CA GLU F 573 14.82 39.74 6.20
C GLU F 573 14.11 38.83 7.18
N HIS F 574 13.09 39.30 7.88
CA HIS F 574 12.39 38.45 8.83
C HIS F 574 11.62 37.36 8.09
N PRO F 575 11.62 36.13 8.60
CA PRO F 575 10.88 35.02 7.96
C PRO F 575 9.39 35.02 8.29
N ILE F 576 8.63 35.82 7.55
CA ILE F 576 7.19 35.97 7.75
C ILE F 576 6.48 35.35 6.57
N HIS F 577 5.58 34.41 6.85
CA HIS F 577 4.79 33.76 5.81
C HIS F 577 3.28 33.90 6.02
N GLN F 578 2.80 33.74 7.25
CA GLN F 578 1.38 33.92 7.53
C GLN F 578 1.04 35.40 7.61
N TYR F 579 -0.15 35.76 7.12
CA TYR F 579 -0.52 37.16 7.04
C TYR F 579 -2.03 37.30 7.03
N THR F 580 -2.48 38.52 7.30
CA THR F 580 -3.87 38.91 7.15
C THR F 580 -3.98 39.99 6.09
N HIS F 581 -5.14 40.08 5.45
CA HIS F 581 -5.36 41.00 4.35
C HIS F 581 -5.88 42.35 4.78
N ILE F 582 -5.58 42.78 6.00
CA ILE F 582 -6.05 44.05 6.55
C ILE F 582 -4.90 45.05 6.45
N CYS F 583 -5.12 46.14 5.73
CA CYS F 583 -4.15 47.22 5.68
C CYS F 583 -4.11 47.95 7.01
N TYR F 584 -2.93 48.43 7.38
CA TYR F 584 -2.71 49.09 8.67
C TYR F 584 -2.50 50.58 8.45
N VAL F 585 -3.21 51.39 9.23
CA VAL F 585 -3.04 52.85 9.22
C VAL F 585 -2.94 53.30 10.66
N PRO F 586 -2.26 54.41 10.94
CA PRO F 586 -2.18 54.90 12.32
C PRO F 586 -3.57 55.26 12.85
N PHE F 587 -3.74 55.05 14.16
CA PHE F 587 -5.04 55.31 14.80
C PHE F 587 -5.36 56.80 14.71
N ASN F 588 -6.59 57.10 14.30
CA ASN F 588 -7.01 58.49 14.11
C ASN F 588 -8.50 58.63 14.40
N PRO F 589 -8.87 59.24 15.51
CA PRO F 589 -10.30 59.40 15.83
C PRO F 589 -11.06 60.28 14.84
N GLU F 590 -10.35 61.11 14.07
CA GLU F 590 -11.03 62.01 13.13
C GLU F 590 -11.71 61.26 11.99
N ASN F 591 -11.33 60.02 11.73
CA ASN F 591 -11.97 59.25 10.67
C ASN F 591 -13.43 59.01 11.01
N PRO F 592 -14.36 59.18 10.06
CA PRO F 592 -15.78 58.95 10.38
C PRO F 592 -16.06 57.52 10.85
N TRP F 593 -15.38 56.53 10.27
CA TRP F 593 -15.60 55.16 10.69
C TRP F 593 -15.09 54.93 12.10
N THR F 594 -13.99 55.59 12.47
CA THR F 594 -13.49 55.48 13.84
C THR F 594 -14.49 56.06 14.83
N LYS F 595 -15.08 57.21 14.50
CA LYS F 595 -16.11 57.78 15.37
C LYS F 595 -17.32 56.86 15.46
N LEU F 596 -17.74 56.30 14.33
CA LEU F 596 -18.87 55.38 14.34
C LEU F 596 -18.58 54.15 15.21
N LEU F 597 -17.37 53.60 15.11
CA LEU F 597 -17.01 52.44 15.92
C LEU F 597 -16.94 52.79 17.39
N LEU F 598 -16.39 53.96 17.73
CA LEU F 598 -16.35 54.36 19.13
C LEU F 598 -17.75 54.54 19.69
N ASN F 599 -18.65 55.14 18.90
CA ASN F 599 -20.04 55.26 19.33
C ASN F 599 -20.69 53.90 19.51
N ALA F 600 -20.39 52.95 18.60
CA ALA F 600 -20.95 51.61 18.72
C ALA F 600 -20.45 50.92 19.99
N LEU F 601 -19.16 51.04 20.30
CA LEU F 601 -18.65 50.47 21.54
C LEU F 601 -19.28 51.13 22.76
N GLN F 602 -19.51 52.44 22.70
CA GLN F 602 -20.21 53.10 23.78
C GLN F 602 -21.62 52.55 23.95
N ASP F 603 -22.31 52.30 22.83
CA ASP F 603 -23.67 51.78 22.88
C ASP F 603 -23.71 50.37 23.47
N ILE F 604 -22.79 49.50 23.01
CA ILE F 604 -22.81 48.12 23.48
C ILE F 604 -22.41 48.04 24.95
N ILE F 605 -21.42 48.82 25.37
CA ILE F 605 -20.96 48.78 26.75
C ILE F 605 -21.20 50.14 27.40
N PRO F 606 -22.33 50.33 28.09
CA PRO F 606 -22.56 51.60 28.79
C PRO F 606 -21.54 51.87 29.89
N GLU F 607 -21.04 50.83 30.55
CA GLU F 607 -20.08 51.02 31.64
C GLU F 607 -18.72 51.38 31.06
N LEU F 608 -18.21 52.55 31.44
CA LEU F 608 -16.91 53.00 30.93
C LEU F 608 -15.79 52.08 31.37
N ASP F 609 -15.78 51.70 32.65
CA ASP F 609 -14.72 50.83 33.15
C ASP F 609 -14.78 49.45 32.51
N ALA F 610 -15.98 48.91 32.33
CA ALA F 610 -16.12 47.63 31.64
C ALA F 610 -15.65 47.74 30.20
N ARG F 611 -15.97 48.85 29.53
CA ARG F 611 -15.49 49.07 28.17
C ARG F 611 -13.98 49.07 28.11
N LEU F 612 -13.34 49.81 29.03
CA LEU F 612 -11.88 49.86 29.05
C LEU F 612 -11.27 48.49 29.31
N TRP F 613 -11.83 47.75 30.28
CA TRP F 613 -11.27 46.44 30.59
C TRP F 613 -11.44 45.48 29.42
N ILE F 614 -12.60 45.49 28.75
CA ILE F 614 -12.83 44.61 27.63
C ILE F 614 -11.89 44.96 26.47
N MET F 615 -11.72 46.25 26.20
CA MET F 615 -10.80 46.64 25.13
C MET F 615 -9.38 46.24 25.45
N PHE F 616 -8.94 46.41 26.70
CA PHE F 616 -7.61 46.00 27.08
C PHE F 616 -7.42 44.49 26.94
N TYR F 617 -8.43 43.71 27.33
CA TYR F 617 -8.31 42.27 27.21
C TYR F 617 -8.25 41.84 25.74
N LEU F 618 -9.11 42.44 24.90
CA LEU F 618 -9.09 42.12 23.48
C LEU F 618 -7.81 42.61 22.79
N SER F 619 -7.13 43.59 23.39
CA SER F 619 -5.88 44.08 22.81
C SER F 619 -4.82 42.99 22.75
N THR F 620 -4.89 42.00 23.64
CA THR F 620 -3.91 40.93 23.65
C THR F 620 -4.13 39.90 22.54
N ALA F 621 -5.10 40.12 21.65
CA ALA F 621 -5.34 39.16 20.57
C ALA F 621 -4.24 39.23 19.53
N ILE F 622 -3.69 40.42 19.27
CA ILE F 622 -2.67 40.55 18.24
C ILE F 622 -1.37 39.88 18.67
N PHE F 623 -1.02 39.99 19.94
CA PHE F 623 0.20 39.36 20.44
C PHE F 623 0.06 37.86 20.43
N ARG F 624 1.01 37.17 19.82
CA ARG F 624 0.98 35.71 19.68
C ARG F 624 1.94 35.02 20.64
N GLY F 625 2.46 35.74 21.63
CA GLY F 625 3.32 35.16 22.64
C GLY F 625 2.54 34.67 23.83
N LEU F 626 3.28 34.29 24.87
CA LEU F 626 2.65 33.81 26.10
C LEU F 626 1.89 34.93 26.79
N LYS F 627 0.75 34.58 27.37
CA LYS F 627 -0.14 35.54 28.01
C LYS F 627 -0.56 35.02 29.38
N GLU F 628 -1.15 35.92 30.17
CA GLU F 628 -1.67 35.54 31.47
C GLU F 628 -2.86 34.60 31.31
N ALA F 629 -3.03 33.71 32.29
CA ALA F 629 -4.05 32.66 32.24
C ALA F 629 -5.41 33.28 32.58
N LEU F 630 -6.01 33.93 31.58
CA LEU F 630 -7.31 34.55 31.72
C LEU F 630 -8.21 34.12 30.56
N MET F 631 -9.51 34.07 30.83
CA MET F 631 -10.52 33.71 29.85
C MET F 631 -11.88 34.00 30.46
N LEU F 632 -12.78 34.60 29.67
CA LEU F 632 -14.03 35.11 30.21
C LEU F 632 -15.21 34.62 29.39
N LEU F 633 -16.39 34.77 29.98
CA LEU F 633 -17.66 34.50 29.32
C LEU F 633 -18.60 35.66 29.59
N TRP F 634 -19.54 35.89 28.68
CA TRP F 634 -20.55 36.91 28.94
C TRP F 634 -21.81 36.60 28.14
N LEU F 635 -22.94 36.61 28.83
CA LEU F 635 -24.22 36.15 28.28
C LEU F 635 -25.23 37.29 28.31
N GLY F 636 -26.37 37.04 27.68
CA GLY F 636 -27.44 38.02 27.65
C GLY F 636 -28.57 37.55 26.78
N GLY F 637 -29.54 38.43 26.60
CA GLY F 637 -30.68 38.15 25.75
C GLY F 637 -30.35 38.28 24.28
N GLY F 638 -31.34 37.97 23.45
CA GLY F 638 -31.15 38.06 22.02
C GLY F 638 -30.98 39.49 21.55
N CYS F 639 -30.38 39.63 20.36
CA CYS F 639 -30.09 40.92 19.75
C CYS F 639 -29.24 41.81 20.65
N ASN F 640 -28.40 41.19 21.49
CA ASN F 640 -27.56 41.97 22.39
C ASN F 640 -26.39 42.61 21.66
N GLY F 641 -25.84 41.93 20.65
CA GLY F 641 -24.67 42.41 19.96
C GLY F 641 -23.41 41.61 20.18
N LYS F 642 -23.50 40.43 20.80
CA LYS F 642 -22.32 39.59 21.00
C LYS F 642 -21.69 39.22 19.68
N THR F 643 -22.49 38.65 18.77
CA THR F 643 -21.96 38.09 17.54
C THR F 643 -21.26 39.16 16.71
N PHE F 644 -21.81 40.38 16.67
CA PHE F 644 -21.19 41.45 15.90
C PHE F 644 -19.75 41.68 16.34
N LEU F 645 -19.54 41.90 17.63
CA LEU F 645 -18.20 42.20 18.13
C LEU F 645 -17.27 41.00 17.99
N MET F 646 -17.74 39.81 18.40
CA MET F 646 -16.89 38.63 18.33
C MET F 646 -16.47 38.33 16.89
N ARG F 647 -17.43 38.33 15.97
CA ARG F 647 -17.12 38.05 14.58
C ARG F 647 -16.22 39.12 13.98
N LEU F 648 -16.47 40.40 14.32
CA LEU F 648 -15.63 41.47 13.79
C LEU F 648 -14.19 41.29 14.23
N VAL F 649 -13.97 40.98 15.51
CA VAL F 649 -12.61 40.71 15.98
C VAL F 649 -12.02 39.53 15.24
N ALA F 650 -12.80 38.46 15.09
CA ALA F 650 -12.28 37.24 14.47
C ALA F 650 -11.84 37.48 13.03
N MET F 651 -12.64 38.20 12.25
CA MET F 651 -12.28 38.40 10.85
C MET F 651 -11.40 39.63 10.63
N VAL F 652 -11.17 40.45 11.64
CA VAL F 652 -10.17 41.50 11.51
C VAL F 652 -8.78 40.98 11.89
N LEU F 653 -8.70 40.01 12.80
CA LEU F 653 -7.40 39.38 13.04
C LEU F 653 -7.00 38.45 11.90
N GLY F 654 -7.98 37.99 11.12
CA GLY F 654 -7.69 37.12 10.00
C GLY F 654 -7.78 35.65 10.37
N ASP F 655 -8.01 34.82 9.35
CA ASP F 655 -8.12 33.38 9.56
C ASP F 655 -6.80 32.77 9.99
N HIS F 656 -5.68 33.32 9.51
CA HIS F 656 -4.37 32.77 9.87
C HIS F 656 -4.08 32.95 11.35
N TYR F 657 -4.46 34.09 11.93
CA TYR F 657 -4.18 34.37 13.33
C TYR F 657 -5.36 34.15 14.26
N ALA F 658 -6.56 33.92 13.73
CA ALA F 658 -7.73 33.71 14.56
C ALA F 658 -8.75 32.88 13.79
N SER F 659 -9.55 32.11 14.52
CA SER F 659 -10.55 31.28 13.89
C SER F 659 -11.63 30.93 14.92
N LYS F 660 -12.78 30.51 14.42
CA LYS F 660 -13.85 30.02 15.26
C LYS F 660 -13.61 28.56 15.62
N LEU F 661 -13.80 28.24 16.90
CA LEU F 661 -13.63 26.87 17.37
C LEU F 661 -14.94 26.37 17.96
N ASN F 662 -15.15 25.05 17.86
CA ASN F 662 -16.40 24.45 18.29
C ASN F 662 -16.43 24.28 19.80
N ILE F 663 -17.63 24.43 20.37
CA ILE F 663 -17.79 24.37 21.82
C ILE F 663 -17.49 22.96 22.34
N SER F 664 -17.74 21.93 21.53
CA SER F 664 -17.50 20.56 21.97
C SER F 664 -16.02 20.28 22.21
N LEU F 665 -15.13 21.16 21.76
CA LEU F 665 -13.71 20.95 21.99
C LEU F 665 -13.39 20.92 23.48
N LEU F 666 -14.07 21.77 24.26
CA LEU F 666 -13.96 21.72 25.71
C LEU F 666 -15.19 21.12 26.39
N THR F 667 -16.33 21.07 25.70
CA THR F 667 -17.51 20.44 26.27
C THR F 667 -17.27 18.95 26.53
N SER F 668 -16.61 18.26 25.59
CA SER F 668 -16.33 16.85 25.74
C SER F 668 -15.15 16.66 26.67
N CYS F 669 -15.39 16.02 27.82
CA CYS F 669 -14.34 15.76 28.79
C CYS F 669 -13.44 14.60 28.37
N ARG F 670 -13.85 13.80 27.39
CA ARG F 670 -13.07 12.64 26.98
C ARG F 670 -11.96 13.05 26.04
N GLU F 671 -10.73 12.72 26.40
CA GLU F 671 -9.57 13.07 25.57
C GLU F 671 -9.37 12.03 24.49
N THR F 672 -8.92 12.49 23.32
CA THR F 672 -8.69 11.63 22.17
C THR F 672 -7.33 10.95 22.28
N ALA F 673 -7.30 9.67 21.89
CA ALA F 673 -6.07 8.87 21.98
C ALA F 673 -5.28 8.90 20.67
N GLU F 674 -5.90 8.44 19.59
CA GLU F 674 -5.28 8.39 18.27
C GLU F 674 -6.05 9.27 17.31
N LYS F 675 -5.33 10.00 16.46
CA LYS F 675 -5.89 11.01 15.57
C LYS F 675 -6.72 11.99 16.40
N PRO F 676 -6.07 12.88 17.16
CA PRO F 676 -6.81 13.84 17.97
C PRO F 676 -7.64 14.79 17.12
N ASN F 677 -8.39 15.65 17.81
CA ASN F 677 -9.30 16.56 17.14
C ASN F 677 -8.55 17.48 16.19
N SER F 678 -8.97 17.50 14.92
CA SER F 678 -8.45 18.51 14.00
C SER F 678 -8.92 19.90 14.39
N ALA F 679 -10.08 19.99 15.05
CA ALA F 679 -10.52 21.27 15.62
C ALA F 679 -9.56 21.72 16.72
N PHE F 680 -9.06 20.78 17.52
CA PHE F 680 -8.04 21.10 18.51
C PHE F 680 -6.77 21.63 17.87
N MET F 681 -6.56 21.35 16.58
CA MET F 681 -5.40 21.84 15.85
C MET F 681 -5.64 23.21 15.21
N ARG F 682 -6.87 23.72 15.27
CA ARG F 682 -7.15 25.05 14.73
C ARG F 682 -6.46 26.16 15.51
N LEU F 683 -5.99 25.89 16.73
CA LEU F 683 -5.35 26.89 17.56
C LEU F 683 -3.85 26.98 17.35
N LYS F 684 -3.28 26.19 16.43
CA LYS F 684 -1.86 26.29 16.13
C LYS F 684 -1.51 27.66 15.57
N GLY F 685 -0.75 28.44 16.33
CA GLY F 685 -0.38 29.79 15.94
C GLY F 685 -1.49 30.81 16.07
N ARG F 686 -2.75 30.37 16.12
CA ARG F 686 -3.86 31.30 16.27
C ARG F 686 -3.83 31.94 17.66
N GLY F 687 -4.20 33.22 17.71
CA GLY F 687 -4.17 33.95 18.97
C GLY F 687 -5.54 34.27 19.51
N TYR F 688 -6.59 33.81 18.82
CA TYR F 688 -7.95 34.17 19.20
C TYR F 688 -8.92 33.09 18.75
N GLY F 689 -9.89 32.79 19.60
CA GLY F 689 -10.94 31.83 19.30
C GLY F 689 -12.18 32.07 20.13
N TYR F 690 -13.36 31.90 19.54
CA TYR F 690 -14.61 32.22 20.21
C TYR F 690 -15.59 31.06 20.08
N PHE F 691 -16.44 30.91 21.09
CA PHE F 691 -17.42 29.83 21.17
C PHE F 691 -18.80 30.44 21.36
N GLU F 692 -19.71 30.20 20.42
CA GLU F 692 -21.12 30.56 20.60
C GLU F 692 -22.02 29.38 20.20
N GLU F 693 -22.16 28.43 21.13
CA GLU F 693 -23.05 27.28 20.95
C GLU F 693 -23.38 26.71 22.32
N THR F 694 -24.61 26.90 22.78
CA THR F 694 -25.07 26.33 24.04
C THR F 694 -26.54 25.93 23.92
N ASN F 695 -26.82 24.67 24.18
CA ASN F 695 -28.19 24.17 24.30
C ASN F 695 -28.59 24.09 25.77
N LYS F 696 -29.22 25.17 26.27
CA LYS F 696 -29.54 25.34 27.67
C LYS F 696 -28.26 25.36 28.50
N SER F 697 -28.39 25.26 29.82
CA SER F 697 -27.21 25.29 30.68
C SER F 697 -26.34 24.07 30.43
N GLU F 698 -25.03 24.29 30.41
CA GLU F 698 -24.06 23.24 30.12
C GLU F 698 -22.93 23.28 31.14
N VAL F 699 -22.41 22.10 31.47
CA VAL F 699 -21.32 21.96 32.43
C VAL F 699 -20.04 21.66 31.67
N LEU F 700 -19.01 22.47 31.91
CA LEU F 700 -17.75 22.31 31.20
C LEU F 700 -16.85 21.31 31.92
N ASN F 701 -15.78 20.91 31.22
CA ASN F 701 -14.92 19.83 31.73
C ASN F 701 -14.21 20.24 33.00
N THR F 702 -13.69 21.48 33.06
CA THR F 702 -12.88 21.98 34.17
C THR F 702 -11.59 21.19 34.31
N SER F 703 -11.34 20.27 33.40
CA SER F 703 -10.10 19.50 33.35
C SER F 703 -9.28 19.77 32.11
N ARG F 704 -9.93 19.92 30.95
CA ARG F 704 -9.26 20.32 29.73
C ARG F 704 -9.06 21.83 29.66
N LEU F 705 -9.57 22.59 30.64
CA LEU F 705 -9.30 24.02 30.68
C LEU F 705 -7.81 24.29 30.78
N LYS F 706 -7.14 23.67 31.75
CA LYS F 706 -5.71 23.85 31.90
C LYS F 706 -4.93 23.30 30.71
N GLU F 707 -5.54 22.40 29.94
CA GLU F 707 -4.97 22.02 28.65
C GLU F 707 -5.00 23.17 27.65
N MET F 708 -5.85 24.17 27.89
CA MET F 708 -5.95 25.34 27.02
C MET F 708 -5.68 26.66 27.71
N VAL F 709 -5.70 26.71 29.03
CA VAL F 709 -5.49 27.95 29.77
C VAL F 709 -4.04 28.09 30.23
N ASN F 710 -3.43 27.00 30.68
CA ASN F 710 -2.02 27.03 31.05
C ASN F 710 -1.18 27.43 29.84
N PRO F 711 -0.32 28.44 29.94
CA PRO F 711 0.48 28.85 28.78
C PRO F 711 1.61 27.87 28.46
N GLY F 712 1.56 26.68 29.06
CA GLY F 712 2.56 25.66 28.80
C GLY F 712 2.37 24.98 27.45
N ASP F 713 2.72 23.70 27.37
CA ASP F 713 2.69 22.95 26.13
C ASP F 713 1.65 21.84 26.18
N VAL F 714 1.25 21.39 25.00
CA VAL F 714 0.33 20.27 24.86
C VAL F 714 0.53 19.67 23.47
N THR F 715 0.38 18.35 23.36
CA THR F 715 0.70 17.62 22.15
C THR F 715 -0.57 17.18 21.42
N ALA F 716 -0.53 17.26 20.10
CA ALA F 716 -1.64 16.83 19.26
C ALA F 716 -1.09 16.33 17.93
N ARG F 717 -1.79 15.36 17.35
CA ARG F 717 -1.35 14.67 16.14
C ARG F 717 -2.27 15.02 14.98
N GLU F 718 -1.69 15.56 13.91
CA GLU F 718 -2.47 16.13 12.83
C GLU F 718 -2.99 15.02 11.91
N LEU F 719 -3.77 15.41 10.91
CA LEU F 719 -4.42 14.45 10.03
C LEU F 719 -3.42 13.69 9.19
N ASN F 720 -3.08 12.48 9.63
CA ASN F 720 -2.30 11.52 8.85
C ASN F 720 -0.89 12.00 8.55
N GLN F 721 -0.32 12.88 9.38
CA GLN F 721 1.02 13.39 9.12
C GLN F 721 2.03 12.96 10.18
N LYS F 722 1.84 13.34 11.45
CA LYS F 722 2.84 13.09 12.49
C LYS F 722 2.27 13.62 13.80
N GLN F 723 2.91 13.23 14.89
CA GLN F 723 2.64 13.79 16.22
C GLN F 723 3.48 15.05 16.43
N GLU F 724 2.84 16.10 16.92
CA GLU F 724 3.53 17.36 17.22
C GLU F 724 3.05 17.89 18.56
N SER F 725 3.56 19.07 18.93
CA SER F 725 3.23 19.73 20.17
C SER F 725 2.81 21.17 19.88
N PHE F 726 2.16 21.79 20.86
CA PHE F 726 1.60 23.13 20.73
C PHE F 726 2.47 24.15 21.45
N GLN F 727 1.98 25.39 21.44
CA GLN F 727 2.45 26.45 22.34
C GLN F 727 1.23 27.29 22.67
N MET F 728 0.75 27.18 23.91
CA MET F 728 -0.57 27.70 24.29
C MET F 728 -0.51 29.22 24.35
N THR F 729 -0.69 29.85 23.19
CA THR F 729 -0.69 31.31 23.06
C THR F 729 -1.93 31.70 22.25
N ALA F 730 -3.04 31.94 22.94
CA ALA F 730 -4.27 32.33 22.28
C ALA F 730 -5.19 33.00 23.29
N THR F 731 -5.80 34.10 22.87
CA THR F 731 -6.78 34.82 23.70
C THR F 731 -8.16 34.30 23.33
N MET F 732 -8.71 33.40 24.16
CA MET F 732 -9.96 32.73 23.85
C MET F 732 -11.11 33.38 24.60
N VAL F 733 -12.29 33.37 23.97
CA VAL F 733 -13.51 33.92 24.54
C VAL F 733 -14.65 32.95 24.24
N ALA F 734 -15.73 33.09 25.00
CA ALA F 734 -16.91 32.24 24.82
C ALA F 734 -18.14 33.01 25.27
N ALA F 735 -19.07 33.25 24.35
CA ALA F 735 -20.27 34.01 24.67
C ALA F 735 -21.46 33.38 23.98
N SER F 736 -22.54 33.21 24.74
CA SER F 736 -23.80 32.65 24.25
C SER F 736 -24.80 32.73 25.40
N ASN F 737 -26.04 32.38 25.11
CA ASN F 737 -27.10 32.46 26.11
C ASN F 737 -26.91 31.38 27.18
N TYR F 738 -27.64 31.56 28.29
CA TYR F 738 -27.68 30.62 29.40
C TYR F 738 -26.36 30.55 30.16
N ASN F 739 -26.41 30.08 31.41
CA ASN F 739 -25.26 30.08 32.29
C ASN F 739 -24.36 28.88 31.99
N PHE F 740 -23.23 28.82 32.72
CA PHE F 740 -22.27 27.72 32.62
C PHE F 740 -22.09 27.12 34.01
N ILE F 741 -22.13 25.80 34.07
CA ILE F 741 -22.00 25.08 35.34
C ILE F 741 -20.53 24.76 35.56
N ILE F 742 -19.90 25.44 36.51
CA ILE F 742 -18.51 25.15 36.83
C ILE F 742 -18.38 23.79 37.50
N ASP F 743 -19.35 23.43 38.34
CA ASP F 743 -19.51 22.11 38.96
C ASP F 743 -18.40 21.86 39.99
N THR F 744 -17.44 22.76 40.13
CA THR F 744 -16.34 22.57 41.05
C THR F 744 -16.12 23.82 41.89
N THR F 745 -15.54 23.62 43.08
CA THR F 745 -15.21 24.72 44.00
C THR F 745 -13.75 24.52 44.41
N ASP F 746 -12.83 25.00 43.58
CA ASP F 746 -11.41 24.89 43.85
C ASP F 746 -10.73 26.21 43.49
N HIS F 747 -9.63 26.51 44.20
CA HIS F 747 -8.80 27.63 43.82
C HIS F 747 -8.08 27.31 42.52
N GLY F 748 -7.69 28.35 41.79
CA GLY F 748 -7.15 28.13 40.46
C GLY F 748 -8.13 28.50 39.38
N THR F 749 -8.82 27.51 38.80
CA THR F 749 -9.80 27.72 37.73
C THR F 749 -10.71 28.91 38.03
N TRP F 750 -10.99 29.14 39.30
CA TRP F 750 -11.80 30.29 39.69
C TRP F 750 -11.01 31.58 39.52
N ARG F 751 -9.74 31.57 39.93
CA ARG F 751 -8.84 32.70 39.67
C ARG F 751 -8.60 32.90 38.18
N ARG F 752 -8.50 31.81 37.42
CA ARG F 752 -8.27 31.87 35.97
C ARG F 752 -9.56 31.89 35.18
N LEU F 753 -10.48 32.81 35.50
CA LEU F 753 -11.76 32.88 34.82
C LEU F 753 -12.45 34.19 35.17
N ARG F 754 -13.17 34.75 34.20
CA ARG F 754 -13.95 35.97 34.38
C ARG F 754 -15.34 35.78 33.79
N HIS F 755 -16.23 36.73 34.08
CA HIS F 755 -17.60 36.64 33.62
C HIS F 755 -18.20 38.04 33.49
N TYR F 756 -19.23 38.14 32.65
CA TYR F 756 -19.94 39.40 32.42
C TYR F 756 -21.36 39.08 31.96
N ARG F 757 -22.22 40.09 31.97
CA ARG F 757 -23.59 39.94 31.51
C ARG F 757 -23.99 41.16 30.68
N SER F 758 -24.93 40.96 29.78
CA SER F 758 -25.40 42.04 28.92
C SER F 758 -26.19 43.07 29.71
N LYS F 759 -26.18 44.30 29.22
CA LYS F 759 -26.96 45.38 29.80
C LYS F 759 -27.80 46.14 28.79
N VAL F 760 -27.67 45.86 27.49
CA VAL F 760 -28.42 46.54 26.45
C VAL F 760 -29.06 45.51 25.54
N LYS F 761 -30.30 45.76 25.13
CA LYS F 761 -31.04 44.90 24.23
C LYS F 761 -31.57 45.72 23.07
N PHE F 762 -31.50 45.15 21.87
CA PHE F 762 -32.01 45.79 20.67
C PHE F 762 -33.32 45.13 20.26
N CYS F 763 -34.37 45.92 20.13
CA CYS F 763 -35.67 45.43 19.70
C CYS F 763 -36.33 46.46 18.79
N HIS F 764 -37.13 45.97 17.84
CA HIS F 764 -37.82 46.85 16.91
C HIS F 764 -38.85 47.74 17.60
N ASN F 765 -39.18 47.46 18.85
CA ASN F 765 -39.99 48.35 19.67
C ASN F 765 -39.09 49.05 20.68
N PRO F 766 -38.52 50.20 20.33
CA PRO F 766 -37.65 50.94 21.28
C PRO F 766 -38.49 51.76 22.25
N ASP F 767 -39.17 51.06 23.15
CA ASP F 767 -40.07 51.71 24.08
C ASP F 767 -39.32 52.66 25.00
N PRO F 768 -39.84 53.87 25.25
CA PRO F 768 -39.15 54.80 26.15
C PRO F 768 -39.17 54.33 27.59
N SER F 769 -38.59 55.12 28.49
CA SER F 769 -38.37 54.76 29.89
C SER F 769 -37.50 53.52 30.05
N ASN F 770 -36.84 53.09 28.99
CA ASN F 770 -35.92 51.94 29.00
C ASN F 770 -34.62 52.38 28.38
N PRO F 771 -33.72 53.00 29.16
CA PRO F 771 -32.42 53.42 28.60
C PRO F 771 -31.59 52.26 28.09
N TYR F 772 -31.88 51.04 28.52
CA TYR F 772 -31.18 49.85 28.07
C TYR F 772 -31.75 49.27 26.78
N GLU F 773 -32.79 49.88 26.22
CA GLU F 773 -33.43 49.41 25.01
C GLU F 773 -33.15 50.39 23.88
N LYS F 774 -32.66 49.88 22.76
CA LYS F 774 -32.25 50.71 21.64
C LYS F 774 -32.68 50.08 20.33
N LYS F 775 -32.68 50.88 19.27
CA LYS F 775 -33.08 50.42 17.95
C LYS F 775 -32.01 49.52 17.35
N GLU F 776 -32.39 48.80 16.31
CA GLU F 776 -31.47 47.92 15.60
C GLU F 776 -30.82 48.65 14.43
N ASP F 777 -29.61 48.20 14.10
CA ASP F 777 -28.91 48.61 12.89
C ASP F 777 -28.49 47.33 12.16
N PRO F 778 -29.39 46.73 11.39
CA PRO F 778 -29.02 45.53 10.64
C PRO F 778 -27.89 45.76 9.67
N ARG F 779 -27.64 47.02 9.31
CA ARG F 779 -26.47 47.35 8.51
C ARG F 779 -25.17 47.04 9.25
N PHE F 780 -25.20 46.97 10.58
CA PHE F 780 -23.99 46.60 11.32
C PHE F 780 -23.61 45.15 11.10
N ILE F 781 -24.58 44.25 11.03
CA ILE F 781 -24.29 42.83 10.94
C ILE F 781 -24.27 42.34 9.49
N HIS F 782 -25.25 42.74 8.67
CA HIS F 782 -25.30 42.24 7.31
C HIS F 782 -24.23 42.89 6.44
N GLU F 783 -23.94 44.16 6.66
CA GLU F 783 -22.85 44.86 6.00
C GLU F 783 -22.04 45.54 7.10
N TYR F 784 -21.16 46.46 6.72
CA TYR F 784 -20.30 47.20 7.64
C TYR F 784 -19.24 46.29 8.25
N ILE F 785 -19.31 45.00 7.94
CA ILE F 785 -18.29 44.05 8.33
C ILE F 785 -17.46 43.59 7.13
N MET F 786 -18.13 43.36 5.99
CA MET F 786 -17.42 43.10 4.75
C MET F 786 -16.74 44.35 4.21
N ASP F 787 -17.04 45.52 4.76
CA ASP F 787 -16.40 46.75 4.32
C ASP F 787 -14.96 46.80 4.81
N PRO F 788 -13.97 46.89 3.92
CA PRO F 788 -12.58 46.92 4.38
C PRO F 788 -12.24 48.09 5.28
N ASP F 789 -12.85 49.26 5.05
CA ASP F 789 -12.50 50.45 5.82
C ASP F 789 -12.85 50.29 7.28
N CYS F 790 -14.01 49.69 7.57
CA CYS F 790 -14.40 49.46 8.97
C CYS F 790 -13.41 48.52 9.65
N GLN F 791 -12.98 47.48 8.94
CA GLN F 791 -12.01 46.55 9.51
C GLN F 791 -10.68 47.24 9.78
N ASN F 792 -10.24 48.11 8.86
CA ASN F 792 -9.00 48.84 9.08
C ASN F 792 -9.12 49.76 10.29
N ALA F 793 -10.26 50.44 10.42
CA ALA F 793 -10.46 51.31 11.58
C ALA F 793 -10.45 50.51 12.87
N PHE F 794 -11.10 49.35 12.87
CA PHE F 794 -11.12 48.51 14.08
C PHE F 794 -9.72 48.01 14.42
N PHE F 795 -8.93 47.66 13.40
CA PHE F 795 -7.56 47.23 13.65
C PHE F 795 -6.73 48.36 14.24
N SER F 796 -6.93 49.59 13.73
CA SER F 796 -6.24 50.74 14.31
C SER F 796 -6.63 50.95 15.76
N ILE F 797 -7.92 50.84 16.06
CA ILE F 797 -8.36 50.96 17.46
C ILE F 797 -7.73 49.89 18.32
N LEU F 798 -7.67 48.66 17.81
CA LEU F 798 -7.13 47.56 18.59
C LEU F 798 -5.64 47.75 18.87
N VAL F 799 -4.88 48.17 17.86
CA VAL F 799 -3.45 48.39 18.08
C VAL F 799 -3.22 49.58 19.01
N TYR F 800 -4.06 50.61 18.92
CA TYR F 800 -3.95 51.72 19.86
C TYR F 800 -4.20 51.27 21.29
N PHE F 801 -5.21 50.41 21.48
CA PHE F 801 -5.48 49.92 22.83
C PHE F 801 -4.34 49.02 23.31
N TRP F 802 -3.73 48.24 22.42
CA TRP F 802 -2.59 47.43 22.81
C TRP F 802 -1.42 48.30 23.26
N GLU F 803 -1.12 49.36 22.50
CA GLU F 803 -0.01 50.22 22.92
C GLU F 803 -0.34 51.00 24.18
N LYS F 804 -1.62 51.33 24.39
CA LYS F 804 -2.04 51.94 25.65
C LYS F 804 -1.80 51.00 26.81
N LEU F 805 -2.17 49.73 26.67
CA LEU F 805 -1.87 48.75 27.70
C LEU F 805 -0.37 48.54 27.86
N GLN F 806 0.40 48.79 26.80
CA GLN F 806 1.85 48.66 26.90
C GLN F 806 2.47 49.79 27.71
N LYS F 807 2.05 51.03 27.47
CA LYS F 807 2.71 52.16 28.12
C LYS F 807 2.36 52.23 29.61
N GLU F 808 1.09 52.06 29.95
CA GLU F 808 0.64 52.08 31.33
C GLU F 808 0.29 50.68 31.79
N TYR F 809 0.20 50.50 33.11
CA TYR F 809 -0.01 49.20 33.75
C TYR F 809 1.07 48.19 33.38
N ASN F 810 2.26 48.68 33.01
CA ASN F 810 3.33 47.84 32.49
C ASN F 810 2.82 46.97 31.35
N GLY F 811 2.85 45.65 31.53
CA GLY F 811 2.33 44.75 30.53
C GLY F 811 1.27 43.82 31.07
N GLN F 812 1.27 43.62 32.39
CA GLN F 812 0.33 42.70 33.01
C GLN F 812 -1.10 43.21 32.91
N ILE F 813 -2.04 42.29 32.74
CA ILE F 813 -3.46 42.66 32.70
C ILE F 813 -4.11 42.61 34.08
N LYS F 814 -3.51 41.92 35.05
CA LYS F 814 -4.04 41.91 36.41
C LYS F 814 -3.54 43.11 37.21
N LYS F 815 -3.69 44.29 36.60
CA LYS F 815 -3.41 45.55 37.27
C LYS F 815 -4.47 46.62 37.02
N VAL F 816 -5.24 46.50 35.94
CA VAL F 816 -6.29 47.47 35.66
C VAL F 816 -7.46 47.25 36.61
N PHE F 817 -8.02 48.35 37.12
CA PHE F 817 -9.08 48.31 38.11
C PHE F 817 -10.44 48.40 37.41
N CYS F 818 -11.28 47.41 37.64
CA CYS F 818 -12.62 47.37 37.06
C CYS F 818 -13.60 46.87 38.10
N PRO F 819 -14.20 47.78 38.89
CA PRO F 819 -15.15 47.35 39.92
C PRO F 819 -16.31 46.54 39.38
N THR F 820 -16.82 46.88 38.20
CA THR F 820 -17.98 46.15 37.66
C THR F 820 -17.63 44.70 37.37
N ILE F 821 -16.52 44.47 36.66
CA ILE F 821 -16.16 43.10 36.28
C ILE F 821 -15.80 42.27 37.50
N GLU F 822 -15.02 42.85 38.43
CA GLU F 822 -14.65 42.10 39.62
C GLU F 822 -15.86 41.80 40.49
N SER F 823 -16.78 42.76 40.64
CA SER F 823 -17.98 42.53 41.43
C SER F 823 -18.85 41.45 40.80
N GLU F 824 -19.02 41.50 39.48
CA GLU F 824 -19.82 40.48 38.81
C GLU F 824 -19.17 39.11 38.92
N THR F 825 -17.83 39.06 38.81
CA THR F 825 -17.12 37.79 38.93
C THR F 825 -17.24 37.22 40.33
N GLU F 826 -17.16 38.05 41.36
CA GLU F 826 -17.31 37.55 42.72
C GLU F 826 -18.77 37.22 43.04
N ALA F 827 -19.72 37.85 42.35
CA ALA F 827 -21.12 37.42 42.48
C ALA F 827 -21.31 36.04 41.86
N TYR F 828 -20.70 35.79 40.69
CA TYR F 828 -20.69 34.45 40.13
C TYR F 828 -19.97 33.47 41.04
N ARG F 829 -18.92 33.95 41.72
CA ARG F 829 -18.25 33.17 42.76
C ARG F 829 -19.24 32.74 43.84
N LYS F 830 -20.03 33.69 44.34
CA LYS F 830 -21.01 33.36 45.37
C LYS F 830 -22.03 32.35 44.87
N SER F 831 -22.50 32.53 43.64
CA SER F 831 -23.37 31.54 43.02
C SER F 831 -22.55 30.33 42.59
N GLN F 832 -23.26 29.26 42.20
CA GLN F 832 -22.66 28.02 41.74
C GLN F 832 -21.92 27.31 42.87
N ASP F 833 -21.92 27.90 44.06
CA ASP F 833 -21.31 27.29 45.24
C ASP F 833 -22.44 26.89 46.19
N THR F 834 -22.95 25.68 45.98
CA THR F 834 -24.14 25.23 46.70
C THR F 834 -23.89 25.14 48.20
N LEU F 835 -22.71 24.70 48.61
CA LEU F 835 -22.41 24.58 50.03
C LEU F 835 -22.49 25.93 50.72
N HIS F 836 -22.05 27.00 50.04
CA HIS F 836 -22.09 28.32 50.65
C HIS F 836 -23.52 28.78 50.87
N ARG F 837 -24.41 28.54 49.90
CA ARG F 837 -25.82 28.90 50.08
C ARG F 837 -26.45 28.06 51.17
N PHE F 838 -26.09 26.77 51.25
CA PHE F 838 -26.58 25.93 52.34
C PHE F 838 -26.16 26.47 53.69
N ILE F 839 -24.91 26.91 53.80
CA ILE F 839 -24.44 27.53 55.04
C ILE F 839 -25.23 28.79 55.33
N THR F 840 -25.43 29.61 54.30
CA THR F 840 -26.05 30.92 54.49
C THR F 840 -27.48 30.80 54.99
N GLU F 841 -28.29 29.92 54.39
CA GLU F 841 -29.71 29.92 54.69
C GLU F 841 -30.23 28.70 55.43
N ARG F 842 -29.47 27.60 55.50
CA ARG F 842 -29.92 26.44 56.24
C ARG F 842 -29.21 26.28 57.58
N VAL F 843 -27.93 26.65 57.64
CA VAL F 843 -27.15 26.49 58.86
C VAL F 843 -27.48 27.64 59.81
N VAL F 844 -27.90 27.30 61.02
CA VAL F 844 -28.28 28.30 62.02
C VAL F 844 -27.41 28.13 63.25
N GLU F 845 -27.62 28.99 64.25
CA GLU F 845 -26.82 28.96 65.47
C GLU F 845 -27.65 28.45 66.65
N VAL F 852 -22.37 10.42 64.36
CA VAL F 852 -23.64 11.06 64.03
C VAL F 852 -23.39 12.36 63.26
N TYR F 853 -23.01 13.40 63.99
CA TYR F 853 -22.75 14.69 63.36
C TYR F 853 -21.48 14.70 62.53
N ASN F 854 -20.62 13.68 62.66
CA ASN F 854 -19.39 13.59 61.88
C ASN F 854 -19.65 12.92 60.54
N LEU F 855 -20.48 13.58 59.73
CA LEU F 855 -20.79 13.17 58.36
C LEU F 855 -21.47 11.80 58.29
N SER F 856 -22.02 11.31 59.40
CA SER F 856 -22.80 10.08 59.34
C SER F 856 -24.12 10.31 58.61
N GLU F 857 -24.85 11.37 58.99
CA GLU F 857 -26.03 11.80 58.26
C GLU F 857 -25.90 13.21 57.72
N VAL F 858 -24.78 13.89 58.00
CA VAL F 858 -24.52 15.18 57.34
C VAL F 858 -24.36 14.98 55.85
N VAL F 859 -23.79 13.85 55.43
CA VAL F 859 -23.70 13.55 54.01
C VAL F 859 -25.09 13.35 53.41
N THR F 860 -26.00 12.71 54.16
CA THR F 860 -27.37 12.56 53.67
C THR F 860 -28.07 13.91 53.57
N ALA F 861 -27.85 14.80 54.54
CA ALA F 861 -28.42 16.14 54.47
C ALA F 861 -27.87 16.89 53.27
N TYR F 862 -26.56 16.73 53.00
CA TYR F 862 -25.96 17.37 51.84
C TYR F 862 -26.53 16.83 50.53
N ALA F 863 -26.70 15.50 50.46
CA ALA F 863 -27.33 14.87 49.30
C ALA F 863 -28.81 15.20 49.20
N GLU F 864 -29.36 15.84 50.23
CA GLU F 864 -30.74 16.26 50.19
C GLU F 864 -30.78 17.78 50.01
N TRP F 865 -29.70 18.44 50.40
CA TRP F 865 -29.65 19.90 50.30
C TRP F 865 -29.81 20.38 48.87
N TYR F 866 -29.13 19.72 47.93
CA TYR F 866 -29.19 20.14 46.54
C TYR F 866 -29.43 19.00 45.58
N ASN F 867 -29.20 17.77 46.04
CA ASN F 867 -29.37 16.60 45.17
C ASN F 867 -30.78 16.04 45.23
N THR F 868 -31.70 16.80 45.83
CA THR F 868 -33.09 16.36 45.86
C THR F 868 -33.94 17.43 45.19
N ASN F 869 -33.79 18.66 45.65
CA ASN F 869 -34.54 19.76 45.03
C ASN F 869 -34.18 19.82 43.56
N ILE F 870 -32.89 19.70 43.26
CA ILE F 870 -32.47 19.69 41.86
C ILE F 870 -32.11 18.27 41.47
N ASN F 871 -32.98 17.62 40.72
CA ASN F 871 -32.73 16.24 40.30
C ASN F 871 -31.94 15.50 41.36
N VAL F 872 -30.72 15.09 41.02
CA VAL F 872 -29.87 14.37 41.98
C VAL F 872 -28.50 14.19 41.35
N LYS F 873 -27.46 14.31 42.17
CA LYS F 873 -26.09 14.07 41.75
C LYS F 873 -25.41 13.20 42.79
N ARG F 874 -24.35 12.51 42.37
CA ARG F 874 -23.59 11.66 43.28
C ARG F 874 -22.71 12.57 44.14
N HIS F 875 -23.05 12.67 45.42
CA HIS F 875 -22.30 13.49 46.37
C HIS F 875 -21.36 12.56 47.15
N ILE F 876 -20.16 12.39 46.61
CA ILE F 876 -19.17 11.51 47.24
C ILE F 876 -18.35 12.23 48.31
N ALA F 877 -18.62 13.51 48.56
CA ALA F 877 -17.91 14.23 49.60
C ALA F 877 -18.31 13.74 50.98
N LEU F 878 -17.31 13.45 51.80
CA LEU F 878 -17.46 12.87 53.13
C LEU F 878 -16.40 13.43 54.05
N GLU F 879 -16.12 12.73 55.16
CA GLU F 879 -14.96 13.07 55.98
C GLU F 879 -13.68 13.10 55.13
N LEU F 880 -13.67 12.39 53.99
CA LEU F 880 -12.59 12.54 53.04
C LEU F 880 -12.46 13.98 52.58
N SER F 881 -13.58 14.69 52.44
CA SER F 881 -13.57 16.11 52.13
C SER F 881 -13.42 16.93 53.42
N GLN F 882 -12.18 16.95 53.93
CA GLN F 882 -11.91 17.64 55.17
C GLN F 882 -12.07 19.15 55.04
N GLU F 883 -11.93 19.69 53.83
CA GLU F 883 -12.19 21.10 53.61
C GLU F 883 -13.66 21.42 53.82
N LEU F 884 -14.55 20.57 53.28
CA LEU F 884 -15.97 20.75 53.51
C LEU F 884 -16.33 20.52 54.97
N GLU F 885 -15.69 19.53 55.59
CA GLU F 885 -15.94 19.26 57.01
C GLU F 885 -15.50 20.43 57.89
N ASN F 886 -14.43 21.11 57.50
CA ASN F 886 -13.90 22.26 58.23
C ASN F 886 -14.27 23.58 57.57
N SER F 887 -15.32 23.59 56.76
CA SER F 887 -15.82 24.81 56.14
C SER F 887 -16.62 25.60 57.17
N VAL F 888 -17.37 26.60 56.72
CA VAL F 888 -18.21 27.37 57.64
C VAL F 888 -19.27 26.49 58.31
N LEU F 889 -19.55 25.32 57.74
CA LEU F 889 -20.40 24.34 58.43
C LEU F 889 -19.78 23.91 59.76
N GLU F 890 -18.44 23.95 59.85
CA GLU F 890 -17.75 23.61 61.09
C GLU F 890 -17.95 24.65 62.18
N LYS F 891 -18.80 25.65 61.97
CA LYS F 891 -19.11 26.61 63.03
C LYS F 891 -19.67 25.92 64.27
N TYR F 892 -20.27 24.74 64.10
CA TYR F 892 -20.67 23.95 65.26
C TYR F 892 -19.47 23.53 66.09
N LEU F 893 -18.28 23.46 65.46
CA LEU F 893 -17.04 23.08 66.14
C LEU F 893 -17.16 21.72 66.82
N GLN F 894 -17.80 20.78 66.13
CA GLN F 894 -18.03 19.44 66.66
C GLN F 894 -17.04 18.47 66.04
N TRP F 895 -15.84 18.44 66.60
CA TRP F 895 -14.81 17.46 66.20
C TRP F 895 -14.88 16.22 67.07
N SER F 896 -16.06 15.60 67.15
CA SER F 896 -16.24 14.43 67.98
C SER F 896 -17.30 13.50 67.39
N PRO F 897 -16.91 12.33 66.88
CA PRO F 897 -17.83 11.34 66.31
C PRO F 897 -18.91 10.91 67.28
N SER G 291 5.82 60.74 -27.74
CA SER G 291 5.50 59.32 -27.90
C SER G 291 6.72 58.44 -27.64
N ILE G 292 7.14 58.39 -26.37
CA ILE G 292 8.29 57.59 -25.99
C ILE G 292 8.01 56.10 -26.22
N LEU G 293 6.77 55.68 -25.97
CA LEU G 293 6.39 54.28 -26.16
C LEU G 293 6.41 53.86 -27.62
N MET G 294 6.31 54.80 -28.56
CA MET G 294 6.50 54.46 -29.96
C MET G 294 7.97 54.28 -30.29
N LEU G 295 8.84 55.05 -29.64
CA LEU G 295 10.27 54.96 -29.89
C LEU G 295 10.93 53.91 -28.99
N HIS G 296 10.50 53.82 -27.75
CA HIS G 296 11.04 52.87 -26.78
C HIS G 296 9.96 51.87 -26.39
N ASP G 297 10.40 50.71 -25.86
CA ASP G 297 9.49 49.64 -25.47
C ASP G 297 8.60 49.23 -26.64
N PRO G 298 9.15 48.54 -27.65
CA PRO G 298 8.36 48.20 -28.84
C PRO G 298 7.26 47.17 -28.56
N GLU G 299 7.08 46.80 -27.31
CA GLU G 299 6.00 45.91 -26.94
C GLU G 299 4.66 46.64 -27.08
N ALA G 300 3.60 45.85 -27.24
CA ALA G 300 2.22 46.32 -27.36
C ALA G 300 1.96 47.13 -28.62
N ARG G 301 2.82 47.04 -29.62
CA ARG G 301 2.48 47.63 -30.91
C ARG G 301 1.30 46.91 -31.54
N TYR G 302 1.11 45.64 -31.21
CA TYR G 302 -0.11 44.94 -31.63
C TYR G 302 -1.34 45.61 -31.04
N LEU G 303 -1.28 45.94 -29.75
CA LEU G 303 -2.38 46.69 -29.12
C LEU G 303 -2.52 48.07 -29.75
N HIS G 304 -1.41 48.69 -30.14
CA HIS G 304 -1.46 49.95 -30.86
C HIS G 304 -2.29 49.83 -32.13
N LYS G 305 -2.00 48.82 -32.95
CA LYS G 305 -2.75 48.66 -34.19
C LYS G 305 -4.19 48.24 -33.93
N ILE G 306 -4.45 47.49 -32.86
CA ILE G 306 -5.82 47.14 -32.52
C ILE G 306 -6.62 48.39 -32.15
N LEU G 307 -6.03 49.29 -31.35
CA LEU G 307 -6.74 50.51 -31.01
C LEU G 307 -6.86 51.44 -32.22
N ASN G 308 -5.90 51.37 -33.15
CA ASN G 308 -6.11 52.01 -34.44
C ASN G 308 -7.31 51.40 -35.16
N LEU G 309 -7.42 50.07 -35.11
CA LEU G 309 -8.57 49.39 -35.64
C LEU G 309 -9.80 49.70 -34.79
N LEU G 310 -10.97 49.21 -35.25
CA LEU G 310 -12.26 49.38 -34.58
C LEU G 310 -12.73 50.82 -34.68
N PRO G 311 -13.99 51.05 -35.06
CA PRO G 311 -14.54 52.41 -35.07
C PRO G 311 -14.49 53.04 -33.70
N PRO G 312 -13.68 54.09 -33.53
CA PRO G 312 -13.54 54.70 -32.20
C PRO G 312 -14.55 55.79 -31.93
N GLU G 313 -15.63 55.83 -32.73
CA GLU G 313 -16.60 56.91 -32.67
C GLU G 313 -17.36 56.98 -31.34
N TYR G 314 -17.08 56.05 -30.43
CA TYR G 314 -17.66 56.09 -29.09
C TYR G 314 -16.88 57.10 -28.25
N TYR G 315 -17.24 58.37 -28.43
CA TYR G 315 -16.52 59.47 -27.79
C TYR G 315 -17.43 60.41 -27.00
N VAL G 316 -18.66 60.64 -27.47
CA VAL G 316 -19.57 61.53 -26.75
C VAL G 316 -19.90 60.97 -25.37
N GLU G 317 -19.91 59.64 -25.24
CA GLU G 317 -20.18 58.96 -23.97
C GLU G 317 -18.86 58.47 -23.39
N TYR G 318 -18.36 59.19 -22.40
CA TYR G 318 -17.03 58.99 -21.81
C TYR G 318 -16.83 57.73 -20.98
N PRO G 319 -17.85 57.16 -20.30
CA PRO G 319 -17.56 55.97 -19.47
C PRO G 319 -16.99 54.80 -20.25
N LEU G 320 -17.69 54.33 -21.29
CA LEU G 320 -17.20 53.23 -22.10
C LEU G 320 -16.16 53.66 -23.13
N TRP G 321 -15.67 54.91 -23.04
CA TRP G 321 -14.47 55.31 -23.76
C TRP G 321 -13.24 55.27 -22.86
N SER G 322 -13.40 55.66 -21.60
CA SER G 322 -12.35 55.56 -20.61
C SER G 322 -12.28 54.18 -19.96
N ASN G 323 -13.19 53.28 -20.33
CA ASN G 323 -13.06 51.88 -19.91
C ASN G 323 -11.72 51.29 -20.32
N VAL G 324 -11.19 51.72 -21.47
CA VAL G 324 -9.87 51.25 -21.90
C VAL G 324 -8.80 51.72 -20.92
N VAL G 325 -8.87 52.99 -20.51
CA VAL G 325 -7.92 53.50 -19.53
C VAL G 325 -8.05 52.75 -18.22
N PHE G 326 -9.29 52.46 -17.81
CA PHE G 326 -9.50 51.68 -16.59
C PHE G 326 -8.88 50.30 -16.70
N ALA G 327 -9.06 49.64 -17.85
CA ALA G 327 -8.52 48.30 -18.03
C ALA G 327 -6.99 48.31 -18.01
N LEU G 328 -6.38 49.27 -18.70
CA LEU G 328 -4.93 49.38 -18.68
C LEU G 328 -4.40 49.83 -17.34
N ALA G 329 -5.23 50.45 -16.50
CA ALA G 329 -4.79 50.83 -15.16
C ALA G 329 -4.66 49.61 -14.26
N ASN G 330 -5.64 48.72 -14.28
CA ASN G 330 -5.60 47.54 -13.42
C ASN G 330 -4.79 46.40 -14.01
N THR G 331 -4.63 46.36 -15.33
CA THR G 331 -3.82 45.34 -16.01
C THR G 331 -2.66 46.04 -16.69
N SER G 332 -1.43 45.61 -16.38
CA SER G 332 -0.21 46.25 -16.87
C SER G 332 -0.19 47.73 -16.48
N ALA G 333 -0.14 47.94 -15.16
CA ALA G 333 -0.21 49.29 -14.60
C ALA G 333 0.93 50.18 -15.06
N ASN G 334 2.03 49.60 -15.55
CA ASN G 334 3.11 50.40 -16.10
C ASN G 334 2.68 51.16 -17.35
N TYR G 335 1.57 50.77 -17.97
CA TYR G 335 1.10 51.40 -19.19
C TYR G 335 0.13 52.56 -18.91
N ARG G 336 0.54 53.48 -18.05
CA ARG G 336 -0.16 54.74 -17.88
C ARG G 336 0.25 55.74 -18.96
N PRO G 337 1.54 55.84 -19.29
CA PRO G 337 1.89 56.59 -20.51
C PRO G 337 1.24 56.02 -21.75
N LEU G 338 0.94 54.72 -21.78
CA LEU G 338 0.18 54.16 -22.89
C LEU G 338 -1.21 54.76 -22.96
N ALA G 339 -1.87 54.91 -21.81
CA ALA G 339 -3.18 55.55 -21.80
C ALA G 339 -3.09 57.01 -22.21
N GLU G 340 -2.08 57.72 -21.71
CA GLU G 340 -1.92 59.13 -22.08
C GLU G 340 -1.67 59.29 -23.57
N TRP G 341 -0.84 58.42 -24.15
CA TRP G 341 -0.60 58.46 -25.59
C TRP G 341 -1.82 58.04 -26.39
N PHE G 342 -2.63 57.11 -25.86
CA PHE G 342 -3.90 56.80 -26.50
C PHE G 342 -4.80 58.03 -26.56
N SER G 343 -4.85 58.78 -25.45
CA SER G 343 -5.60 60.04 -25.46
C SER G 343 -5.02 61.02 -26.47
N GLN G 344 -3.69 61.15 -26.50
CA GLN G 344 -3.04 62.11 -27.38
C GLN G 344 -3.11 61.68 -28.84
N LYS G 345 -3.47 60.43 -29.11
CA LYS G 345 -3.41 59.90 -30.46
C LYS G 345 -4.38 60.63 -31.38
N CYS G 346 -5.51 61.10 -30.84
CA CYS G 346 -6.50 61.89 -31.57
C CYS G 346 -7.00 61.19 -32.81
N PRO G 347 -7.78 60.11 -32.69
CA PRO G 347 -8.38 59.51 -33.89
C PRO G 347 -9.31 60.47 -34.61
N GLU G 348 -10.38 60.91 -33.96
CA GLU G 348 -11.25 61.92 -34.56
C GLU G 348 -11.70 63.04 -33.64
N LYS G 349 -11.73 62.86 -32.32
CA LYS G 349 -12.35 63.85 -31.45
C LYS G 349 -11.57 64.05 -30.16
N TRP G 350 -10.25 64.19 -30.26
CA TRP G 350 -9.45 64.59 -29.10
C TRP G 350 -9.36 66.10 -28.95
N ASN G 351 -9.43 66.85 -30.07
CA ASN G 351 -9.30 68.30 -30.03
C ASN G 351 -10.65 69.00 -29.93
N THR G 352 -11.63 68.55 -30.70
CA THR G 352 -12.95 69.18 -30.71
C THR G 352 -13.84 68.72 -29.56
N GLY G 353 -13.48 67.64 -28.87
CA GLY G 353 -14.25 67.14 -27.75
C GLY G 353 -13.75 67.67 -26.42
N GLY G 354 -14.00 66.89 -25.37
CA GLY G 354 -13.53 67.22 -24.05
C GLY G 354 -12.08 66.85 -23.87
N LYS G 355 -11.19 67.68 -24.42
CA LYS G 355 -9.75 67.38 -24.48
C LYS G 355 -9.18 66.96 -23.13
N GLU G 356 -9.23 67.85 -22.15
CA GLU G 356 -8.62 67.58 -20.85
C GLU G 356 -9.66 67.09 -19.84
N LYS G 357 -10.15 65.88 -20.10
CA LYS G 357 -10.99 65.16 -19.15
C LYS G 357 -10.23 64.06 -18.41
N LEU G 358 -8.92 63.95 -18.63
CA LEU G 358 -8.11 62.95 -17.94
C LEU G 358 -7.77 63.35 -16.52
N GLU G 359 -7.94 64.63 -16.16
CA GLU G 359 -7.72 65.02 -14.77
C GLU G 359 -8.67 64.27 -13.84
N LYS G 360 -9.85 63.92 -14.34
CA LYS G 360 -10.72 63.00 -13.62
C LYS G 360 -10.19 61.57 -13.64
N LEU G 361 -9.18 61.28 -14.46
CA LEU G 361 -8.67 59.93 -14.61
C LEU G 361 -7.18 59.75 -14.30
N TRP G 362 -6.43 60.84 -14.08
CA TRP G 362 -5.07 60.68 -13.56
C TRP G 362 -5.09 59.99 -12.20
N ASN G 363 -6.01 60.40 -11.32
CA ASN G 363 -6.16 59.71 -10.05
C ASN G 363 -6.65 58.28 -10.25
N ASP G 364 -7.57 58.07 -11.20
CA ASP G 364 -8.07 56.73 -11.47
C ASP G 364 -7.01 55.83 -12.09
N ALA G 365 -5.92 56.39 -12.62
CA ALA G 365 -4.86 55.56 -13.17
C ALA G 365 -4.20 54.70 -12.09
N SER G 366 -4.40 55.04 -10.83
CA SER G 366 -3.89 54.26 -9.70
C SER G 366 -5.01 53.92 -8.72
N HIS G 367 -6.15 53.48 -9.24
CA HIS G 367 -7.29 53.17 -8.37
C HIS G 367 -6.99 51.97 -7.47
N HIS G 368 -6.25 50.99 -7.97
CA HIS G 368 -5.88 49.79 -7.22
C HIS G 368 -7.11 49.11 -6.63
N THR G 369 -8.16 48.98 -7.43
CA THR G 369 -9.40 48.37 -6.99
C THR G 369 -9.44 46.90 -7.39
N GLU G 370 -10.34 46.15 -6.72
CA GLU G 370 -10.45 44.73 -7.00
C GLU G 370 -11.09 44.47 -8.36
N LYS G 371 -12.03 45.32 -8.78
CA LYS G 371 -12.65 45.15 -10.08
C LYS G 371 -11.61 45.31 -11.18
N LYS G 372 -11.60 44.38 -12.14
CA LYS G 372 -10.57 44.36 -13.16
C LYS G 372 -11.20 44.01 -14.51
N ILE G 373 -10.71 44.69 -15.56
CA ILE G 373 -11.08 44.41 -16.94
C ILE G 373 -9.79 44.17 -17.72
N THR G 374 -9.76 43.06 -18.46
CA THR G 374 -8.56 42.63 -19.15
C THR G 374 -8.63 43.02 -20.62
N LYS G 375 -7.51 42.87 -21.32
CA LYS G 375 -7.44 43.13 -22.75
C LYS G 375 -8.39 42.25 -23.54
N ARG G 376 -8.85 41.14 -22.96
CA ARG G 376 -9.80 40.26 -23.61
C ARG G 376 -11.02 41.03 -24.13
N SER G 377 -11.52 41.98 -23.35
CA SER G 377 -12.67 42.77 -23.77
C SER G 377 -12.34 43.60 -25.01
N ILE G 378 -11.16 44.22 -25.03
CA ILE G 378 -10.75 45.02 -26.19
C ILE G 378 -10.62 44.14 -27.43
N MET G 379 -10.03 42.96 -27.28
CA MET G 379 -9.89 42.05 -28.41
C MET G 379 -11.25 41.59 -28.90
N TYR G 380 -12.18 41.32 -27.98
CA TYR G 380 -13.53 40.94 -28.37
C TYR G 380 -14.22 42.06 -29.14
N TRP G 381 -14.05 43.30 -28.67
CA TRP G 381 -14.63 44.44 -29.37
C TRP G 381 -14.05 44.57 -30.78
N ALA G 382 -12.73 44.41 -30.90
CA ALA G 382 -12.09 44.51 -32.21
C ALA G 382 -12.58 43.41 -33.15
N HIS G 383 -12.71 42.19 -32.63
CA HIS G 383 -13.24 41.11 -33.46
C HIS G 383 -14.70 41.35 -33.84
N LYS G 384 -15.46 42.01 -32.96
CA LYS G 384 -16.83 42.39 -33.31
C LYS G 384 -16.85 43.37 -34.46
N HIS G 385 -16.09 44.46 -34.33
CA HIS G 385 -16.17 45.55 -35.31
C HIS G 385 -15.48 45.17 -36.62
N ALA G 386 -14.18 44.90 -36.56
CA ALA G 386 -13.47 44.46 -37.75
C ALA G 386 -13.69 42.97 -37.96
N PRO G 387 -14.26 42.55 -39.08
CA PRO G 387 -14.49 41.12 -39.30
C PRO G 387 -13.31 40.42 -39.96
N GLN G 388 -12.42 41.18 -40.58
CA GLN G 388 -11.30 40.60 -41.31
C GLN G 388 -9.97 41.23 -40.90
N GLN G 389 -9.99 42.53 -40.58
CA GLN G 389 -8.74 43.26 -40.39
C GLN G 389 -7.91 42.73 -39.23
N TYR G 390 -8.56 42.23 -38.18
CA TYR G 390 -7.82 41.75 -37.02
C TYR G 390 -6.97 40.53 -37.36
N LYS G 391 -7.50 39.62 -38.17
CA LYS G 391 -6.84 38.34 -38.35
C LYS G 391 -5.51 38.47 -39.08
N GLU G 392 -5.38 39.47 -39.97
CA GLU G 392 -4.11 39.64 -40.66
C GLU G 392 -2.99 39.95 -39.68
N ILE G 393 -3.17 40.94 -38.81
CA ILE G 393 -2.12 41.27 -37.86
C ILE G 393 -1.95 40.17 -36.82
N VAL G 394 -3.05 39.50 -36.43
CA VAL G 394 -2.94 38.43 -35.45
C VAL G 394 -2.07 37.29 -35.99
N GLU G 395 -2.37 36.85 -37.21
CA GLU G 395 -1.57 35.79 -37.83
C GLU G 395 -0.16 36.26 -38.14
N GLN G 396 0.02 37.54 -38.47
CA GLN G 396 1.35 38.07 -38.70
C GLN G 396 2.18 38.05 -37.43
N GLY G 397 1.56 38.36 -36.29
CA GLY G 397 2.26 38.26 -35.02
C GLY G 397 2.64 36.83 -34.68
N TYR G 398 1.71 35.90 -34.88
CA TYR G 398 2.05 34.49 -34.68
C TYR G 398 3.23 34.09 -35.55
N PHE G 399 3.18 34.44 -36.84
CA PHE G 399 4.25 34.10 -37.76
C PHE G 399 5.56 34.73 -37.35
N SER G 400 5.53 35.99 -36.92
CA SER G 400 6.76 36.67 -36.52
C SER G 400 7.39 35.98 -35.32
N ILE G 401 6.59 35.66 -34.31
CA ILE G 401 7.12 34.98 -33.13
C ILE G 401 7.73 33.65 -33.51
N LEU G 402 6.98 32.83 -34.24
CA LEU G 402 7.46 31.49 -34.55
C LEU G 402 8.66 31.51 -35.49
N ALA G 403 8.68 32.44 -36.44
CA ALA G 403 9.82 32.57 -37.34
C ALA G 403 11.06 33.07 -36.62
N GLU G 404 10.90 33.99 -35.67
CA GLU G 404 12.05 34.42 -34.87
C GLU G 404 12.61 33.25 -34.07
N TYR G 405 11.73 32.45 -33.47
CA TYR G 405 12.19 31.25 -32.76
C TYR G 405 12.90 30.29 -33.71
N VAL G 406 12.37 30.09 -34.91
CA VAL G 406 12.97 29.16 -35.85
C VAL G 406 14.35 29.63 -36.28
N TYR G 407 14.45 30.91 -36.68
CA TYR G 407 15.71 31.46 -37.15
C TYR G 407 16.76 31.47 -36.04
N SER G 408 16.36 31.85 -34.82
CA SER G 408 17.32 32.01 -33.74
C SER G 408 17.91 30.69 -33.27
N TYR G 409 17.28 29.56 -33.59
CA TYR G 409 17.75 28.26 -33.10
C TYR G 409 17.95 27.25 -34.23
N ASN G 410 18.03 27.71 -35.48
CA ASN G 410 18.41 26.87 -36.61
C ASN G 410 17.46 25.70 -36.81
N GLY G 411 16.16 26.00 -36.77
CA GLY G 411 15.14 25.04 -37.14
C GLY G 411 14.79 24.02 -36.07
N MET G 412 15.42 24.07 -34.91
CA MET G 412 15.09 23.13 -33.83
C MET G 412 13.83 23.58 -33.12
N LEU G 413 12.93 22.64 -32.88
CA LEU G 413 11.69 22.89 -32.16
C LEU G 413 11.78 22.30 -30.77
N GLU G 414 10.73 22.51 -29.98
CA GLU G 414 10.78 22.21 -28.56
C GLU G 414 9.39 22.39 -27.97
N HIS G 415 9.27 22.08 -26.68
CA HIS G 415 8.01 22.33 -25.98
C HIS G 415 7.76 23.83 -25.80
N TYR G 416 8.77 24.57 -25.35
CA TYR G 416 8.50 25.88 -24.77
C TYR G 416 8.19 26.93 -25.82
N MET G 417 8.87 26.94 -26.97
CA MET G 417 8.59 27.98 -27.95
C MET G 417 7.16 27.86 -28.48
N ILE G 418 6.72 26.64 -28.77
CA ILE G 418 5.36 26.49 -29.26
C ILE G 418 4.35 26.63 -28.13
N ALA G 419 4.74 26.37 -26.88
CA ALA G 419 3.87 26.72 -25.77
C ALA G 419 3.66 28.23 -25.71
N LYS G 420 4.72 29.00 -25.89
CA LYS G 420 4.60 30.45 -25.96
C LYS G 420 3.69 30.88 -27.10
N VAL G 421 3.88 30.29 -28.28
CA VAL G 421 3.09 30.67 -29.44
C VAL G 421 1.61 30.35 -29.22
N ILE G 422 1.33 29.15 -28.71
CA ILE G 422 -0.06 28.76 -28.51
C ILE G 422 -0.71 29.58 -27.41
N TYR G 423 0.06 30.00 -26.40
CA TYR G 423 -0.48 30.95 -25.44
C TYR G 423 -0.82 32.28 -26.11
N ALA G 424 0.06 32.73 -27.01
CA ALA G 424 -0.25 33.94 -27.78
C ALA G 424 -1.46 33.75 -28.68
N MET G 425 -1.79 32.51 -29.05
CA MET G 425 -2.90 32.24 -29.94
C MET G 425 -4.24 32.12 -29.21
N MET G 426 -4.27 31.40 -28.08
CA MET G 426 -5.50 31.12 -27.35
C MET G 426 -5.38 31.57 -25.91
N GLY G 427 -4.84 32.77 -25.70
CA GLY G 427 -4.67 33.29 -24.36
C GLY G 427 -5.91 33.85 -23.71
N ASN G 428 -6.92 34.22 -24.50
CA ASN G 428 -8.13 34.83 -23.98
C ASN G 428 -9.24 33.83 -23.71
N LYS G 429 -9.02 32.54 -23.98
CA LYS G 429 -10.06 31.54 -23.80
C LYS G 429 -9.75 30.53 -22.71
N PHE G 430 -8.50 30.42 -22.26
CA PHE G 430 -8.11 29.43 -21.28
C PHE G 430 -7.41 30.11 -20.10
N VAL G 431 -7.53 29.49 -18.93
CA VAL G 431 -6.93 30.02 -17.71
C VAL G 431 -6.66 28.84 -16.77
N VAL G 432 -5.56 28.93 -16.02
CA VAL G 432 -5.11 27.84 -15.16
C VAL G 432 -4.87 28.39 -13.76
N ASP G 433 -5.33 27.65 -12.75
CA ASP G 433 -5.08 28.01 -11.36
C ASP G 433 -4.93 26.73 -10.54
N VAL G 434 -4.32 26.87 -9.38
CA VAL G 434 -4.04 25.74 -8.50
C VAL G 434 -5.18 25.59 -7.50
N ASP G 435 -5.68 24.37 -7.36
CA ASP G 435 -6.78 24.08 -6.46
C ASP G 435 -6.27 23.97 -5.02
N SER G 436 -7.14 23.51 -4.12
CA SER G 436 -6.75 23.39 -2.71
C SER G 436 -5.71 22.30 -2.52
N ASN G 437 -5.92 21.14 -3.14
CA ASN G 437 -5.01 20.01 -2.96
C ASN G 437 -3.64 20.27 -3.57
N GLY G 438 -3.53 21.23 -4.48
CA GLY G 438 -2.27 21.54 -5.13
C GLY G 438 -2.09 20.97 -6.52
N LYS G 439 -3.17 20.80 -7.27
CA LYS G 439 -3.11 20.26 -8.62
C LYS G 439 -3.63 21.30 -9.60
N TYR G 440 -2.86 21.57 -10.65
CA TYR G 440 -3.27 22.54 -11.65
C TYR G 440 -4.53 22.06 -12.36
N VAL G 441 -5.47 22.98 -12.59
CA VAL G 441 -6.71 22.69 -13.29
C VAL G 441 -6.90 23.71 -14.39
N TRP G 442 -7.69 23.33 -15.39
CA TRP G 442 -7.90 24.13 -16.59
C TRP G 442 -9.34 24.60 -16.67
N PHE G 443 -9.53 25.88 -16.97
CA PHE G 443 -10.85 26.46 -17.21
C PHE G 443 -10.86 27.10 -18.59
N GLU G 444 -11.95 26.92 -19.31
CA GLU G 444 -12.12 27.51 -20.63
C GLU G 444 -13.47 28.20 -20.74
N PHE G 445 -13.51 29.25 -21.55
CA PHE G 445 -14.73 30.01 -21.77
C PHE G 445 -15.54 29.36 -22.88
N VAL G 446 -16.80 29.08 -22.59
CA VAL G 446 -17.68 28.39 -23.54
C VAL G 446 -18.35 29.43 -24.43
N LEU G 447 -18.28 29.21 -25.73
CA LEU G 447 -18.84 30.13 -26.72
C LEU G 447 -19.83 29.40 -27.62
N PRO G 448 -20.80 30.12 -28.18
CA PRO G 448 -21.77 29.47 -29.08
C PRO G 448 -21.08 28.92 -30.32
N GLY G 449 -21.61 27.80 -30.81
CA GLY G 449 -21.10 27.17 -32.01
C GLY G 449 -20.12 26.04 -31.78
N GLN G 450 -19.96 25.57 -30.55
CA GLN G 450 -19.08 24.47 -30.25
C GLN G 450 -19.80 23.44 -29.39
N PRO G 451 -19.41 22.17 -29.47
CA PRO G 451 -20.06 21.15 -28.65
C PRO G 451 -19.86 21.44 -27.16
N MET G 452 -20.90 21.17 -26.38
CA MET G 452 -20.90 21.52 -24.96
C MET G 452 -22.03 20.77 -24.28
N ASN G 453 -21.98 20.73 -22.95
CA ASN G 453 -23.10 20.24 -22.17
C ASN G 453 -24.25 21.24 -22.25
N GLN G 454 -25.43 20.80 -21.80
CA GLN G 454 -26.61 21.62 -21.93
C GLN G 454 -26.59 22.77 -20.93
N GLY G 455 -26.85 23.98 -21.42
CA GLY G 455 -27.04 25.12 -20.56
C GLY G 455 -25.80 25.68 -19.91
N GLU G 456 -24.62 25.45 -20.47
CA GLU G 456 -23.37 25.96 -19.92
C GLU G 456 -22.72 27.00 -20.84
N ILE G 457 -23.55 27.84 -21.45
CA ILE G 457 -23.05 28.82 -22.40
C ILE G 457 -22.60 30.08 -21.66
N TRP G 458 -21.59 30.75 -22.23
CA TRP G 458 -21.07 32.01 -21.70
C TRP G 458 -20.55 31.87 -20.28
N LYS G 459 -20.04 30.70 -19.92
CA LYS G 459 -19.58 30.45 -18.56
C LYS G 459 -18.28 29.67 -18.60
N TRP G 460 -17.49 29.83 -17.54
CA TRP G 460 -16.25 29.07 -17.40
C TRP G 460 -16.57 27.61 -17.06
N ARG G 461 -15.86 26.70 -17.72
CA ARG G 461 -16.09 25.27 -17.58
C ARG G 461 -14.81 24.58 -17.13
N LYS G 462 -14.92 23.75 -16.11
CA LYS G 462 -13.75 23.02 -15.62
C LYS G 462 -13.32 21.96 -16.62
N GLU G 463 -12.01 21.84 -16.80
CA GLU G 463 -11.44 20.90 -17.77
C GLU G 463 -10.34 20.11 -17.09
N VAL G 464 -10.50 18.79 -17.03
CA VAL G 464 -9.46 17.95 -16.45
C VAL G 464 -8.23 17.92 -17.34
N ASN G 465 -8.43 17.86 -18.66
CA ASN G 465 -7.34 17.94 -19.63
C ASN G 465 -7.84 18.81 -20.77
N PRO G 466 -7.10 19.84 -21.16
CA PRO G 466 -7.56 20.72 -22.24
C PRO G 466 -7.53 20.02 -23.58
N ASP G 467 -8.48 19.11 -23.81
CA ASP G 467 -8.54 18.39 -25.08
C ASP G 467 -8.75 19.33 -26.25
N GLU G 468 -9.50 20.42 -26.04
CA GLU G 468 -9.64 21.43 -27.07
C GLU G 468 -8.29 22.02 -27.44
N LEU G 469 -7.42 22.20 -26.44
CA LEU G 469 -6.08 22.73 -26.73
C LEU G 469 -5.25 21.71 -27.51
N HIS G 470 -5.40 20.42 -27.20
CA HIS G 470 -4.71 19.39 -27.97
C HIS G 470 -5.17 19.40 -29.42
N ILE G 471 -6.48 19.49 -29.65
CA ILE G 471 -7.00 19.54 -31.01
C ILE G 471 -6.49 20.78 -31.73
N TYR G 472 -6.48 21.92 -31.04
CA TYR G 472 -6.03 23.16 -31.65
C TYR G 472 -4.55 23.07 -32.04
N ILE G 473 -3.71 22.55 -31.15
CA ILE G 473 -2.29 22.48 -31.44
C ILE G 473 -2.00 21.46 -32.53
N SER G 474 -2.84 20.42 -32.65
CA SER G 474 -2.62 19.43 -33.68
C SER G 474 -3.31 19.74 -35.00
N GLU G 475 -4.16 20.77 -35.04
CA GLU G 475 -4.91 21.10 -36.25
C GLU G 475 -4.52 22.47 -36.81
N ASN G 476 -4.64 23.53 -36.01
CA ASN G 476 -4.44 24.88 -36.52
C ASN G 476 -2.98 25.29 -36.58
N PHE G 477 -2.14 24.78 -35.68
CA PHE G 477 -0.72 25.13 -35.70
C PHE G 477 -0.06 24.69 -37.01
N SER G 478 -0.58 23.63 -37.62
CA SER G 478 -0.03 23.15 -38.89
C SER G 478 -0.10 24.22 -39.97
N ARG G 479 -1.11 25.09 -39.92
CA ARG G 479 -1.19 26.17 -40.89
C ARG G 479 -0.01 27.12 -40.77
N VAL G 480 0.34 27.51 -39.55
CA VAL G 480 1.50 28.39 -39.35
C VAL G 480 2.78 27.66 -39.74
N MET G 481 2.88 26.37 -39.41
CA MET G 481 4.07 25.62 -39.79
C MET G 481 4.23 25.56 -41.31
N ASP G 482 3.13 25.33 -42.02
CA ASP G 482 3.16 25.32 -43.48
C ASP G 482 3.50 26.69 -44.04
N ARG G 483 3.01 27.75 -43.38
CA ARG G 483 3.37 29.10 -43.81
C ARG G 483 4.87 29.33 -43.69
N ILE G 484 5.47 28.85 -42.60
CA ILE G 484 6.92 28.97 -42.48
C ILE G 484 7.63 28.15 -43.54
N THR G 485 7.12 26.95 -43.84
CA THR G 485 7.74 26.14 -44.89
C THR G 485 7.72 26.87 -46.23
N GLU G 486 6.58 27.47 -46.58
CA GLU G 486 6.49 28.17 -47.85
C GLU G 486 7.32 29.44 -47.85
N HIS G 487 7.45 30.11 -46.70
CA HIS G 487 8.35 31.27 -46.61
C HIS G 487 9.79 30.86 -46.87
N ILE G 488 10.21 29.74 -46.27
CA ILE G 488 11.57 29.24 -46.49
C ILE G 488 11.76 28.86 -47.95
N LYS G 489 10.75 28.23 -48.56
CA LYS G 489 10.84 27.87 -49.97
C LYS G 489 10.98 29.11 -50.85
N TYR G 490 10.20 30.15 -50.57
CA TYR G 490 10.30 31.38 -51.34
C TYR G 490 11.67 32.02 -51.20
N HIS G 491 12.20 32.06 -49.97
CA HIS G 491 13.53 32.62 -49.76
C HIS G 491 14.60 31.83 -50.49
N LEU G 492 14.47 30.49 -50.48
CA LEU G 492 15.43 29.66 -51.19
C LEU G 492 15.36 29.86 -52.69
N SER G 493 14.14 30.04 -53.23
CA SER G 493 13.98 30.16 -54.67
C SER G 493 14.63 31.42 -55.22
N GLN G 494 14.71 32.48 -54.43
CA GLN G 494 15.27 33.73 -54.90
C GLN G 494 16.76 33.57 -55.22
N PRO G 495 17.26 34.30 -56.22
CA PRO G 495 18.69 34.24 -56.53
C PRO G 495 19.52 34.71 -55.34
N HIS G 496 20.59 33.98 -55.06
CA HIS G 496 21.41 34.23 -53.87
C HIS G 496 22.80 33.65 -54.11
N GLU G 497 23.63 33.68 -53.07
CA GLU G 497 24.99 33.17 -53.13
C GLU G 497 24.98 31.65 -52.97
N SER G 498 26.16 31.07 -52.76
CA SER G 498 26.29 29.63 -52.59
C SER G 498 26.19 29.20 -51.14
N ASN G 499 26.90 29.89 -50.25
CA ASN G 499 26.88 29.53 -48.83
C ASN G 499 25.49 29.71 -48.22
N ILE G 500 24.78 30.77 -48.62
CA ILE G 500 23.43 31.01 -48.12
C ILE G 500 22.50 29.86 -48.48
N LEU G 501 22.63 29.32 -49.69
CA LEU G 501 21.71 28.26 -50.13
C LEU G 501 21.90 27.00 -49.31
N ASN G 502 23.15 26.65 -49.00
CA ASN G 502 23.41 25.50 -48.13
C ASN G 502 22.81 25.71 -46.75
N TYR G 503 22.96 26.92 -46.22
CA TYR G 503 22.37 27.25 -44.92
C TYR G 503 20.86 27.08 -44.95
N TYR G 504 20.21 27.54 -46.02
CA TYR G 504 18.77 27.42 -46.11
C TYR G 504 18.33 25.97 -46.29
N LYS G 505 19.11 25.17 -47.02
CA LYS G 505 18.80 23.75 -47.17
C LYS G 505 18.87 23.04 -45.81
N LYS G 506 19.94 23.31 -45.04
CA LYS G 506 20.04 22.73 -43.71
C LYS G 506 18.90 23.19 -42.82
N LEU G 507 18.53 24.48 -42.91
CA LEU G 507 17.43 24.99 -42.13
C LEU G 507 16.13 24.28 -42.47
N LEU G 508 15.86 24.09 -43.77
CA LEU G 508 14.63 23.41 -44.17
C LEU G 508 14.62 21.96 -43.69
N LYS G 509 15.75 21.27 -43.81
CA LYS G 509 15.82 19.88 -43.35
C LYS G 509 15.52 19.80 -41.85
N ALA G 510 16.20 20.63 -41.06
CA ALA G 510 15.97 20.61 -39.63
C ALA G 510 14.53 20.99 -39.29
N PHE G 511 13.97 21.97 -40.01
CA PHE G 511 12.62 22.42 -39.71
C PHE G 511 11.60 21.34 -40.01
N GLU G 512 11.75 20.62 -41.13
CA GLU G 512 10.79 19.56 -41.41
C GLU G 512 10.94 18.40 -40.43
N ARG G 513 12.18 18.06 -40.05
CA ARG G 513 12.37 17.01 -39.06
C ARG G 513 11.73 17.39 -37.73
N SER G 514 11.79 18.66 -37.37
CA SER G 514 11.13 19.12 -36.15
C SER G 514 9.62 19.19 -36.31
N LYS G 515 9.14 19.56 -37.50
CA LYS G 515 7.71 19.63 -37.76
C LYS G 515 7.06 18.28 -37.63
N SER G 516 7.78 17.21 -37.99
CA SER G 516 7.23 15.87 -37.86
C SER G 516 6.83 15.53 -36.43
N LYS G 517 7.39 16.24 -35.43
CA LYS G 517 7.19 15.93 -34.03
C LYS G 517 5.87 16.45 -33.46
N ILE G 518 5.18 17.35 -34.15
CA ILE G 518 4.05 18.04 -33.53
C ILE G 518 2.91 17.07 -33.23
N PHE G 519 2.75 16.02 -34.03
CA PHE G 519 1.67 15.07 -33.84
C PHE G 519 1.97 14.02 -32.77
N ASN G 520 3.19 14.02 -32.21
CA ASN G 520 3.53 13.06 -31.18
C ASN G 520 2.72 13.33 -29.91
N ASP G 521 2.54 12.27 -29.12
CA ASP G 521 1.72 12.36 -27.91
C ASP G 521 2.52 12.85 -26.70
N SER G 522 3.69 12.26 -26.46
CA SER G 522 4.52 12.68 -25.34
C SER G 522 4.97 14.13 -25.52
N PHE G 523 5.30 14.50 -26.76
CA PHE G 523 5.69 15.89 -27.04
C PHE G 523 4.55 16.85 -26.73
N LYS G 524 3.32 16.47 -27.12
CA LYS G 524 2.16 17.31 -26.82
C LYS G 524 1.93 17.42 -25.32
N LYS G 525 2.09 16.31 -24.59
CA LYS G 525 1.94 16.36 -23.15
C LYS G 525 2.98 17.28 -22.51
N GLY G 526 4.22 17.21 -23.00
CA GLY G 526 5.25 18.13 -22.50
C GLY G 526 4.93 19.57 -22.80
N VAL G 527 4.39 19.84 -24.00
CA VAL G 527 4.00 21.20 -24.35
C VAL G 527 2.90 21.70 -23.42
N ILE G 528 1.92 20.85 -23.13
CA ILE G 528 0.86 21.24 -22.20
C ILE G 528 1.43 21.52 -20.82
N ARG G 529 2.36 20.66 -20.37
CA ARG G 529 2.99 20.86 -19.07
C ARG G 529 3.72 22.20 -19.01
N GLN G 530 4.45 22.54 -20.07
CA GLN G 530 5.16 23.81 -20.10
C GLN G 530 4.20 24.99 -20.16
N ALA G 531 3.14 24.88 -20.96
CA ALA G 531 2.18 25.96 -21.10
C ALA G 531 1.32 26.14 -19.86
N GLU G 532 1.31 25.15 -18.96
CA GLU G 532 0.61 25.33 -17.68
C GLU G 532 1.10 26.56 -16.93
N PHE G 533 2.40 26.87 -17.03
CA PHE G 533 2.94 28.02 -16.32
C PHE G 533 2.52 29.34 -16.96
N LEU G 534 2.56 29.40 -18.30
CA LEU G 534 2.24 30.64 -18.98
C LEU G 534 0.78 31.03 -18.78
N PHE G 535 -0.13 30.07 -18.85
CA PHE G 535 -1.56 30.34 -18.73
C PHE G 535 -2.00 30.64 -17.31
N ARG G 536 -1.13 30.43 -16.31
CA ARG G 536 -1.55 30.55 -14.92
C ARG G 536 -1.93 31.99 -14.59
N GLN G 537 -3.02 32.14 -13.84
CA GLN G 537 -3.50 33.43 -13.38
C GLN G 537 -3.81 33.33 -11.90
N ARG G 538 -3.06 34.05 -11.08
CA ARG G 538 -3.21 33.95 -9.64
C ARG G 538 -4.54 34.54 -9.18
N SER G 539 -5.02 34.03 -8.04
CA SER G 539 -6.25 34.51 -7.40
C SER G 539 -7.45 34.38 -8.35
N PHE G 540 -7.72 33.15 -8.75
CA PHE G 540 -8.86 32.85 -9.61
C PHE G 540 -9.86 31.91 -8.95
N ILE G 541 -9.38 30.84 -8.30
CA ILE G 541 -10.28 29.89 -7.65
C ILE G 541 -11.07 30.58 -6.55
N GLN G 542 -10.39 31.36 -5.72
CA GLN G 542 -11.06 32.04 -4.60
C GLN G 542 -11.98 33.16 -5.06
N THR G 543 -11.82 33.64 -6.29
CA THR G 543 -12.68 34.69 -6.83
C THR G 543 -13.85 34.14 -7.64
N LEU G 544 -14.00 32.82 -7.70
CA LEU G 544 -15.09 32.20 -8.45
C LEU G 544 -16.37 32.24 -7.64
N ASP G 545 -17.43 32.81 -8.23
CA ASP G 545 -18.76 32.86 -7.62
C ASP G 545 -18.71 33.52 -6.24
N THR G 546 -18.17 34.73 -6.20
CA THR G 546 -18.06 35.47 -4.94
C THR G 546 -19.27 36.37 -4.72
N ASN G 547 -19.52 37.29 -5.63
CA ASN G 547 -20.67 38.17 -5.49
C ASN G 547 -21.97 37.40 -5.66
N PRO G 548 -22.95 37.58 -4.78
CA PRO G 548 -24.22 36.84 -4.89
C PRO G 548 -25.24 37.47 -5.82
N HIS G 549 -24.87 38.47 -6.61
CA HIS G 549 -25.79 39.14 -7.52
C HIS G 549 -25.72 38.59 -8.93
N LEU G 550 -24.91 37.56 -9.16
CA LEU G 550 -24.79 36.93 -10.47
C LEU G 550 -25.18 35.47 -10.36
N LEU G 551 -26.08 35.03 -11.24
CA LEU G 551 -26.57 33.66 -11.24
C LEU G 551 -26.36 33.05 -12.63
N GLY G 552 -25.80 31.85 -12.65
CA GLY G 552 -25.63 31.13 -13.90
C GLY G 552 -26.91 30.47 -14.35
N VAL G 553 -27.45 30.91 -15.48
CA VAL G 553 -28.73 30.39 -15.96
C VAL G 553 -28.50 29.56 -17.21
N GLY G 554 -29.57 28.93 -17.71
CA GLY G 554 -29.45 28.00 -18.82
C GLY G 554 -29.03 28.64 -20.13
N ASN G 555 -29.22 29.96 -20.28
CA ASN G 555 -28.89 30.67 -21.50
C ASN G 555 -28.05 31.90 -21.20
N GLY G 556 -27.05 31.74 -20.33
CA GLY G 556 -26.17 32.85 -20.02
C GLY G 556 -25.99 33.06 -18.53
N VAL G 557 -25.83 34.32 -18.13
CA VAL G 557 -25.69 34.70 -16.73
C VAL G 557 -26.64 35.85 -16.44
N LEU G 558 -27.27 35.82 -15.28
CA LEU G 558 -28.28 36.80 -14.89
C LEU G 558 -27.73 37.65 -13.75
N SER G 559 -27.93 38.97 -13.86
CA SER G 559 -27.48 39.93 -12.86
C SER G 559 -28.67 40.58 -12.20
N ILE G 560 -28.70 40.56 -10.86
CA ILE G 560 -29.75 41.21 -10.10
C ILE G 560 -29.18 42.42 -9.40
N GLU G 561 -28.11 42.99 -9.97
CA GLU G 561 -27.48 44.17 -9.38
C GLU G 561 -28.45 45.35 -9.36
N THR G 562 -29.19 45.55 -10.45
CA THR G 562 -30.10 46.67 -10.58
C THR G 562 -31.53 46.16 -10.77
N ILE G 563 -32.46 47.09 -10.99
CA ILE G 563 -33.86 46.78 -11.20
C ILE G 563 -34.31 47.49 -12.48
N PRO G 564 -34.84 46.77 -13.48
CA PRO G 564 -35.04 45.32 -13.47
C PRO G 564 -33.75 44.55 -13.72
N ALA G 565 -33.78 43.23 -13.51
CA ALA G 565 -32.59 42.42 -13.70
C ALA G 565 -32.19 42.38 -15.17
N LYS G 566 -30.89 42.39 -15.42
CA LYS G 566 -30.34 42.35 -16.76
C LYS G 566 -29.74 40.97 -17.02
N LEU G 567 -30.09 40.38 -18.16
CA LEU G 567 -29.54 39.11 -18.59
C LEU G 567 -28.39 39.35 -19.56
N ILE G 568 -27.24 38.74 -19.29
CA ILE G 568 -26.07 38.87 -20.15
C ILE G 568 -26.00 37.63 -21.02
N ASN G 569 -26.14 37.82 -22.33
CA ASN G 569 -26.04 36.73 -23.30
C ASN G 569 -24.92 36.96 -24.29
N HIS G 570 -23.99 37.86 -23.98
CA HIS G 570 -22.84 38.13 -24.82
C HIS G 570 -21.55 37.99 -24.02
N PHE G 571 -20.43 38.36 -24.62
CA PHE G 571 -19.14 38.19 -23.95
C PHE G 571 -19.04 39.11 -22.74
N HIS G 572 -18.40 38.62 -21.69
CA HIS G 572 -18.18 39.36 -20.46
C HIS G 572 -16.87 38.87 -19.84
N GLU G 573 -16.64 39.24 -18.58
CA GLU G 573 -15.43 38.81 -17.89
C GLU G 573 -15.69 38.35 -16.46
N HIS G 574 -16.94 38.29 -16.03
CA HIS G 574 -17.25 37.88 -14.67
C HIS G 574 -16.91 36.40 -14.47
N PRO G 575 -16.21 36.05 -13.40
CA PRO G 575 -15.86 34.64 -13.18
C PRO G 575 -17.03 33.80 -12.68
N ILE G 576 -17.86 33.31 -13.59
CA ILE G 576 -19.01 32.49 -13.25
C ILE G 576 -18.75 31.07 -13.73
N HIS G 577 -18.90 30.10 -12.83
CA HIS G 577 -18.64 28.70 -13.15
C HIS G 577 -19.83 27.82 -12.77
N GLN G 578 -20.53 28.19 -11.70
CA GLN G 578 -21.62 27.37 -11.16
C GLN G 578 -22.94 27.93 -11.65
N TYR G 579 -23.77 27.07 -12.22
CA TYR G 579 -24.96 27.49 -12.95
C TYR G 579 -26.12 26.55 -12.68
N THR G 580 -27.28 26.91 -13.24
CA THR G 580 -28.45 26.05 -13.27
C THR G 580 -28.93 25.92 -14.70
N HIS G 581 -29.64 24.83 -14.97
CA HIS G 581 -30.06 24.48 -16.33
C HIS G 581 -31.43 25.05 -16.69
N ILE G 582 -31.83 26.16 -16.08
CA ILE G 582 -33.14 26.76 -16.32
C ILE G 582 -32.94 28.07 -17.06
N CYS G 583 -33.59 28.18 -18.22
CA CYS G 583 -33.56 29.43 -18.97
C CYS G 583 -34.41 30.49 -18.28
N TYR G 584 -34.12 31.75 -18.56
CA TYR G 584 -34.80 32.87 -17.93
C TYR G 584 -35.55 33.68 -18.98
N VAL G 585 -36.80 34.00 -18.68
CA VAL G 585 -37.61 34.89 -19.51
C VAL G 585 -38.26 35.92 -18.58
N PRO G 586 -38.58 37.12 -19.07
CA PRO G 586 -39.25 38.10 -18.20
C PRO G 586 -40.60 37.60 -17.73
N PHE G 587 -40.98 38.03 -16.52
CA PHE G 587 -42.24 37.61 -15.92
C PHE G 587 -43.43 38.09 -16.74
N ASN G 588 -44.13 37.15 -17.36
CA ASN G 588 -45.32 37.46 -18.17
C ASN G 588 -46.52 36.71 -17.61
N PRO G 589 -47.49 37.40 -17.02
CA PRO G 589 -48.66 36.69 -16.47
C PRO G 589 -49.60 36.16 -17.54
N GLU G 590 -49.41 36.53 -18.80
CA GLU G 590 -50.28 36.05 -19.87
C GLU G 590 -49.91 34.65 -20.35
N ASN G 591 -48.74 34.15 -19.99
CA ASN G 591 -48.36 32.79 -20.38
C ASN G 591 -49.31 31.79 -19.73
N PRO G 592 -49.78 30.79 -20.48
CA PRO G 592 -50.68 29.79 -19.87
C PRO G 592 -50.05 29.08 -18.69
N TRP G 593 -48.76 28.77 -18.76
CA TRP G 593 -48.09 28.14 -17.63
C TRP G 593 -48.07 29.06 -16.41
N THR G 594 -47.80 30.35 -16.64
CA THR G 594 -47.78 31.29 -15.53
C THR G 594 -49.15 31.42 -14.89
N LYS G 595 -50.22 31.50 -15.69
CA LYS G 595 -51.56 31.61 -15.13
C LYS G 595 -51.95 30.35 -14.37
N LEU G 596 -51.64 29.17 -14.93
CA LEU G 596 -51.94 27.92 -14.24
C LEU G 596 -51.19 27.82 -12.91
N LEU G 597 -49.91 28.18 -12.92
CA LEU G 597 -49.11 28.12 -11.71
C LEU G 597 -49.61 29.11 -10.66
N LEU G 598 -49.98 30.31 -11.09
CA LEU G 598 -50.51 31.30 -10.15
C LEU G 598 -51.84 30.85 -9.56
N ASN G 599 -52.71 30.25 -10.37
CA ASN G 599 -53.98 29.74 -9.85
C ASN G 599 -53.76 28.61 -8.86
N ALA G 600 -52.84 27.70 -9.17
CA ALA G 600 -52.53 26.62 -8.23
C ALA G 600 -51.95 27.18 -6.93
N LEU G 601 -51.07 28.17 -7.03
CA LEU G 601 -50.49 28.78 -5.84
C LEU G 601 -51.56 29.46 -4.99
N GLN G 602 -52.50 30.15 -5.64
CA GLN G 602 -53.61 30.75 -4.90
C GLN G 602 -54.45 29.70 -4.22
N ASP G 603 -54.70 28.58 -4.90
CA ASP G 603 -55.47 27.50 -4.29
C ASP G 603 -54.74 26.89 -3.11
N ILE G 604 -53.40 26.89 -3.14
CA ILE G 604 -52.64 26.28 -2.04
C ILE G 604 -52.78 27.11 -0.77
N ILE G 605 -52.62 28.42 -0.87
CA ILE G 605 -52.62 29.32 0.28
C ILE G 605 -53.85 30.21 0.19
N PRO G 606 -54.85 30.03 1.05
CA PRO G 606 -56.06 30.85 0.97
C PRO G 606 -55.84 32.32 1.29
N GLU G 607 -55.20 32.61 2.43
CA GLU G 607 -55.05 34.00 2.86
C GLU G 607 -54.11 34.76 1.95
N LEU G 608 -54.47 36.01 1.67
CA LEU G 608 -53.65 36.85 0.79
C LEU G 608 -52.35 37.24 1.47
N ASP G 609 -52.42 37.71 2.71
CA ASP G 609 -51.22 38.16 3.40
C ASP G 609 -50.24 37.01 3.65
N ALA G 610 -50.77 35.85 4.04
CA ALA G 610 -49.90 34.69 4.24
C ALA G 610 -49.24 34.27 2.95
N ARG G 611 -49.99 34.28 1.85
CA ARG G 611 -49.42 33.94 0.55
C ARG G 611 -48.30 34.90 0.17
N LEU G 612 -48.55 36.20 0.35
CA LEU G 612 -47.54 37.20 0.03
C LEU G 612 -46.29 37.03 0.88
N TRP G 613 -46.47 36.79 2.18
CA TRP G 613 -45.32 36.61 3.06
C TRP G 613 -44.53 35.37 2.68
N ILE G 614 -45.21 34.27 2.38
CA ILE G 614 -44.52 33.04 2.01
C ILE G 614 -43.75 33.23 0.71
N MET G 615 -44.36 33.89 -0.28
CA MET G 615 -43.65 34.14 -1.53
C MET G 615 -42.46 35.07 -1.33
N PHE G 616 -42.60 36.09 -0.49
CA PHE G 616 -41.47 36.95 -0.18
C PHE G 616 -40.34 36.17 0.46
N TYR G 617 -40.67 35.27 1.41
CA TYR G 617 -39.64 34.48 2.05
C TYR G 617 -38.95 33.54 1.08
N LEU G 618 -39.73 32.89 0.22
CA LEU G 618 -39.15 31.95 -0.75
C LEU G 618 -38.31 32.67 -1.79
N SER G 619 -38.67 33.90 -2.15
CA SER G 619 -37.99 34.61 -3.23
C SER G 619 -36.55 34.98 -2.87
N THR G 620 -36.23 35.05 -1.57
CA THR G 620 -34.86 35.38 -1.17
C THR G 620 -33.89 34.23 -1.44
N ALA G 621 -34.38 33.05 -1.83
CA ALA G 621 -33.50 31.92 -2.05
C ALA G 621 -32.53 32.17 -3.20
N ILE G 622 -32.90 33.01 -4.17
CA ILE G 622 -32.00 33.29 -5.28
C ILE G 622 -30.80 34.09 -4.80
N PHE G 623 -31.00 35.01 -3.87
CA PHE G 623 -29.90 35.79 -3.32
C PHE G 623 -29.04 34.89 -2.44
N ARG G 624 -27.72 34.91 -2.70
CA ARG G 624 -26.80 33.99 -2.03
C ARG G 624 -25.91 34.68 -1.00
N GLY G 625 -26.20 35.93 -0.66
CA GLY G 625 -25.41 36.65 0.33
C GLY G 625 -25.92 36.43 1.74
N LEU G 626 -25.47 37.29 2.63
CA LEU G 626 -25.91 37.23 4.02
C LEU G 626 -27.35 37.72 4.13
N LYS G 627 -28.18 36.95 4.84
CA LYS G 627 -29.59 37.27 5.00
C LYS G 627 -29.94 37.35 6.49
N GLU G 628 -31.16 37.79 6.75
CA GLU G 628 -31.63 37.91 8.13
C GLU G 628 -31.90 36.53 8.71
N ALA G 629 -31.58 36.37 9.99
CA ALA G 629 -31.72 35.08 10.67
C ALA G 629 -33.20 34.79 10.87
N LEU G 630 -33.75 33.91 10.02
CA LEU G 630 -35.14 33.54 10.10
C LEU G 630 -35.31 32.13 9.55
N MET G 631 -36.40 31.48 9.95
CA MET G 631 -36.68 30.13 9.51
C MET G 631 -38.18 29.90 9.59
N LEU G 632 -38.72 29.13 8.64
CA LEU G 632 -40.15 28.90 8.55
C LEU G 632 -40.46 27.43 8.81
N LEU G 633 -41.37 27.19 9.75
CA LEU G 633 -41.91 25.85 10.00
C LEU G 633 -43.41 25.89 9.74
N TRP G 634 -43.90 24.95 8.93
CA TRP G 634 -45.32 24.86 8.66
C TRP G 634 -45.70 23.40 8.43
N LEU G 635 -46.79 22.99 9.06
CA LEU G 635 -47.21 21.60 9.11
C LEU G 635 -48.58 21.45 8.46
N GLY G 636 -49.13 20.25 8.55
CA GLY G 636 -50.44 19.97 7.99
C GLY G 636 -50.66 18.47 7.93
N GLY G 637 -51.82 18.11 7.39
CA GLY G 637 -52.19 16.72 7.19
C GLY G 637 -51.67 16.19 5.87
N GLY G 638 -52.36 15.16 5.37
CA GLY G 638 -52.03 14.64 4.06
C GLY G 638 -52.60 15.48 2.94
N CYS G 639 -51.93 15.44 1.79
CA CYS G 639 -52.37 16.15 0.59
C CYS G 639 -52.54 17.65 0.86
N ASN G 640 -51.43 18.29 1.24
CA ASN G 640 -51.43 19.73 1.49
C ASN G 640 -50.60 20.51 0.47
N GLY G 641 -49.87 19.83 -0.41
CA GLY G 641 -49.07 20.53 -1.39
C GLY G 641 -47.74 21.02 -0.90
N LYS G 642 -47.38 20.73 0.36
CA LYS G 642 -46.11 21.21 0.90
C LYS G 642 -44.93 20.66 0.10
N THR G 643 -44.89 19.33 -0.09
CA THR G 643 -43.82 18.72 -0.85
C THR G 643 -43.76 19.25 -2.28
N PHE G 644 -44.93 19.44 -2.90
CA PHE G 644 -44.96 19.94 -4.27
C PHE G 644 -44.23 21.28 -4.39
N LEU G 645 -44.61 22.25 -3.56
CA LEU G 645 -44.02 23.58 -3.64
C LEU G 645 -42.55 23.56 -3.26
N MET G 646 -42.22 22.85 -2.16
CA MET G 646 -40.84 22.83 -1.69
C MET G 646 -39.92 22.18 -2.71
N ARG G 647 -40.33 21.04 -3.27
CA ARG G 647 -39.52 20.37 -4.29
C ARG G 647 -39.44 21.22 -5.55
N LEU G 648 -40.52 21.91 -5.91
CA LEU G 648 -40.49 22.76 -7.09
C LEU G 648 -39.44 23.85 -6.93
N VAL G 649 -39.41 24.50 -5.76
CA VAL G 649 -38.41 25.54 -5.52
C VAL G 649 -37.01 24.94 -5.56
N ALA G 650 -36.80 23.86 -4.81
CA ALA G 650 -35.47 23.28 -4.69
C ALA G 650 -34.93 22.79 -6.02
N MET G 651 -35.82 22.34 -6.91
CA MET G 651 -35.38 21.83 -8.20
C MET G 651 -35.23 22.93 -9.24
N VAL G 652 -36.08 23.96 -9.20
CA VAL G 652 -35.92 25.07 -10.14
C VAL G 652 -34.66 25.85 -9.83
N LEU G 653 -34.25 25.91 -8.56
CA LEU G 653 -32.96 26.53 -8.26
C LEU G 653 -31.81 25.70 -8.79
N GLY G 654 -31.93 24.39 -8.75
CA GLY G 654 -30.89 23.51 -9.26
C GLY G 654 -30.11 22.84 -8.14
N ASP G 655 -29.36 21.80 -8.53
CA ASP G 655 -28.56 21.06 -7.57
C ASP G 655 -27.47 21.92 -6.97
N HIS G 656 -26.81 22.75 -7.79
CA HIS G 656 -25.70 23.55 -7.30
C HIS G 656 -26.14 24.55 -6.24
N TYR G 657 -27.26 25.22 -6.45
CA TYR G 657 -27.70 26.28 -5.55
C TYR G 657 -28.61 25.80 -4.43
N ALA G 658 -29.37 24.73 -4.66
CA ALA G 658 -30.31 24.22 -3.67
C ALA G 658 -30.11 22.73 -3.48
N SER G 659 -30.39 22.25 -2.27
CA SER G 659 -30.24 20.85 -1.95
C SER G 659 -31.17 20.50 -0.80
N LYS G 660 -31.38 19.19 -0.63
CA LYS G 660 -32.18 18.68 0.48
C LYS G 660 -31.29 18.39 1.68
N LEU G 661 -31.83 18.61 2.87
CA LEU G 661 -31.09 18.44 4.11
C LEU G 661 -31.68 17.29 4.92
N ASN G 662 -30.81 16.65 5.71
CA ASN G 662 -31.23 15.54 6.55
C ASN G 662 -31.80 16.06 7.86
N ILE G 663 -32.92 15.48 8.30
CA ILE G 663 -33.55 15.92 9.53
C ILE G 663 -32.69 15.60 10.74
N SER G 664 -31.93 14.50 10.68
CA SER G 664 -31.03 14.17 11.79
C SER G 664 -29.94 15.22 11.97
N LEU G 665 -29.55 15.90 10.89
CA LEU G 665 -28.59 16.98 11.01
C LEU G 665 -29.10 18.10 11.91
N LEU G 666 -30.41 18.24 12.04
CA LEU G 666 -31.02 19.25 12.90
C LEU G 666 -31.42 18.70 14.26
N THR G 667 -31.98 17.48 14.31
CA THR G 667 -32.57 16.98 15.55
C THR G 667 -31.55 16.28 16.45
N SER G 668 -30.40 15.87 15.93
CA SER G 668 -29.45 15.10 16.71
C SER G 668 -28.62 16.02 17.61
N CYS G 669 -27.63 15.44 18.27
CA CYS G 669 -26.76 16.12 19.20
C CYS G 669 -25.43 16.46 18.55
N ARG G 670 -24.46 16.89 19.36
CA ARG G 670 -23.12 17.18 18.86
C ARG G 670 -22.53 15.96 18.14
N GLU G 671 -21.87 16.21 17.01
CA GLU G 671 -21.05 15.20 16.37
C GLU G 671 -19.62 15.35 16.88
N THR G 672 -18.95 14.21 17.06
CA THR G 672 -17.64 14.20 17.71
C THR G 672 -16.64 15.00 16.89
N ALA G 673 -15.79 15.75 17.59
CA ALA G 673 -14.96 16.78 16.95
C ALA G 673 -13.98 16.22 15.93
N GLU G 674 -13.52 14.97 16.10
CA GLU G 674 -12.52 14.40 15.20
C GLU G 674 -13.16 13.58 14.08
N LYS G 675 -14.48 13.56 14.01
CA LYS G 675 -15.17 12.80 12.96
C LYS G 675 -15.64 13.74 11.86
N PRO G 676 -15.27 13.48 10.61
CA PRO G 676 -15.77 14.33 9.51
C PRO G 676 -17.28 14.20 9.38
N ASN G 677 -17.90 15.31 8.95
CA ASN G 677 -19.35 15.34 8.83
C ASN G 677 -19.81 14.85 7.46
N SER G 678 -19.38 15.52 6.40
CA SER G 678 -19.70 15.24 4.99
C SER G 678 -21.18 15.48 4.67
N ALA G 679 -22.00 15.83 5.67
CA ALA G 679 -23.38 16.25 5.44
C ALA G 679 -23.59 17.72 5.74
N PHE G 680 -22.77 18.31 6.61
CA PHE G 680 -22.86 19.74 6.87
C PHE G 680 -22.44 20.54 5.64
N MET G 681 -21.56 19.99 4.81
CA MET G 681 -21.13 20.65 3.57
C MET G 681 -22.23 20.66 2.51
N ARG G 682 -23.33 19.94 2.71
CA ARG G 682 -24.41 19.97 1.73
C ARG G 682 -24.97 21.39 1.56
N LEU G 683 -24.77 22.25 2.54
CA LEU G 683 -25.18 23.65 2.47
C LEU G 683 -24.03 24.61 2.24
N LYS G 684 -22.83 24.10 1.98
CA LYS G 684 -21.67 24.97 1.74
C LYS G 684 -21.85 25.67 0.40
N GLY G 685 -22.22 26.94 0.45
CA GLY G 685 -22.52 27.69 -0.75
C GLY G 685 -23.90 27.49 -1.31
N ARG G 686 -24.71 26.62 -0.70
CA ARG G 686 -26.05 26.37 -1.18
C ARG G 686 -26.99 27.48 -0.74
N GLY G 687 -27.78 28.00 -1.67
CA GLY G 687 -28.67 29.10 -1.38
C GLY G 687 -30.01 28.74 -0.78
N TYR G 688 -30.33 27.46 -0.65
CA TYR G 688 -31.64 27.05 -0.19
C TYR G 688 -31.60 25.58 0.22
N GLY G 689 -32.25 25.28 1.34
CA GLY G 689 -32.31 23.91 1.84
C GLY G 689 -33.62 23.68 2.56
N TYR G 690 -34.09 22.44 2.52
CA TYR G 690 -35.41 22.12 3.07
C TYR G 690 -35.39 20.76 3.75
N PHE G 691 -36.23 20.61 4.76
CA PHE G 691 -36.39 19.36 5.51
C PHE G 691 -37.77 18.79 5.23
N GLU G 692 -37.83 17.49 4.95
CA GLU G 692 -39.07 16.86 4.49
C GLU G 692 -39.85 16.18 5.61
N GLU G 693 -39.26 15.20 6.29
CA GLU G 693 -40.00 14.27 7.13
C GLU G 693 -39.73 14.55 8.61
N THR G 694 -40.49 13.87 9.46
CA THR G 694 -40.34 13.97 10.90
C THR G 694 -41.11 12.80 11.54
N ASN G 695 -40.76 12.52 12.80
CA ASN G 695 -41.45 11.52 13.59
C ASN G 695 -42.55 12.19 14.41
N LYS G 696 -43.07 11.46 15.41
CA LYS G 696 -44.13 11.98 16.28
C LYS G 696 -43.75 13.33 16.87
N SER G 697 -42.69 13.36 17.67
CA SER G 697 -42.28 14.59 18.34
C SER G 697 -40.77 14.52 18.56
N GLU G 698 -40.01 15.18 17.68
CA GLU G 698 -38.58 15.33 17.86
C GLU G 698 -38.30 16.64 18.57
N VAL G 699 -37.58 16.56 19.69
CA VAL G 699 -37.22 17.77 20.41
C VAL G 699 -36.24 18.57 19.56
N LEU G 700 -36.59 19.83 19.29
CA LEU G 700 -35.70 20.67 18.52
C LEU G 700 -34.43 20.93 19.30
N ASN G 701 -33.29 20.87 18.62
CA ASN G 701 -32.01 20.87 19.30
C ASN G 701 -31.67 22.22 19.92
N THR G 702 -32.35 23.30 19.53
CA THR G 702 -32.12 24.68 19.98
C THR G 702 -30.63 25.01 19.95
N SER G 703 -29.89 24.28 19.11
CA SER G 703 -28.47 24.38 18.90
C SER G 703 -28.15 23.49 17.70
N ARG G 704 -27.02 23.78 17.05
CA ARG G 704 -26.65 23.18 15.76
C ARG G 704 -27.56 23.80 14.69
N LEU G 705 -28.53 24.60 15.13
CA LEU G 705 -29.33 25.45 14.27
C LEU G 705 -29.03 26.92 14.46
N LYS G 706 -28.52 27.29 15.64
CA LYS G 706 -28.22 28.68 15.92
C LYS G 706 -27.20 29.23 14.95
N GLU G 707 -26.17 28.43 14.64
CA GLU G 707 -25.17 28.87 13.67
C GLU G 707 -25.66 28.77 12.24
N MET G 708 -26.44 27.74 11.91
CA MET G 708 -26.96 27.59 10.55
C MET G 708 -28.01 28.64 10.21
N VAL G 709 -28.57 29.32 11.22
CA VAL G 709 -29.49 30.42 10.98
C VAL G 709 -28.81 31.77 11.14
N ASN G 710 -27.75 31.87 11.94
CA ASN G 710 -27.10 33.15 12.15
C ASN G 710 -26.35 33.57 10.89
N PRO G 711 -26.37 34.85 10.54
CA PRO G 711 -25.57 35.33 9.39
C PRO G 711 -24.09 35.51 9.76
N GLY G 712 -23.47 34.41 10.18
CA GLY G 712 -22.09 34.39 10.62
C GLY G 712 -21.30 33.31 9.91
N ASP G 713 -20.27 32.84 10.59
CA ASP G 713 -19.37 31.83 10.07
C ASP G 713 -19.48 30.55 10.90
N VAL G 714 -19.40 29.41 10.21
CA VAL G 714 -19.43 28.11 10.87
C VAL G 714 -18.28 27.27 10.31
N THR G 715 -17.79 26.34 11.13
CA THR G 715 -16.66 25.50 10.76
C THR G 715 -17.03 24.03 10.89
N ALA G 716 -16.52 23.23 9.97
CA ALA G 716 -16.72 21.78 9.97
C ALA G 716 -15.71 21.17 9.03
N ARG G 717 -15.63 19.84 9.06
CA ARG G 717 -14.67 19.09 8.25
C ARG G 717 -15.42 18.07 7.40
N GLU G 718 -15.12 18.04 6.11
CA GLU G 718 -15.75 17.11 5.19
C GLU G 718 -14.93 15.82 5.12
N LEU G 719 -15.27 14.95 4.16
CA LEU G 719 -14.64 13.65 4.07
C LEU G 719 -13.21 13.78 3.56
N ASN G 720 -12.27 13.23 4.33
CA ASN G 720 -10.87 13.13 3.92
C ASN G 720 -10.27 14.48 3.53
N GLN G 721 -10.60 15.51 4.31
CA GLN G 721 -10.06 16.84 4.07
C GLN G 721 -9.69 17.45 5.42
N LYS G 722 -9.27 18.71 5.40
CA LYS G 722 -8.85 19.42 6.60
C LYS G 722 -10.00 20.27 7.14
N GLN G 723 -9.85 20.66 8.40
CA GLN G 723 -10.86 21.51 9.04
C GLN G 723 -10.96 22.83 8.30
N GLU G 724 -12.20 23.24 8.02
CA GLU G 724 -12.46 24.42 7.21
C GLU G 724 -13.67 25.17 7.75
N SER G 725 -13.74 26.46 7.44
CA SER G 725 -14.83 27.31 7.88
C SER G 725 -15.35 28.12 6.70
N PHE G 726 -16.66 28.37 6.69
CA PHE G 726 -17.30 29.16 5.65
C PHE G 726 -18.46 29.94 6.26
N GLN G 727 -19.03 30.83 5.47
CA GLN G 727 -20.10 31.70 5.94
C GLN G 727 -21.47 31.06 5.68
N MET G 728 -22.39 31.29 6.60
CA MET G 728 -23.73 30.72 6.52
C MET G 728 -24.60 31.60 5.64
N THR G 729 -24.99 31.09 4.47
CA THR G 729 -25.86 31.81 3.54
C THR G 729 -26.82 30.82 2.88
N ALA G 730 -28.00 30.68 3.48
CA ALA G 730 -29.01 29.78 2.93
C ALA G 730 -30.38 30.15 3.50
N THR G 731 -31.42 29.78 2.78
CA THR G 731 -32.80 29.92 3.24
C THR G 731 -33.34 28.55 3.62
N MET G 732 -33.90 28.46 4.82
CA MET G 732 -34.31 27.18 5.39
C MET G 732 -35.82 27.14 5.59
N VAL G 733 -36.40 25.97 5.32
CA VAL G 733 -37.83 25.75 5.56
C VAL G 733 -38.01 24.26 5.84
N ALA G 734 -38.90 23.96 6.78
CA ALA G 734 -39.14 22.59 7.21
C ALA G 734 -40.63 22.28 7.14
N ALA G 735 -40.95 21.08 6.66
CA ALA G 735 -42.32 20.59 6.60
C ALA G 735 -42.48 19.46 7.61
N SER G 736 -43.70 19.33 8.14
CA SER G 736 -43.96 18.37 9.19
C SER G 736 -45.42 17.96 9.18
N ASN G 737 -45.70 16.82 9.81
CA ASN G 737 -47.05 16.41 10.15
C ASN G 737 -47.35 16.57 11.63
N TYR G 738 -46.41 17.13 12.40
CA TYR G 738 -46.55 17.26 13.83
C TYR G 738 -45.79 18.50 14.28
N ASN G 739 -46.15 19.00 15.46
CA ASN G 739 -45.44 20.13 16.04
C ASN G 739 -44.11 19.67 16.64
N PHE G 740 -43.11 20.54 16.52
CA PHE G 740 -41.81 20.26 17.12
C PHE G 740 -41.85 20.54 18.62
N ILE G 741 -40.76 20.21 19.29
CA ILE G 741 -40.58 20.48 20.71
C ILE G 741 -39.41 21.43 20.86
N ILE G 742 -39.65 22.61 21.43
CA ILE G 742 -38.65 23.66 21.50
C ILE G 742 -38.01 23.75 22.87
N ASP G 743 -38.81 23.54 23.93
CA ASP G 743 -38.37 23.46 25.33
C ASP G 743 -37.41 24.58 25.74
N THR G 744 -37.46 25.73 25.07
CA THR G 744 -36.65 26.89 25.46
C THR G 744 -37.49 28.14 25.35
N THR G 745 -37.12 29.15 26.14
CA THR G 745 -37.87 30.39 26.21
C THR G 745 -37.03 31.64 26.03
N ASP G 746 -35.72 31.51 25.81
CA ASP G 746 -34.87 32.67 25.61
C ASP G 746 -35.25 33.41 24.33
N HIS G 747 -35.09 34.73 24.36
CA HIS G 747 -35.44 35.56 23.20
C HIS G 747 -34.60 35.24 21.98
N GLY G 748 -33.41 34.66 22.16
CA GLY G 748 -32.57 34.36 21.01
C GLY G 748 -33.20 33.36 20.07
N THR G 749 -33.77 32.29 20.62
CA THR G 749 -34.38 31.26 19.78
C THR G 749 -35.74 31.69 19.24
N TRP G 750 -36.52 32.42 20.04
CA TRP G 750 -37.86 32.80 19.61
C TRP G 750 -37.88 34.02 18.71
N ARG G 751 -36.75 34.69 18.50
CA ARG G 751 -36.69 35.74 17.49
C ARG G 751 -36.94 35.16 16.10
N ARG G 752 -36.37 34.00 15.82
CA ARG G 752 -36.60 33.25 14.60
C ARG G 752 -37.76 32.27 14.79
N LEU G 753 -37.91 31.30 13.89
CA LEU G 753 -39.00 30.32 13.93
C LEU G 753 -40.37 30.98 13.77
N ARG G 754 -40.56 31.60 12.61
CA ARG G 754 -41.90 31.96 12.16
C ARG G 754 -42.66 30.69 11.80
N HIS G 755 -43.89 30.57 12.30
CA HIS G 755 -44.65 29.34 12.20
C HIS G 755 -45.94 29.55 11.42
N TYR G 756 -46.32 28.54 10.64
CA TYR G 756 -47.52 28.60 9.81
C TYR G 756 -48.25 27.27 9.89
N ARG G 757 -49.55 27.32 9.61
CA ARG G 757 -50.39 26.13 9.57
C ARG G 757 -51.20 26.15 8.29
N SER G 758 -51.21 25.03 7.56
CA SER G 758 -51.95 24.94 6.32
C SER G 758 -53.42 24.67 6.60
N LYS G 759 -54.27 25.13 5.68
CA LYS G 759 -55.72 24.97 5.81
C LYS G 759 -56.34 24.13 4.70
N VAL G 760 -55.82 24.22 3.47
CA VAL G 760 -56.40 23.46 2.37
C VAL G 760 -56.13 21.97 2.58
N LYS G 761 -57.03 21.14 2.03
CA LYS G 761 -56.91 19.69 2.15
C LYS G 761 -57.47 19.06 0.89
N PHE G 762 -56.75 18.08 0.35
CA PHE G 762 -57.17 17.41 -0.87
C PHE G 762 -57.60 15.98 -0.56
N CYS G 763 -58.79 15.61 -1.02
CA CYS G 763 -59.23 14.22 -1.00
C CYS G 763 -59.95 13.93 -2.31
N HIS G 764 -59.89 12.67 -2.74
CA HIS G 764 -60.42 12.29 -4.05
C HIS G 764 -61.93 12.50 -4.15
N ASN G 765 -62.63 12.63 -3.02
CA ASN G 765 -64.07 12.85 -2.97
C ASN G 765 -64.37 14.10 -2.15
N PRO G 766 -64.14 15.29 -2.72
CA PRO G 766 -64.28 16.52 -1.93
C PRO G 766 -65.70 16.69 -1.39
N ASP G 767 -65.79 17.23 -0.18
CA ASP G 767 -67.08 17.44 0.48
C ASP G 767 -67.60 18.82 0.14
N PRO G 768 -68.78 18.94 -0.47
CA PRO G 768 -69.34 20.26 -0.76
C PRO G 768 -69.67 21.02 0.52
N SER G 769 -69.84 22.33 0.36
CA SER G 769 -70.09 23.28 1.45
C SER G 769 -68.93 23.37 2.43
N ASN G 770 -67.76 22.84 2.08
CA ASN G 770 -66.55 22.93 2.90
C ASN G 770 -65.45 23.56 2.06
N PRO G 771 -65.28 24.88 2.14
CA PRO G 771 -64.25 25.53 1.32
C PRO G 771 -62.84 25.06 1.61
N TYR G 772 -62.59 24.52 2.80
CA TYR G 772 -61.27 23.99 3.13
C TYR G 772 -61.15 22.55 2.64
N GLU G 773 -61.45 22.32 1.36
CA GLU G 773 -61.43 20.98 0.79
C GLU G 773 -61.47 21.05 -0.72
N LYS G 774 -60.56 20.34 -1.40
CA LYS G 774 -60.44 20.41 -2.85
C LYS G 774 -60.04 19.05 -3.40
N LYS G 775 -60.05 18.94 -4.72
CA LYS G 775 -59.77 17.69 -5.40
C LYS G 775 -58.33 17.64 -5.88
N GLU G 776 -57.75 16.44 -5.90
CA GLU G 776 -56.37 16.27 -6.33
C GLU G 776 -56.22 16.48 -7.83
N ASP G 777 -55.01 16.87 -8.22
CA ASP G 777 -54.56 16.82 -9.61
C ASP G 777 -53.19 16.16 -9.57
N PRO G 778 -53.13 14.83 -9.59
CA PRO G 778 -51.83 14.14 -9.47
C PRO G 778 -50.85 14.52 -10.57
N ARG G 779 -51.32 15.14 -11.64
CA ARG G 779 -50.44 15.65 -12.69
C ARG G 779 -49.59 16.83 -12.21
N PHE G 780 -49.88 17.39 -11.04
CA PHE G 780 -48.99 18.40 -10.46
C PHE G 780 -47.71 17.78 -9.95
N ILE G 781 -47.78 16.58 -9.39
CA ILE G 781 -46.61 15.92 -8.81
C ILE G 781 -45.95 15.01 -9.84
N HIS G 782 -46.72 14.07 -10.39
CA HIS G 782 -46.13 13.08 -11.29
C HIS G 782 -45.59 13.72 -12.55
N GLU G 783 -46.30 14.71 -13.09
CA GLU G 783 -45.77 15.52 -14.19
C GLU G 783 -45.92 16.98 -13.77
N TYR G 784 -45.74 17.92 -14.72
CA TYR G 784 -45.79 19.36 -14.49
C TYR G 784 -44.60 19.84 -13.67
N ILE G 785 -43.76 18.93 -13.19
CA ILE G 785 -42.53 19.28 -12.50
C ILE G 785 -41.32 19.04 -13.39
N MET G 786 -41.28 17.89 -14.06
CA MET G 786 -40.20 17.59 -14.99
C MET G 786 -40.29 18.43 -16.26
N ASP G 787 -41.41 19.08 -16.52
CA ASP G 787 -41.56 19.89 -17.72
C ASP G 787 -40.77 21.18 -17.58
N PRO G 788 -39.86 21.49 -18.50
CA PRO G 788 -39.03 22.70 -18.34
C PRO G 788 -39.83 24.00 -18.35
N ASP G 789 -40.92 24.08 -19.10
CA ASP G 789 -41.64 25.34 -19.24
C ASP G 789 -42.24 25.79 -17.92
N CYS G 790 -42.80 24.86 -17.15
CA CYS G 790 -43.33 25.22 -15.84
C CYS G 790 -42.23 25.75 -14.93
N GLN G 791 -41.05 25.12 -14.98
CA GLN G 791 -39.93 25.59 -14.18
C GLN G 791 -39.49 26.99 -14.59
N ASN G 792 -39.46 27.26 -15.90
CA ASN G 792 -39.12 28.60 -16.36
C ASN G 792 -40.13 29.63 -15.87
N ALA G 793 -41.42 29.29 -15.93
CA ALA G 793 -42.45 30.18 -15.42
C ALA G 793 -42.27 30.43 -13.92
N PHE G 794 -41.97 29.38 -13.16
CA PHE G 794 -41.77 29.55 -11.73
C PHE G 794 -40.55 30.41 -11.43
N PHE G 795 -39.48 30.25 -12.21
CA PHE G 795 -38.30 31.10 -12.02
C PHE G 795 -38.64 32.55 -12.32
N SER G 796 -39.44 32.78 -13.35
CA SER G 796 -39.90 34.14 -13.63
C SER G 796 -40.70 34.70 -12.46
N ILE G 797 -41.58 33.89 -11.88
CA ILE G 797 -42.33 34.30 -10.69
C ILE G 797 -41.39 34.68 -9.57
N LEU G 798 -40.37 33.85 -9.33
CA LEU G 798 -39.45 34.09 -8.23
C LEU G 798 -38.67 35.39 -8.42
N VAL G 799 -38.16 35.62 -9.63
CA VAL G 799 -37.38 36.83 -9.87
C VAL G 799 -38.26 38.07 -9.80
N TYR G 800 -39.50 37.97 -10.29
CA TYR G 800 -40.42 39.10 -10.17
C TYR G 800 -40.73 39.40 -8.72
N PHE G 801 -40.93 38.37 -7.90
CA PHE G 801 -41.19 38.60 -6.49
C PHE G 801 -39.98 39.20 -5.79
N TRP G 802 -38.77 38.76 -6.16
CA TRP G 802 -37.58 39.36 -5.57
C TRP G 802 -37.46 40.83 -5.93
N GLU G 803 -37.70 41.18 -7.19
CA GLU G 803 -37.60 42.58 -7.56
C GLU G 803 -38.70 43.41 -6.92
N LYS G 804 -39.89 42.83 -6.72
CA LYS G 804 -40.94 43.54 -6.01
C LYS G 804 -40.56 43.78 -4.55
N LEU G 805 -40.02 42.77 -3.89
CA LEU G 805 -39.55 42.94 -2.52
C LEU G 805 -38.40 43.94 -2.44
N GLN G 806 -37.65 44.09 -3.53
CA GLN G 806 -36.55 45.06 -3.52
C GLN G 806 -37.06 46.48 -3.72
N LYS G 807 -38.02 46.69 -4.62
CA LYS G 807 -38.43 48.06 -4.95
C LYS G 807 -39.15 48.73 -3.79
N GLU G 808 -39.97 47.98 -3.05
CA GLU G 808 -40.61 48.47 -1.85
C GLU G 808 -40.03 47.74 -0.65
N TYR G 809 -40.52 48.08 0.55
CA TYR G 809 -40.11 47.43 1.79
C TYR G 809 -38.61 47.45 2.00
N ASN G 810 -37.91 48.36 1.31
CA ASN G 810 -36.44 48.33 1.23
C ASN G 810 -35.98 46.95 0.80
N GLY G 811 -35.19 46.28 1.64
CA GLY G 811 -34.76 44.92 1.35
C GLY G 811 -35.03 43.98 2.51
N GLN G 812 -35.26 44.55 3.68
CA GLN G 812 -35.51 43.74 4.87
C GLN G 812 -36.84 43.00 4.76
N ILE G 813 -36.85 41.76 5.24
CA ILE G 813 -38.06 40.96 5.20
C ILE G 813 -38.89 41.07 6.48
N LYS G 814 -38.29 41.52 7.58
CA LYS G 814 -39.05 41.75 8.81
C LYS G 814 -39.69 43.13 8.79
N LYS G 815 -40.38 43.43 7.69
CA LYS G 815 -41.13 44.67 7.52
C LYS G 815 -42.51 44.45 6.91
N VAL G 816 -42.74 43.35 6.20
CA VAL G 816 -44.03 43.13 5.55
C VAL G 816 -45.08 42.78 6.60
N PHE G 817 -46.24 43.41 6.47
CA PHE G 817 -47.33 43.23 7.43
C PHE G 817 -48.14 42.01 7.03
N CYS G 818 -47.97 40.91 7.75
CA CYS G 818 -48.71 39.67 7.54
C CYS G 818 -49.26 39.22 8.89
N PRO G 819 -50.32 39.86 9.38
CA PRO G 819 -50.75 39.61 10.77
C PRO G 819 -51.10 38.17 11.05
N THR G 820 -51.49 37.40 10.04
CA THR G 820 -51.79 36.00 10.25
C THR G 820 -50.57 35.24 10.74
N ILE G 821 -49.39 35.49 10.15
CA ILE G 821 -48.21 34.74 10.51
C ILE G 821 -47.76 35.08 11.93
N GLU G 822 -47.82 36.37 12.32
CA GLU G 822 -47.45 36.74 13.68
C GLU G 822 -48.46 36.20 14.69
N SER G 823 -49.75 36.24 14.36
CA SER G 823 -50.75 35.69 15.27
C SER G 823 -50.54 34.19 15.47
N GLU G 824 -50.29 33.46 14.39
CA GLU G 824 -50.06 32.02 14.51
C GLU G 824 -48.78 31.74 15.29
N THR G 825 -47.72 32.51 15.05
CA THR G 825 -46.48 32.32 15.79
C THR G 825 -46.69 32.60 17.28
N GLU G 826 -47.45 33.65 17.62
CA GLU G 826 -47.73 33.94 19.01
C GLU G 826 -48.55 32.82 19.65
N ALA G 827 -49.54 32.30 18.93
CA ALA G 827 -50.35 31.20 19.46
C ALA G 827 -49.48 29.97 19.70
N TYR G 828 -48.59 29.65 18.76
CA TYR G 828 -47.68 28.53 18.95
C TYR G 828 -46.72 28.79 20.12
N ARG G 829 -46.36 30.06 20.34
CA ARG G 829 -45.53 30.41 21.48
C ARG G 829 -46.27 30.18 22.79
N LYS G 830 -47.57 30.49 22.83
CA LYS G 830 -48.35 30.26 24.05
C LYS G 830 -48.36 28.79 24.42
N SER G 831 -48.60 27.92 23.45
CA SER G 831 -48.40 26.50 23.65
C SER G 831 -46.90 26.20 23.68
N GLN G 832 -46.56 24.97 24.08
CA GLN G 832 -45.17 24.51 24.12
C GLN G 832 -44.39 25.25 25.19
N ASP G 833 -45.01 26.25 25.82
CA ASP G 833 -44.37 27.03 26.87
C ASP G 833 -44.86 26.54 28.23
N THR G 834 -43.93 26.11 29.06
CA THR G 834 -44.24 25.46 30.32
C THR G 834 -44.31 26.40 31.51
N LEU G 835 -43.99 27.68 31.32
CA LEU G 835 -43.89 28.59 32.46
C LEU G 835 -45.26 28.84 33.10
N HIS G 836 -46.32 28.95 32.31
CA HIS G 836 -47.64 29.23 32.86
C HIS G 836 -48.54 28.00 32.94
N ARG G 837 -48.15 26.88 32.34
CA ARG G 837 -49.01 25.70 32.36
C ARG G 837 -49.30 25.24 33.78
N PHE G 838 -48.25 25.06 34.58
CA PHE G 838 -48.44 24.65 35.97
C PHE G 838 -49.11 25.75 36.80
N ILE G 839 -48.73 27.01 36.57
CA ILE G 839 -49.29 28.10 37.37
C ILE G 839 -50.77 28.26 37.07
N THR G 840 -51.23 27.71 35.95
CA THR G 840 -52.66 27.75 35.62
C THR G 840 -53.38 26.48 36.06
N GLU G 841 -52.73 25.32 36.02
CA GLU G 841 -53.45 24.08 36.31
C GLU G 841 -53.37 23.71 37.79
N ARG G 842 -52.18 23.77 38.39
CA ARG G 842 -52.03 23.35 39.79
C ARG G 842 -51.17 24.36 40.55
N VAL G 843 -51.50 25.65 40.45
CA VAL G 843 -50.82 26.64 41.27
C VAL G 843 -51.08 26.34 42.74
N VAL G 844 -50.01 26.35 43.54
CA VAL G 844 -50.13 25.98 44.95
C VAL G 844 -50.54 27.18 45.79
N GLU G 845 -49.72 28.23 45.78
CA GLU G 845 -49.98 29.45 46.53
C GLU G 845 -50.19 29.17 48.02
N TYR G 853 -38.75 29.60 51.92
CA TYR G 853 -39.65 29.28 50.82
C TYR G 853 -39.08 29.77 49.49
N ASN G 854 -38.23 28.93 48.88
CA ASN G 854 -37.64 29.21 47.58
C ASN G 854 -38.28 28.37 46.48
N LEU G 855 -39.52 27.93 46.70
CA LEU G 855 -40.29 27.15 45.74
C LEU G 855 -39.61 25.83 45.37
N SER G 856 -38.88 25.25 46.33
CA SER G 856 -38.27 23.95 46.10
C SER G 856 -39.33 22.88 45.92
N GLU G 857 -40.30 22.81 46.84
CA GLU G 857 -41.43 21.91 46.64
C GLU G 857 -42.23 22.29 45.40
N VAL G 858 -42.34 23.59 45.12
CA VAL G 858 -43.05 24.04 43.93
C VAL G 858 -42.35 23.56 42.67
N VAL G 859 -41.02 23.69 42.62
CA VAL G 859 -40.31 23.25 41.41
C VAL G 859 -40.34 21.73 41.29
N THR G 860 -40.31 21.01 42.41
CA THR G 860 -40.46 19.56 42.33
C THR G 860 -41.84 19.17 41.81
N ALA G 861 -42.88 19.88 42.24
CA ALA G 861 -44.21 19.63 41.70
C ALA G 861 -44.27 19.96 40.21
N TYR G 862 -43.65 21.06 39.81
CA TYR G 862 -43.54 21.39 38.39
C TYR G 862 -42.93 20.24 37.61
N ALA G 863 -41.78 19.74 38.07
CA ALA G 863 -41.07 18.69 37.36
C ALA G 863 -41.88 17.39 37.34
N GLU G 864 -42.52 17.04 38.46
CA GLU G 864 -43.26 15.79 38.51
C GLU G 864 -44.49 15.84 37.61
N TRP G 865 -45.08 17.02 37.47
CA TRP G 865 -46.22 17.16 36.57
C TRP G 865 -45.78 17.06 35.10
N TYR G 866 -44.77 17.85 34.73
CA TYR G 866 -44.31 17.86 33.34
C TYR G 866 -43.78 16.49 32.91
N ASN G 867 -43.18 15.76 33.84
CA ASN G 867 -42.64 14.45 33.51
C ASN G 867 -43.71 13.57 32.89
N THR G 868 -43.35 12.85 31.83
CA THR G 868 -44.31 11.97 31.15
C THR G 868 -45.49 12.75 30.58
N ASN G 869 -45.33 14.06 30.43
CA ASN G 869 -46.40 14.89 29.90
C ASN G 869 -45.85 16.02 29.05
N ILE G 870 -45.24 17.00 29.70
CA ILE G 870 -44.66 18.12 28.96
C ILE G 870 -43.15 18.03 28.94
N ASN G 871 -42.54 17.87 30.11
CA ASN G 871 -41.08 17.71 30.17
C ASN G 871 -40.72 16.46 30.96
N VAL G 872 -40.39 15.39 30.25
CA VAL G 872 -40.08 14.13 30.92
C VAL G 872 -38.79 14.18 31.73
N LYS G 873 -37.99 15.23 31.57
CA LYS G 873 -36.73 15.37 32.28
C LYS G 873 -36.89 16.33 33.46
N ARG G 874 -36.25 16.00 34.57
CA ARG G 874 -36.29 16.85 35.75
C ARG G 874 -35.67 18.21 35.45
N HIS G 875 -36.29 19.26 35.98
CA HIS G 875 -35.81 20.62 35.74
C HIS G 875 -34.46 20.83 36.43
N ILE G 876 -33.43 21.15 35.64
CA ILE G 876 -32.16 21.59 36.22
C ILE G 876 -31.75 22.92 35.59
N ALA G 877 -32.24 24.02 36.14
CA ALA G 877 -31.68 25.33 35.86
C ALA G 877 -31.69 26.22 37.10
N LEU G 878 -32.51 25.84 38.09
CA LEU G 878 -32.90 26.74 39.18
C LEU G 878 -33.34 28.09 38.64
N GLU G 879 -33.94 28.09 37.45
CA GLU G 879 -34.29 29.30 36.73
C GLU G 879 -35.64 29.86 37.14
N LEU G 880 -36.40 29.14 37.97
CA LEU G 880 -37.69 29.63 38.43
C LEU G 880 -37.57 30.86 39.31
N SER G 881 -36.36 31.20 39.78
CA SER G 881 -36.10 32.42 40.53
C SER G 881 -35.42 33.47 39.66
N GLN G 882 -35.85 33.59 38.41
CA GLN G 882 -35.18 34.42 37.41
C GLN G 882 -36.26 34.92 36.46
N GLU G 883 -35.88 35.30 35.24
CA GLU G 883 -36.85 35.82 34.27
C GLU G 883 -38.08 34.91 34.16
N LEU G 884 -37.94 33.65 34.58
CA LEU G 884 -39.11 32.78 34.72
C LEU G 884 -40.07 33.31 35.78
N GLU G 885 -39.55 33.65 36.97
CA GLU G 885 -40.42 34.24 37.98
C GLU G 885 -40.91 35.61 37.53
N ASN G 886 -40.09 36.32 36.74
CA ASN G 886 -40.49 37.61 36.20
C ASN G 886 -41.62 37.48 35.18
N SER G 887 -41.91 36.27 34.70
CA SER G 887 -42.93 36.09 33.67
C SER G 887 -44.34 36.06 34.26
N VAL G 888 -44.61 35.07 35.11
CA VAL G 888 -45.93 34.93 35.71
C VAL G 888 -45.90 34.73 37.21
N LEU G 889 -44.81 34.22 37.79
CA LEU G 889 -44.73 33.99 39.23
C LEU G 889 -44.07 35.18 39.92
N GLU G 890 -44.79 36.29 39.95
CA GLU G 890 -44.31 37.52 40.58
C GLU G 890 -45.35 38.03 41.56
N LYS G 891 -45.17 39.26 42.05
CA LYS G 891 -46.12 39.92 42.94
C LYS G 891 -46.23 39.18 44.27
N TYR G 892 -47.29 38.39 44.44
CA TYR G 892 -47.51 37.69 45.70
C TYR G 892 -46.44 36.65 45.99
N LEU G 893 -45.83 36.08 44.96
CA LEU G 893 -44.82 35.04 45.17
C LEU G 893 -43.63 35.60 45.95
N GLN G 894 -43.12 34.81 46.88
CA GLN G 894 -41.99 35.18 47.73
C GLN G 894 -40.88 34.15 47.57
N TRP G 895 -39.64 34.57 47.85
CA TRP G 895 -38.49 33.70 47.67
C TRP G 895 -37.48 33.77 48.82
N SER G 896 -37.79 34.50 49.88
CA SER G 896 -36.87 34.57 51.01
C SER G 896 -36.69 33.19 51.62
N PRO G 897 -35.46 32.79 51.97
CA PRO G 897 -35.17 31.46 52.49
C PRO G 897 -35.41 31.35 54.00
N THR H 11 31.45 -29.63 -27.01
CA THR H 11 30.93 -28.68 -26.02
C THR H 11 31.15 -27.25 -26.50
N ILE H 12 32.03 -26.53 -25.79
CA ILE H 12 32.35 -25.16 -26.19
C ILE H 12 32.98 -25.13 -27.58
N GLN H 13 33.91 -26.06 -27.83
CA GLN H 13 34.53 -26.13 -29.15
C GLN H 13 33.50 -26.47 -30.23
N LEU H 14 32.61 -27.43 -29.95
CA LEU H 14 31.63 -27.86 -30.93
C LEU H 14 30.73 -26.70 -31.35
N THR H 15 30.38 -25.83 -30.40
CA THR H 15 29.59 -24.65 -30.73
C THR H 15 30.33 -23.75 -31.71
N ALA H 16 31.67 -23.73 -31.65
CA ALA H 16 32.45 -22.84 -32.49
C ALA H 16 32.37 -23.23 -33.97
N GLN H 17 32.57 -24.52 -34.26
CA GLN H 17 32.59 -24.94 -35.66
C GLN H 17 31.21 -24.79 -36.31
N ARG H 18 30.15 -24.86 -35.50
CA ARG H 18 28.80 -24.75 -36.06
C ARG H 18 28.56 -23.37 -36.67
N LYS H 19 29.26 -22.35 -36.18
CA LYS H 19 29.09 -20.98 -36.67
C LYS H 19 30.30 -20.48 -37.45
N TYR H 20 31.50 -20.57 -36.85
CA TYR H 20 32.70 -19.97 -37.43
C TYR H 20 32.92 -20.42 -38.87
N LEU H 21 32.84 -21.72 -39.11
CA LEU H 21 33.09 -22.30 -40.41
C LEU H 21 31.78 -22.83 -41.01
N ALA H 22 31.80 -23.09 -42.31
CA ALA H 22 30.59 -23.47 -43.02
C ALA H 22 30.62 -24.89 -43.58
N GLU H 23 31.75 -25.58 -43.52
CA GLU H 23 31.79 -26.96 -43.99
C GLU H 23 30.91 -27.86 -43.12
N VAL H 24 30.94 -27.65 -41.80
CA VAL H 24 29.99 -28.32 -40.93
C VAL H 24 28.58 -27.84 -41.21
N GLN H 25 28.42 -26.54 -41.47
CA GLN H 25 27.10 -26.02 -41.84
C GLN H 25 26.61 -26.65 -43.14
N ALA H 26 27.52 -26.94 -44.07
CA ALA H 26 27.14 -27.63 -45.30
C ALA H 26 26.59 -29.01 -44.99
N LEU H 27 27.21 -29.71 -44.04
CA LEU H 27 26.69 -31.02 -43.63
C LEU H 27 25.32 -30.88 -42.98
N GLU H 28 25.11 -29.79 -42.21
CA GLU H 28 23.85 -29.61 -41.52
C GLU H 28 22.69 -29.50 -42.50
N THR H 29 22.89 -28.77 -43.60
CA THR H 29 21.83 -28.63 -44.61
C THR H 29 21.48 -29.97 -45.23
N LEU H 30 22.49 -30.79 -45.52
CA LEU H 30 22.26 -32.06 -46.17
C LEU H 30 21.48 -33.01 -45.28
N LEU H 31 21.83 -33.07 -43.99
CA LEU H 31 21.17 -34.01 -43.09
C LEU H 31 19.74 -33.56 -42.77
N THR H 32 19.52 -32.25 -42.67
CA THR H 32 18.19 -31.74 -42.32
C THR H 32 17.18 -31.97 -43.44
N ARG H 33 17.64 -32.03 -44.69
CA ARG H 33 16.72 -32.16 -45.81
C ARG H 33 16.78 -33.55 -46.43
N GLU H 34 17.98 -34.01 -46.79
CA GLU H 34 18.11 -35.28 -47.52
C GLU H 34 18.14 -36.45 -46.55
N LEU H 35 19.08 -36.45 -45.59
CA LEU H 35 19.20 -37.57 -44.67
C LEU H 35 18.02 -37.66 -43.71
N SER H 36 17.22 -36.60 -43.62
CA SER H 36 16.12 -36.58 -42.65
C SER H 36 15.08 -37.65 -42.97
N VAL H 37 14.77 -37.83 -44.26
CA VAL H 37 13.74 -38.80 -44.64
C VAL H 37 14.21 -40.23 -44.47
N PHE H 38 15.51 -40.45 -44.28
CA PHE H 38 16.06 -41.80 -44.13
C PHE H 38 16.28 -42.17 -42.67
N LEU H 39 15.46 -41.63 -41.76
CA LEU H 39 15.50 -42.04 -40.37
C LEU H 39 15.18 -43.53 -40.25
N THR H 40 15.98 -44.24 -39.47
CA THR H 40 15.86 -45.69 -39.37
C THR H 40 15.85 -46.10 -37.90
N GLU H 41 15.12 -47.16 -37.60
CA GLU H 41 14.99 -47.63 -36.23
C GLU H 41 16.34 -48.10 -35.70
N PRO H 42 16.63 -47.91 -34.42
CA PRO H 42 17.92 -48.36 -33.88
C PRO H 42 18.02 -49.87 -33.75
N GLY H 43 16.91 -50.54 -33.47
CA GLY H 43 16.95 -51.99 -33.30
C GLY H 43 17.29 -52.72 -34.58
N SER H 44 16.71 -52.29 -35.70
CA SER H 44 16.96 -52.95 -36.98
C SER H 44 18.40 -52.73 -37.42
N LYS H 45 18.95 -53.73 -38.12
CA LYS H 45 20.30 -53.66 -38.64
C LYS H 45 20.37 -53.08 -40.04
N LYS H 46 19.23 -52.67 -40.62
CA LYS H 46 19.24 -52.10 -41.96
C LYS H 46 20.02 -50.79 -42.00
N THR H 47 19.96 -50.01 -40.94
CA THR H 47 20.67 -48.74 -40.87
C THR H 47 22.18 -48.94 -41.04
N ASN H 48 22.79 -48.12 -41.90
CA ASN H 48 24.21 -48.22 -42.17
C ASN H 48 25.01 -47.05 -41.60
N ILE H 49 24.34 -45.97 -41.22
CA ILE H 49 24.99 -44.80 -40.64
C ILE H 49 24.44 -44.60 -39.24
N ILE H 50 25.33 -44.53 -38.25
CA ILE H 50 24.97 -44.30 -36.86
C ILE H 50 25.77 -43.10 -36.38
N ASN H 51 25.12 -41.95 -36.26
CA ASN H 51 25.78 -40.71 -35.87
C ASN H 51 25.67 -40.56 -34.36
N ARG H 52 26.82 -40.57 -33.67
CA ARG H 52 26.83 -40.49 -32.22
C ARG H 52 26.77 -39.06 -31.71
N ILE H 53 26.75 -38.06 -32.59
CA ILE H 53 26.48 -36.69 -32.17
C ILE H 53 25.13 -36.62 -31.46
N THR H 54 24.12 -37.28 -32.03
CA THR H 54 22.78 -37.31 -31.45
C THR H 54 22.28 -38.73 -31.22
N GLY H 55 23.11 -39.75 -31.48
CA GLY H 55 22.71 -41.13 -31.29
C GLY H 55 21.57 -41.56 -32.20
N LYS H 56 21.67 -41.22 -33.48
CA LYS H 56 20.64 -41.53 -34.47
C LYS H 56 21.18 -42.52 -35.48
N THR H 57 20.29 -43.39 -35.95
CA THR H 57 20.63 -44.41 -36.95
C THR H 57 20.05 -44.01 -38.30
N TYR H 58 20.85 -44.14 -39.36
CA TYR H 58 20.46 -43.73 -40.69
C TYR H 58 20.81 -44.80 -41.69
N ALA H 59 19.89 -45.09 -42.61
CA ALA H 59 20.09 -46.06 -43.68
C ALA H 59 20.18 -45.28 -44.98
N LEU H 60 21.41 -45.10 -45.48
CA LEU H 60 21.49 -44.24 -46.65
C LEU H 60 21.76 -45.08 -47.91
N PRO H 61 21.07 -44.75 -49.01
CA PRO H 61 21.39 -45.39 -50.30
C PRO H 61 22.73 -44.92 -50.83
N SER H 62 23.12 -45.40 -52.02
CA SER H 62 24.45 -45.10 -52.54
C SER H 62 24.64 -43.60 -52.75
N THR H 63 23.65 -42.93 -53.34
CA THR H 63 23.78 -41.50 -53.59
C THR H 63 23.82 -40.72 -52.27
N GLU H 64 22.95 -41.07 -51.33
CA GLU H 64 22.96 -40.40 -50.03
C GLU H 64 24.20 -40.76 -49.24
N LEU H 65 24.70 -41.99 -49.42
CA LEU H 65 25.97 -42.34 -48.78
C LEU H 65 27.12 -41.51 -49.32
N LEU H 66 27.33 -41.54 -50.64
CA LEU H 66 28.50 -40.89 -51.22
C LEU H 66 28.47 -39.38 -50.94
N ARG H 67 27.29 -38.76 -51.00
CA ARG H 67 27.18 -37.36 -50.64
C ARG H 67 27.60 -37.14 -49.19
N LEU H 68 27.21 -38.06 -48.30
CA LEU H 68 27.69 -37.99 -46.93
C LEU H 68 29.20 -38.20 -46.85
N TYR H 69 29.72 -39.19 -47.58
CA TYR H 69 31.16 -39.44 -47.53
C TYR H 69 31.95 -38.24 -48.05
N GLU H 70 31.49 -37.65 -49.16
CA GLU H 70 32.24 -36.57 -49.80
C GLU H 70 32.43 -35.40 -48.84
N HIS H 71 31.37 -35.02 -48.12
CA HIS H 71 31.47 -33.89 -47.21
C HIS H 71 32.40 -34.21 -46.05
N LEU H 72 32.56 -35.48 -45.72
CA LEU H 72 33.36 -35.86 -44.56
C LEU H 72 34.84 -35.49 -44.74
N GLU H 73 35.39 -35.74 -45.93
CA GLU H 73 36.80 -35.43 -46.14
C GLU H 73 37.07 -33.94 -46.00
N GLN H 74 36.20 -33.11 -46.58
CA GLN H 74 36.40 -31.66 -46.48
C GLN H 74 36.31 -31.20 -45.03
N CYS H 75 35.41 -31.81 -44.24
CA CYS H 75 35.31 -31.47 -42.84
C CYS H 75 36.61 -31.77 -42.11
N ARG H 76 37.21 -32.92 -42.39
CA ARG H 76 38.46 -33.28 -41.73
C ARG H 76 39.60 -32.34 -42.12
N LYS H 77 39.65 -31.95 -43.40
CA LYS H 77 40.72 -31.05 -43.85
C LYS H 77 40.67 -29.71 -43.13
N GLN H 78 39.50 -29.33 -42.62
CA GLN H 78 39.33 -28.06 -41.90
C GLN H 78 39.10 -28.26 -40.40
N GLY H 79 39.38 -29.45 -39.89
CA GLY H 79 39.30 -29.67 -38.45
C GLY H 79 37.94 -30.19 -38.02
N ALA H 80 37.35 -29.52 -37.04
CA ALA H 80 36.05 -29.87 -36.47
C ALA H 80 36.06 -31.23 -35.79
N LEU H 81 34.93 -31.61 -35.18
CA LEU H 81 34.79 -32.89 -34.50
C LEU H 81 33.49 -33.55 -34.94
N MET H 82 33.56 -34.86 -35.16
CA MET H 82 32.40 -35.61 -35.62
C MET H 82 32.36 -36.96 -34.92
N TYR H 83 31.13 -37.49 -34.76
CA TYR H 83 30.93 -38.79 -34.13
C TYR H 83 30.22 -39.77 -35.06
N PHE H 84 30.37 -39.64 -36.38
CA PHE H 84 29.65 -40.51 -37.31
C PHE H 84 30.27 -41.90 -37.34
N LEU H 85 29.41 -42.91 -37.23
CA LEU H 85 29.83 -44.30 -37.22
C LEU H 85 28.96 -45.09 -38.20
N GLU H 86 29.51 -46.21 -38.68
CA GLU H 86 28.78 -47.13 -39.55
C GLU H 86 28.82 -48.51 -38.92
N ARG H 87 27.68 -49.20 -38.90
CA ARG H 87 27.64 -50.52 -38.30
C ARG H 87 28.26 -51.55 -39.24
N GLN H 88 28.92 -52.55 -38.66
CA GLN H 88 29.41 -53.68 -39.42
C GLN H 88 28.24 -54.48 -39.96
N GLY H 89 28.21 -54.67 -41.27
CA GLY H 89 27.12 -55.35 -41.95
C GLY H 89 27.44 -56.80 -42.27
N THR H 90 26.66 -57.36 -43.20
CA THR H 90 26.87 -58.74 -43.61
C THR H 90 28.01 -58.86 -44.62
N TYR H 91 28.44 -57.75 -45.19
CA TYR H 91 29.58 -57.71 -46.10
C TYR H 91 30.42 -56.49 -45.78
N SER H 92 31.74 -56.66 -45.69
CA SER H 92 32.64 -55.56 -45.39
C SER H 92 34.07 -56.06 -45.58
N GLY H 93 35.00 -55.14 -45.35
CA GLY H 93 36.40 -55.50 -45.34
C GLY H 93 36.87 -55.91 -43.96
N LEU H 94 38.19 -56.11 -43.84
CA LEU H 94 38.80 -56.56 -42.60
C LEU H 94 38.89 -55.38 -41.62
N MET H 95 37.73 -55.04 -41.06
CA MET H 95 37.64 -54.00 -40.03
C MET H 95 37.96 -54.65 -38.70
N LEU H 96 39.25 -54.80 -38.41
CA LEU H 96 39.72 -55.52 -37.24
C LEU H 96 40.49 -54.55 -36.35
N ASP H 97 39.81 -53.99 -35.35
CA ASP H 97 40.45 -53.06 -34.44
C ASP H 97 41.47 -53.79 -33.55
N TYR H 98 42.60 -53.12 -33.30
CA TYR H 98 43.65 -53.65 -32.44
C TYR H 98 44.04 -52.56 -31.44
N ASP H 99 43.34 -52.51 -30.30
CA ASP H 99 43.70 -51.57 -29.24
C ASP H 99 44.94 -52.10 -28.52
N LEU H 100 46.08 -51.88 -29.15
CA LEU H 100 47.36 -52.42 -28.69
C LEU H 100 47.76 -51.72 -27.40
N LYS H 101 47.68 -52.45 -26.28
CA LYS H 101 48.10 -51.93 -24.97
C LYS H 101 49.58 -52.21 -24.81
N LEU H 102 50.39 -51.26 -25.27
CA LEU H 102 51.84 -51.41 -25.19
C LEU H 102 52.32 -51.26 -23.76
N ASN H 103 53.55 -51.72 -23.51
CA ASN H 103 54.16 -51.56 -22.20
C ASN H 103 54.36 -50.08 -21.86
N THR H 104 54.80 -49.30 -22.84
CA THR H 104 55.00 -47.86 -22.68
C THR H 104 54.66 -47.18 -23.99
N ASN H 105 54.54 -45.85 -23.93
CA ASN H 105 54.20 -45.08 -25.12
C ASN H 105 55.43 -44.82 -25.98
N ALA H 106 56.14 -45.88 -26.35
CA ALA H 106 57.27 -45.78 -27.27
C ALA H 106 56.77 -46.02 -28.69
N VAL H 107 57.03 -45.08 -29.59
CA VAL H 107 56.49 -45.10 -30.95
C VAL H 107 57.06 -46.27 -31.73
N PRO H 108 56.26 -47.27 -32.07
CA PRO H 108 56.72 -48.33 -32.95
C PRO H 108 56.53 -47.94 -34.40
N PRO H 109 57.61 -47.84 -35.17
CA PRO H 109 57.48 -47.36 -36.55
C PRO H 109 56.85 -48.42 -37.44
N LEU H 110 55.96 -47.97 -38.32
CA LEU H 110 55.30 -48.85 -39.29
C LEU H 110 56.21 -49.07 -40.49
N GLU H 111 57.35 -49.71 -40.23
CA GLU H 111 58.34 -49.93 -41.26
C GLU H 111 57.80 -50.88 -42.32
N PRO H 112 58.06 -50.62 -43.60
CA PRO H 112 57.60 -51.52 -44.67
C PRO H 112 58.09 -52.95 -44.47
N PRO H 113 59.31 -53.17 -43.98
CA PRO H 113 59.67 -54.55 -43.58
C PRO H 113 58.76 -55.10 -42.50
N ALA H 114 58.54 -54.33 -41.42
CA ALA H 114 57.61 -54.77 -40.39
C ALA H 114 56.17 -54.79 -40.92
N LEU H 115 55.82 -53.85 -41.79
CA LEU H 115 54.50 -53.85 -42.40
C LEU H 115 54.29 -55.10 -43.25
N SER H 116 55.30 -55.47 -44.04
CA SER H 116 55.19 -56.67 -44.87
C SER H 116 55.03 -57.92 -44.02
N ARG H 117 55.61 -57.92 -42.81
CA ARG H 117 55.36 -59.00 -41.87
C ARG H 117 53.88 -59.05 -41.49
N LEU H 118 53.30 -57.90 -41.15
CA LEU H 118 51.88 -57.85 -40.82
C LEU H 118 51.02 -58.06 -42.06
N CYS H 119 51.44 -57.50 -43.19
CA CYS H 119 50.66 -57.63 -44.42
C CYS H 119 50.56 -59.09 -44.86
N HIS H 120 51.66 -59.82 -44.80
CA HIS H 120 51.67 -61.19 -45.30
C HIS H 120 50.96 -62.15 -44.33
N ARG H 121 51.06 -61.89 -43.03
CA ARG H 121 50.42 -62.79 -42.07
C ARG H 121 48.91 -62.66 -42.10
N ILE H 122 48.40 -61.42 -42.15
CA ILE H 122 46.97 -61.25 -42.34
C ILE H 122 46.56 -61.73 -43.73
N PHE H 123 47.50 -61.68 -44.69
CA PHE H 123 47.25 -62.28 -46.00
C PHE H 123 47.13 -63.80 -45.87
N VAL H 124 47.96 -64.42 -45.06
CA VAL H 124 47.90 -65.87 -44.88
C VAL H 124 46.56 -66.28 -44.27
N HIS H 125 46.06 -65.49 -43.31
CA HIS H 125 44.82 -65.82 -42.64
C HIS H 125 43.63 -65.82 -43.62
N ILE H 126 43.64 -64.89 -44.57
CA ILE H 126 42.49 -64.80 -45.48
C ILE H 126 42.61 -65.81 -46.62
N LYS H 127 43.68 -66.61 -46.63
CA LYS H 127 43.80 -67.65 -47.66
C LYS H 127 42.87 -68.82 -47.40
N ASN H 128 42.76 -69.25 -46.14
CA ASN H 128 41.92 -70.40 -45.84
C ASN H 128 40.46 -70.00 -45.64
N SER H 129 39.91 -69.27 -46.61
CA SER H 129 38.53 -68.81 -46.56
C SER H 129 38.07 -68.54 -48.00
N SER H 130 36.93 -67.86 -48.11
CA SER H 130 36.37 -67.56 -49.43
C SER H 130 37.24 -66.53 -50.15
N VAL H 131 37.83 -66.95 -51.27
CA VAL H 131 38.63 -66.08 -52.11
C VAL H 131 38.22 -66.29 -53.56
N LEU H 132 38.54 -65.32 -54.41
CA LEU H 132 38.19 -65.39 -55.82
C LEU H 132 38.98 -66.48 -56.53
N ILE H 139 43.50 -55.78 -52.78
CA ILE H 139 43.72 -55.78 -51.34
C ILE H 139 44.39 -54.47 -50.92
N HIS H 140 43.59 -53.54 -50.40
CA HIS H 140 44.09 -52.22 -50.03
C HIS H 140 44.30 -52.17 -48.52
N PHE H 141 45.56 -52.00 -48.10
CA PHE H 141 45.91 -51.94 -46.69
C PHE H 141 45.80 -50.50 -46.19
N PHE H 142 44.79 -50.24 -45.38
CA PHE H 142 44.56 -48.92 -44.81
C PHE H 142 45.02 -48.96 -43.35
N PHE H 143 46.24 -48.49 -43.10
CA PHE H 143 46.84 -48.56 -41.77
C PHE H 143 46.48 -47.36 -40.92
N THR H 144 45.19 -47.14 -40.67
CA THR H 144 44.80 -46.07 -39.77
C THR H 144 45.10 -46.46 -38.33
N LEU H 145 45.50 -45.47 -37.53
CA LEU H 145 45.95 -45.72 -36.17
C LEU H 145 45.66 -44.51 -35.31
N LYS H 146 45.69 -44.73 -33.99
CA LYS H 146 45.38 -43.68 -33.03
C LYS H 146 46.49 -42.62 -33.02
N PRO H 147 46.14 -41.35 -32.77
CA PRO H 147 47.17 -40.30 -32.67
C PRO H 147 48.09 -40.45 -31.47
N GLU H 148 47.96 -41.55 -30.73
CA GLU H 148 48.78 -41.83 -29.56
C GLU H 148 48.58 -40.77 -28.48
N VAL H 149 49.66 -40.42 -27.79
CA VAL H 149 49.65 -39.43 -26.71
C VAL H 149 48.60 -39.86 -25.69
N VAL H 150 48.72 -41.10 -25.21
CA VAL H 150 47.80 -41.63 -24.21
C VAL H 150 48.44 -42.88 -23.61
N GLN H 151 48.14 -43.15 -22.35
CA GLN H 151 48.59 -44.38 -21.72
C GLN H 151 47.94 -45.58 -22.39
N GLY H 152 48.69 -46.67 -22.49
CA GLY H 152 48.27 -47.80 -23.30
C GLY H 152 48.58 -47.65 -24.78
N LYS H 153 49.16 -46.52 -25.18
CA LYS H 153 49.63 -46.26 -26.54
C LYS H 153 48.45 -46.31 -27.50
N TYR H 154 48.70 -46.54 -28.79
CA TYR H 154 47.70 -46.36 -29.83
C TYR H 154 46.99 -47.67 -30.16
N GLY H 155 45.91 -47.54 -30.95
CA GLY H 155 45.22 -48.70 -31.48
C GLY H 155 45.37 -48.84 -32.98
N PHE H 156 46.15 -49.83 -33.42
CA PHE H 156 46.34 -50.06 -34.84
C PHE H 156 45.08 -50.64 -35.46
N HIS H 157 44.75 -50.19 -36.68
CA HIS H 157 43.56 -50.65 -37.39
C HIS H 157 43.89 -50.81 -38.88
N VAL H 158 44.21 -52.04 -39.28
CA VAL H 158 44.32 -52.35 -40.70
C VAL H 158 42.92 -52.61 -41.25
N LEU H 159 42.65 -52.04 -42.42
CA LEU H 159 41.34 -52.16 -43.05
C LEU H 159 41.52 -52.58 -44.50
N ILE H 160 40.71 -53.56 -44.94
CA ILE H 160 40.76 -54.03 -46.32
C ILE H 160 39.33 -53.97 -46.87
N PRO H 161 38.75 -52.77 -47.05
CA PRO H 161 37.31 -52.68 -47.32
C PRO H 161 36.90 -53.24 -48.67
N GLY H 162 37.84 -53.66 -49.52
CA GLY H 162 37.48 -54.16 -50.84
C GLY H 162 36.65 -55.42 -50.81
N LEU H 163 37.04 -56.39 -49.97
CA LEU H 163 36.38 -57.68 -49.97
C LEU H 163 35.01 -57.60 -49.28
N LYS H 164 34.21 -58.64 -49.48
CA LYS H 164 32.87 -58.74 -48.91
C LYS H 164 32.72 -60.11 -48.23
N LEU H 165 33.10 -60.18 -46.95
CA LEU H 165 33.09 -61.45 -46.24
C LEU H 165 32.68 -61.29 -44.78
N ALA H 166 31.90 -60.25 -44.47
CA ALA H 166 31.58 -59.93 -43.08
C ALA H 166 30.49 -60.83 -42.53
N ALA H 167 30.82 -62.09 -42.26
CA ALA H 167 29.87 -63.05 -41.74
C ALA H 167 30.58 -63.91 -40.71
N SER H 168 29.99 -65.06 -40.36
CA SER H 168 30.64 -65.99 -39.44
C SER H 168 31.97 -66.48 -40.01
N THR H 169 32.18 -66.33 -41.32
CA THR H 169 33.48 -66.64 -41.92
C THR H 169 34.58 -65.80 -41.29
N LYS H 170 34.31 -64.52 -41.05
CA LYS H 170 35.29 -63.67 -40.39
C LYS H 170 35.47 -64.04 -38.93
N LYS H 171 34.45 -64.63 -38.30
CA LYS H 171 34.62 -65.13 -36.94
C LYS H 171 35.68 -66.22 -36.88
N SER H 172 35.71 -67.10 -37.88
CA SER H 172 36.83 -68.02 -38.01
C SER H 172 38.12 -67.26 -38.28
N ILE H 173 38.05 -66.21 -39.11
CA ILE H 173 39.20 -65.33 -39.30
C ILE H 173 39.57 -64.64 -38.00
N ILE H 174 38.56 -64.19 -37.25
CA ILE H 174 38.80 -63.57 -35.95
C ILE H 174 39.52 -64.55 -35.02
N GLY H 175 39.04 -65.79 -34.97
CA GLY H 175 39.69 -66.79 -34.14
C GLY H 175 41.10 -67.09 -34.60
N SER H 176 41.30 -67.17 -35.91
CA SER H 176 42.63 -67.43 -36.45
C SER H 176 43.61 -66.30 -36.10
N LEU H 177 43.16 -65.06 -36.24
CA LEU H 177 44.01 -63.93 -35.85
C LEU H 177 44.28 -63.94 -34.35
N GLN H 178 43.24 -64.19 -33.55
CA GLN H 178 43.41 -64.21 -32.11
C GLN H 178 44.32 -65.35 -31.67
N HIS H 179 44.17 -66.52 -32.30
CA HIS H 179 45.02 -67.66 -31.98
C HIS H 179 46.40 -67.56 -32.64
N ASP H 180 46.56 -66.64 -33.58
CA ASP H 180 47.83 -66.51 -34.29
C ASP H 180 48.95 -66.11 -33.34
N ALA H 181 50.10 -66.77 -33.49
CA ALA H 181 51.30 -66.40 -32.78
C ALA H 181 52.36 -65.75 -33.68
N THR H 182 52.21 -65.88 -35.00
CA THR H 182 53.17 -65.26 -35.91
C THR H 182 53.05 -63.74 -35.87
N VAL H 183 51.82 -63.22 -35.84
CA VAL H 183 51.64 -61.78 -35.66
C VAL H 183 52.11 -61.35 -34.27
N GLN H 184 52.03 -62.26 -33.29
CA GLN H 184 52.40 -61.91 -31.93
C GLN H 184 53.86 -61.50 -31.82
N LYS H 185 54.76 -62.25 -32.48
CA LYS H 185 56.17 -61.90 -32.42
C LYS H 185 56.45 -60.63 -33.24
N ILE H 186 55.68 -60.40 -34.30
CA ILE H 186 55.81 -59.14 -35.03
C ILE H 186 55.43 -57.96 -34.14
N LEU H 187 54.35 -58.10 -33.38
CA LEU H 187 54.01 -57.07 -32.41
C LEU H 187 55.03 -57.03 -31.27
N HIS H 188 55.56 -58.20 -30.89
CA HIS H 188 56.67 -58.23 -29.94
C HIS H 188 57.89 -57.52 -30.51
N GLU H 189 58.09 -57.59 -31.83
CA GLU H 189 59.16 -56.82 -32.46
C GLU H 189 58.90 -55.33 -32.34
N GLN H 190 57.64 -54.92 -32.17
CA GLN H 190 57.28 -53.52 -32.00
C GLN H 190 57.35 -53.06 -30.55
N GLY H 191 57.75 -53.94 -29.64
CA GLY H 191 57.77 -53.58 -28.23
C GLY H 191 56.41 -53.62 -27.56
N VAL H 192 55.46 -54.36 -28.13
CA VAL H 192 54.11 -54.41 -27.58
C VAL H 192 54.05 -55.54 -26.56
N THR H 193 53.59 -55.22 -25.35
CA THR H 193 53.40 -56.23 -24.31
C THR H 193 52.03 -56.91 -24.41
N ASN H 194 51.21 -56.52 -25.39
CA ASN H 194 49.89 -57.09 -25.60
C ASN H 194 49.80 -57.55 -27.06
N PRO H 195 50.49 -58.64 -27.42
CA PRO H 195 50.44 -59.11 -28.81
C PRO H 195 49.04 -59.50 -29.24
N GLU H 196 48.24 -60.07 -28.34
CA GLU H 196 46.86 -60.41 -28.64
C GLU H 196 45.92 -59.63 -27.74
N SER H 197 44.62 -59.95 -27.82
CA SER H 197 43.56 -59.25 -27.09
C SER H 197 43.39 -57.82 -27.61
N CYS H 198 44.24 -57.42 -28.54
CA CYS H 198 44.02 -56.18 -29.27
C CYS H 198 42.87 -56.34 -30.25
N LEU H 199 42.88 -57.44 -30.99
CA LEU H 199 41.75 -57.81 -31.84
C LEU H 199 40.61 -58.31 -30.96
N ASP H 200 39.54 -57.53 -30.87
CA ASP H 200 38.37 -57.95 -30.12
C ASP H 200 37.73 -59.16 -30.79
N PRO H 201 37.16 -60.09 -30.01
CA PRO H 201 36.48 -61.24 -30.63
C PRO H 201 35.34 -60.84 -31.54
N HIS H 202 34.73 -59.69 -31.29
CA HIS H 202 33.67 -59.15 -32.14
C HIS H 202 34.16 -57.99 -32.98
N SER H 203 35.41 -58.04 -33.46
CA SER H 203 35.97 -56.94 -34.24
C SER H 203 35.19 -56.74 -35.53
N ALA H 204 34.78 -57.83 -36.19
CA ALA H 204 34.06 -57.77 -37.45
C ALA H 204 32.57 -58.02 -37.28
N SER H 205 32.00 -57.68 -36.13
CA SER H 205 30.56 -57.79 -35.90
C SER H 205 29.99 -56.63 -35.09
N VAL H 206 30.81 -55.64 -34.75
CA VAL H 206 30.34 -54.47 -34.00
C VAL H 206 30.47 -53.25 -34.89
N PRO H 207 29.67 -52.22 -34.63
CA PRO H 207 29.73 -51.01 -35.47
C PRO H 207 31.13 -50.41 -35.49
N SER H 208 31.53 -49.96 -36.67
CA SER H 208 32.82 -49.32 -36.90
C SER H 208 32.61 -47.82 -37.05
N LEU H 209 33.72 -47.11 -37.24
CA LEU H 209 33.70 -45.66 -37.37
C LEU H 209 34.41 -45.23 -38.64
N LEU H 210 33.83 -44.26 -39.34
CA LEU H 210 34.43 -43.75 -40.56
C LEU H 210 35.73 -43.04 -40.25
N TYR H 211 36.69 -43.14 -41.17
CA TYR H 211 37.99 -42.50 -40.97
C TYR H 211 37.82 -40.99 -40.82
N GLY H 212 38.45 -40.44 -39.79
CA GLY H 212 38.33 -39.03 -39.48
C GLY H 212 37.23 -38.67 -38.51
N SER H 213 36.52 -39.64 -37.96
CA SER H 213 35.47 -39.37 -36.99
C SER H 213 36.09 -39.34 -35.59
N SER H 214 35.86 -38.23 -34.88
CA SER H 214 36.37 -38.10 -33.52
C SER H 214 35.69 -39.09 -32.59
N LYS H 215 36.41 -39.49 -31.54
CA LYS H 215 35.93 -40.51 -30.61
C LYS H 215 35.42 -39.85 -29.33
N LEU H 216 34.80 -40.67 -28.49
CA LEU H 216 34.29 -40.19 -27.21
C LEU H 216 35.45 -39.70 -26.34
N ASN H 217 35.53 -38.38 -26.17
CA ASN H 217 36.61 -37.74 -25.44
C ASN H 217 37.97 -38.16 -25.98
N HIS H 218 38.10 -38.20 -27.32
CA HIS H 218 39.35 -38.59 -27.95
C HIS H 218 39.36 -38.04 -29.37
N LYS H 219 40.56 -37.77 -29.88
CA LYS H 219 40.73 -37.20 -31.20
C LYS H 219 40.53 -38.26 -32.28
N PRO H 220 40.13 -37.85 -33.48
CA PRO H 220 40.00 -38.82 -34.58
C PRO H 220 41.36 -39.39 -34.98
N TYR H 221 41.32 -40.63 -35.46
CA TYR H 221 42.53 -41.34 -35.81
C TYR H 221 43.10 -40.82 -37.13
N GLN H 222 44.35 -41.21 -37.41
CA GLN H 222 45.02 -40.84 -38.65
C GLN H 222 45.51 -42.09 -39.36
N LEU H 223 45.68 -41.98 -40.67
CA LEU H 223 46.15 -43.09 -41.50
C LEU H 223 47.63 -42.90 -41.80
N LYS H 224 48.43 -43.91 -41.47
CA LYS H 224 49.87 -43.81 -41.70
C LYS H 224 50.21 -44.00 -43.16
N THR H 225 49.93 -45.18 -43.72
CA THR H 225 50.20 -45.46 -45.12
C THR H 225 49.02 -46.25 -45.70
N GLY H 226 48.36 -45.69 -46.70
CA GLY H 226 47.25 -46.37 -47.34
C GLY H 226 47.68 -47.16 -48.56
N PHE H 227 48.62 -48.07 -48.37
CA PHE H 227 49.17 -48.84 -49.47
C PHE H 227 48.21 -49.97 -49.86
N GLU H 228 48.57 -50.72 -50.89
CA GLU H 228 47.74 -51.82 -51.37
C GLU H 228 48.60 -52.88 -52.01
N LEU H 229 48.05 -54.09 -52.11
CA LEU H 229 48.72 -55.20 -52.77
C LEU H 229 47.75 -55.85 -53.76
N VAL H 230 48.16 -56.97 -54.36
CA VAL H 230 47.34 -57.63 -55.36
C VAL H 230 47.25 -59.12 -55.02
N PHE H 231 46.08 -59.70 -55.28
CA PHE H 231 45.84 -61.12 -55.07
C PHE H 231 45.37 -61.75 -56.38
N ASP H 232 45.92 -62.92 -56.69
CA ASP H 232 45.60 -63.65 -57.90
C ASP H 232 45.05 -65.02 -57.54
N SER H 233 44.01 -65.46 -58.26
CA SER H 233 43.40 -66.74 -57.98
C SER H 233 44.38 -67.89 -58.23
N SER H 234 45.13 -67.80 -59.34
CA SER H 234 46.04 -68.89 -59.70
C SER H 234 47.27 -68.92 -58.78
N ASP H 235 47.85 -67.75 -58.50
CA ASP H 235 49.06 -67.64 -57.69
C ASP H 235 48.77 -66.67 -56.55
N PRO H 236 48.30 -67.20 -55.41
CA PRO H 236 47.82 -66.31 -54.33
C PRO H 236 48.87 -65.37 -53.77
N ASP H 237 50.12 -65.81 -53.64
CA ASP H 237 51.12 -65.00 -52.93
C ASP H 237 51.77 -63.96 -53.84
N TYR H 238 51.04 -62.88 -54.12
CA TYR H 238 51.61 -61.73 -54.83
C TYR H 238 51.74 -60.54 -53.90
N LEU H 247 48.53 -39.76 -52.46
CA LEU H 247 47.31 -40.43 -52.07
C LEU H 247 46.11 -39.49 -52.13
N GLU H 248 46.38 -38.21 -52.42
CA GLU H 248 45.32 -37.21 -52.51
C GLU H 248 44.68 -37.18 -53.90
N SER H 249 44.23 -38.35 -54.36
CA SER H 249 43.49 -38.47 -55.61
C SER H 249 42.15 -39.15 -55.41
N TYR H 250 41.84 -39.59 -54.20
CA TYR H 250 40.57 -40.27 -53.92
C TYR H 250 40.02 -39.74 -52.61
N ASN H 251 38.70 -39.81 -52.46
CA ASN H 251 38.04 -39.39 -51.23
C ASN H 251 38.27 -40.47 -50.17
N LEU H 252 39.03 -40.12 -49.14
CA LEU H 252 39.56 -41.11 -48.20
C LEU H 252 38.45 -41.83 -47.44
N VAL H 253 37.45 -41.09 -46.99
CA VAL H 253 36.45 -41.67 -46.09
C VAL H 253 35.70 -42.80 -46.76
N SER H 254 35.24 -42.59 -47.99
CA SER H 254 34.54 -43.64 -48.72
C SER H 254 35.47 -44.80 -49.05
N GLU H 255 36.73 -44.49 -49.40
CA GLU H 255 37.67 -45.54 -49.77
C GLU H 255 37.92 -46.51 -48.63
N LEU H 256 38.08 -45.99 -47.42
CA LEU H 256 38.27 -46.88 -46.26
C LEU H 256 36.96 -47.53 -45.84
N SER H 257 35.83 -46.94 -46.23
CA SER H 257 34.52 -47.43 -45.80
C SER H 257 34.16 -48.72 -46.52
N LEU H 258 33.39 -49.57 -45.81
CA LEU H 258 33.07 -50.90 -46.32
C LEU H 258 31.91 -50.86 -47.30
N THR H 259 30.92 -49.98 -47.08
CA THR H 259 29.73 -49.97 -47.93
C THR H 259 30.01 -49.45 -49.33
N ASN H 260 31.11 -48.74 -49.54
CA ASN H 260 31.36 -48.09 -50.82
C ASN H 260 31.83 -49.09 -51.87
N GLU H 261 30.92 -49.92 -52.38
CA GLU H 261 31.27 -50.86 -53.43
C GLU H 261 31.69 -50.16 -54.70
N GLN H 262 31.14 -48.98 -54.96
CA GLN H 262 31.47 -48.18 -56.14
C GLN H 262 32.72 -47.34 -55.94
N GLY H 263 33.58 -47.71 -55.00
CA GLY H 263 34.78 -46.95 -54.70
C GLY H 263 35.73 -46.79 -55.88
N SER H 264 36.47 -45.68 -55.90
CA SER H 264 37.40 -45.43 -56.98
C SER H 264 38.74 -46.11 -56.74
N LEU H 265 39.33 -45.90 -55.56
CA LEU H 265 40.61 -46.55 -55.23
C LEU H 265 40.41 -48.02 -54.94
N VAL H 266 39.32 -48.36 -54.24
CA VAL H 266 39.06 -49.74 -53.86
C VAL H 266 38.06 -50.34 -54.84
N ARG H 267 38.06 -51.67 -54.94
CA ARG H 267 37.10 -52.37 -55.76
C ARG H 267 36.46 -53.48 -54.96
N PRO H 268 35.20 -53.83 -55.26
CA PRO H 268 34.49 -54.84 -54.47
C PRO H 268 35.02 -56.25 -54.71
N VAL H 269 36.11 -56.60 -54.05
CA VAL H 269 36.71 -57.93 -54.17
C VAL H 269 35.75 -58.99 -53.67
N SER H 291 23.93 -46.94 -22.88
CA SER H 291 23.04 -46.08 -22.12
C SER H 291 22.70 -44.81 -22.89
N ILE H 292 21.79 -44.94 -23.86
CA ILE H 292 21.35 -43.79 -24.65
C ILE H 292 20.63 -42.77 -23.78
N LEU H 293 20.08 -43.20 -22.64
CA LEU H 293 19.32 -42.33 -21.77
C LEU H 293 20.18 -41.33 -21.00
N MET H 294 21.47 -41.61 -20.83
CA MET H 294 22.38 -40.64 -20.24
C MET H 294 22.45 -39.36 -21.07
N LEU H 295 22.52 -39.49 -22.39
CA LEU H 295 22.66 -38.35 -23.28
C LEU H 295 21.33 -37.77 -23.72
N HIS H 296 20.21 -38.25 -23.16
CA HIS H 296 18.90 -37.73 -23.54
C HIS H 296 18.76 -36.25 -23.20
N ASP H 297 19.22 -35.85 -22.03
CA ASP H 297 19.04 -34.48 -21.55
C ASP H 297 20.37 -33.94 -21.04
N PRO H 298 20.85 -32.80 -21.55
CA PRO H 298 22.11 -32.24 -21.04
C PRO H 298 22.07 -31.89 -19.56
N GLU H 299 20.92 -31.43 -19.05
CA GLU H 299 20.81 -31.19 -17.62
C GLU H 299 20.81 -32.51 -16.84
N ALA H 300 20.14 -33.53 -17.37
CA ALA H 300 20.28 -34.87 -16.80
C ALA H 300 21.71 -35.35 -16.89
N ARG H 301 22.46 -34.90 -17.91
CA ARG H 301 23.88 -35.25 -18.00
C ARG H 301 24.70 -34.52 -16.93
N TYR H 302 24.35 -33.28 -16.61
CA TYR H 302 25.00 -32.61 -15.48
C TYR H 302 24.70 -33.34 -14.18
N LEU H 303 23.46 -33.79 -14.01
CA LEU H 303 23.13 -34.66 -12.88
C LEU H 303 23.97 -35.93 -12.92
N HIS H 304 24.21 -36.46 -14.12
CA HIS H 304 25.10 -37.62 -14.29
C HIS H 304 26.49 -37.32 -13.74
N LYS H 305 27.08 -36.19 -14.12
CA LYS H 305 28.42 -35.87 -13.62
C LYS H 305 28.41 -35.72 -12.10
N ILE H 306 27.40 -35.04 -11.55
CA ILE H 306 27.42 -34.79 -10.11
C ILE H 306 27.21 -36.08 -9.34
N LEU H 307 26.38 -37.00 -9.85
CA LEU H 307 26.17 -38.27 -9.16
C LEU H 307 27.32 -39.25 -9.38
N ASN H 308 28.13 -39.06 -10.43
CA ASN H 308 29.34 -39.86 -10.56
C ASN H 308 30.30 -39.65 -9.40
N LEU H 309 30.20 -38.50 -8.73
CA LEU H 309 30.98 -38.23 -7.54
C LEU H 309 30.28 -38.86 -6.34
N LEU H 310 30.69 -38.49 -5.12
CA LEU H 310 30.10 -38.92 -3.85
C LEU H 310 30.53 -40.35 -3.53
N PRO H 311 30.76 -40.67 -2.26
CA PRO H 311 31.35 -41.97 -1.91
C PRO H 311 30.36 -43.10 -2.11
N PRO H 312 30.84 -44.33 -2.31
CA PRO H 312 29.92 -45.47 -2.44
C PRO H 312 29.27 -45.90 -1.13
N GLU H 313 29.66 -45.30 0.00
CA GLU H 313 29.04 -45.65 1.28
C GLU H 313 27.54 -45.36 1.27
N TYR H 314 27.12 -44.32 0.55
CA TYR H 314 25.69 -44.09 0.37
C TYR H 314 25.04 -45.25 -0.37
N TYR H 315 25.72 -45.78 -1.39
CA TYR H 315 25.17 -46.88 -2.17
C TYR H 315 25.08 -48.16 -1.34
N VAL H 316 25.79 -48.23 -0.22
CA VAL H 316 25.91 -49.48 0.53
C VAL H 316 24.55 -49.92 1.07
N GLU H 317 23.85 -49.01 1.74
CA GLU H 317 22.57 -49.32 2.38
C GLU H 317 21.45 -48.55 1.69
N TYR H 318 20.34 -49.23 1.41
CA TYR H 318 19.24 -48.63 0.67
C TYR H 318 18.58 -47.46 1.41
N PRO H 319 18.58 -47.38 2.75
CA PRO H 319 18.11 -46.14 3.37
C PRO H 319 18.91 -44.92 2.93
N LEU H 320 20.21 -45.08 2.72
CA LEU H 320 21.07 -44.00 2.27
C LEU H 320 21.40 -44.09 0.78
N TRP H 321 20.77 -45.01 0.06
CA TRP H 321 21.00 -45.22 -1.36
C TRP H 321 19.77 -44.90 -2.21
N SER H 322 18.58 -45.21 -1.71
CA SER H 322 17.34 -44.81 -2.37
C SER H 322 16.89 -43.42 -1.94
N ASN H 323 17.64 -42.75 -1.07
CA ASN H 323 17.35 -41.35 -0.77
C ASN H 323 17.46 -40.49 -2.02
N VAL H 324 18.48 -40.74 -2.83
CA VAL H 324 18.60 -40.03 -4.11
C VAL H 324 17.44 -40.39 -5.03
N VAL H 325 16.96 -41.63 -4.93
CA VAL H 325 15.79 -42.04 -5.72
C VAL H 325 14.56 -41.24 -5.31
N PHE H 326 14.37 -41.07 -3.99
CA PHE H 326 13.26 -40.25 -3.51
C PHE H 326 13.42 -38.81 -3.97
N ALA H 327 14.65 -38.29 -3.93
CA ALA H 327 14.90 -36.92 -4.38
C ALA H 327 14.57 -36.76 -5.86
N LEU H 328 14.90 -37.78 -6.66
CA LEU H 328 14.57 -37.74 -8.09
C LEU H 328 13.07 -37.94 -8.31
N ALA H 329 12.39 -38.59 -7.37
CA ALA H 329 10.97 -38.88 -7.56
C ALA H 329 10.14 -37.62 -7.61
N ASN H 330 10.32 -36.71 -6.64
CA ASN H 330 9.55 -35.47 -6.60
C ASN H 330 10.19 -34.36 -7.41
N THR H 331 11.34 -34.60 -8.04
CA THR H 331 12.02 -33.62 -8.87
C THR H 331 12.30 -34.24 -10.23
N SER H 332 11.50 -33.88 -11.23
CA SER H 332 11.62 -34.41 -12.58
C SER H 332 11.49 -35.93 -12.58
N ALA H 333 10.28 -36.38 -12.25
CA ALA H 333 10.00 -37.80 -12.08
C ALA H 333 10.22 -38.59 -13.37
N ASN H 334 10.27 -37.93 -14.51
CA ASN H 334 10.49 -38.61 -15.79
C ASN H 334 11.87 -39.26 -15.88
N TYR H 335 12.79 -38.93 -14.99
CA TYR H 335 14.13 -39.52 -14.99
C TYR H 335 14.24 -40.74 -14.08
N ARG H 336 13.15 -41.51 -13.91
CA ARG H 336 13.25 -42.79 -13.21
C ARG H 336 14.30 -43.72 -13.81
N PRO H 337 14.34 -43.96 -15.13
CA PRO H 337 15.39 -44.84 -15.66
C PRO H 337 16.78 -44.38 -15.32
N LEU H 338 16.98 -43.08 -15.08
CA LEU H 338 18.23 -42.62 -14.50
C LEU H 338 18.42 -43.20 -13.09
N ALA H 339 17.34 -43.32 -12.32
CA ALA H 339 17.44 -43.91 -10.99
C ALA H 339 17.82 -45.39 -11.07
N GLU H 340 17.18 -46.16 -11.96
CA GLU H 340 17.63 -47.54 -12.13
C GLU H 340 19.05 -47.62 -12.69
N TRP H 341 19.47 -46.64 -13.49
CA TRP H 341 20.87 -46.63 -13.92
C TRP H 341 21.80 -46.44 -12.73
N PHE H 342 21.48 -45.48 -11.86
CA PHE H 342 22.31 -45.25 -10.67
C PHE H 342 22.35 -46.49 -9.81
N SER H 343 21.25 -47.24 -9.76
CA SER H 343 21.27 -48.55 -9.12
C SER H 343 22.24 -49.48 -9.83
N GLN H 344 22.21 -49.50 -11.16
CA GLN H 344 23.06 -50.36 -11.96
C GLN H 344 24.54 -49.96 -11.91
N LYS H 345 24.85 -48.78 -11.36
CA LYS H 345 26.25 -48.37 -11.26
C LYS H 345 27.08 -49.41 -10.53
N CYS H 346 26.57 -49.92 -9.42
CA CYS H 346 27.14 -51.04 -8.68
C CYS H 346 28.62 -50.86 -8.35
N PRO H 347 28.97 -50.02 -7.37
CA PRO H 347 30.33 -50.10 -6.83
C PRO H 347 30.67 -51.50 -6.32
N GLU H 348 29.73 -52.17 -5.63
CA GLU H 348 30.01 -53.51 -5.12
C GLU H 348 28.87 -54.51 -5.21
N LYS H 349 27.65 -54.13 -5.61
CA LYS H 349 26.48 -54.95 -5.28
C LYS H 349 25.78 -55.56 -6.49
N TRP H 350 25.39 -54.76 -7.49
CA TRP H 350 24.55 -55.29 -8.56
C TRP H 350 25.32 -56.23 -9.49
N ASN H 351 26.38 -55.73 -10.14
CA ASN H 351 27.05 -56.55 -11.15
C ASN H 351 27.64 -57.82 -10.53
N THR H 352 28.00 -57.77 -9.24
CA THR H 352 28.36 -58.96 -8.49
C THR H 352 27.89 -58.76 -7.05
N GLY H 353 27.19 -59.76 -6.52
CA GLY H 353 26.64 -59.65 -5.19
C GLY H 353 25.12 -59.60 -5.15
N GLY H 354 24.58 -58.60 -4.45
CA GLY H 354 23.15 -58.49 -4.26
C GLY H 354 22.42 -57.63 -5.28
N LYS H 355 22.40 -58.05 -6.54
CA LYS H 355 21.63 -57.32 -7.55
C LYS H 355 20.13 -57.36 -7.25
N GLU H 356 19.69 -58.31 -6.43
CA GLU H 356 18.30 -58.41 -6.02
C GLU H 356 17.92 -57.40 -4.94
N LYS H 357 18.87 -56.57 -4.50
CA LYS H 357 18.60 -55.62 -3.42
C LYS H 357 17.45 -54.68 -3.77
N LEU H 358 17.64 -53.87 -4.81
CA LEU H 358 16.61 -52.93 -5.25
C LEU H 358 15.71 -53.52 -6.32
N GLU H 359 15.98 -54.75 -6.77
CA GLU H 359 15.13 -55.40 -7.75
C GLU H 359 13.70 -55.57 -7.25
N LYS H 360 13.49 -55.61 -5.94
CA LYS H 360 12.17 -55.62 -5.36
C LYS H 360 11.83 -54.33 -4.61
N LEU H 361 12.83 -53.51 -4.27
CA LEU H 361 12.63 -52.25 -3.59
C LEU H 361 12.43 -51.09 -4.56
N TRP H 362 12.39 -51.36 -5.86
CA TRP H 362 12.22 -50.28 -6.85
C TRP H 362 10.86 -49.61 -6.73
N ASN H 363 9.90 -50.23 -6.03
CA ASN H 363 8.58 -49.63 -5.83
C ASN H 363 8.62 -48.36 -5.00
N ASP H 364 9.79 -47.98 -4.47
CA ASP H 364 9.93 -46.68 -3.83
C ASP H 364 9.64 -45.54 -4.79
N ALA H 365 9.72 -45.79 -6.10
CA ALA H 365 9.37 -44.79 -7.11
C ALA H 365 7.88 -44.51 -7.17
N SER H 366 7.06 -45.27 -6.44
CA SER H 366 5.62 -45.01 -6.42
C SER H 366 5.30 -43.63 -5.87
N HIS H 367 6.20 -43.06 -5.07
CA HIS H 367 6.12 -41.68 -4.58
C HIS H 367 4.89 -41.55 -3.70
N HIS H 368 3.97 -40.62 -3.95
CA HIS H 368 2.82 -40.36 -3.10
C HIS H 368 3.25 -40.14 -1.64
N THR H 369 4.32 -39.37 -1.46
CA THR H 369 4.88 -39.08 -0.15
C THR H 369 4.87 -37.58 0.08
N GLU H 370 4.50 -37.19 1.31
CA GLU H 370 4.45 -35.77 1.65
C GLU H 370 5.82 -35.17 1.88
N LYS H 371 6.78 -35.97 2.36
CA LYS H 371 8.11 -35.46 2.63
C LYS H 371 8.80 -35.07 1.33
N LYS H 372 9.48 -33.92 1.35
CA LYS H 372 10.11 -33.37 0.16
C LYS H 372 11.63 -33.38 0.32
N ILE H 373 12.31 -34.00 -0.64
CA ILE H 373 13.77 -33.97 -0.74
C ILE H 373 14.11 -33.66 -2.19
N THR H 374 14.98 -32.67 -2.40
CA THR H 374 15.31 -32.19 -3.73
C THR H 374 16.78 -32.44 -4.04
N LYS H 375 17.20 -32.03 -5.23
CA LYS H 375 18.58 -32.18 -5.65
C LYS H 375 19.55 -31.35 -4.82
N ARG H 376 19.06 -30.31 -4.15
CA ARG H 376 19.92 -29.50 -3.29
C ARG H 376 20.63 -30.36 -2.27
N SER H 377 19.93 -31.38 -1.74
CA SER H 377 20.58 -32.33 -0.86
C SER H 377 21.69 -33.08 -1.58
N ILE H 378 21.49 -33.39 -2.86
CA ILE H 378 22.52 -34.11 -3.63
C ILE H 378 23.77 -33.26 -3.77
N MET H 379 23.61 -31.98 -4.14
CA MET H 379 24.78 -31.11 -4.22
C MET H 379 25.41 -30.90 -2.86
N TYR H 380 24.61 -30.81 -1.80
CA TYR H 380 25.16 -30.65 -0.47
C TYR H 380 26.02 -31.87 -0.09
N TRP H 381 25.53 -33.07 -0.38
CA TRP H 381 26.30 -34.27 -0.09
C TRP H 381 27.59 -34.31 -0.91
N ALA H 382 27.50 -33.95 -2.20
CA ALA H 382 28.69 -33.95 -3.04
C ALA H 382 29.73 -32.97 -2.52
N HIS H 383 29.29 -31.78 -2.10
CA HIS H 383 30.23 -30.81 -1.54
C HIS H 383 30.81 -31.29 -0.22
N LYS H 384 29.97 -31.89 0.63
CA LYS H 384 30.41 -32.29 1.97
C LYS H 384 31.43 -33.41 1.90
N HIS H 385 31.12 -34.48 1.17
CA HIS H 385 31.96 -35.68 1.16
C HIS H 385 32.97 -35.68 0.03
N ALA H 386 32.97 -34.68 -0.84
CA ALA H 386 33.93 -34.65 -1.94
C ALA H 386 34.10 -33.23 -2.48
N PRO H 387 34.72 -32.33 -1.73
CA PRO H 387 34.97 -30.98 -2.23
C PRO H 387 36.25 -30.92 -3.05
N GLN H 388 36.51 -29.73 -3.59
CA GLN H 388 37.69 -29.33 -4.35
C GLN H 388 37.68 -29.92 -5.77
N GLN H 389 36.73 -30.78 -6.12
CA GLN H 389 36.59 -31.25 -7.49
C GLN H 389 35.22 -31.01 -8.10
N TYR H 390 34.15 -31.03 -7.30
CA TYR H 390 32.84 -30.68 -7.84
C TYR H 390 32.78 -29.19 -8.21
N LYS H 391 33.57 -28.37 -7.53
CA LYS H 391 33.63 -26.94 -7.88
C LYS H 391 34.13 -26.75 -9.30
N GLU H 392 35.09 -27.59 -9.73
CA GLU H 392 35.62 -27.50 -11.08
C GLU H 392 34.52 -27.72 -12.11
N ILE H 393 33.75 -28.80 -11.97
CA ILE H 393 32.69 -29.05 -12.93
C ILE H 393 31.56 -28.04 -12.81
N VAL H 394 31.31 -27.50 -11.62
CA VAL H 394 30.30 -26.47 -11.45
C VAL H 394 30.68 -25.22 -12.25
N GLU H 395 31.92 -24.76 -12.07
CA GLU H 395 32.42 -23.63 -12.84
C GLU H 395 32.46 -23.92 -14.33
N GLN H 396 32.81 -25.15 -14.72
CA GLN H 396 32.80 -25.50 -16.13
C GLN H 396 31.40 -25.44 -16.71
N GLY H 397 30.40 -25.87 -15.94
CA GLY H 397 29.02 -25.73 -16.39
C GLY H 397 28.60 -24.28 -16.55
N TYR H 398 28.97 -23.43 -15.58
CA TYR H 398 28.72 -22.00 -15.71
C TYR H 398 29.31 -21.47 -17.01
N PHE H 399 30.59 -21.75 -17.22
CA PHE H 399 31.28 -21.25 -18.40
C PHE H 399 30.67 -21.79 -19.68
N SER H 400 30.25 -23.06 -19.68
CA SER H 400 29.65 -23.65 -20.86
C SER H 400 28.32 -22.99 -21.20
N ILE H 401 27.49 -22.75 -20.19
CA ILE H 401 26.21 -22.09 -20.44
C ILE H 401 26.44 -20.68 -20.99
N LEU H 402 27.35 -19.94 -20.36
CA LEU H 402 27.61 -18.58 -20.81
C LEU H 402 28.22 -18.57 -22.22
N ALA H 403 29.10 -19.53 -22.51
CA ALA H 403 29.71 -19.59 -23.84
C ALA H 403 28.68 -19.93 -24.90
N GLU H 404 27.75 -20.86 -24.60
CA GLU H 404 26.69 -21.15 -25.54
C GLU H 404 25.84 -19.93 -25.81
N TYR H 405 25.49 -19.19 -24.75
CA TYR H 405 24.68 -17.99 -24.92
C TYR H 405 25.43 -16.91 -25.71
N VAL H 406 26.72 -16.71 -25.43
CA VAL H 406 27.46 -15.67 -26.14
C VAL H 406 27.69 -16.06 -27.59
N TYR H 407 27.82 -17.35 -27.88
CA TYR H 407 27.97 -17.79 -29.26
C TYR H 407 26.66 -17.68 -30.02
N SER H 408 25.56 -18.12 -29.42
CA SER H 408 24.30 -18.21 -30.16
C SER H 408 23.74 -16.84 -30.55
N TYR H 409 24.26 -15.75 -30.00
CA TYR H 409 23.73 -14.43 -30.34
C TYR H 409 24.82 -13.40 -30.58
N ASN H 410 26.04 -13.83 -30.93
CA ASN H 410 27.12 -12.94 -31.34
C ASN H 410 27.41 -11.85 -30.31
N GLY H 411 27.43 -12.25 -29.04
CA GLY H 411 27.85 -11.35 -27.98
C GLY H 411 26.80 -10.38 -27.48
N MET H 412 25.57 -10.48 -27.96
CA MET H 412 24.50 -9.65 -27.41
C MET H 412 24.00 -10.26 -26.12
N LEU H 413 23.89 -9.44 -25.07
CA LEU H 413 23.48 -9.90 -23.76
C LEU H 413 22.20 -9.18 -23.34
N GLU H 414 21.28 -9.93 -22.73
CA GLU H 414 19.98 -9.45 -22.29
C GLU H 414 19.70 -9.99 -20.90
N HIS H 415 18.52 -9.66 -20.37
CA HIS H 415 18.21 -10.00 -18.98
C HIS H 415 18.10 -11.50 -18.78
N TYR H 416 17.46 -12.21 -19.70
CA TYR H 416 17.05 -13.58 -19.42
C TYR H 416 18.22 -14.53 -19.25
N MET H 417 19.23 -14.44 -20.12
CA MET H 417 20.35 -15.37 -20.01
C MET H 417 21.20 -15.10 -18.78
N ILE H 418 21.39 -13.83 -18.41
CA ILE H 418 22.07 -13.52 -17.16
C ILE H 418 21.29 -14.08 -15.98
N ALA H 419 19.95 -13.96 -16.03
CA ALA H 419 19.13 -14.52 -14.96
C ALA H 419 19.29 -16.03 -14.89
N LYS H 420 19.32 -16.70 -16.05
CA LYS H 420 19.48 -18.14 -16.07
C LYS H 420 20.81 -18.56 -15.49
N VAL H 421 21.89 -17.88 -15.87
CA VAL H 421 23.21 -18.22 -15.34
C VAL H 421 23.27 -17.97 -13.84
N ILE H 422 22.70 -16.85 -13.39
CA ILE H 422 22.71 -16.54 -11.96
C ILE H 422 21.95 -17.61 -11.18
N TYR H 423 20.78 -18.01 -11.68
CA TYR H 423 20.04 -19.08 -11.02
C TYR H 423 20.84 -20.37 -10.99
N ALA H 424 21.56 -20.66 -12.08
CA ALA H 424 22.44 -21.82 -12.07
C ALA H 424 23.58 -21.67 -11.07
N MET H 425 23.93 -20.44 -10.69
CA MET H 425 25.04 -20.22 -9.76
C MET H 425 24.61 -20.24 -8.30
N MET H 426 23.51 -19.57 -7.96
CA MET H 426 23.06 -19.46 -6.58
C MET H 426 21.62 -19.94 -6.44
N GLY H 427 21.33 -21.11 -7.00
CA GLY H 427 20.01 -21.69 -6.83
C GLY H 427 19.75 -22.36 -5.51
N ASN H 428 20.78 -22.51 -4.68
CA ASN H 428 20.67 -23.22 -3.41
C ASN H 428 20.60 -22.28 -2.21
N LYS H 429 20.46 -20.98 -2.43
CA LYS H 429 20.48 -20.02 -1.33
C LYS H 429 19.29 -19.06 -1.33
N PHE H 430 18.54 -18.96 -2.43
CA PHE H 430 17.43 -18.02 -2.51
C PHE H 430 16.17 -18.75 -2.97
N VAL H 431 15.02 -18.16 -2.65
CA VAL H 431 13.73 -18.72 -3.04
C VAL H 431 12.73 -17.57 -3.09
N VAL H 432 11.79 -17.66 -4.03
CA VAL H 432 10.81 -16.61 -4.29
C VAL H 432 9.42 -17.22 -4.25
N ASP H 433 8.49 -16.54 -3.57
CA ASP H 433 7.11 -16.98 -3.53
C ASP H 433 6.20 -15.76 -3.43
N VAL H 434 4.95 -15.95 -3.81
CA VAL H 434 3.95 -14.89 -3.80
C VAL H 434 3.26 -14.87 -2.46
N ASP H 435 3.21 -13.70 -1.83
CA ASP H 435 2.61 -13.57 -0.50
C ASP H 435 1.09 -13.54 -0.63
N SER H 436 0.40 -13.32 0.50
CA SER H 436 -1.05 -13.22 0.47
C SER H 436 -1.51 -11.97 -0.28
N ASN H 437 -0.77 -10.86 -0.12
CA ASN H 437 -1.16 -9.61 -0.77
C ASN H 437 -0.99 -9.66 -2.28
N GLY H 438 -0.19 -10.59 -2.80
CA GLY H 438 -0.03 -10.73 -4.23
C GLY H 438 1.22 -10.10 -4.79
N LYS H 439 2.32 -10.18 -4.06
CA LYS H 439 3.61 -9.68 -4.52
C LYS H 439 4.71 -10.69 -4.22
N TYR H 440 5.75 -10.67 -5.04
CA TYR H 440 6.86 -11.59 -4.87
C TYR H 440 7.76 -11.13 -3.74
N VAL H 441 8.22 -12.09 -2.92
CA VAL H 441 9.12 -11.81 -1.82
C VAL H 441 10.33 -12.73 -1.95
N TRP H 442 11.44 -12.30 -1.35
CA TRP H 442 12.71 -13.00 -1.44
C TRP H 442 13.13 -13.51 -0.06
N PHE H 443 13.41 -14.80 0.03
CA PHE H 443 13.96 -15.40 1.23
C PHE H 443 15.38 -15.88 0.93
N GLU H 444 16.33 -15.51 1.79
CA GLU H 444 17.73 -15.87 1.62
C GLU H 444 18.15 -16.80 2.75
N PHE H 445 18.75 -17.94 2.39
CA PHE H 445 19.30 -18.84 3.39
C PHE H 445 20.52 -18.22 4.03
N VAL H 446 20.62 -18.31 5.35
CA VAL H 446 21.71 -17.68 6.09
C VAL H 446 22.80 -18.72 6.33
N LEU H 447 24.04 -18.31 6.14
CA LEU H 447 25.20 -19.17 6.31
C LEU H 447 26.17 -18.55 7.30
N PRO H 448 26.96 -19.35 8.01
CA PRO H 448 27.93 -18.77 8.94
C PRO H 448 28.98 -17.95 8.21
N GLY H 449 29.46 -16.91 8.89
CA GLY H 449 30.52 -16.08 8.37
C GLY H 449 30.09 -14.85 7.60
N GLN H 450 28.83 -14.45 7.70
CA GLN H 450 28.32 -13.26 7.03
C GLN H 450 27.55 -12.41 8.03
N PRO H 451 27.45 -11.10 7.79
CA PRO H 451 26.68 -10.25 8.70
C PRO H 451 25.23 -10.71 8.79
N MET H 452 24.68 -10.64 9.99
CA MET H 452 23.38 -11.22 10.28
C MET H 452 22.95 -10.76 11.67
N ASN H 453 21.69 -11.04 12.00
CA ASN H 453 21.19 -10.83 13.35
C ASN H 453 21.59 -12.01 14.22
N GLN H 454 21.08 -12.04 15.45
CA GLN H 454 21.41 -13.09 16.40
C GLN H 454 20.38 -14.21 16.31
N GLY H 455 20.87 -15.44 16.16
CA GLY H 455 20.01 -16.61 16.16
C GLY H 455 19.35 -16.95 14.85
N GLU H 456 19.74 -16.30 13.75
CA GLU H 456 19.15 -16.58 12.45
C GLU H 456 19.96 -17.58 11.63
N ILE H 457 20.89 -18.30 12.27
CA ILE H 457 21.78 -19.19 11.53
C ILE H 457 21.01 -20.41 11.04
N TRP H 458 21.36 -20.89 9.84
CA TRP H 458 20.73 -22.07 9.23
C TRP H 458 19.22 -21.93 9.16
N LYS H 459 18.75 -20.72 8.79
CA LYS H 459 17.33 -20.46 8.71
C LYS H 459 17.07 -19.48 7.58
N TRP H 460 15.81 -19.42 7.15
CA TRP H 460 15.42 -18.54 6.06
C TRP H 460 15.15 -17.14 6.59
N ARG H 461 15.80 -16.16 5.98
CA ARG H 461 15.64 -14.75 6.37
C ARG H 461 14.84 -14.03 5.28
N LYS H 462 13.79 -13.32 5.70
CA LYS H 462 12.91 -12.63 4.77
C LYS H 462 13.56 -11.33 4.34
N GLU H 463 13.94 -11.25 3.06
CA GLU H 463 14.61 -10.08 2.50
C GLU H 463 13.63 -9.31 1.64
N VAL H 464 13.42 -8.03 1.97
CA VAL H 464 12.55 -7.19 1.16
C VAL H 464 13.15 -6.96 -0.23
N ASN H 465 14.48 -6.87 -0.30
CA ASN H 465 15.16 -6.65 -1.57
C ASN H 465 16.48 -7.40 -1.55
N PRO H 466 16.74 -8.27 -2.53
CA PRO H 466 17.96 -9.09 -2.50
C PRO H 466 19.21 -8.26 -2.77
N ASP H 467 19.70 -7.57 -1.74
CA ASP H 467 20.93 -6.79 -1.88
C ASP H 467 22.13 -7.69 -2.14
N GLU H 468 22.17 -8.85 -1.48
CA GLU H 468 23.27 -9.78 -1.70
C GLU H 468 23.32 -10.25 -3.14
N LEU H 469 22.16 -10.51 -3.75
CA LEU H 469 22.13 -10.87 -5.16
C LEU H 469 22.63 -9.72 -6.03
N HIS H 470 22.26 -8.48 -5.68
CA HIS H 470 22.72 -7.32 -6.42
C HIS H 470 24.23 -7.19 -6.36
N ILE H 471 24.83 -7.49 -5.21
CA ILE H 471 26.28 -7.45 -5.10
C ILE H 471 26.91 -8.60 -5.88
N TYR H 472 26.33 -9.80 -5.77
CA TYR H 472 26.92 -10.97 -6.42
C TYR H 472 26.91 -10.84 -7.94
N ILE H 473 25.81 -10.33 -8.52
CA ILE H 473 25.70 -10.25 -9.96
C ILE H 473 26.73 -9.31 -10.56
N SER H 474 27.27 -8.37 -9.76
CA SER H 474 28.28 -7.46 -10.25
C SER H 474 29.68 -7.78 -9.73
N GLU H 475 29.81 -8.69 -8.78
CA GLU H 475 31.11 -9.04 -8.22
C GLU H 475 31.68 -10.34 -8.77
N ASN H 476 30.92 -11.43 -8.71
CA ASN H 476 31.43 -12.72 -9.14
C ASN H 476 31.18 -13.00 -10.61
N PHE H 477 30.13 -12.42 -11.20
CA PHE H 477 29.87 -12.62 -12.61
C PHE H 477 30.97 -12.03 -13.48
N SER H 478 31.61 -10.96 -13.00
CA SER H 478 32.69 -10.33 -13.76
C SER H 478 33.85 -11.28 -14.00
N ARG H 479 34.10 -12.20 -13.06
CA ARG H 479 35.14 -13.20 -13.27
C ARG H 479 34.80 -14.11 -14.45
N VAL H 480 33.55 -14.54 -14.55
CA VAL H 480 33.14 -15.37 -15.66
C VAL H 480 33.22 -14.60 -16.97
N MET H 481 32.85 -13.31 -16.94
CA MET H 481 32.99 -12.48 -18.13
C MET H 481 34.45 -12.36 -18.56
N ASP H 482 35.35 -12.19 -17.59
CA ASP H 482 36.78 -12.13 -17.90
C ASP H 482 37.27 -13.45 -18.47
N ARG H 483 36.76 -14.56 -17.95
CA ARG H 483 37.10 -15.87 -18.52
C ARG H 483 36.66 -15.96 -19.97
N ILE H 484 35.46 -15.48 -20.28
CA ILE H 484 34.99 -15.47 -21.66
C ILE H 484 35.91 -14.63 -22.53
N THR H 485 36.29 -13.45 -22.04
CA THR H 485 37.16 -12.57 -22.82
C THR H 485 38.51 -13.22 -23.08
N GLU H 486 39.10 -13.86 -22.07
CA GLU H 486 40.40 -14.48 -22.27
C GLU H 486 40.30 -15.70 -23.18
N HIS H 487 39.18 -16.43 -23.14
CA HIS H 487 38.98 -17.52 -24.08
C HIS H 487 38.91 -16.99 -25.51
N ILE H 488 38.19 -15.88 -25.71
CA ILE H 488 38.11 -15.26 -27.04
C ILE H 488 39.50 -14.81 -27.49
N LYS H 489 40.27 -14.22 -26.57
CA LYS H 489 41.63 -13.80 -26.91
C LYS H 489 42.50 -14.99 -27.30
N TYR H 490 42.37 -16.10 -26.57
CA TYR H 490 43.16 -17.28 -26.90
C TYR H 490 42.81 -17.80 -28.30
N HIS H 491 41.51 -17.86 -28.62
CA HIS H 491 41.13 -18.26 -29.97
C HIS H 491 41.63 -17.26 -31.02
N LEU H 492 41.69 -15.98 -30.66
CA LEU H 492 42.25 -14.99 -31.58
C LEU H 492 43.74 -15.25 -31.83
N SER H 493 44.47 -15.65 -30.78
CA SER H 493 45.92 -15.83 -30.90
C SER H 493 46.25 -16.96 -31.88
N GLN H 494 45.51 -18.06 -31.81
CA GLN H 494 45.78 -19.18 -32.70
C GLN H 494 45.46 -18.80 -34.13
N PRO H 495 46.38 -19.04 -35.08
CA PRO H 495 46.11 -18.73 -36.49
C PRO H 495 45.31 -19.84 -37.14
N HIS H 496 44.12 -19.52 -37.65
CA HIS H 496 43.26 -20.50 -38.30
C HIS H 496 43.11 -20.22 -39.80
N GLU H 497 42.60 -19.04 -40.16
CA GLU H 497 42.27 -18.73 -41.55
C GLU H 497 42.27 -17.21 -41.72
N SER H 498 41.69 -16.75 -42.82
CA SER H 498 41.52 -15.33 -43.08
C SER H 498 40.13 -14.84 -42.71
N ASN H 499 39.32 -15.68 -42.07
CA ASN H 499 38.01 -15.27 -41.59
C ASN H 499 37.99 -14.93 -40.11
N ILE H 500 39.00 -15.38 -39.34
CA ILE H 500 39.08 -15.02 -37.94
C ILE H 500 39.23 -13.50 -37.79
N LEU H 501 39.97 -12.87 -38.70
CA LEU H 501 40.18 -11.42 -38.65
C LEU H 501 38.87 -10.66 -38.79
N ASN H 502 37.82 -11.30 -39.27
CA ASN H 502 36.47 -10.74 -39.27
C ASN H 502 35.63 -11.28 -38.12
N TYR H 503 35.57 -12.60 -37.98
CA TYR H 503 34.66 -13.22 -37.03
C TYR H 503 35.09 -12.93 -35.58
N TYR H 504 36.30 -13.35 -35.23
CA TYR H 504 36.83 -13.04 -33.90
C TYR H 504 37.45 -11.67 -33.84
N LYS H 505 36.80 -10.70 -34.45
CA LYS H 505 36.93 -9.27 -34.20
C LYS H 505 35.56 -8.63 -34.03
N LYS H 506 34.59 -9.02 -34.86
CA LYS H 506 33.21 -8.60 -34.63
C LYS H 506 32.69 -9.15 -33.32
N LEU H 507 32.94 -10.43 -33.04
CA LEU H 507 32.49 -11.01 -31.78
C LEU H 507 33.16 -10.33 -30.59
N LEU H 508 34.47 -10.08 -30.71
CA LEU H 508 35.18 -9.43 -29.61
C LEU H 508 34.65 -8.02 -29.37
N LYS H 509 34.41 -7.25 -30.44
CA LYS H 509 33.89 -5.90 -30.28
C LYS H 509 32.50 -5.92 -29.64
N ALA H 510 31.63 -6.81 -30.11
CA ALA H 510 30.28 -6.88 -29.56
C ALA H 510 30.30 -7.26 -28.08
N PHE H 511 31.12 -8.26 -27.73
CA PHE H 511 31.18 -8.67 -26.32
C PHE H 511 31.81 -7.58 -25.45
N GLU H 512 32.80 -6.87 -25.98
CA GLU H 512 33.39 -5.76 -25.23
C GLU H 512 32.36 -4.67 -24.98
N ARG H 513 31.53 -4.36 -25.98
CA ARG H 513 30.47 -3.39 -25.78
C ARG H 513 29.46 -3.87 -24.75
N SER H 514 29.12 -5.17 -24.78
CA SER H 514 28.11 -5.69 -23.87
C SER H 514 28.64 -5.98 -22.47
N LYS H 515 29.96 -5.99 -22.28
CA LYS H 515 30.53 -6.36 -20.98
C LYS H 515 30.12 -5.41 -19.87
N SER H 516 30.14 -4.10 -20.15
CA SER H 516 29.90 -3.11 -19.10
C SER H 516 28.44 -3.00 -18.70
N LYS H 517 27.53 -3.68 -19.39
CA LYS H 517 26.11 -3.55 -19.11
C LYS H 517 25.72 -4.11 -17.74
N ILE H 518 26.51 -5.03 -17.19
CA ILE H 518 26.14 -5.64 -15.91
C ILE H 518 26.24 -4.66 -14.76
N PHE H 519 27.01 -3.59 -14.91
CA PHE H 519 27.14 -2.60 -13.85
C PHE H 519 26.03 -1.56 -13.88
N ASN H 520 25.22 -1.52 -14.92
CA ASN H 520 24.12 -0.56 -14.99
C ASN H 520 23.01 -0.94 -14.03
N ASP H 521 22.37 0.07 -13.43
CA ASP H 521 21.33 -0.20 -12.45
C ASP H 521 20.07 -0.74 -13.09
N SER H 522 19.63 -0.14 -14.21
CA SER H 522 18.42 -0.60 -14.87
C SER H 522 18.55 -2.02 -15.37
N PHE H 523 19.72 -2.36 -15.92
CA PHE H 523 19.95 -3.73 -16.39
C PHE H 523 19.90 -4.72 -15.24
N LYS H 524 20.49 -4.36 -14.10
CA LYS H 524 20.45 -5.24 -12.93
C LYS H 524 19.01 -5.42 -12.43
N LYS H 525 18.24 -4.35 -12.40
CA LYS H 525 16.84 -4.46 -12.00
C LYS H 525 16.06 -5.36 -12.94
N GLY H 526 16.28 -5.21 -14.24
CA GLY H 526 15.62 -6.07 -15.21
C GLY H 526 16.01 -7.53 -15.05
N VAL H 527 17.29 -7.80 -14.80
CA VAL H 527 17.73 -9.17 -14.61
C VAL H 527 17.11 -9.76 -13.35
N ILE H 528 17.01 -8.97 -12.28
CA ILE H 528 16.37 -9.46 -11.06
C ILE H 528 14.90 -9.77 -11.33
N ARG H 529 14.21 -8.89 -12.04
CA ARG H 529 12.80 -9.13 -12.36
C ARG H 529 12.63 -10.39 -13.20
N GLN H 530 13.52 -10.61 -14.16
CA GLN H 530 13.46 -11.83 -14.97
C GLN H 530 13.74 -13.06 -14.11
N ALA H 531 14.74 -13.00 -13.24
CA ALA H 531 15.11 -14.14 -12.41
C ALA H 531 14.06 -14.43 -11.35
N GLU H 532 13.18 -13.48 -11.06
CA GLU H 532 12.10 -13.74 -10.11
C GLU H 532 11.27 -14.95 -10.53
N PHE H 533 11.14 -15.19 -11.83
CA PHE H 533 10.38 -16.34 -12.31
C PHE H 533 11.14 -17.64 -12.08
N LEU H 534 12.44 -17.64 -12.36
CA LEU H 534 13.23 -18.86 -12.26
C LEU H 534 13.34 -19.35 -10.82
N PHE H 535 13.50 -18.42 -9.87
CA PHE H 535 13.67 -18.78 -8.48
C PHE H 535 12.36 -19.14 -7.78
N ARG H 536 11.22 -18.99 -8.48
CA ARG H 536 9.94 -19.23 -7.84
C ARG H 536 9.78 -20.70 -7.46
N GLN H 537 9.24 -20.92 -6.27
CA GLN H 537 8.99 -22.27 -5.76
C GLN H 537 7.58 -22.29 -5.19
N ARG H 538 6.67 -22.97 -5.88
CA ARG H 538 5.27 -22.98 -5.48
C ARG H 538 5.08 -23.72 -4.17
N SER H 539 4.04 -23.33 -3.44
CA SER H 539 3.65 -23.95 -2.16
C SER H 539 4.80 -23.90 -1.17
N PHE H 540 5.25 -22.68 -0.88
CA PHE H 540 6.33 -22.45 0.07
C PHE H 540 5.91 -21.60 1.25
N ILE H 541 5.28 -20.45 1.00
CA ILE H 541 4.95 -19.53 2.08
C ILE H 541 3.95 -20.17 3.05
N GLN H 542 2.90 -20.79 2.52
CA GLN H 542 1.91 -21.43 3.38
C GLN H 542 2.46 -22.65 4.09
N THR H 543 3.59 -23.18 3.65
CA THR H 543 4.21 -24.33 4.31
C THR H 543 5.27 -23.92 5.33
N LEU H 544 5.43 -22.62 5.58
CA LEU H 544 6.41 -22.14 6.54
C LEU H 544 5.96 -22.49 7.97
N ASP H 545 6.73 -23.33 8.64
CA ASP H 545 6.47 -23.73 10.03
C ASP H 545 5.07 -24.33 10.17
N THR H 546 4.86 -25.46 9.48
CA THR H 546 3.62 -26.20 9.57
C THR H 546 3.73 -27.43 10.45
N ASN H 547 4.80 -28.21 10.28
CA ASN H 547 5.00 -29.37 11.13
C ASN H 547 5.35 -28.92 12.55
N PRO H 548 4.60 -29.33 13.57
CA PRO H 548 4.86 -28.84 14.93
C PRO H 548 6.09 -29.43 15.58
N HIS H 549 6.77 -30.37 14.92
CA HIS H 549 7.91 -31.05 15.52
C HIS H 549 9.23 -30.33 15.27
N LEU H 550 9.22 -29.20 14.57
CA LEU H 550 10.43 -28.45 14.25
C LEU H 550 10.38 -27.11 14.97
N LEU H 551 11.43 -26.83 15.76
CA LEU H 551 11.53 -25.57 16.51
C LEU H 551 12.85 -24.90 16.14
N GLY H 552 12.78 -23.67 15.66
CA GLY H 552 14.00 -22.93 15.36
C GLY H 552 14.58 -22.31 16.61
N VAL H 553 15.90 -22.45 16.78
CA VAL H 553 16.60 -21.94 17.95
C VAL H 553 17.75 -21.05 17.49
N GLY H 554 18.49 -20.52 18.46
CA GLY H 554 19.57 -19.60 18.14
C GLY H 554 20.70 -20.25 17.38
N ASN H 555 21.05 -21.48 17.73
CA ASN H 555 22.18 -22.18 17.12
C ASN H 555 21.76 -23.18 16.05
N GLY H 556 20.49 -23.15 15.64
CA GLY H 556 20.03 -24.04 14.59
C GLY H 556 18.60 -24.50 14.73
N VAL H 557 18.34 -25.77 14.44
CA VAL H 557 16.98 -26.30 14.54
C VAL H 557 16.94 -27.58 15.36
N LEU H 558 15.80 -27.87 15.96
CA LEU H 558 15.68 -29.06 16.79
C LEU H 558 14.57 -29.98 16.31
N SER H 559 14.87 -31.26 16.15
CA SER H 559 13.87 -32.22 15.73
C SER H 559 13.38 -33.05 16.92
N ILE H 560 12.23 -32.69 17.46
CA ILE H 560 11.70 -33.40 18.63
C ILE H 560 11.28 -34.81 18.28
N GLU H 561 10.97 -35.07 17.01
CA GLU H 561 10.51 -36.39 16.59
C GLU H 561 11.31 -37.53 17.20
N THR H 562 12.48 -37.82 16.62
CA THR H 562 13.29 -38.92 17.11
C THR H 562 13.67 -38.73 18.57
N ILE H 563 13.91 -39.85 19.24
CA ILE H 563 14.37 -39.87 20.63
C ILE H 563 15.79 -40.42 20.64
N PRO H 564 16.78 -39.65 21.09
CA PRO H 564 16.63 -38.27 21.58
C PRO H 564 16.49 -37.26 20.45
N ALA H 565 16.00 -36.06 20.77
CA ALA H 565 15.88 -35.01 19.77
C ALA H 565 17.25 -34.59 19.28
N LYS H 566 17.38 -34.42 17.97
CA LYS H 566 18.66 -34.10 17.35
C LYS H 566 18.74 -32.61 17.02
N LEU H 567 19.97 -32.11 16.93
CA LEU H 567 20.24 -30.72 16.62
C LEU H 567 20.70 -30.62 15.17
N ILE H 568 20.13 -29.68 14.43
CA ILE H 568 20.51 -29.43 13.04
C ILE H 568 21.30 -28.14 13.00
N ASN H 569 22.59 -28.25 12.67
CA ASN H 569 23.46 -27.08 12.51
C ASN H 569 24.19 -27.10 11.17
N HIS H 570 23.59 -27.75 10.16
CA HIS H 570 24.17 -27.81 8.82
C HIS H 570 23.11 -27.48 7.79
N PHE H 571 23.42 -27.68 6.52
CA PHE H 571 22.43 -27.45 5.46
C PHE H 571 21.25 -28.40 5.62
N HIS H 572 20.07 -27.90 5.26
CA HIS H 572 18.85 -28.70 5.29
C HIS H 572 17.88 -28.10 4.29
N GLU H 573 16.63 -28.57 4.32
CA GLU H 573 15.62 -28.15 3.34
C GLU H 573 14.27 -27.82 3.96
N HIS H 574 14.12 -27.94 5.27
CA HIS H 574 12.83 -27.63 5.89
C HIS H 574 12.56 -26.13 5.85
N PRO H 575 11.31 -25.73 5.64
CA PRO H 575 10.96 -24.29 5.60
C PRO H 575 10.75 -23.69 6.99
N ILE H 576 11.85 -23.29 7.62
CA ILE H 576 11.84 -22.72 8.96
C ILE H 576 12.14 -21.24 8.86
N HIS H 577 11.25 -20.41 9.37
CA HIS H 577 11.43 -18.96 9.36
C HIS H 577 11.29 -18.33 10.74
N GLN H 578 10.37 -18.82 11.55
CA GLN H 578 10.17 -18.30 12.90
C GLN H 578 11.08 -19.03 13.87
N TYR H 579 11.71 -18.28 14.77
CA TYR H 579 12.76 -18.83 15.62
C TYR H 579 12.75 -18.15 16.98
N THR H 580 13.39 -18.81 17.94
CA THR H 580 13.64 -18.27 19.27
C THR H 580 15.13 -18.02 19.44
N HIS H 581 15.45 -17.17 20.40
CA HIS H 581 16.83 -16.72 20.63
C HIS H 581 17.49 -17.48 21.77
N ILE H 582 17.20 -18.77 21.93
CA ILE H 582 17.75 -19.58 23.00
C ILE H 582 18.58 -20.70 22.37
N CYS H 583 19.85 -20.79 22.74
CA CYS H 583 20.70 -21.86 22.26
C CYS H 583 20.29 -23.18 22.90
N TYR H 584 20.59 -24.28 22.21
CA TYR H 584 20.20 -25.61 22.63
C TYR H 584 21.43 -26.44 22.97
N VAL H 585 21.41 -27.06 24.13
CA VAL H 585 22.45 -28.00 24.55
C VAL H 585 21.77 -29.25 25.10
N PRO H 586 22.41 -30.42 25.06
CA PRO H 586 21.80 -31.61 25.65
C PRO H 586 21.63 -31.46 27.15
N PHE H 587 20.63 -32.16 27.68
CA PHE H 587 20.30 -32.06 29.10
C PHE H 587 21.44 -32.59 29.96
N ASN H 588 22.15 -31.69 30.63
CA ASN H 588 23.28 -32.04 31.48
C ASN H 588 22.95 -31.71 32.93
N PRO H 589 22.61 -32.70 33.76
CA PRO H 589 22.32 -32.41 35.17
C PRO H 589 23.53 -31.91 35.95
N GLU H 590 24.75 -32.12 35.44
CA GLU H 590 25.95 -31.72 36.17
C GLU H 590 26.25 -30.24 36.08
N ASN H 591 25.55 -29.51 35.21
CA ASN H 591 25.79 -28.07 35.08
C ASN H 591 25.41 -27.36 36.38
N PRO H 592 26.23 -26.43 36.87
CA PRO H 592 25.86 -25.73 38.11
C PRO H 592 24.54 -24.98 38.02
N TRP H 593 24.26 -24.36 36.88
CA TRP H 593 22.97 -23.70 36.69
C TRP H 593 21.85 -24.73 36.67
N THR H 594 22.08 -25.88 36.04
CA THR H 594 21.07 -26.94 36.04
C THR H 594 20.84 -27.46 37.46
N LYS H 595 21.90 -27.63 38.24
CA LYS H 595 21.74 -28.07 39.62
C LYS H 595 20.95 -27.06 40.43
N LEU H 596 21.27 -25.77 40.29
CA LEU H 596 20.53 -24.74 41.01
C LEU H 596 19.06 -24.73 40.61
N LEU H 597 18.79 -24.86 39.31
CA LEU H 597 17.42 -24.88 38.83
C LEU H 597 16.66 -26.08 39.37
N LEU H 598 17.29 -27.25 39.38
CA LEU H 598 16.64 -28.44 39.92
C LEU H 598 16.35 -28.29 41.40
N ASN H 599 17.31 -27.77 42.16
CA ASN H 599 17.10 -27.59 43.59
C ASN H 599 15.97 -26.60 43.87
N ALA H 600 15.97 -25.47 43.16
CA ALA H 600 14.92 -24.48 43.36
C ALA H 600 13.55 -25.03 42.96
N LEU H 601 13.50 -25.77 41.86
CA LEU H 601 12.23 -26.34 41.39
C LEU H 601 11.71 -27.38 42.38
N GLN H 602 12.61 -28.19 42.94
CA GLN H 602 12.19 -29.13 43.98
C GLN H 602 11.68 -28.40 45.21
N ASP H 603 12.35 -27.31 45.60
CA ASP H 603 11.93 -26.54 46.76
C ASP H 603 10.55 -25.92 46.54
N ILE H 604 10.28 -25.43 45.33
CA ILE H 604 9.02 -24.76 45.05
C ILE H 604 7.84 -25.71 45.23
N ILE H 605 7.92 -26.88 44.60
CA ILE H 605 6.89 -27.90 44.68
C ILE H 605 7.49 -29.15 45.31
N PRO H 606 7.22 -29.40 46.60
CA PRO H 606 7.87 -30.51 47.30
C PRO H 606 7.44 -31.89 46.84
N GLU H 607 6.13 -32.10 46.68
CA GLU H 607 5.61 -33.44 46.41
C GLU H 607 6.17 -34.00 45.11
N LEU H 608 6.66 -35.25 45.18
CA LEU H 608 7.34 -35.84 44.03
C LEU H 608 6.38 -36.08 42.87
N ASP H 609 5.24 -36.72 43.15
CA ASP H 609 4.28 -36.99 42.08
C ASP H 609 3.72 -35.71 41.49
N ALA H 610 3.42 -34.73 42.34
CA ALA H 610 2.94 -33.44 41.87
C ALA H 610 4.01 -32.75 41.03
N ARG H 611 5.26 -32.81 41.47
CA ARG H 611 6.35 -32.20 40.72
C ARG H 611 6.47 -32.82 39.33
N LEU H 612 6.44 -34.15 39.27
CA LEU H 612 6.54 -34.83 37.98
C LEU H 612 5.36 -34.50 37.08
N TRP H 613 4.15 -34.45 37.65
CA TRP H 613 2.97 -34.13 36.85
C TRP H 613 3.05 -32.72 36.29
N ILE H 614 3.45 -31.75 37.12
CA ILE H 614 3.56 -30.37 36.66
C ILE H 614 4.63 -30.25 35.59
N MET H 615 5.76 -30.93 35.77
CA MET H 615 6.81 -30.86 34.76
C MET H 615 6.35 -31.48 33.44
N PHE H 616 5.64 -32.61 33.52
CA PHE H 616 5.12 -33.24 32.31
C PHE H 616 4.14 -32.32 31.60
N TYR H 617 3.26 -31.65 32.36
CA TYR H 617 2.32 -30.73 31.75
C TYR H 617 3.03 -29.55 31.10
N LEU H 618 4.06 -29.02 31.76
CA LEU H 618 4.76 -27.87 31.22
C LEU H 618 5.62 -28.24 30.01
N SER H 619 6.07 -29.49 29.94
CA SER H 619 6.91 -29.90 28.82
C SER H 619 6.16 -29.91 27.50
N THR H 620 4.83 -29.92 27.51
CA THR H 620 4.05 -29.94 26.29
C THR H 620 4.06 -28.60 25.55
N ALA H 621 4.64 -27.56 26.14
CA ALA H 621 4.63 -26.24 25.50
C ALA H 621 5.43 -26.23 24.20
N ILE H 622 6.51 -27.02 24.13
CA ILE H 622 7.33 -27.01 22.93
C ILE H 622 6.57 -27.59 21.74
N PHE H 623 5.71 -28.57 21.97
CA PHE H 623 4.94 -29.18 20.89
C PHE H 623 3.82 -28.23 20.46
N ARG H 624 3.90 -27.72 19.24
CA ARG H 624 2.92 -26.79 18.71
C ARG H 624 1.80 -27.49 17.95
N GLY H 625 1.53 -28.76 18.25
CA GLY H 625 0.48 -29.50 17.59
C GLY H 625 -0.79 -29.57 18.42
N LEU H 626 -1.74 -30.35 17.92
CA LEU H 626 -3.01 -30.50 18.62
C LEU H 626 -2.80 -31.32 19.88
N LYS H 627 -3.31 -30.82 21.00
CA LYS H 627 -3.10 -31.40 22.31
C LYS H 627 -4.43 -31.85 22.91
N GLU H 628 -4.38 -32.29 24.16
CA GLU H 628 -5.55 -32.79 24.85
C GLU H 628 -6.32 -31.65 25.50
N ALA H 629 -7.48 -31.98 26.06
CA ALA H 629 -8.38 -30.99 26.65
C ALA H 629 -8.11 -30.89 28.16
N LEU H 630 -6.97 -30.29 28.49
CA LEU H 630 -6.59 -30.06 29.87
C LEU H 630 -6.17 -28.60 30.06
N MET H 631 -6.39 -28.10 31.27
CA MET H 631 -5.97 -26.76 31.64
C MET H 631 -5.63 -26.75 33.12
N LEU H 632 -4.45 -26.22 33.45
CA LEU H 632 -3.95 -26.24 34.82
C LEU H 632 -4.16 -24.89 35.48
N LEU H 633 -4.82 -24.90 36.63
CA LEU H 633 -4.94 -23.72 37.47
C LEU H 633 -4.53 -24.08 38.89
N TRP H 634 -3.67 -23.26 39.49
CA TRP H 634 -3.18 -23.53 40.83
C TRP H 634 -2.94 -22.23 41.58
N LEU H 635 -3.40 -22.20 42.83
CA LEU H 635 -3.50 -20.98 43.62
C LEU H 635 -2.44 -20.98 44.71
N GLY H 636 -2.47 -19.94 45.53
CA GLY H 636 -1.52 -19.78 46.61
C GLY H 636 -1.43 -18.34 47.03
N GLY H 637 -0.61 -18.11 48.05
CA GLY H 637 -0.37 -16.78 48.55
C GLY H 637 0.59 -15.99 47.67
N GLY H 638 0.79 -14.74 48.03
CA GLY H 638 1.74 -13.90 47.31
C GLY H 638 3.17 -14.29 47.60
N CYS H 639 4.07 -13.83 46.72
CA CYS H 639 5.50 -14.13 46.82
C CYS H 639 5.73 -15.63 46.94
N ASN H 640 5.03 -16.41 46.11
CA ASN H 640 5.06 -17.86 46.19
C ASN H 640 5.92 -18.49 45.10
N GLY H 641 5.91 -17.92 43.89
CA GLY H 641 6.72 -18.44 42.79
C GLY H 641 5.95 -18.85 41.56
N LYS H 642 4.62 -18.71 41.52
CA LYS H 642 3.87 -19.04 40.32
C LYS H 642 4.28 -18.15 39.15
N THR H 643 4.30 -16.83 39.38
CA THR H 643 4.64 -15.89 38.32
C THR H 643 6.06 -16.11 37.84
N PHE H 644 6.98 -16.43 38.75
CA PHE H 644 8.35 -16.70 38.35
C PHE H 644 8.42 -17.81 37.32
N LEU H 645 7.80 -18.96 37.63
CA LEU H 645 7.85 -20.11 36.71
C LEU H 645 7.15 -19.79 35.40
N MET H 646 5.96 -19.18 35.47
CA MET H 646 5.20 -18.91 34.25
C MET H 646 5.96 -17.94 33.34
N ARG H 647 6.45 -16.83 33.90
CA ARG H 647 7.22 -15.89 33.09
C ARG H 647 8.48 -16.53 32.54
N LEU H 648 9.17 -17.33 33.35
CA LEU H 648 10.39 -17.99 32.91
C LEU H 648 10.11 -18.85 31.68
N VAL H 649 9.07 -19.68 31.74
CA VAL H 649 8.67 -20.46 30.57
C VAL H 649 8.34 -19.52 29.41
N ALA H 650 7.66 -18.42 29.70
CA ALA H 650 7.21 -17.51 28.65
C ALA H 650 8.37 -16.99 27.82
N MET H 651 9.41 -16.43 28.47
CA MET H 651 10.47 -15.88 27.65
C MET H 651 11.58 -16.89 27.34
N VAL H 652 11.53 -18.11 27.91
CA VAL H 652 12.48 -19.10 27.44
C VAL H 652 11.97 -19.77 26.18
N LEU H 653 10.65 -19.87 26.02
CA LEU H 653 10.11 -20.47 24.79
C LEU H 653 10.25 -19.51 23.62
N GLY H 654 10.02 -18.23 23.83
CA GLY H 654 10.15 -17.23 22.80
C GLY H 654 8.85 -16.47 22.57
N ASP H 655 9.00 -15.28 21.97
CA ASP H 655 7.84 -14.44 21.69
C ASP H 655 6.90 -15.07 20.67
N HIS H 656 7.47 -15.68 19.62
CA HIS H 656 6.63 -16.25 18.56
C HIS H 656 5.78 -17.40 19.08
N TYR H 657 6.35 -18.26 19.91
CA TYR H 657 5.68 -19.49 20.31
C TYR H 657 4.82 -19.34 21.55
N ALA H 658 5.11 -18.37 22.42
CA ALA H 658 4.36 -18.16 23.63
C ALA H 658 4.02 -16.69 23.80
N SER H 659 2.91 -16.41 24.47
CA SER H 659 2.48 -15.05 24.70
C SER H 659 1.63 -15.00 25.97
N LYS H 660 1.53 -13.80 26.54
CA LYS H 660 0.70 -13.56 27.70
C LYS H 660 -0.71 -13.21 27.25
N LEU H 661 -1.70 -13.82 27.89
CA LEU H 661 -3.10 -13.66 27.51
C LEU H 661 -3.86 -12.92 28.60
N ASN H 662 -4.65 -11.94 28.20
CA ASN H 662 -5.46 -11.18 29.13
C ASN H 662 -6.57 -12.06 29.71
N ILE H 663 -6.92 -11.80 30.97
CA ILE H 663 -8.00 -12.53 31.63
C ILE H 663 -9.37 -12.13 31.13
N SER H 664 -9.46 -11.03 30.38
CA SER H 664 -10.76 -10.60 29.85
C SER H 664 -11.33 -11.63 28.89
N LEU H 665 -10.47 -12.24 28.08
CA LEU H 665 -10.93 -13.26 27.13
C LEU H 665 -11.61 -14.42 27.82
N LEU H 666 -11.26 -14.67 29.09
CA LEU H 666 -11.85 -15.77 29.84
C LEU H 666 -12.96 -15.32 30.76
N THR H 667 -12.99 -14.06 31.17
CA THR H 667 -14.04 -13.56 32.05
C THR H 667 -15.15 -12.81 31.30
N SER H 668 -14.93 -12.42 30.05
CA SER H 668 -15.97 -11.72 29.31
C SER H 668 -17.14 -12.66 29.02
N CYS H 669 -18.36 -12.14 29.20
CA CYS H 669 -19.55 -12.98 29.06
C CYS H 669 -19.74 -13.44 27.62
N ARG H 670 -19.93 -12.48 26.70
CA ARG H 670 -20.20 -12.81 25.31
C ARG H 670 -19.97 -11.57 24.46
N GLU H 671 -19.12 -11.67 23.45
CA GLU H 671 -18.94 -10.60 22.49
C GLU H 671 -19.83 -10.85 21.27
N THR H 672 -20.51 -9.81 20.82
CA THR H 672 -21.40 -9.93 19.67
C THR H 672 -20.59 -10.23 18.41
N ALA H 673 -21.22 -10.96 17.48
CA ALA H 673 -20.57 -11.25 16.21
C ALA H 673 -20.17 -9.98 15.48
N GLU H 674 -20.85 -8.86 15.75
CA GLU H 674 -20.43 -7.57 15.24
C GLU H 674 -19.05 -7.19 15.79
N LYS H 675 -18.89 -7.23 17.09
CA LYS H 675 -17.68 -6.75 17.74
C LYS H 675 -16.54 -7.75 17.58
N PRO H 676 -15.36 -7.32 17.17
CA PRO H 676 -14.20 -8.20 17.10
C PRO H 676 -13.68 -8.50 18.49
N ASN H 677 -12.56 -9.21 18.55
CA ASN H 677 -11.92 -9.58 19.81
C ASN H 677 -10.56 -8.90 20.01
N SER H 678 -9.72 -8.86 18.98
CA SER H 678 -8.41 -8.23 18.97
C SER H 678 -7.42 -8.91 19.90
N ALA H 679 -7.81 -9.96 20.61
CA ALA H 679 -6.92 -10.69 21.51
C ALA H 679 -7.01 -12.19 21.39
N PHE H 680 -8.10 -12.75 20.85
CA PHE H 680 -8.21 -14.19 20.68
C PHE H 680 -7.15 -14.72 19.72
N MET H 681 -6.73 -13.89 18.77
CA MET H 681 -5.80 -14.28 17.72
C MET H 681 -4.37 -14.42 18.22
N ARG H 682 -4.09 -14.05 19.47
CA ARG H 682 -2.77 -14.26 20.03
C ARG H 682 -2.42 -15.74 20.12
N LEU H 683 -3.42 -16.62 20.05
CA LEU H 683 -3.18 -18.06 20.08
C LEU H 683 -2.89 -18.64 18.70
N LYS H 684 -2.94 -17.83 17.65
CA LYS H 684 -2.70 -18.32 16.29
C LYS H 684 -1.25 -18.78 16.17
N GLY H 685 -1.04 -20.09 16.19
CA GLY H 685 0.29 -20.64 16.08
C GLY H 685 1.10 -20.63 17.36
N ARG H 686 0.51 -20.19 18.47
CA ARG H 686 1.23 -20.10 19.74
C ARG H 686 0.97 -21.37 20.55
N GLY H 687 2.04 -22.00 21.02
CA GLY H 687 1.93 -23.28 21.70
C GLY H 687 1.69 -23.19 23.19
N TYR H 688 1.96 -22.02 23.78
CA TYR H 688 1.84 -21.86 25.23
C TYR H 688 1.21 -20.51 25.54
N GLY H 689 0.25 -20.51 26.46
CA GLY H 689 -0.39 -19.28 26.89
C GLY H 689 -0.72 -19.30 28.37
N TYR H 690 -0.39 -18.23 29.08
CA TYR H 690 -0.58 -18.16 30.53
C TYR H 690 -1.35 -16.91 30.90
N PHE H 691 -2.10 -17.01 31.99
CA PHE H 691 -2.92 -15.92 32.50
C PHE H 691 -2.25 -15.34 33.75
N GLU H 692 -2.12 -14.03 33.80
CA GLU H 692 -1.49 -13.36 34.93
C GLU H 692 -2.43 -13.32 36.13
N GLU H 693 -1.82 -13.19 37.31
CA GLU H 693 -2.58 -13.09 38.55
C GLU H 693 -3.34 -11.77 38.61
N THR H 694 -4.52 -11.80 39.21
CA THR H 694 -5.35 -10.61 39.37
C THR H 694 -5.70 -10.43 40.84
N ASN H 695 -6.02 -9.19 41.21
CA ASN H 695 -6.18 -8.81 42.61
C ASN H 695 -7.58 -9.03 43.14
N LYS H 696 -8.49 -9.59 42.36
CA LYS H 696 -9.84 -9.88 42.84
C LYS H 696 -10.25 -11.27 42.37
N SER H 697 -11.18 -11.88 43.12
CA SER H 697 -11.72 -13.16 42.72
C SER H 697 -12.40 -13.06 41.37
N GLU H 698 -12.17 -14.05 40.51
CA GLU H 698 -12.66 -14.03 39.14
C GLU H 698 -13.72 -15.09 38.94
N VAL H 699 -14.75 -14.76 38.17
CA VAL H 699 -15.86 -15.66 37.88
C VAL H 699 -15.66 -16.25 36.49
N LEU H 700 -15.71 -17.59 36.41
CA LEU H 700 -15.63 -18.26 35.11
C LEU H 700 -17.01 -18.28 34.48
N ASN H 701 -17.07 -17.98 33.18
CA ASN H 701 -18.35 -17.90 32.49
C ASN H 701 -18.94 -19.26 32.19
N THR H 702 -18.13 -20.32 32.22
CA THR H 702 -18.49 -21.69 31.83
C THR H 702 -18.71 -21.73 30.32
N SER H 703 -18.65 -20.56 29.70
CA SER H 703 -18.55 -20.39 28.25
C SER H 703 -17.30 -19.59 27.95
N ARG H 704 -16.96 -19.49 26.67
CA ARG H 704 -15.67 -18.96 26.24
C ARG H 704 -14.50 -19.72 26.87
N LEU H 705 -14.77 -20.93 27.33
CA LEU H 705 -13.81 -21.82 27.95
C LEU H 705 -13.74 -23.18 27.25
N LYS H 706 -14.87 -23.67 26.74
CA LYS H 706 -14.84 -24.91 25.97
C LYS H 706 -13.96 -24.77 24.75
N GLU H 707 -14.05 -23.63 24.05
CA GLU H 707 -13.16 -23.38 22.92
C GLU H 707 -11.71 -23.29 23.38
N MET H 708 -11.46 -22.80 24.59
CA MET H 708 -10.10 -22.69 25.10
C MET H 708 -9.50 -24.05 25.43
N VAL H 709 -10.33 -25.09 25.57
CA VAL H 709 -9.88 -26.39 26.05
C VAL H 709 -10.12 -27.49 25.02
N ASN H 710 -11.28 -27.50 24.39
CA ASN H 710 -11.60 -28.56 23.44
C ASN H 710 -10.65 -28.49 22.24
N PRO H 711 -10.09 -29.62 21.81
CA PRO H 711 -9.11 -29.64 20.73
C PRO H 711 -9.74 -29.65 19.33
N GLY H 712 -10.70 -28.75 19.13
CA GLY H 712 -11.34 -28.63 17.83
C GLY H 712 -10.87 -27.41 17.08
N ASP H 713 -11.82 -26.65 16.53
CA ASP H 713 -11.54 -25.40 15.84
C ASP H 713 -12.37 -24.29 16.46
N VAL H 714 -11.98 -23.05 16.18
CA VAL H 714 -12.67 -21.88 16.71
C VAL H 714 -12.38 -20.71 15.79
N THR H 715 -13.37 -19.83 15.64
CA THR H 715 -13.26 -18.69 14.75
C THR H 715 -13.30 -17.38 15.53
N ALA H 716 -12.57 -16.39 15.02
CA ALA H 716 -12.52 -15.06 15.63
C ALA H 716 -12.12 -14.07 14.56
N ARG H 717 -12.34 -12.79 14.85
CA ARG H 717 -12.09 -11.72 13.90
C ARG H 717 -11.09 -10.72 14.46
N GLU H 718 -10.14 -10.32 13.61
CA GLU H 718 -9.12 -9.34 13.95
C GLU H 718 -9.48 -7.99 13.34
N LEU H 719 -9.04 -6.92 14.00
CA LEU H 719 -9.25 -5.58 13.50
C LEU H 719 -8.67 -5.42 12.11
N ASN H 720 -9.38 -4.67 11.26
CA ASN H 720 -8.93 -4.21 9.95
C ASN H 720 -8.91 -5.32 8.89
N GLN H 721 -9.54 -6.46 9.13
CA GLN H 721 -9.66 -7.49 8.10
C GLN H 721 -10.79 -8.44 8.50
N LYS H 722 -10.92 -9.53 7.75
CA LYS H 722 -12.07 -10.42 7.83
C LYS H 722 -11.96 -11.35 9.03
N GLN H 723 -12.88 -12.31 9.11
CA GLN H 723 -12.89 -13.33 10.16
C GLN H 723 -12.12 -14.56 9.71
N GLU H 724 -11.47 -15.22 10.66
CA GLU H 724 -10.65 -16.39 10.38
C GLU H 724 -10.96 -17.50 11.36
N SER H 725 -10.65 -18.73 10.95
CA SER H 725 -10.80 -19.92 11.78
C SER H 725 -9.51 -20.70 11.78
N PHE H 726 -9.17 -21.29 12.92
CA PHE H 726 -7.89 -21.96 13.07
C PHE H 726 -7.96 -22.96 14.20
N GLN H 727 -7.01 -23.90 14.20
CA GLN H 727 -6.90 -24.87 15.28
C GLN H 727 -6.38 -24.20 16.54
N MET H 728 -6.55 -24.88 17.67
CA MET H 728 -6.09 -24.37 18.96
C MET H 728 -5.01 -25.33 19.45
N THR H 729 -3.76 -25.04 19.08
CA THR H 729 -2.60 -25.81 19.51
C THR H 729 -1.91 -25.03 20.63
N ALA H 730 -2.51 -25.08 21.83
CA ALA H 730 -2.02 -24.29 22.94
C ALA H 730 -2.06 -25.09 24.23
N THR H 731 -1.15 -24.75 25.14
CA THR H 731 -1.16 -25.25 26.51
C THR H 731 -1.50 -24.09 27.43
N MET H 732 -2.56 -24.26 28.22
CA MET H 732 -3.11 -23.17 29.00
C MET H 732 -2.81 -23.37 30.48
N VAL H 733 -2.49 -22.28 31.17
CA VAL H 733 -2.24 -22.31 32.60
C VAL H 733 -2.64 -20.95 33.17
N ALA H 734 -3.21 -20.97 34.38
CA ALA H 734 -3.65 -19.75 35.03
C ALA H 734 -3.43 -19.87 36.54
N ALA H 735 -3.32 -18.72 37.19
CA ALA H 735 -3.12 -18.72 38.64
C ALA H 735 -3.65 -17.42 39.22
N SER H 736 -4.00 -17.47 40.50
CA SER H 736 -4.44 -16.30 41.23
C SER H 736 -4.32 -16.58 42.72
N ASN H 737 -4.27 -15.50 43.50
CA ASN H 737 -4.29 -15.61 44.95
C ASN H 737 -5.71 -15.61 45.49
N TYR H 738 -6.71 -15.49 44.63
CA TYR H 738 -8.11 -15.48 45.01
C TYR H 738 -8.83 -16.61 44.29
N ASN H 739 -9.72 -17.29 45.02
CA ASN H 739 -10.40 -18.46 44.48
C ASN H 739 -11.30 -18.08 43.31
N PHE H 740 -11.38 -19.00 42.34
CA PHE H 740 -12.20 -18.79 41.17
C PHE H 740 -13.66 -19.14 41.47
N ILE H 741 -14.51 -19.01 40.45
CA ILE H 741 -15.94 -19.27 40.58
C ILE H 741 -16.35 -20.21 39.44
N ILE H 742 -16.89 -21.36 39.80
CA ILE H 742 -17.43 -22.31 38.83
C ILE H 742 -18.90 -22.52 39.20
N ASP H 743 -19.80 -21.87 38.45
CA ASP H 743 -21.21 -21.92 38.78
C ASP H 743 -21.80 -23.31 38.54
N THR H 744 -21.37 -23.98 37.47
CA THR H 744 -21.98 -25.23 37.05
C THR H 744 -21.37 -26.41 37.81
N THR H 745 -21.92 -27.60 37.55
CA THR H 745 -21.44 -28.84 38.15
C THR H 745 -21.39 -29.98 37.14
N ASP H 746 -21.88 -29.78 35.92
CA ASP H 746 -21.99 -30.86 34.95
C ASP H 746 -20.62 -31.44 34.60
N HIS H 747 -20.62 -32.74 34.27
CA HIS H 747 -19.38 -33.44 33.96
C HIS H 747 -18.66 -32.87 32.75
N GLY H 748 -19.39 -32.25 31.81
CA GLY H 748 -18.74 -31.70 30.63
C GLY H 748 -17.72 -30.63 30.95
N THR H 749 -17.98 -29.82 31.99
CA THR H 749 -17.04 -28.80 32.41
C THR H 749 -15.99 -29.30 33.37
N TRP H 750 -16.32 -30.27 34.23
CA TRP H 750 -15.39 -30.79 35.20
C TRP H 750 -14.53 -31.94 34.67
N ARG H 751 -14.83 -32.45 33.48
CA ARG H 751 -13.94 -33.44 32.87
C ARG H 751 -12.58 -32.82 32.58
N ARG H 752 -12.56 -31.59 32.07
CA ARG H 752 -11.33 -30.84 31.87
C ARG H 752 -10.90 -30.24 33.21
N LEU H 753 -9.91 -29.34 33.15
CA LEU H 753 -9.44 -28.57 34.30
C LEU H 753 -8.66 -29.45 35.29
N ARG H 754 -7.63 -28.87 35.89
CA ARG H 754 -6.84 -29.55 36.91
C ARG H 754 -6.45 -28.51 37.95
N HIS H 755 -6.99 -28.62 39.15
CA HIS H 755 -6.74 -27.65 40.20
C HIS H 755 -5.61 -28.14 41.11
N TYR H 756 -4.81 -27.20 41.61
CA TYR H 756 -3.73 -27.49 42.53
C TYR H 756 -3.65 -26.37 43.55
N ARG H 757 -3.13 -26.69 44.73
CA ARG H 757 -2.97 -25.73 45.80
C ARG H 757 -1.52 -25.76 46.28
N SER H 758 -0.78 -24.68 46.04
CA SER H 758 0.59 -24.59 46.51
C SER H 758 0.63 -24.48 48.03
N LYS H 759 1.62 -25.13 48.64
CA LYS H 759 1.75 -25.17 50.08
C LYS H 759 2.86 -24.28 50.63
N VAL H 760 3.99 -24.20 49.92
CA VAL H 760 5.12 -23.43 50.43
C VAL H 760 4.81 -21.94 50.35
N LYS H 761 5.57 -21.15 51.11
CA LYS H 761 5.41 -19.71 51.16
C LYS H 761 6.75 -19.07 51.45
N PHE H 762 7.00 -17.92 50.82
CA PHE H 762 8.25 -17.18 51.01
C PHE H 762 7.95 -15.86 51.68
N CYS H 763 8.72 -15.55 52.73
CA CYS H 763 8.63 -14.27 53.42
C CYS H 763 10.03 -13.78 53.73
N HIS H 764 10.15 -12.47 53.96
CA HIS H 764 11.47 -11.88 54.22
C HIS H 764 12.09 -12.49 55.48
N ASN H 765 11.27 -12.80 56.47
CA ASN H 765 11.75 -13.49 57.66
C ASN H 765 11.30 -14.94 57.67
N PRO H 766 12.21 -15.91 57.56
CA PRO H 766 11.80 -17.32 57.56
C PRO H 766 11.35 -17.77 58.94
N ASP H 767 10.10 -17.48 59.28
CA ASP H 767 9.58 -17.78 60.60
C ASP H 767 9.64 -19.28 60.87
N PRO H 768 10.10 -19.70 62.06
CA PRO H 768 10.23 -21.14 62.33
C PRO H 768 8.87 -21.82 62.52
N SER H 769 8.91 -23.11 62.85
CA SER H 769 7.72 -23.94 63.04
C SER H 769 6.88 -24.03 61.76
N ASN H 770 7.50 -23.83 60.61
CA ASN H 770 6.79 -23.90 59.32
C ASN H 770 7.80 -24.28 58.26
N PRO H 771 7.92 -25.57 57.94
CA PRO H 771 8.81 -25.98 56.84
C PRO H 771 8.42 -25.38 55.50
N TYR H 772 7.13 -25.09 55.30
CA TYR H 772 6.68 -24.46 54.07
C TYR H 772 7.12 -23.00 53.98
N GLU H 773 7.60 -22.42 55.08
CA GLU H 773 8.00 -21.02 55.10
C GLU H 773 9.51 -20.91 54.85
N LYS H 774 9.87 -20.06 53.87
CA LYS H 774 11.27 -19.86 53.51
C LYS H 774 11.46 -18.39 53.18
N LYS H 775 12.66 -18.04 52.73
CA LYS H 775 13.03 -16.65 52.47
C LYS H 775 13.12 -16.40 50.97
N GLU H 776 12.65 -15.23 50.54
CA GLU H 776 12.70 -14.86 49.14
C GLU H 776 14.14 -14.64 48.68
N ASP H 777 14.36 -14.83 47.38
CA ASP H 777 15.63 -14.48 46.74
C ASP H 777 15.35 -13.43 45.69
N PRO H 778 15.58 -12.14 45.98
CA PRO H 778 15.33 -11.10 44.97
C PRO H 778 16.17 -11.25 43.72
N ARG H 779 17.29 -11.97 43.80
CA ARG H 779 18.11 -12.25 42.62
C ARG H 779 17.42 -13.18 41.64
N PHE H 780 16.34 -13.85 42.04
CA PHE H 780 15.56 -14.64 41.10
C PHE H 780 14.71 -13.77 40.18
N ILE H 781 14.34 -12.57 40.62
CA ILE H 781 13.49 -11.68 39.84
C ILE H 781 14.30 -10.58 39.17
N HIS H 782 15.19 -9.92 39.91
CA HIS H 782 16.01 -8.87 39.33
C HIS H 782 16.95 -9.43 38.28
N GLU H 783 17.48 -10.62 38.52
CA GLU H 783 18.34 -11.32 37.56
C GLU H 783 17.95 -12.79 37.60
N TYR H 784 18.82 -13.65 37.08
CA TYR H 784 18.63 -15.11 37.01
C TYR H 784 17.53 -15.49 36.02
N ILE H 785 16.84 -14.52 35.43
CA ILE H 785 15.86 -14.78 34.38
C ILE H 785 16.36 -14.30 33.03
N MET H 786 17.00 -13.13 32.99
CA MET H 786 17.59 -12.60 31.77
C MET H 786 18.94 -13.25 31.46
N ASP H 787 19.45 -14.09 32.34
CA ASP H 787 20.71 -14.78 32.08
C ASP H 787 20.51 -15.81 30.97
N PRO H 788 21.26 -15.72 29.86
CA PRO H 788 21.05 -16.69 28.77
C PRO H 788 21.33 -18.12 29.17
N ASP H 789 22.33 -18.36 30.03
CA ASP H 789 22.69 -19.72 30.40
C ASP H 789 21.57 -20.39 31.19
N CYS H 790 20.91 -19.63 32.07
CA CYS H 790 19.77 -20.18 32.80
C CYS H 790 18.65 -20.57 31.85
N GLN H 791 18.39 -19.74 30.84
CA GLN H 791 17.36 -20.07 29.85
C GLN H 791 17.75 -21.34 29.07
N ASN H 792 19.02 -21.46 28.70
CA ASN H 792 19.46 -22.66 28.00
C ASN H 792 19.29 -23.91 28.85
N ALA H 793 19.65 -23.81 30.14
CA ALA H 793 19.49 -24.95 31.03
C ALA H 793 18.02 -25.31 31.21
N PHE H 794 17.16 -24.31 31.33
CA PHE H 794 15.73 -24.57 31.47
C PHE H 794 15.17 -25.22 30.20
N PHE H 795 15.62 -24.77 29.03
CA PHE H 795 15.21 -25.39 27.78
C PHE H 795 15.65 -26.84 27.71
N SER H 796 16.87 -27.13 28.15
CA SER H 796 17.34 -28.51 28.18
C SER H 796 16.49 -29.36 29.12
N ILE H 797 16.17 -28.83 30.30
CA ILE H 797 15.31 -29.56 31.23
C ILE H 797 13.95 -29.83 30.60
N LEU H 798 13.38 -28.82 29.94
CA LEU H 798 12.06 -28.98 29.33
C LEU H 798 12.08 -30.04 28.23
N VAL H 799 13.10 -30.02 27.38
CA VAL H 799 13.16 -31.00 26.30
C VAL H 799 13.39 -32.40 26.85
N TYR H 800 14.19 -32.52 27.92
CA TYR H 800 14.37 -33.82 28.55
C TYR H 800 13.07 -34.35 29.13
N PHE H 801 12.29 -33.47 29.76
CA PHE H 801 11.00 -33.90 30.29
C PHE H 801 10.03 -34.27 29.18
N TRP H 802 10.08 -33.56 28.05
CA TRP H 802 9.26 -33.94 26.91
C TRP H 802 9.64 -35.33 26.40
N GLU H 803 10.94 -35.61 26.30
CA GLU H 803 11.38 -36.94 25.89
C GLU H 803 10.92 -38.00 26.89
N LYS H 804 11.02 -37.70 28.18
CA LYS H 804 10.56 -38.63 29.22
C LYS H 804 9.08 -38.93 29.07
N LEU H 805 8.26 -37.89 28.88
CA LEU H 805 6.83 -38.09 28.68
C LEU H 805 6.56 -38.84 27.37
N GLN H 806 7.45 -38.71 26.39
CA GLN H 806 7.26 -39.43 25.14
C GLN H 806 7.51 -40.92 25.32
N LYS H 807 8.61 -41.30 25.99
CA LYS H 807 8.97 -42.71 26.04
C LYS H 807 8.04 -43.50 26.94
N GLU H 808 7.74 -42.99 28.13
CA GLU H 808 6.82 -43.66 29.04
C GLU H 808 5.45 -42.97 29.00
N TYR H 809 4.45 -43.69 29.48
CA TYR H 809 3.05 -43.24 29.47
C TYR H 809 2.55 -42.96 28.06
N ASN H 810 3.17 -43.57 27.05
CA ASN H 810 2.86 -43.36 25.64
C ASN H 810 2.97 -41.86 25.37
N GLY H 811 1.95 -41.21 24.82
CA GLY H 811 2.00 -39.78 24.58
C GLY H 811 0.92 -39.04 25.33
N GLN H 812 -0.17 -39.73 25.65
CA GLN H 812 -1.28 -39.11 26.37
C GLN H 812 -0.85 -38.69 27.77
N ILE H 813 -1.32 -37.51 28.18
CA ILE H 813 -1.01 -37.03 29.53
C ILE H 813 -2.03 -37.50 30.55
N LYS H 814 -3.21 -37.95 30.12
CA LYS H 814 -4.18 -38.49 31.06
C LYS H 814 -3.90 -39.97 31.31
N LYS H 815 -2.64 -40.29 31.63
CA LYS H 815 -2.24 -41.63 32.00
C LYS H 815 -1.31 -41.67 33.20
N VAL H 816 -0.59 -40.60 33.49
CA VAL H 816 0.26 -40.55 34.68
C VAL H 816 -0.61 -40.34 35.90
N PHE H 817 -0.39 -41.13 36.94
CA PHE H 817 -1.16 -41.03 38.17
C PHE H 817 -0.48 -40.04 39.12
N CYS H 818 -1.26 -39.09 39.60
CA CYS H 818 -0.79 -38.10 40.58
C CYS H 818 -1.84 -37.97 41.66
N PRO H 819 -1.88 -38.92 42.60
CA PRO H 819 -2.99 -38.94 43.58
C PRO H 819 -3.16 -37.64 44.33
N THR H 820 -2.09 -36.88 44.53
CA THR H 820 -2.22 -35.56 45.13
C THR H 820 -3.11 -34.66 44.30
N ILE H 821 -2.90 -34.62 42.98
CA ILE H 821 -3.65 -33.69 42.15
C ILE H 821 -5.11 -34.12 42.06
N GLU H 822 -5.37 -35.42 41.94
CA GLU H 822 -6.76 -35.89 41.88
C GLU H 822 -7.47 -35.66 43.19
N SER H 823 -6.81 -35.93 44.33
CA SER H 823 -7.43 -35.71 45.62
C SER H 823 -7.74 -34.23 45.83
N GLU H 824 -6.78 -33.35 45.50
CA GLU H 824 -7.00 -31.93 45.74
C GLU H 824 -8.05 -31.37 44.79
N THR H 825 -8.09 -31.86 43.54
CA THR H 825 -9.13 -31.44 42.61
C THR H 825 -10.50 -31.92 43.08
N GLU H 826 -10.57 -33.13 43.63
CA GLU H 826 -11.83 -33.61 44.19
C GLU H 826 -12.27 -32.73 45.36
N ALA H 827 -11.33 -32.35 46.22
CA ALA H 827 -11.67 -31.44 47.31
C ALA H 827 -12.16 -30.09 46.78
N TYR H 828 -11.51 -29.58 45.73
CA TYR H 828 -11.95 -28.33 45.12
C TYR H 828 -13.35 -28.45 44.54
N ARG H 829 -13.65 -29.57 43.89
CA ARG H 829 -14.97 -29.78 43.31
C ARG H 829 -16.03 -29.95 44.40
N LYS H 830 -15.64 -30.47 45.57
CA LYS H 830 -16.56 -30.49 46.70
C LYS H 830 -16.93 -29.07 47.12
N SER H 831 -15.95 -28.18 47.15
CA SER H 831 -16.23 -26.75 47.25
C SER H 831 -16.77 -26.25 45.91
N GLN H 832 -17.11 -24.95 45.86
CA GLN H 832 -17.67 -24.33 44.67
C GLN H 832 -18.96 -25.01 44.22
N ASP H 833 -19.59 -25.76 45.12
CA ASP H 833 -20.77 -26.56 44.82
C ASP H 833 -21.88 -26.07 45.75
N THR H 834 -22.62 -25.04 45.30
CA THR H 834 -23.55 -24.36 46.19
C THR H 834 -24.77 -25.20 46.52
N LEU H 835 -25.22 -26.05 45.59
CA LEU H 835 -26.42 -26.84 45.83
C LEU H 835 -26.25 -27.79 47.00
N HIS H 836 -25.10 -28.47 47.08
CA HIS H 836 -24.89 -29.41 48.19
C HIS H 836 -24.68 -28.66 49.50
N ARG H 837 -24.05 -27.49 49.44
CA ARG H 837 -23.90 -26.67 50.64
C ARG H 837 -25.27 -26.24 51.17
N PHE H 838 -26.17 -25.84 50.26
CA PHE H 838 -27.53 -25.51 50.68
C PHE H 838 -28.25 -26.72 51.24
N ILE H 839 -28.07 -27.89 50.62
CA ILE H 839 -28.68 -29.11 51.12
C ILE H 839 -28.23 -29.38 52.55
N THR H 840 -26.94 -29.21 52.82
CA THR H 840 -26.41 -29.51 54.15
C THR H 840 -26.78 -28.46 55.17
N GLU H 841 -26.89 -27.19 54.76
CA GLU H 841 -27.02 -26.11 55.73
C GLU H 841 -28.46 -25.62 55.94
N ARG H 842 -29.31 -25.66 54.92
CA ARG H 842 -30.64 -25.10 55.00
C ARG H 842 -31.77 -26.11 54.82
N VAL H 843 -31.48 -27.31 54.35
CA VAL H 843 -32.50 -28.31 54.06
C VAL H 843 -32.55 -29.30 55.22
N VAL H 844 -33.74 -29.47 55.79
CA VAL H 844 -33.97 -30.36 56.92
C VAL H 844 -35.09 -31.32 56.57
N GLU H 845 -34.91 -32.59 56.92
CA GLU H 845 -35.93 -33.61 56.67
C GLU H 845 -36.51 -34.11 57.98
N VAL H 852 -48.33 -28.82 42.28
CA VAL H 852 -48.29 -27.49 42.88
C VAL H 852 -46.88 -27.20 43.38
N TYR H 853 -46.26 -28.18 44.02
CA TYR H 853 -44.93 -28.01 44.61
C TYR H 853 -43.88 -28.05 43.51
N ASN H 854 -43.14 -26.95 43.37
CA ASN H 854 -42.13 -26.84 42.31
C ASN H 854 -40.85 -26.19 42.84
N LEU H 855 -40.54 -26.39 44.12
CA LEU H 855 -39.32 -25.87 44.74
C LEU H 855 -39.22 -24.35 44.65
N SER H 856 -40.37 -23.67 44.47
CA SER H 856 -40.36 -22.22 44.31
C SER H 856 -39.83 -21.55 45.58
N GLU H 857 -40.31 -21.97 46.75
CA GLU H 857 -39.74 -21.47 47.98
C GLU H 857 -38.29 -21.92 48.12
N VAL H 858 -37.95 -23.11 47.64
CA VAL H 858 -36.56 -23.55 47.64
C VAL H 858 -35.72 -22.68 46.71
N VAL H 859 -36.28 -22.30 45.56
CA VAL H 859 -35.56 -21.42 44.64
C VAL H 859 -35.29 -20.08 45.29
N THR H 860 -36.32 -19.49 45.93
CA THR H 860 -36.12 -18.21 46.60
C THR H 860 -35.13 -18.34 47.76
N ALA H 861 -35.17 -19.47 48.47
CA ALA H 861 -34.25 -19.70 49.57
C ALA H 861 -32.81 -19.79 49.08
N TYR H 862 -32.59 -20.47 47.95
CA TYR H 862 -31.29 -20.41 47.29
C TYR H 862 -30.95 -18.96 46.94
N ALA H 863 -31.97 -18.18 46.54
CA ALA H 863 -31.73 -16.85 46.03
C ALA H 863 -31.16 -15.93 47.11
N GLU H 864 -31.76 -15.90 48.31
CA GLU H 864 -31.26 -14.91 49.26
C GLU H 864 -29.85 -15.27 49.71
N TRP H 865 -29.58 -16.56 49.87
CA TRP H 865 -28.28 -16.98 50.36
C TRP H 865 -27.17 -16.58 49.41
N TYR H 866 -27.39 -16.82 48.11
CA TYR H 866 -26.41 -16.42 47.12
C TYR H 866 -26.16 -14.94 47.26
N ASN H 867 -27.21 -14.18 47.58
CA ASN H 867 -27.08 -12.73 47.66
C ASN H 867 -26.61 -12.26 49.05
N THR H 868 -26.26 -13.18 49.93
CA THR H 868 -25.75 -12.79 51.24
C THR H 868 -24.24 -12.63 51.19
N ASN H 869 -23.52 -13.55 51.83
CA ASN H 869 -22.06 -13.47 51.84
C ASN H 869 -21.49 -14.32 50.71
N ILE H 870 -22.36 -14.78 49.81
CA ILE H 870 -21.90 -15.60 48.71
C ILE H 870 -21.55 -14.74 47.50
N ASN H 871 -22.49 -13.90 47.07
CA ASN H 871 -22.27 -13.07 45.89
C ASN H 871 -23.48 -12.21 45.58
N VAL H 872 -23.60 -11.78 44.33
CA VAL H 872 -24.75 -10.98 43.91
C VAL H 872 -25.05 -11.36 42.47
N LYS H 873 -26.28 -11.77 42.18
CA LYS H 873 -26.58 -12.25 40.83
C LYS H 873 -28.07 -12.57 40.77
N ARG H 874 -28.63 -12.44 39.57
CA ARG H 874 -30.04 -12.73 39.33
C ARG H 874 -30.17 -14.17 38.85
N HIS H 875 -30.84 -15.00 39.65
CA HIS H 875 -30.90 -16.43 39.38
C HIS H 875 -31.70 -16.73 38.12
N ILE H 876 -31.34 -17.82 37.46
CA ILE H 876 -32.12 -18.38 36.36
C ILE H 876 -32.84 -19.61 36.92
N ALA H 877 -34.17 -19.51 37.01
CA ALA H 877 -34.96 -20.55 37.67
C ALA H 877 -35.46 -21.62 36.72
N LEU H 878 -35.10 -21.57 35.44
CA LEU H 878 -35.64 -22.54 34.49
C LEU H 878 -35.08 -23.93 34.73
N GLU H 879 -33.87 -24.03 35.26
CA GLU H 879 -33.25 -25.33 35.53
C GLU H 879 -32.82 -25.52 36.97
N LEU H 880 -32.89 -24.49 37.82
CA LEU H 880 -32.53 -24.66 39.23
C LEU H 880 -33.44 -25.69 39.90
N SER H 881 -34.75 -25.60 39.67
CA SER H 881 -35.67 -26.57 40.23
C SER H 881 -35.39 -27.96 39.69
N GLN H 882 -35.09 -28.06 38.39
CA GLN H 882 -34.80 -29.37 37.79
C GLN H 882 -33.58 -30.00 38.42
N GLU H 883 -32.49 -29.25 38.55
CA GLU H 883 -31.27 -29.83 39.12
C GLU H 883 -31.45 -30.15 40.60
N LEU H 884 -32.19 -29.32 41.32
CA LEU H 884 -32.46 -29.61 42.73
C LEU H 884 -33.27 -30.89 42.88
N GLU H 885 -34.27 -31.09 42.00
CA GLU H 885 -35.01 -32.34 42.00
C GLU H 885 -34.11 -33.51 41.65
N ASN H 886 -33.17 -33.31 40.72
CA ASN H 886 -32.22 -34.36 40.34
C ASN H 886 -31.07 -34.49 41.32
N SER H 887 -30.99 -33.62 42.32
CA SER H 887 -29.91 -33.66 43.29
C SER H 887 -30.22 -34.71 44.36
N VAL H 888 -29.47 -34.67 45.46
CA VAL H 888 -29.67 -35.62 46.56
C VAL H 888 -31.06 -35.48 47.17
N LEU H 889 -31.73 -34.34 46.97
CA LEU H 889 -33.09 -34.15 47.45
C LEU H 889 -34.11 -34.99 46.70
N GLU H 890 -33.67 -35.83 45.76
CA GLU H 890 -34.60 -36.69 45.03
C GLU H 890 -35.27 -37.71 45.94
N LYS H 891 -34.62 -38.06 47.06
CA LYS H 891 -35.24 -38.99 48.01
C LYS H 891 -36.50 -38.39 48.62
N TYR H 892 -36.45 -37.10 48.96
CA TYR H 892 -37.61 -36.37 49.45
C TYR H 892 -38.24 -35.50 48.37
N LEU H 893 -38.01 -35.82 47.09
CA LEU H 893 -38.63 -35.08 46.01
C LEU H 893 -40.13 -35.34 45.98
N GLN H 894 -40.89 -34.26 45.75
CA GLN H 894 -42.34 -34.33 45.62
C GLN H 894 -42.69 -34.21 44.14
N TRP H 895 -43.18 -35.31 43.57
CA TRP H 895 -43.51 -35.39 42.15
C TRP H 895 -44.95 -34.97 41.88
N SER H 896 -45.28 -33.74 42.28
CA SER H 896 -46.62 -33.18 42.12
C SER H 896 -46.50 -31.83 41.44
N PRO H 897 -46.32 -31.81 40.10
CA PRO H 897 -46.19 -30.57 39.33
C PRO H 897 -47.42 -29.68 39.42
N GLU H 913 -32.08 -22.51 62.44
CA GLU H 913 -32.24 -21.71 63.65
C GLU H 913 -32.36 -22.60 64.89
N THR H 914 -32.65 -23.89 64.65
CA THR H 914 -32.80 -24.85 65.73
C THR H 914 -32.53 -26.24 65.19
N LEU H 915 -32.72 -27.24 66.03
CA LEU H 915 -32.50 -28.64 65.68
C LEU H 915 -33.84 -29.38 65.69
N GLN H 916 -34.15 -30.03 64.59
CA GLN H 916 -35.35 -30.84 64.43
C GLN H 916 -34.97 -32.17 63.80
N PRO H 917 -35.76 -33.23 64.02
CA PRO H 917 -35.44 -34.54 63.44
C PRO H 917 -35.24 -34.48 61.93
N GLY H 918 -34.03 -34.78 61.48
CA GLY H 918 -33.71 -34.74 60.07
C GLY H 918 -33.29 -33.37 59.59
#